data_5WNV
#
_entry.id   5WNV
#
_cell.length_a   400.000
_cell.length_b   400.000
_cell.length_c   173.000
_cell.angle_alpha   90.000
_cell.angle_beta   90.000
_cell.angle_gamma   90.000
#
_symmetry.space_group_name_H-M   'P 41 21 2'
#
loop_
_entity.id
_entity.type
_entity.pdbx_description
1 polymer '16S Ribosomal RNA rRNA'
2 polymer '30S ribosomal protein S2'
3 polymer '30S ribosomal protein S3'
4 polymer '30S ribosomal protein S4'
5 polymer '30S ribosomal protein S5'
6 polymer '30S ribosomal protein S6'
7 polymer '30S ribosomal protein S7'
8 polymer '30S ribosomal protein S8'
9 polymer '30S ribosomal protein S9'
10 polymer '30S ribosomal protein S10'
11 polymer '30S ribosomal protein S11'
12 polymer '30S ribosomal protein S12'
13 polymer '30S ribosomal protein S13'
14 polymer '30S ribosomal protein S14 type Z'
15 polymer '30S ribosomal protein S15'
16 polymer '30S ribosomal protein S16'
17 polymer '30S ribosomal protein S17'
18 polymer '30S ribosomal protein S18'
19 polymer '30S ribosomal protein S19'
20 polymer '30S ribosomal protein S20'
21 polymer '30S ribosomal protein Thx'
22 polymer "RNA (5'-R(P*UP*AP*GP*AP*CP*UP*(70U)P*UP*UP*(12A)P*AP*(PSU)P*CP*UP*A)-3')"
23 polymer "RNA (5'-R(P*UP*AP*GP*AP*CP*UP*(70U)P*UP*UP*(12A)P*AP*(PSU)P*CP*UP*A)-3')"
24 non-polymer 'MAGNESIUM ION'
25 non-polymer 'POTASSIUM ION'
26 non-polymer '(1R,2S,3S,4R,6R)-4,6-diamino-2-{[3-O-(2,6-diamino-2,6-dideoxy-alpha-L-altropyranosyl)-beta-L-arabinofuranosyl]oxy}-3-hydroxycyclohexyl 2-amino-2-deoxy-alpha-D-allopyranoside'
27 non-polymer 'ZINC ION'
28 water water
#
loop_
_entity_poly.entity_id
_entity_poly.type
_entity_poly.pdbx_seq_one_letter_code
_entity_poly.pdbx_strand_id
1 'polyribonucleotide'
;UUUGUUGGAGAGUUUGAUCCUGGCUCAGGGUGAACGCUGGCGGCGUGCCUAAGACAUGCAAGUCGUGCGGGCCGCGGGGU
UUUACUCCGUGGUCAGCGGCGGACGGGUGAGUAACGCGUGGGUGACCUACCCGGAAGAGGGGGACAACCCGGGGAAACUC
GGGCUAAUCCCCCAUGUGGACCCGCCCCUUGGGGUGUGUCCAAAGGGCUUUGCCCGCUUCCGGAUGGGCCCGCGUCCCAU
CAGCUAGUUGGUGGGGUAAUGGCCCACCAAGGCGACGACGGGUAGCCGGUCUGAGAGGAUGGCCGGCCACAGGGGCACUG
AGACACGGGCCCCACUCCUACGGGAGGCAGCAGUUAGGAAUCUUCCGCAAUGGGCGCAAGCCUGACGGAGCGACGCCGCU
UGGAGGAAGAAGCCCUUCGGGGUGUAAACUCCUGAACCCGGGACGAAACCCCCGACGAGGGGACUGACGGUACCGGGGUA
AUAGCGCCGGCCAACUCCG(PSU)GCCAGCAGCC(7MG)CGGUAAUACGGAGGGCGCGAGCGUUACCCGGAUUCACUGGG
CGUAAAGGGCGUGUAGGCGGCCUGGGGCGUCCCAUGUGAAAGACCACGGCUCAACCGUGGGGGAGCGUGGGAUACGCUCA
GGCUAGACGGUGGGAGAGGGUGGUGGAAUUCCCGGAGUAGCGGUGAAAUGCGCAGAUACCGGGAGGAACGCCGAUGGCGA
AGGCAGCCACCUGGUCCACCCGUGACGCUGAGGCGCGAAAGCGUGGGGAGCAAACCGGAUUAGAUACCCGGGUAGUCCAC
GCCCUAAACGAUGCGCGCUAGGUCUCUGGGUCUCCUGGGGGCCGAAGCUAACGCGUUAAGCGCGCCGCCUGGGGAGUACG
GCCGCAAGGCUGAAACUCAAAGGAAUUGACGGGGGCCCGCACAAGCGGUGGAGCAUGUGGUUUAAUUCGAA(M2G)
(5MC)AACGCGAAGAACCUUACCAGGCCUUGACAUGCUAGGGAACCCGGGUGAAAGCCUGGGGUGCCCCGCGAGGGGAGC
CCUAGCACAGGUGCUGCAUGGCCGUCGUCAGCUCGUGCCGUGAGGUGUUGGGUUAAGUCCCGCAACGAGCGCAACCCCCG
CCGUUAGUUGCCAGCGGUUCGGCCGGGCACUCUAACGGGACUGCCCGCGAAAGCGGGAGGAAGGAGGGGACGACGUCUGG
UCAGCAUG(2MG)CCCUUACGGCCUGGGCGACACACGUGCUACAAUGCCCACUACAAAGCGAUGCCACCCGGCAACGGGG
AGCUAAUCGCAAAAAGGUGGGCCCAGUUCGGAUUGGGGUCUGCAACCCGACCCCAUGAAGCCGGAAUCGCUAGUAAUCGC
GGAUCAGCCAUGCCGCGGUGAAUACGUUCCCGGGCCUUGUACACAC(5MC)G(4OC)C(5MC)GU(5MC)ACGCCAUGGG
AGCGGGCUCUACCCGAAGUCGCCGGGAGCCUACGGGCAGGCGCCGAGGGUAGGGCCCGUGACUGGGGCGAAGUCG(UR3)
AACAAGGUAGCUGUACCGG(MA6)(MA6)GGUGCGGCUGGAUCCACUCC(PSU)(PSU)UCU
;
A
2 'polypeptide(L)'
;TVKELLEAGVHFGHERKRWNPKFARYIYAERNGIHIIDLQKTMEELERTFRFIEDLAMRGGTILFVGTKKQAQDIVRMEA
ERAGMPYVNQRWLGGMLTNFKTISQRVHRLEELEALFASPEIEERPKKEQVRLKHELERLQKYLSGFRLLKRLPDAIFVV
DPTKEAIAVREARKLFIPVIALADTDSDPDLVDYIIPGNDDAIRSIQLILSRAVDLIIQARGGVVEPSPSYALVQE
;
B
3 'polypeptide(L)'
;GNKIHPIGFRLGITRDWESRWYAGKKQYRHLLLEDQRIRGLLEKELYSAGLARVDIERAADNVAVTVHVAKPGVVIGRGG
ERIRVLREELAKLTGKNVALNVQEVQNPNLSAPLVAQRVAEQIERRFAVRRAIKQAVQRVMESGAKGAKVIVSGRIGGAE
QARTEWAAQGRVPLHTLRANIDYGFALARTTYGVLGVKAYIFLGEVI
;
C
4 'polypeptide(L)'
;GRYIGPVCRLCRREGVKLYLKGERCYSPKCAMERRPYPPGQHGQKRARRPSDYAVRLREKQKLRRIYGISERQFRNLFEE
ASKKKGVTGSVFLGLLESRLDNVVYRLGFAVSRRQARQLVRHGHITVNGRRVDLPSYRVRPGDEIAVAEKSRNLELIRQN
LEAMKGRKVGPWLSLDVEGMKGKFLRLPDREDLALPVNEQLVIEFYSR
;
D
5 'polypeptide(L)'
;DFEEKMILIRRTARMQAGGRRFRFGALVVVGDRQGRVGLGFGKAPEVPLAVQKAGYYARRNMVEVPLQNGTIPHEIEVEF
GASKIVLKPAAPGTGVIAGAVPRAILELAGVTDILTKELGSRNPINIAYATMEALRQLRTKADVERLRKGE
;
E
6 'polypeptide(L)'
;MRRYEVNIVLNPNLDQSQLALEKEIIQRALENYGARVEKVEELGLRRLAYPIAKDPQGYFLWYQVEMPEDRVNDLARELR
IRDNVRRVMVVKSQEPFLANA
;
F
7 'polypeptide(L)'
;ARRRRAEVRQLQPDLVYGDVLVTAFINKIMRDGKKNLAARIFYDACKIIQEKTGQEPLKVFKQAVENVKPRMEVRSRRVG
GANYQVPMEVSPRRQQSLALRWLVQAANQRPERRAAVRIAHELMDAAEGKGGAVKKKEDVERMAEANRAYAHYRW
;
G
8 'polypeptide(L)'
;MLTDPIADMLTRIRNATRVYKESTDVPASRFKEEILRILAREGFIKGYERVDVDGKPYLRVYLKYGPRRQGPDPRPEQVI
HHIRRISKPGRRVYVGVKEIPRVRRGLGIAILSTSKGVLTDREARKLGVGGELICEVW
;
H
9 'polypeptide(L)'
;EQYYGTGRRKEAVARVFLRPGNGKVTVNGQDFNEYFQGLVRAVAALEPLRAVDALGHFDAYITVRGGGKSGQIDAIKLGI
ARALVQYNPDYRAKLKPLGFLTRDARVVERKKYGKHKARRAPQYSKR
;
I
10 'polypeptide(L)'
;KIRIKLRGFDHKTLDASAQKIVEAARRSGAQVSGPIPLPTRVRRFTVIRGPFKHKDSREHFELRTHNRLVDIINPNRKTI
EQLMTLDLPTGVEIEIKTV
;
J
11 'polypeptide(L)'
;KRQVASGRAYIHASYNNTIVTITDPDGNPITWSSGGVIGYKGSRKGTPYAAQLAALDAAKKAMAYGMQSVDVIVRGTGAG
REQAIRALQASGLQVKSIVDDTPVPHNGCRPKKKFRKAS
;
K
12 'polypeptide(L)'
;PTINQLVRKGREKVRKKSKVPALKGAPFRRGVCTVVRTVTPKKPNSALRKVAKVRLTSGYEVTAYIPGEGHNLQEHSVVL
IRGGRVK(0TD)LPGVRYHIVRGVYDAAGVKDRKKSRSKYGTKKPKEAA
;
L
13 'polypeptide(L)'
;ARIAGVEIPRNKRVDVALTYIYGIGKARAKEALEKTGINPATRVKDLTEAEVVRLREYVENTWKLEGELRAEVAANIKRL
MDIGCYRGLRHRRGLPVRGQRTRTNARTRKGPRKTVAG
;
M
14 'polypeptide(L)' ARKALIEKAKRTPKFKVRAYTRCVRCGRARSVYRFFGLCRICLRELAHKGQLPGVRKASW N
15 'polypeptide(L)'
;PITKEEKQKVIQEFARFPGDTGSTEVQVALLTLRINRLSEHLKVHKKDHHSHRGLLMMVGQRRRLLRYLQREDPERYRAL
IEKLGIRG
;
O
16 'polypeptide(L)'
;MVKIRLARFGSKHNPHYRIVVTDARRKRDGKYIEKIGYYDPRKTTPDWLKVDVERARYWLSVGAQPTDTARRLLRQAGVF
RQEA
;
P
17 'polypeptide(L)'
;PKKVLTGVVVSDKMQKTVTVLVERQFPHPLYGKVIKRSKKYLAHDPEEKYKLGDVVEIIESRPISKRKRFRVLRLVESGR
MDLVEKYLIRRQNYESLSK
;
Q
18 'polypeptide(L)' PSRKAKVKATLGEFDLRDYRNVEVLKRFLSETGKILPRRRTGLSAKEQRILAKTIKRARILGLLPFTEKLVRK R
19 'polypeptide(L)'
;PRSLKKGVFVDDHLLEKVLELNAKGEKRLIKTWSRRSTIVPEMVGHTIAVYNGKQHVPVYITENMVGHKLGEFAPTRTYR
G
;
S
20 'polypeptide(L)'
;RNLSALKRHRQSLKRRLRNKAKKSAIKTLSKKAIQLAQEGKAEEALKIMRKAESLIDKAAKGSTLHKNAAARRKSRLMRK
VRQLLEAAGAPLIGGGLSA
;
T
21 'polypeptide(L)' GKGDRRTRRGKIWRGTYGKYRPRKK U
22 'polyribonucleotide' AA(A2M)UUU a
23 'polyribonucleotide' UAGACU(70U)UU(12A)A(PSU)CUA b
#
loop_
_chem_comp.id
_chem_comp.type
_chem_comp.name
_chem_comp.formula
12A RNA linking 2-METHYLTHIO-N6-(AMINOCARBONYL-L-THREONYL)-ADENOSINE-5'-MONOPHOSPHATE 'C16 H23 N6 O11 P S'
2MG RNA linking 2N-METHYLGUANOSINE-5'-MONOPHOSPHATE 'C11 H16 N5 O8 P'
4OC RNA linking 4N,O2'-METHYLCYTIDINE-5'-MONOPHOSPHATE 'C11 H18 N3 O8 P'
5MC RNA linking 5-METHYLCYTIDINE-5'-MONOPHOSPHATE 'C10 H16 N3 O8 P'
70U RNA linking 5-(O-METHYLACETO)-2-THIO-2-DEOXY-URIDINE-5'-MONOPHOSPHATE 'C12 H17 N2 O10 P S'
7MG RNA linking 7N-METHYL-8-HYDROGUANOSINE-5'-MONOPHOSPHATE 'C11 H18 N5 O8 P'
A RNA linking ADENOSINE-5'-MONOPHOSPHATE 'C10 H14 N5 O7 P'
A2M RNA linking '2'-O-methyladenosine 5'-(dihydrogen phosphate)' 'C11 H16 N5 O7 P'
B6M non-polymer '(1R,2S,3S,4R,6R)-4,6-diamino-2-{[3-O-(2,6-diamino-2,6-dideoxy-alpha-L-altropyranosyl)-beta-L-arabinofuranosyl]oxy}-3-hydroxycyclohexyl 2-amino-2-deoxy-alpha-D-allopyranoside' 'C23 H45 N5 O14'
C RNA linking CYTIDINE-5'-MONOPHOSPHATE 'C9 H14 N3 O8 P'
G RNA linking GUANOSINE-5'-MONOPHOSPHATE 'C10 H14 N5 O8 P'
K non-polymer 'POTASSIUM ION' 'K 1'
M2G RNA linking N2-DIMETHYLGUANOSINE-5'-MONOPHOSPHATE 'C12 H18 N5 O8 P'
MA6 RNA linking 6N-DIMETHYLADENOSINE-5'-MONOPHOSHATE 'C12 H18 N5 O7 P'
MG non-polymer 'MAGNESIUM ION' 'Mg 2'
PSU RNA linking PSEUDOURIDINE-5'-MONOPHOSPHATE 'C9 H13 N2 O9 P'
U RNA linking URIDINE-5'-MONOPHOSPHATE 'C9 H13 N2 O9 P'
UR3 RNA linking 3-METHYLURIDINE-5'-MONOPHOSHATE 'C10 H15 N2 O9 P'
ZN non-polymer 'ZINC ION' 'Zn 2'
#
# COMPACT_ATOMS: atom_id res chain seq x y z
N1 PSU A 500 -21.55 -20.55 27.75
C2 PSU A 500 -20.90 -20.08 26.71
N3 PSU A 500 -19.65 -20.43 26.51
C4 PSU A 500 -19.01 -21.26 27.32
C5 PSU A 500 -19.66 -21.76 28.43
C6 PSU A 500 -20.98 -21.37 28.62
O2 PSU A 500 -21.44 -19.34 25.95
O4 PSU A 500 -17.89 -21.54 27.08
C1' PSU A 500 -19.00 -22.73 29.42
C2' PSU A 500 -17.79 -22.22 30.20
O2' PSU A 500 -16.86 -23.29 30.33
C3' PSU A 500 -18.40 -21.87 31.55
C4' PSU A 500 -19.47 -22.95 31.71
O3' PSU A 500 -17.47 -21.85 32.61
O4' PSU A 500 -19.96 -23.16 30.36
C5' PSU A 500 -20.62 -22.61 32.63
O5' PSU A 500 -21.42 -21.57 32.07
P PSU A 500 -22.95 -21.42 32.50
OP1 PSU A 500 -23.01 -21.35 34.01
OP2 PSU A 500 -23.55 -20.30 31.68
P 7MG A 511 -2.90 -18.11 11.25
OP1 7MG A 511 -3.28 -16.69 11.08
OP2 7MG A 511 -1.59 -18.46 11.82
O5' 7MG A 511 -4.03 -18.82 12.13
C5' 7MG A 511 -5.16 -18.09 12.60
C4' 7MG A 511 -6.40 -18.95 12.58
O4' 7MG A 511 -6.02 -20.36 12.64
C3' 7MG A 511 -7.37 -18.78 13.74
O3' 7MG A 511 -8.23 -17.67 13.63
C2' 7MG A 511 -8.10 -20.12 13.75
O2' 7MG A 511 -9.01 -20.19 12.67
C1' 7MG A 511 -6.94 -21.06 13.45
N9 7MG A 511 -6.26 -21.46 14.70
C8 7MG A 511 -5.11 -21.02 15.21
N7 7MG A 511 -4.91 -21.66 16.38
C5 7MG A 511 -5.97 -22.52 16.59
C6 7MG A 511 -6.36 -23.46 17.60
O6 7MG A 511 -5.65 -23.63 18.58
N1 7MG A 511 -7.52 -24.15 17.48
C2 7MG A 511 -8.30 -23.96 16.41
N2 7MG A 511 -9.51 -24.69 16.27
N3 7MG A 511 -7.97 -23.11 15.47
C4 7MG A 511 -6.80 -22.37 15.55
CM7 7MG A 511 -3.79 -21.47 17.22
P M2G A 944 -7.96 10.79 29.71
OP1 M2G A 944 -8.86 10.43 28.59
OP2 M2G A 944 -6.56 10.35 29.68
O5' M2G A 944 -7.97 12.37 29.87
C5' M2G A 944 -7.40 13.01 31.01
C4' M2G A 944 -6.44 14.09 30.62
O4' M2G A 944 -5.20 13.49 30.16
C3' M2G A 944 -6.87 14.97 29.45
O3' M2G A 944 -7.75 16.00 29.85
C2' M2G A 944 -5.54 15.47 28.89
O2' M2G A 944 -5.07 16.57 29.65
C1' M2G A 944 -4.62 14.28 29.14
N9 M2G A 944 -4.43 13.44 27.94
C8 M2G A 944 -4.82 12.10 27.75
N7 M2G A 944 -4.49 11.64 26.54
C5 M2G A 944 -3.87 12.69 25.91
C6 M2G A 944 -3.34 12.72 24.60
O6 M2G A 944 -3.30 11.85 23.74
N1 M2G A 944 -2.78 13.98 24.28
C2 M2G A 944 -2.76 15.06 25.17
N2 M2G A 944 -2.16 16.23 24.66
N3 M2G A 944 -3.26 15.05 26.41
C4 M2G A 944 -3.83 13.83 26.75
CM1 M2G A 944 -2.17 17.46 25.43
CM2 M2G A 944 -1.82 16.36 23.25
P 5MC A 945 -9.04 16.36 28.97
OP1 5MC A 945 -9.87 17.29 29.74
OP2 5MC A 945 -9.62 15.10 28.47
O5' 5MC A 945 -8.44 17.15 27.71
C5' 5MC A 945 -7.98 18.49 27.85
C4' 5MC A 945 -7.08 18.88 26.70
O4' 5MC A 945 -6.17 17.79 26.43
C3' 5MC A 945 -7.77 19.14 25.38
O3' 5MC A 945 -8.31 20.44 25.28
C2' 5MC A 945 -6.64 18.88 24.37
O2' 5MC A 945 -5.85 20.05 24.19
C1' 5MC A 945 -5.80 17.82 25.06
N1 5MC A 945 -5.99 16.47 24.50
C2 5MC A 945 -5.47 16.13 23.19
O2 5MC A 945 -4.86 16.95 22.53
N3 5MC A 945 -5.67 14.84 22.68
C4 5MC A 945 -6.33 13.96 23.43
N4 5MC A 945 -6.49 12.71 22.85
C5 5MC A 945 -6.87 14.26 24.72
C6 5MC A 945 -6.66 15.51 25.21
CM5 5MC A 945 -7.63 13.19 25.51
P 2MG A 1189 -34.00 -9.85 24.05
OP1 2MG A 1189 -34.88 -10.94 23.61
OP2 2MG A 1189 -34.56 -8.74 24.85
O5' 2MG A 1189 -32.78 -10.48 24.86
C5' 2MG A 1189 -31.87 -11.36 24.22
C4' 2MG A 1189 -30.53 -11.36 24.93
O4' 2MG A 1189 -29.93 -10.05 24.84
C3' 2MG A 1189 -30.57 -11.66 26.41
O3' 2MG A 1189 -30.65 -13.04 26.70
C2' 2MG A 1189 -29.29 -11.00 26.91
O2' 2MG A 1189 -28.16 -11.80 26.62
C1' 2MG A 1189 -29.24 -9.75 26.04
N9 2MG A 1189 -29.89 -8.59 26.67
C8 2MG A 1189 -31.13 -7.98 26.36
N7 2MG A 1189 -31.40 -6.94 27.17
C5 2MG A 1189 -30.31 -6.87 28.02
C6 2MG A 1189 -30.10 -5.94 29.07
O6 2MG A 1189 -30.80 -5.00 29.47
N1 2MG A 1189 -28.89 -6.13 29.76
C2 2MG A 1189 -27.99 -7.16 29.42
N2 2MG A 1189 -26.83 -7.24 30.18
CM2 2MG A 1189 -25.93 -8.41 30.14
N3 2MG A 1189 -28.17 -8.05 28.43
C4 2MG A 1189 -29.36 -7.88 27.74
P 5MC A 1383 5.63 8.44 20.40
OP1 5MC A 1383 4.55 9.28 19.87
OP2 5MC A 1383 6.61 9.03 21.32
O5' 5MC A 1383 4.99 7.16 21.11
C5' 5MC A 1383 5.75 5.99 21.33
C4' 5MC A 1383 5.08 5.06 22.31
O4' 5MC A 1383 4.37 5.84 23.32
C3' 5MC A 1383 4.05 4.10 21.71
O3' 5MC A 1383 4.10 2.85 22.40
C2' 5MC A 1383 2.73 4.79 22.01
O2' 5MC A 1383 1.61 3.93 22.07
C1' 5MC A 1383 3.02 5.44 23.36
N1 5MC A 1383 2.20 6.62 23.67
C2 5MC A 1383 0.98 6.48 24.43
O2 5MC A 1383 0.61 5.41 24.84
N3 5MC A 1383 0.21 7.63 24.70
C4 5MC A 1383 0.65 8.81 24.24
N4 5MC A 1383 -0.17 9.88 24.56
C5 5MC A 1383 1.85 8.98 23.48
C6 5MC A 1383 2.58 7.84 23.23
CM5 5MC A 1383 2.27 10.35 22.99
P 4OC A 1385 4.86 -2.76 18.98
OP1 4OC A 1385 3.99 -3.95 18.90
OP2 4OC A 1385 5.25 -2.24 20.29
O5' 4OC A 1385 6.20 -3.09 18.17
CM2 4OC A 1385 11.19 -3.94 14.04
C5' 4OC A 1385 6.16 -3.81 16.94
C4' 4OC A 1385 7.41 -3.59 16.12
O4' 4OC A 1385 7.90 -2.24 16.31
C3' 4OC A 1385 8.60 -4.47 16.48
C2' 4OC A 1385 9.77 -3.66 15.93
O2' 4OC A 1385 9.87 -3.82 14.52
C1' 4OC A 1385 9.32 -2.23 16.22
N1 4OC A 1385 9.87 -1.73 17.49
C2 4OC A 1385 11.26 -1.43 17.61
O2 4OC A 1385 11.96 -1.59 16.65
N3 4OC A 1385 11.77 -0.95 18.83
C4 4OC A 1385 10.92 -0.80 19.84
N4 4OC A 1385 11.44 -0.33 21.04
C5 4OC A 1385 9.53 -1.08 19.76
C6 4OC A 1385 9.05 -1.55 18.56
CM4 4OC A 1385 12.74 0.29 21.13
O3' 4OC A 1385 8.51 -5.78 15.95
P 5MC A 1387 14.46 -9.27 17.99
OP1 5MC A 1387 14.42 -10.43 17.09
OP2 5MC A 1387 13.58 -9.23 19.16
O5' 5MC A 1387 15.96 -9.12 18.48
C5' 5MC A 1387 17.01 -8.81 17.57
C4' 5MC A 1387 18.24 -8.32 18.29
O4' 5MC A 1387 17.98 -7.04 18.89
C3' 5MC A 1387 18.70 -9.19 19.45
O3' 5MC A 1387 19.45 -10.32 19.03
C2' 5MC A 1387 19.50 -8.20 20.30
O2' 5MC A 1387 20.79 -8.01 19.75
C1' 5MC A 1387 18.70 -6.92 20.10
N1 5MC A 1387 17.73 -6.70 21.19
C2 5MC A 1387 18.11 -6.07 22.44
O2 5MC A 1387 19.25 -5.71 22.64
N3 5MC A 1387 17.14 -5.88 23.45
C4 5MC A 1387 15.89 -6.28 23.21
N4 5MC A 1387 15.02 -6.05 24.25
C5 5MC A 1387 15.48 -6.90 21.98
C6 5MC A 1387 16.43 -7.07 21.02
CM5 5MC A 1387 14.03 -7.32 21.80
P 5MC A 1390 23.58 -16.06 29.62
OP1 5MC A 1390 24.56 -17.06 30.06
OP2 5MC A 1390 22.52 -16.45 28.67
O5' 5MC A 1390 22.87 -15.46 30.91
C5' 5MC A 1390 23.65 -14.90 31.97
C4' 5MC A 1390 22.78 -14.32 33.06
O4' 5MC A 1390 22.09 -13.14 32.56
C3' 5MC A 1390 21.65 -15.21 33.56
O3' 5MC A 1390 22.09 -16.20 34.49
C2' 5MC A 1390 20.67 -14.21 34.14
O2' 5MC A 1390 21.12 -13.74 35.41
C1' 5MC A 1390 20.79 -13.06 33.14
N1 5MC A 1390 19.80 -13.19 32.04
C2 5MC A 1390 18.45 -12.71 32.22
O2 5MC A 1390 18.10 -12.18 33.25
N3 5MC A 1390 17.53 -12.85 31.16
C4 5MC A 1390 17.94 -13.43 30.04
N4 5MC A 1390 16.97 -13.53 29.06
C5 5MC A 1390 19.27 -13.93 29.84
C6 5MC A 1390 20.15 -13.78 30.86
CM5 5MC A 1390 19.67 -14.58 28.51
P UR3 A 1476 20.34 2.84 27.90
OP1 UR3 A 1476 21.26 3.96 27.72
OP2 UR3 A 1476 18.96 3.09 28.31
O5' UR3 A 1476 20.30 2.00 26.54
C5' UR3 A 1476 21.49 1.46 25.97
C4' UR3 A 1476 21.40 1.35 24.47
O4' UR3 A 1476 20.51 0.26 24.13
C1' UR3 A 1476 19.32 0.73 23.53
N1 UR3 A 1476 18.18 0.15 24.24
C6 UR3 A 1476 18.11 0.15 25.62
C2 UR3 A 1476 17.11 -0.43 23.51
O2 UR3 A 1476 17.08 -0.47 22.30
N3 UR3 A 1476 16.03 -0.98 24.25
C3U UR3 A 1476 14.96 -1.55 23.45
C4 UR3 A 1476 15.96 -0.99 25.64
O4 UR3 A 1476 14.98 -1.49 26.18
C5 UR3 A 1476 17.07 -0.40 26.30
C2' UR3 A 1476 19.36 2.27 23.58
O2' UR3 A 1476 18.77 2.85 22.44
C3' UR3 A 1476 20.84 2.58 23.77
O3' UR3 A 1476 21.53 2.89 22.54
C2 MA6 A 1496 23.53 -3.66 27.92
C4 MA6 A 1496 25.14 -5.18 27.92
C5 MA6 A 1496 26.12 -4.20 28.23
P MA6 A 1496 30.12 -8.52 28.39
OP1 MA6 A 1496 31.24 -9.39 28.04
OP2 MA6 A 1496 30.26 -7.06 28.27
O5' MA6 A 1496 28.87 -8.93 27.50
C5' MA6 A 1496 27.90 -9.86 27.99
C4' MA6 A 1496 26.55 -9.56 27.39
O4' MA6 A 1496 25.79 -8.69 28.28
C1' MA6 A 1496 25.14 -7.68 27.53
N9 MA6 A 1496 25.79 -6.40 27.83
N3 MA6 A 1496 23.82 -4.94 27.75
N1 MA6 A 1496 24.33 -2.61 28.20
C6 MA6 A 1496 25.66 -2.87 28.37
N6 MA6 A 1496 26.43 -1.76 28.66
C9 MA6 A 1496 25.80 -0.47 28.80
C10 MA6 A 1496 27.88 -1.71 28.48
N7 MA6 A 1496 27.36 -4.83 28.32
C8 MA6 A 1496 27.15 -6.13 28.07
C2' MA6 A 1496 25.25 -8.06 26.06
O2' MA6 A 1496 24.16 -8.92 25.76
C3' MA6 A 1496 26.57 -8.83 26.06
O3' MA6 A 1496 26.71 -9.70 24.95
C2 MA6 A 1497 22.78 -1.96 24.52
C4 MA6 A 1497 24.06 -3.74 24.16
C5 MA6 A 1497 25.22 -3.01 24.54
P MA6 A 1497 27.34 -9.15 23.58
OP1 MA6 A 1497 28.41 -10.08 23.18
OP2 MA6 A 1497 27.65 -7.73 23.76
O5' MA6 A 1497 26.15 -9.27 22.54
C5' MA6 A 1497 25.84 -8.21 21.63
C4' MA6 A 1497 24.46 -7.67 21.87
O4' MA6 A 1497 24.32 -7.28 23.27
C1' MA6 A 1497 23.58 -6.09 23.38
N9 MA6 A 1497 24.47 -5.01 23.83
N3 MA6 A 1497 22.81 -3.24 24.13
N1 MA6 A 1497 23.79 -1.14 24.91
C6 MA6 A 1497 25.03 -1.66 24.93
N6 MA6 A 1497 26.02 -0.79 25.33
C9 MA6 A 1497 25.66 0.58 25.65
C10 MA6 A 1497 27.44 -0.97 25.03
N7 MA6 A 1497 26.34 -3.86 24.45
C8 MA6 A 1497 25.86 -5.03 24.02
C2' MA6 A 1497 23.02 -5.79 21.99
O2' MA6 A 1497 21.79 -6.49 21.85
C3' MA6 A 1497 24.09 -6.41 21.11
O3' MA6 A 1497 23.65 -6.68 19.79
N1 PSU A 1518 21.30 17.20 25.03
C2 PSU A 1518 21.07 17.38 26.32
N3 PSU A 1518 21.79 16.72 27.20
C4 PSU A 1518 22.74 15.87 26.85
C5 PSU A 1518 23.01 15.67 25.50
C6 PSU A 1518 22.23 16.38 24.59
O2 PSU A 1518 20.22 18.12 26.68
O4 PSU A 1518 23.36 15.31 27.68
C1' PSU A 1518 24.10 14.72 25.00
C2' PSU A 1518 23.72 13.23 25.01
O2' PSU A 1518 24.89 12.47 25.31
C3' PSU A 1518 23.32 13.02 23.56
C4' PSU A 1518 24.30 13.91 22.81
O3' PSU A 1518 23.34 11.67 23.15
O4' PSU A 1518 24.45 15.05 23.67
C5' PSU A 1518 23.87 14.35 21.43
O5' PSU A 1518 22.81 15.29 21.49
P PSU A 1518 22.42 16.17 20.22
OP1 PSU A 1518 22.31 15.25 19.03
OP2 PSU A 1518 21.24 17.03 20.59
N1 PSU A 1519 19.28 15.23 22.77
C2 PSU A 1519 18.82 16.41 23.13
N3 PSU A 1519 18.37 16.59 24.35
C4 PSU A 1519 18.36 15.62 25.25
C5 PSU A 1519 18.85 14.37 24.91
C6 PSU A 1519 19.31 14.20 23.61
O2 PSU A 1519 18.80 17.30 22.35
O4 PSU A 1519 17.95 15.84 26.34
C1' PSU A 1519 18.87 13.18 25.89
C2' PSU A 1519 17.75 12.15 25.79
O2' PSU A 1519 17.42 11.71 27.10
C3' PSU A 1519 18.44 11.03 25.01
C4' PSU A 1519 19.87 11.09 25.53
O3' PSU A 1519 17.83 9.76 25.18
O4' PSU A 1519 20.11 12.50 25.75
C5' PSU A 1519 20.92 10.53 24.62
O5' PSU A 1519 20.89 11.17 23.34
P PSU A 1519 22.10 11.05 22.33
OP1 PSU A 1519 22.38 9.60 22.07
OP2 PSU A 1519 21.83 11.98 21.18
N THR B 1 -3.87 17.51 -57.00
CA THR B 1 -3.76 16.34 -57.87
C THR B 1 -2.69 16.54 -58.93
N VAL B 2 -2.03 17.70 -58.89
CA VAL B 2 -1.00 18.05 -59.87
C VAL B 2 0.28 18.45 -59.12
N LYS B 3 0.49 17.86 -57.95
CA LYS B 3 1.60 18.23 -57.07
C LYS B 3 2.88 17.46 -57.37
N GLU B 4 3.06 17.01 -58.60
CA GLU B 4 4.26 16.23 -58.95
C GLU B 4 5.54 17.02 -58.73
N LEU B 5 5.72 18.11 -59.48
CA LEU B 5 6.92 18.91 -59.37
C LEU B 5 6.80 20.06 -58.39
N LEU B 6 5.57 20.47 -58.05
CA LEU B 6 5.36 21.61 -57.15
C LEU B 6 5.72 21.30 -55.70
N GLU B 7 6.28 20.13 -55.41
CA GLU B 7 6.70 19.78 -54.05
C GLU B 7 7.99 20.52 -53.74
N ALA B 8 7.85 21.82 -53.44
CA ALA B 8 8.97 22.70 -53.13
C ALA B 8 9.01 22.92 -51.62
N GLY B 9 9.93 22.24 -50.96
CA GLY B 9 10.10 22.38 -49.52
C GLY B 9 9.52 21.26 -48.69
N VAL B 10 9.13 20.15 -49.31
CA VAL B 10 8.52 19.04 -48.58
C VAL B 10 9.57 17.98 -48.27
N HIS B 11 10.57 17.87 -49.14
CA HIS B 11 11.60 16.86 -48.97
C HIS B 11 12.50 17.11 -47.76
N PHE B 12 12.52 18.34 -47.25
CA PHE B 12 13.35 18.66 -46.09
C PHE B 12 12.78 17.98 -44.85
N GLY B 13 13.58 17.14 -44.21
CA GLY B 13 13.20 16.48 -42.98
C GLY B 13 13.87 17.10 -41.77
N HIS B 14 13.94 16.33 -40.69
CA HIS B 14 14.61 16.78 -39.48
C HIS B 14 16.11 16.54 -39.60
N GLU B 15 16.84 16.74 -38.50
CA GLU B 15 18.29 16.65 -38.51
C GLU B 15 18.71 15.18 -38.53
N ARG B 16 20.02 14.94 -38.39
CA ARG B 16 20.53 13.56 -38.35
C ARG B 16 20.00 12.82 -37.13
N LYS B 17 20.01 13.48 -35.97
CA LYS B 17 19.45 12.91 -34.75
C LYS B 17 17.94 13.14 -34.74
N ARG B 18 17.29 12.75 -33.64
CA ARG B 18 15.85 12.96 -33.45
C ARG B 18 15.03 12.32 -34.57
N TRP B 19 15.54 11.25 -35.16
CA TRP B 19 14.85 10.53 -36.23
C TRP B 19 14.32 9.20 -35.70
N ASN B 20 13.74 8.41 -36.61
CA ASN B 20 13.27 7.07 -36.30
C ASN B 20 13.79 6.13 -37.37
N PRO B 21 14.48 5.04 -36.99
CA PRO B 21 15.02 4.13 -38.00
C PRO B 21 13.97 3.53 -38.91
N LYS B 22 12.75 3.32 -38.41
CA LYS B 22 11.69 2.74 -39.23
C LYS B 22 11.35 3.61 -40.44
N PHE B 23 11.73 4.88 -40.42
CA PHE B 23 11.48 5.79 -41.52
C PHE B 23 12.55 5.72 -42.60
N ALA B 24 13.59 4.91 -42.40
CA ALA B 24 14.72 4.87 -43.33
C ALA B 24 14.29 4.49 -44.74
N ARG B 25 13.21 3.71 -44.88
CA ARG B 25 12.75 3.31 -46.19
C ARG B 25 12.24 4.49 -47.01
N TYR B 26 11.76 5.54 -46.35
CA TYR B 26 11.22 6.71 -47.03
C TYR B 26 12.23 7.85 -47.12
N ILE B 27 13.51 7.56 -46.93
CA ILE B 27 14.57 8.56 -46.95
C ILE B 27 15.43 8.33 -48.18
N TYR B 28 15.73 9.42 -48.90
CA TYR B 28 16.60 9.32 -50.08
C TYR B 28 18.06 9.30 -49.68
N ALA B 29 18.53 10.35 -49.02
CA ALA B 29 19.93 10.47 -48.60
C ALA B 29 20.01 11.51 -47.49
N GLU B 30 21.24 11.89 -47.14
CA GLU B 30 21.51 12.87 -46.09
C GLU B 30 22.42 13.95 -46.65
N ARG B 31 21.88 15.16 -46.81
CA ARG B 31 22.65 16.30 -47.30
C ARG B 31 22.89 17.27 -46.15
N ASN B 32 24.18 17.46 -45.81
CA ASN B 32 24.59 18.40 -44.77
C ASN B 32 23.91 18.09 -43.43
N GLY B 33 23.94 16.82 -43.06
CA GLY B 33 23.40 16.41 -41.78
C GLY B 33 21.90 16.58 -41.63
N ILE B 34 21.16 16.45 -42.73
CA ILE B 34 19.70 16.59 -42.70
C ILE B 34 19.10 15.49 -43.57
N HIS B 35 18.20 14.70 -42.99
CA HIS B 35 17.52 13.67 -43.76
C HIS B 35 16.59 14.32 -44.78
N ILE B 36 16.66 13.83 -46.03
CA ILE B 36 15.81 14.31 -47.11
C ILE B 36 14.91 13.16 -47.54
N ILE B 37 13.63 13.45 -47.70
CA ILE B 37 12.66 12.41 -48.00
C ILE B 37 12.84 11.94 -49.45
N ASP B 38 12.61 10.64 -49.68
CA ASP B 38 12.63 10.10 -51.02
C ASP B 38 11.47 10.67 -51.82
N LEU B 39 11.78 11.31 -52.94
CA LEU B 39 10.74 11.97 -53.74
C LEU B 39 9.82 10.97 -54.41
N GLN B 40 10.35 9.81 -54.80
CA GLN B 40 9.54 8.82 -55.49
C GLN B 40 8.52 8.18 -54.56
N LYS B 41 9.00 7.63 -53.44
CA LYS B 41 8.11 6.98 -52.47
C LYS B 41 7.08 7.95 -51.92
N THR B 42 7.37 9.24 -51.91
CA THR B 42 6.38 10.23 -51.48
C THR B 42 5.11 10.11 -52.31
N MET B 43 5.23 10.28 -53.63
CA MET B 43 4.07 10.14 -54.50
C MET B 43 3.58 8.71 -54.56
N GLU B 44 4.48 7.73 -54.37
CA GLU B 44 4.06 6.33 -54.34
C GLU B 44 3.04 6.09 -53.24
N GLU B 45 3.28 6.62 -52.04
CA GLU B 45 2.32 6.51 -50.96
C GLU B 45 1.18 7.51 -51.11
N LEU B 46 1.43 8.64 -51.77
CA LEU B 46 0.37 9.62 -52.00
C LEU B 46 -0.75 9.05 -52.86
N GLU B 47 -0.40 8.24 -53.86
CA GLU B 47 -1.41 7.60 -54.67
C GLU B 47 -2.41 6.85 -53.80
N ARG B 48 -1.91 5.91 -53.00
CA ARG B 48 -2.80 5.08 -52.17
C ARG B 48 -3.52 5.93 -51.13
N THR B 49 -2.83 6.88 -50.52
CA THR B 49 -3.45 7.68 -49.46
C THR B 49 -4.58 8.54 -50.01
N PHE B 50 -4.32 9.28 -51.09
CA PHE B 50 -5.34 10.11 -51.70
C PHE B 50 -6.46 9.27 -52.30
N ARG B 51 -6.16 8.05 -52.76
CA ARG B 51 -7.22 7.17 -53.24
C ARG B 51 -8.13 6.75 -52.11
N PHE B 52 -7.57 6.40 -50.96
CA PHE B 52 -8.38 6.11 -49.79
C PHE B 52 -9.20 7.33 -49.37
N ILE B 53 -8.59 8.52 -49.44
CA ILE B 53 -9.31 9.74 -49.08
C ILE B 53 -10.49 9.97 -50.01
N GLU B 54 -10.29 9.75 -51.31
CA GLU B 54 -11.37 9.92 -52.28
C GLU B 54 -12.48 8.90 -52.04
N ASP B 55 -12.11 7.65 -51.79
CA ASP B 55 -13.12 6.62 -51.52
C ASP B 55 -13.92 6.97 -50.28
N LEU B 56 -13.26 7.42 -49.21
CA LEU B 56 -13.97 7.75 -47.99
C LEU B 56 -14.80 9.02 -48.12
N ALA B 57 -14.36 9.96 -48.97
CA ALA B 57 -15.07 11.22 -49.12
C ALA B 57 -16.32 11.06 -49.98
N MET B 58 -16.20 10.36 -51.11
CA MET B 58 -17.37 10.16 -51.96
C MET B 58 -18.41 9.25 -51.33
N ARG B 59 -18.08 8.58 -50.22
CA ARG B 59 -19.04 7.80 -49.46
C ARG B 59 -19.72 8.61 -48.35
N GLY B 60 -19.29 9.86 -48.14
CA GLY B 60 -19.88 10.68 -47.12
C GLY B 60 -19.29 10.55 -45.73
N GLY B 61 -18.04 10.10 -45.63
CA GLY B 61 -17.43 9.92 -44.34
C GLY B 61 -16.88 11.21 -43.76
N THR B 62 -16.62 11.17 -42.45
CA THR B 62 -16.10 12.32 -41.72
C THR B 62 -14.66 12.05 -41.30
N ILE B 63 -13.80 13.05 -41.49
CA ILE B 63 -12.38 12.96 -41.16
C ILE B 63 -12.07 14.01 -40.10
N LEU B 64 -11.35 13.60 -39.06
CA LEU B 64 -10.94 14.51 -37.98
C LEU B 64 -9.52 14.97 -38.25
N PHE B 65 -9.35 16.28 -38.43
CA PHE B 65 -8.03 16.88 -38.64
C PHE B 65 -7.45 17.31 -37.29
N VAL B 66 -6.26 16.81 -36.98
CA VAL B 66 -5.60 17.09 -35.71
C VAL B 66 -4.30 17.83 -36.00
N GLY B 67 -4.17 19.02 -35.43
CA GLY B 67 -2.96 19.81 -35.57
C GLY B 67 -2.71 20.71 -34.37
N THR B 68 -1.52 20.59 -33.78
CA THR B 68 -1.17 21.36 -32.60
C THR B 68 0.27 21.89 -32.65
N LYS B 69 1.01 21.63 -33.71
CA LYS B 69 2.44 21.91 -33.78
C LYS B 69 2.78 23.40 -33.76
N LYS B 70 1.78 24.29 -33.65
CA LYS B 70 1.93 25.74 -33.68
C LYS B 70 2.39 26.24 -35.04
N GLN B 71 2.64 25.36 -36.00
CA GLN B 71 2.96 25.73 -37.36
C GLN B 71 1.87 25.29 -38.34
N ALA B 72 0.86 24.56 -37.86
CA ALA B 72 -0.25 24.14 -38.69
C ALA B 72 -1.60 24.49 -38.06
N GLN B 73 -1.61 25.25 -36.97
CA GLN B 73 -2.87 25.57 -36.30
C GLN B 73 -3.75 26.44 -37.18
N ASP B 74 -3.22 27.58 -37.64
CA ASP B 74 -3.99 28.48 -38.48
C ASP B 74 -4.35 27.86 -39.83
N ILE B 75 -3.63 26.82 -40.24
CA ILE B 75 -3.96 26.14 -41.50
C ILE B 75 -5.09 25.14 -41.29
N VAL B 76 -4.97 24.30 -40.27
CA VAL B 76 -6.00 23.31 -39.99
C VAL B 76 -7.32 23.97 -39.60
N ARG B 77 -7.24 25.12 -38.92
CA ARG B 77 -8.47 25.77 -38.46
C ARG B 77 -9.35 26.24 -39.61
N MET B 78 -8.81 26.36 -40.82
CA MET B 78 -9.60 26.77 -41.97
C MET B 78 -9.71 25.71 -43.05
N GLU B 79 -8.71 24.85 -43.23
CA GLU B 79 -8.84 23.76 -44.19
C GLU B 79 -9.94 22.80 -43.77
N ALA B 80 -10.18 22.65 -42.46
CA ALA B 80 -11.32 21.91 -41.96
C ALA B 80 -12.56 22.77 -41.81
N GLU B 81 -12.40 24.09 -41.67
CA GLU B 81 -13.54 25.01 -41.74
C GLU B 81 -14.10 25.11 -43.14
N ARG B 82 -13.42 24.50 -44.12
CA ARG B 82 -14.00 24.14 -45.41
C ARG B 82 -14.84 22.90 -45.18
N ALA B 83 -15.08 22.10 -46.23
CA ALA B 83 -15.97 20.94 -46.17
C ALA B 83 -15.97 20.27 -44.79
N GLY B 84 -17.16 20.00 -44.27
CA GLY B 84 -17.43 20.03 -42.84
C GLY B 84 -16.69 19.08 -41.93
N MET B 85 -15.60 18.49 -42.41
CA MET B 85 -14.74 17.68 -41.56
C MET B 85 -14.35 18.45 -40.31
N PRO B 86 -14.57 17.89 -39.10
CA PRO B 86 -14.20 18.61 -37.87
C PRO B 86 -12.70 18.69 -37.66
N TYR B 87 -12.27 19.37 -36.60
CA TYR B 87 -10.84 19.51 -36.34
C TYR B 87 -10.60 19.80 -34.87
N VAL B 88 -9.38 19.50 -34.42
CA VAL B 88 -8.90 19.81 -33.08
C VAL B 88 -7.65 20.68 -33.24
N ASN B 89 -7.67 21.87 -32.65
CA ASN B 89 -6.68 22.88 -32.97
C ASN B 89 -5.78 23.27 -31.80
N GLN B 90 -6.35 23.62 -30.65
CA GLN B 90 -5.53 24.18 -29.57
C GLN B 90 -4.72 23.12 -28.85
N ARG B 91 -5.36 22.02 -28.45
CA ARG B 91 -4.67 20.88 -27.87
C ARG B 91 -5.62 19.69 -27.88
N TRP B 92 -5.04 18.50 -27.93
CA TRP B 92 -5.82 17.27 -28.02
C TRP B 92 -6.14 16.79 -26.61
N LEU B 93 -7.41 16.80 -26.24
CA LEU B 93 -7.84 16.42 -24.91
C LEU B 93 -7.86 14.90 -24.77
N GLY B 94 -7.28 14.39 -23.68
CA GLY B 94 -7.25 12.97 -23.43
C GLY B 94 -8.63 12.36 -23.27
N GLY B 95 -8.96 11.41 -24.15
CA GLY B 95 -10.26 10.78 -24.12
C GLY B 95 -11.26 11.31 -25.12
N MET B 96 -10.82 12.11 -26.09
CA MET B 96 -11.75 12.65 -27.08
C MET B 96 -12.42 11.56 -27.91
N LEU B 97 -11.80 10.37 -28.00
CA LEU B 97 -12.33 9.27 -28.78
C LEU B 97 -12.79 8.10 -27.92
N THR B 98 -11.93 7.63 -27.02
CA THR B 98 -12.32 6.51 -26.16
C THR B 98 -13.36 6.92 -25.12
N ASN B 99 -13.29 8.15 -24.63
CA ASN B 99 -14.29 8.72 -23.73
C ASN B 99 -15.15 9.75 -24.46
N PHE B 100 -15.50 9.43 -25.71
CA PHE B 100 -16.18 10.39 -26.58
C PHE B 100 -17.50 10.88 -25.97
N LYS B 101 -18.14 10.06 -25.14
CA LYS B 101 -19.45 10.45 -24.60
C LYS B 101 -19.32 11.63 -23.64
N THR B 102 -18.28 11.65 -22.80
CA THR B 102 -18.11 12.74 -21.86
C THR B 102 -17.76 14.05 -22.59
N ILE B 103 -16.94 13.97 -23.62
CA ILE B 103 -16.63 15.17 -24.39
C ILE B 103 -17.86 15.64 -25.15
N SER B 104 -18.71 14.71 -25.58
CA SER B 104 -19.99 15.11 -26.18
C SER B 104 -20.90 15.79 -25.16
N GLN B 105 -20.83 15.36 -23.90
CA GLN B 105 -21.55 16.07 -22.84
C GLN B 105 -21.01 17.49 -22.67
N ARG B 106 -19.70 17.64 -22.75
CA ARG B 106 -19.11 18.99 -22.74
C ARG B 106 -19.61 19.81 -23.91
N VAL B 107 -19.76 19.20 -25.09
CA VAL B 107 -20.30 19.90 -26.25
C VAL B 107 -21.76 20.28 -26.01
N HIS B 108 -22.51 19.40 -25.35
CA HIS B 108 -23.88 19.73 -24.97
C HIS B 108 -23.91 20.96 -24.07
N ARG B 109 -22.98 21.04 -23.11
CA ARG B 109 -22.91 22.24 -22.27
C ARG B 109 -22.51 23.47 -23.09
N LEU B 110 -21.65 23.28 -24.10
CA LEU B 110 -21.27 24.39 -24.97
C LEU B 110 -22.49 24.97 -25.69
N GLU B 111 -23.25 24.12 -26.38
CA GLU B 111 -24.44 24.62 -27.06
C GLU B 111 -25.52 25.06 -26.09
N GLU B 112 -25.55 24.52 -24.88
CA GLU B 112 -26.45 25.00 -23.85
C GLU B 112 -26.15 26.45 -23.49
N LEU B 113 -24.87 26.75 -23.23
CA LEU B 113 -24.48 28.12 -22.94
C LEU B 113 -24.66 29.03 -24.13
N GLU B 114 -24.51 28.50 -25.35
CA GLU B 114 -24.83 29.28 -26.54
C GLU B 114 -26.32 29.61 -26.61
N ALA B 115 -27.17 28.68 -26.17
CA ALA B 115 -28.60 28.94 -26.14
C ALA B 115 -28.97 29.91 -25.02
N LEU B 116 -28.22 29.91 -23.92
CA LEU B 116 -28.50 30.85 -22.84
C LEU B 116 -28.14 32.28 -23.26
N PHE B 117 -27.03 32.46 -23.97
CA PHE B 117 -26.66 33.77 -24.48
C PHE B 117 -27.48 34.20 -25.68
N ALA B 118 -28.30 33.30 -26.24
CA ALA B 118 -29.25 33.66 -27.28
C ALA B 118 -30.63 34.02 -26.72
N SER B 119 -30.95 33.53 -25.52
CA SER B 119 -32.20 33.79 -24.83
C SER B 119 -32.06 35.02 -23.94
N PRO B 120 -33.18 35.66 -23.56
CA PRO B 120 -33.10 36.85 -22.71
C PRO B 120 -32.70 36.55 -21.27
N GLU B 121 -32.32 35.31 -20.98
CA GLU B 121 -31.94 34.90 -19.64
C GLU B 121 -30.52 35.35 -19.27
N ILE B 122 -29.91 36.25 -20.05
CA ILE B 122 -28.56 36.70 -19.74
C ILE B 122 -28.55 37.63 -18.54
N GLU B 123 -29.61 38.42 -18.35
CA GLU B 123 -29.60 39.46 -17.33
C GLU B 123 -29.93 38.90 -15.94
N GLU B 124 -30.84 37.94 -15.87
CA GLU B 124 -31.15 37.31 -14.58
C GLU B 124 -29.93 36.57 -14.06
N ARG B 125 -29.95 36.25 -12.76
CA ARG B 125 -28.81 35.63 -12.10
C ARG B 125 -27.56 36.49 -12.34
N PRO B 126 -27.41 37.58 -11.59
CA PRO B 126 -26.61 38.73 -12.05
C PRO B 126 -25.13 38.49 -12.30
N LYS B 127 -24.43 39.59 -12.58
CA LYS B 127 -23.17 39.65 -13.33
C LYS B 127 -22.14 38.58 -12.98
N LYS B 128 -22.17 38.06 -11.76
CA LYS B 128 -21.26 36.97 -11.39
C LYS B 128 -21.35 35.83 -12.39
N GLU B 129 -22.55 35.29 -12.59
CA GLU B 129 -22.73 34.24 -13.59
C GLU B 129 -22.49 34.77 -15.00
N GLN B 130 -22.83 36.04 -15.26
CA GLN B 130 -22.63 36.61 -16.58
C GLN B 130 -21.16 36.69 -16.97
N VAL B 131 -20.25 36.62 -16.00
CA VAL B 131 -18.83 36.55 -16.27
C VAL B 131 -18.31 35.12 -16.22
N ARG B 132 -18.79 34.32 -15.25
CA ARG B 132 -18.36 32.93 -15.16
C ARG B 132 -18.72 32.17 -16.43
N LEU B 133 -20.00 32.20 -16.80
CA LEU B 133 -20.44 31.50 -18.01
C LEU B 133 -19.82 32.11 -19.26
N LYS B 134 -19.52 33.41 -19.24
CA LYS B 134 -18.84 34.03 -20.38
C LYS B 134 -17.46 33.41 -20.59
N HIS B 135 -16.66 33.34 -19.52
CA HIS B 135 -15.35 32.71 -19.63
C HIS B 135 -15.45 31.22 -19.95
N GLU B 136 -16.47 30.55 -19.41
CA GLU B 136 -16.65 29.13 -19.69
C GLU B 136 -16.95 28.89 -21.16
N LEU B 137 -17.87 29.68 -21.73
CA LEU B 137 -18.16 29.58 -23.16
C LEU B 137 -16.94 29.97 -23.99
N GLU B 138 -16.16 30.94 -23.52
CA GLU B 138 -14.94 31.33 -24.21
C GLU B 138 -13.99 30.15 -24.34
N ARG B 139 -13.68 29.49 -23.22
CA ARG B 139 -12.74 28.37 -23.29
C ARG B 139 -13.34 27.16 -24.00
N LEU B 140 -14.68 26.99 -23.93
CA LEU B 140 -15.31 25.90 -24.66
C LEU B 140 -15.19 26.11 -26.17
N GLN B 141 -15.38 27.34 -26.63
CA GLN B 141 -15.16 27.63 -28.05
C GLN B 141 -13.68 27.57 -28.40
N LYS B 142 -12.80 27.85 -27.44
CA LYS B 142 -11.37 27.79 -27.71
C LYS B 142 -10.91 26.35 -27.93
N TYR B 143 -11.42 25.41 -27.15
CA TYR B 143 -10.97 24.02 -27.24
C TYR B 143 -11.86 23.16 -28.13
N LEU B 144 -13.18 23.33 -28.08
CA LEU B 144 -14.10 22.54 -28.88
C LEU B 144 -14.54 23.27 -30.14
N SER B 145 -13.65 24.07 -30.73
CA SER B 145 -14.00 24.87 -31.90
C SER B 145 -14.50 23.99 -33.05
N GLY B 146 -13.67 23.06 -33.50
CA GLY B 146 -14.04 22.18 -34.59
C GLY B 146 -14.62 20.87 -34.13
N PHE B 147 -14.30 20.46 -32.90
CA PHE B 147 -14.74 19.18 -32.38
C PHE B 147 -16.26 19.11 -32.23
N ARG B 148 -16.94 20.25 -32.12
CA ARG B 148 -18.38 20.27 -31.91
C ARG B 148 -19.16 19.68 -33.09
N LEU B 149 -18.52 19.50 -34.25
CA LEU B 149 -19.21 18.99 -35.42
C LEU B 149 -19.36 17.47 -35.40
N LEU B 150 -18.60 16.78 -34.57
CA LEU B 150 -18.66 15.31 -34.50
C LEU B 150 -19.90 14.90 -33.72
N LYS B 151 -20.90 14.36 -34.43
CA LYS B 151 -22.05 13.78 -33.74
C LYS B 151 -21.76 12.36 -33.29
N ARG B 152 -20.96 11.61 -34.04
CA ARG B 152 -20.51 10.28 -33.64
C ARG B 152 -19.00 10.19 -33.81
N LEU B 153 -18.44 8.99 -33.63
CA LEU B 153 -17.03 8.80 -33.84
C LEU B 153 -16.67 9.02 -35.31
N PRO B 154 -15.50 9.59 -35.60
CA PRO B 154 -15.11 9.82 -36.98
C PRO B 154 -14.73 8.53 -37.69
N ASP B 155 -14.82 8.56 -39.02
CA ASP B 155 -14.46 7.43 -39.85
C ASP B 155 -12.98 7.38 -40.18
N ALA B 156 -12.25 8.47 -39.93
CA ALA B 156 -10.81 8.54 -40.13
C ALA B 156 -10.30 9.80 -39.46
N ILE B 157 -9.01 9.83 -39.18
CA ILE B 157 -8.36 11.00 -38.61
C ILE B 157 -7.17 11.39 -39.48
N PHE B 158 -6.88 12.69 -39.49
CA PHE B 158 -5.76 13.25 -40.22
C PHE B 158 -4.85 13.99 -39.24
N VAL B 159 -3.57 13.63 -39.24
CA VAL B 159 -2.60 14.16 -38.29
C VAL B 159 -1.52 14.91 -39.04
N VAL B 160 -1.02 15.98 -38.44
CA VAL B 160 0.07 16.75 -39.03
C VAL B 160 1.43 16.27 -38.53
N ASP B 161 1.53 15.95 -37.24
CA ASP B 161 2.75 15.38 -36.67
C ASP B 161 2.35 14.23 -35.76
N PRO B 162 2.47 12.98 -36.24
CA PRO B 162 2.07 11.84 -35.40
C PRO B 162 2.95 11.64 -34.18
N THR B 163 4.11 12.28 -34.10
CA THR B 163 4.89 12.25 -32.86
C THR B 163 4.35 13.25 -31.86
N LYS B 164 3.97 14.45 -32.31
CA LYS B 164 3.40 15.45 -31.43
C LYS B 164 1.98 15.08 -31.02
N GLU B 165 1.22 14.45 -31.93
CA GLU B 165 -0.16 14.02 -31.68
C GLU B 165 -0.25 12.52 -31.43
N ALA B 166 0.72 11.94 -30.72
CA ALA B 166 0.76 10.49 -30.55
C ALA B 166 -0.44 9.98 -29.76
N ILE B 167 -1.01 10.81 -28.89
CA ILE B 167 -2.15 10.36 -28.09
C ILE B 167 -3.37 10.12 -28.99
N ALA B 168 -3.64 11.06 -29.91
CA ALA B 168 -4.73 10.87 -30.85
C ALA B 168 -4.52 9.63 -31.71
N VAL B 169 -3.28 9.40 -32.13
CA VAL B 169 -2.97 8.21 -32.93
C VAL B 169 -3.29 6.95 -32.14
N ARG B 170 -2.82 6.89 -30.89
CA ARG B 170 -3.06 5.73 -30.05
C ARG B 170 -4.55 5.49 -29.84
N GLU B 171 -5.31 6.56 -29.58
CA GLU B 171 -6.75 6.40 -29.39
C GLU B 171 -7.43 5.92 -30.67
N ALA B 172 -6.95 6.37 -31.82
CA ALA B 172 -7.49 5.88 -33.08
C ALA B 172 -7.18 4.40 -33.28
N ARG B 173 -5.97 3.98 -32.89
CA ARG B 173 -5.64 2.56 -32.97
C ARG B 173 -6.56 1.73 -32.09
N LYS B 174 -6.82 2.21 -30.87
CA LYS B 174 -7.66 1.45 -29.94
C LYS B 174 -9.06 1.21 -30.48
N LEU B 175 -9.59 2.16 -31.24
CA LEU B 175 -10.94 2.06 -31.79
C LEU B 175 -10.97 1.60 -33.24
N PHE B 176 -9.85 1.07 -33.75
CA PHE B 176 -9.75 0.57 -35.12
C PHE B 176 -10.08 1.66 -36.15
N ILE B 177 -9.74 2.91 -35.83
CA ILE B 177 -9.97 4.03 -36.75
C ILE B 177 -8.76 4.19 -37.65
N PRO B 178 -8.95 4.28 -38.96
CA PRO B 178 -7.80 4.50 -39.87
C PRO B 178 -7.10 5.80 -39.52
N VAL B 179 -5.77 5.78 -39.65
CA VAL B 179 -4.91 6.90 -39.27
C VAL B 179 -4.20 7.40 -40.51
N ILE B 180 -4.61 8.57 -41.01
CA ILE B 180 -3.90 9.27 -42.07
C ILE B 180 -3.03 10.33 -41.40
N ALA B 181 -1.77 10.41 -41.81
CA ALA B 181 -0.85 11.33 -41.13
C ALA B 181 0.22 11.80 -42.09
N LEU B 182 0.60 13.06 -41.95
CA LEU B 182 1.77 13.62 -42.63
C LEU B 182 2.97 13.31 -41.76
N ALA B 183 3.65 12.20 -42.05
CA ALA B 183 4.76 11.75 -41.22
C ALA B 183 6.07 12.39 -41.67
N ASP B 184 6.97 12.55 -40.69
CA ASP B 184 8.32 13.04 -40.93
C ASP B 184 9.30 11.99 -40.40
N THR B 185 10.59 12.34 -40.42
CA THR B 185 11.63 11.40 -40.00
C THR B 185 11.59 11.10 -38.51
N ASP B 186 10.86 11.89 -37.72
CA ASP B 186 10.81 11.71 -36.27
C ASP B 186 9.58 10.93 -35.82
N SER B 187 9.01 10.10 -36.68
CA SER B 187 7.78 9.39 -36.38
C SER B 187 7.91 7.92 -36.75
N ASP B 188 7.04 7.11 -36.14
CA ASP B 188 7.01 5.67 -36.41
C ASP B 188 5.98 5.39 -37.49
N PRO B 189 6.39 5.00 -38.70
CA PRO B 189 5.41 4.81 -39.78
C PRO B 189 4.50 3.61 -39.60
N ASP B 190 4.85 2.65 -38.73
CA ASP B 190 4.03 1.46 -38.57
C ASP B 190 2.65 1.80 -38.00
N LEU B 191 2.59 2.79 -37.10
CA LEU B 191 1.32 3.15 -36.50
C LEU B 191 0.40 3.89 -37.47
N VAL B 192 0.94 4.46 -38.53
CA VAL B 192 0.14 5.21 -39.50
C VAL B 192 -0.36 4.24 -40.57
N ASP B 193 -1.68 4.26 -40.80
CA ASP B 193 -2.28 3.36 -41.77
C ASP B 193 -2.10 3.86 -43.20
N TYR B 194 -2.13 5.18 -43.41
CA TYR B 194 -1.92 5.78 -44.72
C TYR B 194 -0.93 6.92 -44.53
N ILE B 195 0.32 6.70 -44.94
CA ILE B 195 1.42 7.59 -44.63
C ILE B 195 1.56 8.64 -45.72
N ILE B 196 1.93 9.85 -45.33
CA ILE B 196 2.29 10.91 -46.26
C ILE B 196 3.67 11.41 -45.87
N PRO B 197 4.74 10.88 -46.46
CA PRO B 197 6.10 11.24 -46.01
C PRO B 197 6.53 12.62 -46.44
N GLY B 198 6.16 13.64 -45.67
CA GLY B 198 6.57 14.99 -45.96
C GLY B 198 7.20 15.70 -44.77
N ASN B 199 7.17 17.04 -44.78
CA ASN B 199 7.71 17.85 -43.70
C ASN B 199 6.58 18.38 -42.82
N ASP B 200 6.83 18.41 -41.51
CA ASP B 200 5.84 18.89 -40.55
C ASP B 200 6.19 20.25 -39.94
N ASP B 201 7.40 20.76 -40.16
CA ASP B 201 7.81 22.05 -39.63
C ASP B 201 7.51 23.19 -40.59
N ALA B 202 7.81 23.00 -41.87
CA ALA B 202 7.59 24.06 -42.85
C ALA B 202 6.10 24.34 -43.03
N ILE B 203 5.79 25.59 -43.35
CA ILE B 203 4.39 25.99 -43.54
C ILE B 203 3.92 25.63 -44.94
N ARG B 204 4.80 25.72 -45.93
CA ARG B 204 4.39 25.44 -47.31
C ARG B 204 4.03 23.97 -47.50
N SER B 205 4.76 23.07 -46.84
CA SER B 205 4.45 21.65 -46.96
C SER B 205 3.06 21.35 -46.41
N ILE B 206 2.77 21.84 -45.20
CA ILE B 206 1.47 21.61 -44.59
C ILE B 206 0.36 22.24 -45.43
N GLN B 207 0.58 23.49 -45.85
CA GLN B 207 -0.43 24.18 -46.66
C GLN B 207 -0.70 23.41 -47.94
N LEU B 208 0.35 23.00 -48.66
CA LEU B 208 0.18 22.27 -49.90
C LEU B 208 -0.58 20.97 -49.68
N ILE B 209 -0.12 20.16 -48.73
CA ILE B 209 -0.73 18.84 -48.54
C ILE B 209 -2.19 18.99 -48.12
N LEU B 210 -2.46 19.83 -47.12
CA LEU B 210 -3.83 19.95 -46.62
C LEU B 210 -4.75 20.62 -47.63
N SER B 211 -4.26 21.62 -48.36
CA SER B 211 -5.07 22.27 -49.37
C SER B 211 -5.45 21.27 -50.47
N ARG B 212 -4.47 20.54 -51.00
CA ARG B 212 -4.78 19.55 -52.03
C ARG B 212 -5.68 18.45 -51.48
N ALA B 213 -5.54 18.10 -50.20
CA ALA B 213 -6.37 17.05 -49.63
C ALA B 213 -7.82 17.49 -49.51
N VAL B 214 -8.06 18.71 -49.01
CA VAL B 214 -9.42 19.21 -48.90
C VAL B 214 -10.01 19.45 -50.29
N ASP B 215 -9.17 19.85 -51.26
CA ASP B 215 -9.64 19.96 -52.64
C ASP B 215 -10.08 18.61 -53.18
N LEU B 216 -9.31 17.56 -52.88
CA LEU B 216 -9.72 16.22 -53.29
C LEU B 216 -11.02 15.81 -52.59
N ILE B 217 -11.18 16.19 -51.33
CA ILE B 217 -12.39 15.87 -50.59
C ILE B 217 -13.61 16.49 -51.26
N ILE B 218 -13.53 17.79 -51.55
CA ILE B 218 -14.68 18.45 -52.17
C ILE B 218 -14.87 17.99 -53.61
N GLN B 219 -13.79 17.57 -54.28
CA GLN B 219 -13.91 17.04 -55.63
C GLN B 219 -14.61 15.69 -55.63
N ALA B 220 -14.44 14.90 -54.57
CA ALA B 220 -15.11 13.61 -54.49
C ALA B 220 -16.61 13.77 -54.29
N ARG B 221 -17.05 14.87 -53.67
CA ARG B 221 -18.46 15.16 -53.48
C ARG B 221 -19.00 16.16 -54.48
N GLY B 222 -18.27 16.40 -55.57
CA GLY B 222 -18.71 17.36 -56.58
C GLY B 222 -18.63 18.80 -56.13
N GLY B 223 -18.77 19.72 -57.06
CA GLY B 223 -18.70 21.13 -56.71
C GLY B 223 -17.31 21.57 -56.33
N VAL B 224 -16.39 21.61 -57.30
CA VAL B 224 -15.01 21.99 -57.02
C VAL B 224 -14.98 23.41 -56.47
N VAL B 225 -14.34 23.57 -55.32
CA VAL B 225 -14.29 24.84 -54.62
C VAL B 225 -13.05 25.62 -55.07
N GLU B 226 -13.12 26.94 -54.94
CA GLU B 226 -12.01 27.82 -55.28
C GLU B 226 -10.78 27.46 -54.45
N PRO B 227 -9.58 27.90 -54.88
CA PRO B 227 -8.38 27.66 -54.07
C PRO B 227 -8.53 28.22 -52.67
N SER B 228 -8.03 27.46 -51.69
CA SER B 228 -8.22 27.82 -50.30
C SER B 228 -7.49 29.12 -49.98
N PRO B 229 -8.09 30.01 -49.17
CA PRO B 229 -7.45 31.27 -48.77
C PRO B 229 -6.45 31.10 -47.62
N SER B 230 -5.60 30.09 -47.73
CA SER B 230 -4.56 29.85 -46.75
C SER B 230 -3.18 30.31 -47.21
N TYR B 231 -3.06 30.78 -48.45
CA TYR B 231 -1.78 31.30 -48.93
C TYR B 231 -1.39 32.56 -48.16
N ALA B 232 -2.36 33.42 -47.86
CA ALA B 232 -2.09 34.65 -47.12
C ALA B 232 -1.53 34.36 -45.73
N LEU B 233 -1.71 33.14 -45.22
CA LEU B 233 -1.14 32.74 -43.94
C LEU B 233 0.35 32.43 -44.03
N VAL B 234 1.00 32.70 -45.17
CA VAL B 234 2.45 32.56 -45.24
C VAL B 234 3.13 33.58 -44.35
N GLN B 235 2.61 34.81 -44.33
CA GLN B 235 3.10 35.87 -43.46
C GLN B 235 4.59 36.17 -43.68
N GLU B 236 5.44 35.31 -43.15
N GLY C 1 -20.96 13.69 16.24
CA GLY C 1 -20.99 15.00 16.88
C GLY C 1 -20.99 16.14 15.88
N ASN C 2 -21.92 16.07 14.93
CA ASN C 2 -22.06 17.08 13.87
C ASN C 2 -23.39 16.82 13.17
N LYS C 3 -23.61 17.51 12.04
CA LYS C 3 -24.74 17.26 11.15
C LYS C 3 -26.08 17.47 11.87
N ILE C 4 -26.34 18.74 12.20
CA ILE C 4 -27.60 19.10 12.85
C ILE C 4 -28.78 18.76 11.95
N HIS C 5 -29.97 18.74 12.58
CA HIS C 5 -31.20 18.38 11.87
C HIS C 5 -31.47 19.37 10.75
N PRO C 6 -31.67 18.91 9.51
CA PRO C 6 -31.91 19.85 8.41
C PRO C 6 -33.27 20.52 8.46
N ILE C 7 -34.31 19.82 8.91
CA ILE C 7 -35.64 20.43 9.00
C ILE C 7 -35.61 21.60 9.99
N GLY C 8 -35.05 21.38 11.17
CA GLY C 8 -34.89 22.46 12.12
C GLY C 8 -33.92 23.53 11.64
N PHE C 9 -32.95 23.13 10.81
CA PHE C 9 -32.02 24.10 10.23
C PHE C 9 -32.68 24.96 9.16
N ARG C 10 -33.80 24.53 8.61
CA ARG C 10 -34.50 25.25 7.55
C ARG C 10 -35.90 25.69 7.96
N LEU C 11 -36.21 25.70 9.26
CA LEU C 11 -37.54 26.10 9.70
C LEU C 11 -37.86 27.54 9.33
N GLY C 12 -36.86 28.35 8.99
CA GLY C 12 -37.10 29.71 8.56
C GLY C 12 -37.51 29.80 7.09
N ILE C 13 -36.69 29.23 6.21
CA ILE C 13 -36.93 29.28 4.77
C ILE C 13 -36.96 27.87 4.22
N THR C 14 -37.87 27.61 3.29
CA THR C 14 -38.03 26.33 2.60
C THR C 14 -38.45 25.20 3.53
N ARG C 15 -39.01 25.53 4.70
CA ARG C 15 -39.60 24.54 5.59
C ARG C 15 -40.45 25.24 6.65
N ASP C 16 -41.69 24.79 6.81
CA ASP C 16 -42.62 25.40 7.75
C ASP C 16 -42.87 24.46 8.93
N TRP C 17 -43.41 25.04 10.00
CA TRP C 17 -43.69 24.28 11.21
C TRP C 17 -44.89 23.37 11.00
N GLU C 18 -44.84 22.19 11.62
CA GLU C 18 -46.00 21.29 11.59
C GLU C 18 -47.15 21.86 12.40
N SER C 19 -46.87 22.40 13.59
CA SER C 19 -47.85 23.10 14.40
C SER C 19 -47.66 24.60 14.18
N ARG C 20 -48.71 25.28 13.72
CA ARG C 20 -48.67 26.70 13.43
C ARG C 20 -49.88 27.37 14.10
N TRP C 21 -49.67 27.87 15.31
CA TRP C 21 -50.70 28.56 16.06
C TRP C 21 -50.03 29.43 17.11
N TYR C 22 -50.74 30.48 17.51
CA TYR C 22 -50.26 31.40 18.54
C TYR C 22 -50.87 31.03 19.89
N ALA C 23 -50.09 31.20 20.95
CA ALA C 23 -50.55 30.91 22.30
C ALA C 23 -49.73 31.69 23.30
N GLY C 24 -50.39 32.19 24.34
CA GLY C 24 -49.70 32.91 25.39
C GLY C 24 -48.82 31.99 26.22
N LYS C 25 -48.02 32.64 27.08
CA LYS C 25 -47.10 31.88 27.93
C LYS C 25 -47.82 30.99 28.92
N LYS C 26 -49.04 31.38 29.33
CA LYS C 26 -49.83 30.58 30.25
C LYS C 26 -50.56 29.42 29.58
N GLN C 27 -50.54 29.35 28.25
CA GLN C 27 -51.28 28.33 27.52
C GLN C 27 -50.46 27.62 26.46
N TYR C 28 -49.20 28.02 26.22
CA TYR C 28 -48.40 27.39 25.18
C TYR C 28 -48.11 25.93 25.52
N ARG C 29 -47.72 25.65 26.76
CA ARG C 29 -47.34 24.30 27.14
C ARG C 29 -48.52 23.35 27.07
N HIS C 30 -49.73 23.81 27.39
CA HIS C 30 -50.89 22.91 27.39
C HIS C 30 -51.28 22.54 25.96
N LEU C 31 -51.35 23.53 25.06
CA LEU C 31 -51.63 23.23 23.67
C LEU C 31 -50.53 22.39 23.05
N LEU C 32 -49.28 22.59 23.49
CA LEU C 32 -48.17 21.78 22.99
C LEU C 32 -48.30 20.33 23.42
N LEU C 33 -48.62 20.11 24.71
CA LEU C 33 -48.87 18.75 25.19
C LEU C 33 -50.04 18.12 24.44
N GLU C 34 -51.07 18.91 24.16
CA GLU C 34 -52.22 18.39 23.44
C GLU C 34 -51.85 17.98 22.02
N ASP C 35 -51.08 18.81 21.32
CA ASP C 35 -50.61 18.45 19.98
C ASP C 35 -49.71 17.21 20.03
N GLN C 36 -48.90 17.08 21.08
CA GLN C 36 -48.04 15.91 21.21
C GLN C 36 -48.88 14.65 21.38
N ARG C 37 -49.93 14.71 22.21
CA ARG C 37 -50.81 13.57 22.37
C ARG C 37 -51.55 13.26 21.06
N ILE C 38 -51.94 14.30 20.32
CA ILE C 38 -52.61 14.09 19.03
C ILE C 38 -51.69 13.32 18.10
N ARG C 39 -50.46 13.80 17.92
CA ARG C 39 -49.51 13.12 17.05
C ARG C 39 -49.17 11.72 17.55
N GLY C 40 -49.12 11.54 18.87
CA GLY C 40 -48.84 10.22 19.41
C GLY C 40 -49.91 9.21 19.07
N LEU C 41 -51.18 9.56 19.34
CA LEU C 41 -52.27 8.64 19.01
C LEU C 41 -52.42 8.48 17.50
N LEU C 42 -52.08 9.51 16.72
CA LEU C 42 -52.22 9.41 15.27
C LEU C 42 -51.18 8.47 14.68
N GLU C 43 -49.92 8.60 15.09
CA GLU C 43 -48.87 7.76 14.55
C GLU C 43 -48.96 6.31 15.04
N LYS C 44 -49.75 6.03 16.06
CA LYS C 44 -49.95 4.66 16.53
C LYS C 44 -51.03 3.92 15.77
N GLU C 45 -51.99 4.64 15.18
CA GLU C 45 -53.12 4.03 14.49
C GLU C 45 -53.00 4.05 12.98
N LEU C 46 -52.36 5.08 12.42
CA LEU C 46 -52.30 5.27 10.98
C LEU C 46 -51.00 4.75 10.36
N TYR C 47 -50.19 4.03 11.12
CA TYR C 47 -48.93 3.53 10.58
C TYR C 47 -49.16 2.59 9.41
N SER C 48 -50.22 1.78 9.45
CA SER C 48 -50.53 0.91 8.33
C SER C 48 -50.90 1.68 7.08
N ALA C 49 -51.31 2.94 7.21
CA ALA C 49 -51.65 3.75 6.06
C ALA C 49 -50.47 4.50 5.47
N GLY C 50 -49.40 4.68 6.24
CA GLY C 50 -48.24 5.40 5.77
C GLY C 50 -48.39 6.90 5.83
N LEU C 51 -48.56 7.44 7.03
CA LEU C 51 -48.67 8.88 7.22
C LEU C 51 -47.28 9.50 7.21
N ALA C 52 -47.12 10.61 6.48
CA ALA C 52 -45.83 11.28 6.36
C ALA C 52 -45.74 12.54 7.20
N ARG C 53 -46.84 13.24 7.42
CA ARG C 53 -46.82 14.49 8.18
C ARG C 53 -48.19 14.71 8.78
N VAL C 54 -48.22 15.35 9.95
CA VAL C 54 -49.46 15.68 10.66
C VAL C 54 -49.38 17.17 11.00
N ASP C 55 -50.08 18.00 10.22
CA ASP C 55 -50.12 19.43 10.47
C ASP C 55 -51.26 19.77 11.42
N ILE C 56 -50.97 20.65 12.37
CA ILE C 56 -51.92 21.04 13.41
C ILE C 56 -52.02 22.56 13.43
N GLU C 57 -53.24 23.08 13.30
CA GLU C 57 -53.49 24.52 13.33
C GLU C 57 -54.62 24.80 14.30
N ARG C 58 -54.48 25.88 15.07
CA ARG C 58 -55.45 26.26 16.09
C ARG C 58 -55.79 27.73 15.97
N ALA C 59 -57.09 28.06 16.04
CA ALA C 59 -57.54 29.43 16.11
C ALA C 59 -58.26 29.74 17.43
N ALA C 60 -59.36 29.04 17.73
CA ALA C 60 -60.05 29.20 19.02
C ALA C 60 -60.85 27.92 19.26
N ASP C 61 -60.31 27.04 20.10
CA ASP C 61 -60.92 25.76 20.46
C ASP C 61 -61.22 24.88 19.25
N ASN C 62 -60.66 25.21 18.08
CA ASN C 62 -60.85 24.44 16.86
C ASN C 62 -59.50 24.13 16.26
N VAL C 63 -59.28 22.88 15.89
CA VAL C 63 -57.99 22.39 15.41
C VAL C 63 -58.20 21.76 14.04
N ALA C 64 -57.48 22.27 13.03
CA ALA C 64 -57.56 21.75 11.68
C ALA C 64 -56.41 20.77 11.47
N VAL C 65 -56.60 19.55 11.99
CA VAL C 65 -55.60 18.49 11.86
C VAL C 65 -55.63 18.00 10.41
N THR C 66 -54.55 18.22 9.68
CA THR C 66 -54.41 17.75 8.31
C THR C 66 -53.35 16.65 8.28
N VAL C 67 -53.77 15.43 7.99
CA VAL C 67 -52.89 14.27 7.96
C VAL C 67 -52.54 13.96 6.51
N HIS C 68 -51.26 14.00 6.18
CA HIS C 68 -50.78 13.69 4.84
C HIS C 68 -50.44 12.21 4.79
N VAL C 69 -51.25 11.44 4.08
CA VAL C 69 -51.09 9.99 3.96
C VAL C 69 -51.00 9.62 2.50
N ALA C 70 -50.08 8.71 2.16
CA ALA C 70 -49.95 8.25 0.79
C ALA C 70 -51.16 7.42 0.36
N LYS C 71 -51.84 6.77 1.31
CA LYS C 71 -52.99 5.90 1.02
C LYS C 71 -54.16 6.37 1.87
N PRO C 72 -54.97 7.29 1.35
CA PRO C 72 -56.14 7.75 2.12
C PRO C 72 -57.23 6.70 2.26
N GLY C 73 -57.21 5.65 1.44
CA GLY C 73 -58.23 4.62 1.54
C GLY C 73 -58.21 3.89 2.86
N VAL C 74 -57.05 3.84 3.52
CA VAL C 74 -56.95 3.17 4.81
C VAL C 74 -57.50 4.07 5.92
N VAL C 75 -57.18 5.36 5.89
CA VAL C 75 -57.66 6.27 6.93
C VAL C 75 -59.13 6.59 6.75
N ILE C 76 -59.68 6.42 5.54
CA ILE C 76 -61.11 6.65 5.34
C ILE C 76 -61.92 5.46 5.82
N GLY C 77 -61.48 4.25 5.51
CA GLY C 77 -62.22 3.06 5.87
C GLY C 77 -63.39 2.81 4.92
N ARG C 78 -64.27 1.91 5.34
CA ARG C 78 -65.44 1.57 4.54
C ARG C 78 -66.50 2.65 4.74
N GLY C 79 -66.80 3.37 3.65
CA GLY C 79 -67.81 4.42 3.69
C GLY C 79 -67.47 5.63 4.52
N GLY C 80 -66.36 5.63 5.24
CA GLY C 80 -65.98 6.75 6.08
C GLY C 80 -66.19 6.57 7.56
N GLU C 81 -66.29 5.34 8.05
CA GLU C 81 -66.44 5.11 9.48
C GLU C 81 -65.11 5.15 10.23
N ARG C 82 -63.99 4.90 9.53
CA ARG C 82 -62.69 4.96 10.17
C ARG C 82 -62.38 6.38 10.63
N ILE C 83 -62.63 7.37 9.75
CA ILE C 83 -62.40 8.76 10.13
C ILE C 83 -63.39 9.17 11.22
N ARG C 84 -64.58 8.56 11.23
CA ARG C 84 -65.54 8.83 12.29
C ARG C 84 -64.99 8.36 13.65
N VAL C 85 -64.45 7.15 13.69
CA VAL C 85 -63.89 6.63 14.94
C VAL C 85 -62.67 7.45 15.36
N LEU C 86 -61.86 7.87 14.39
CA LEU C 86 -60.67 8.65 14.71
C LEU C 86 -61.06 10.02 15.27
N ARG C 87 -62.06 10.68 14.67
CA ARG C 87 -62.55 11.93 15.23
C ARG C 87 -63.22 11.73 16.58
N GLU C 88 -63.83 10.57 16.79
CA GLU C 88 -64.42 10.27 18.10
C GLU C 88 -63.34 10.20 19.17
N GLU C 89 -62.27 9.45 18.90
CA GLU C 89 -61.15 9.39 19.84
C GLU C 89 -60.49 10.76 20.00
N LEU C 90 -60.45 11.55 18.93
CA LEU C 90 -59.89 12.90 19.00
C LEU C 90 -60.70 13.77 19.96
N ALA C 91 -62.03 13.74 19.84
CA ALA C 91 -62.87 14.51 20.73
C ALA C 91 -62.88 13.95 22.15
N LYS C 92 -62.62 12.65 22.30
CA LYS C 92 -62.55 12.07 23.64
C LYS C 92 -61.27 12.47 24.36
N LEU C 93 -60.13 12.45 23.66
CA LEU C 93 -58.88 12.87 24.28
C LEU C 93 -58.89 14.36 24.56
N THR C 94 -59.20 15.17 23.56
CA THR C 94 -59.25 16.62 23.68
C THR C 94 -60.71 17.07 23.58
N GLY C 95 -61.19 17.77 24.60
CA GLY C 95 -62.57 18.22 24.61
C GLY C 95 -62.81 19.44 23.73
N LYS C 96 -61.98 19.63 22.72
CA LYS C 96 -62.11 20.78 21.84
C LYS C 96 -63.14 20.58 20.73
N ASN C 97 -63.46 19.33 20.39
CA ASN C 97 -64.47 18.98 19.39
C ASN C 97 -64.14 19.62 18.04
N VAL C 98 -63.04 19.16 17.46
CA VAL C 98 -62.50 19.72 16.24
C VAL C 98 -62.70 18.73 15.08
N ALA C 99 -62.40 19.20 13.88
CA ALA C 99 -62.55 18.41 12.66
C ALA C 99 -61.20 17.80 12.27
N LEU C 100 -61.17 17.16 11.10
CA LEU C 100 -59.97 16.48 10.63
C LEU C 100 -59.98 16.44 9.11
N ASN C 101 -58.80 16.51 8.51
CA ASN C 101 -58.64 16.51 7.06
C ASN C 101 -57.56 15.53 6.66
N VAL C 102 -57.70 14.98 5.44
CA VAL C 102 -56.77 14.01 4.89
C VAL C 102 -56.26 14.54 3.55
N GLN C 103 -54.95 14.41 3.32
CA GLN C 103 -54.32 14.83 2.08
C GLN C 103 -53.50 13.69 1.51
N GLU C 104 -53.78 13.33 0.26
CA GLU C 104 -53.01 12.27 -0.39
C GLU C 104 -51.63 12.79 -0.79
N VAL C 105 -50.63 11.93 -0.65
CA VAL C 105 -49.26 12.24 -1.02
C VAL C 105 -48.96 11.57 -2.35
N GLN C 106 -48.89 12.35 -3.42
CA GLN C 106 -48.53 11.80 -4.72
C GLN C 106 -47.06 11.40 -4.73
N ASN C 107 -46.79 10.22 -5.31
CA ASN C 107 -45.44 9.65 -5.36
C ASN C 107 -44.84 9.59 -3.96
N PRO C 108 -45.30 8.66 -3.12
CA PRO C 108 -44.76 8.56 -1.75
C PRO C 108 -43.26 8.33 -1.68
N ASN C 109 -42.64 7.93 -2.78
CA ASN C 109 -41.18 7.77 -2.81
C ASN C 109 -40.44 9.10 -2.83
N LEU C 110 -41.16 10.23 -2.77
CA LEU C 110 -40.54 11.54 -2.66
C LEU C 110 -40.64 12.14 -1.27
N SER C 111 -41.37 11.51 -0.36
CA SER C 111 -41.44 11.92 1.04
C SER C 111 -40.46 11.07 1.84
N ALA C 112 -39.43 11.72 2.36
CA ALA C 112 -38.38 10.99 3.08
C ALA C 112 -38.89 10.17 4.27
N PRO C 113 -39.89 10.61 5.06
CA PRO C 113 -40.40 9.73 6.13
C PRO C 113 -40.90 8.39 5.61
N LEU C 114 -41.67 8.38 4.53
CA LEU C 114 -42.18 7.12 4.00
C LEU C 114 -41.07 6.26 3.41
N VAL C 115 -40.06 6.88 2.80
CA VAL C 115 -38.91 6.13 2.30
C VAL C 115 -38.19 5.44 3.46
N ALA C 116 -37.94 6.19 4.53
CA ALA C 116 -37.28 5.61 5.69
C ALA C 116 -38.13 4.50 6.32
N GLN C 117 -39.45 4.68 6.33
CA GLN C 117 -40.33 3.64 6.86
C GLN C 117 -40.27 2.37 6.01
N ARG C 118 -40.23 2.53 4.68
CA ARG C 118 -40.12 1.37 3.80
C ARG C 118 -38.79 0.64 4.03
N VAL C 119 -37.70 1.40 4.14
CA VAL C 119 -36.40 0.77 4.39
C VAL C 119 -36.39 0.07 5.74
N ALA C 120 -37.05 0.66 6.75
CA ALA C 120 -37.11 0.05 8.07
C ALA C 120 -37.93 -1.24 8.05
N GLU C 121 -39.05 -1.25 7.31
CA GLU C 121 -39.82 -2.47 7.16
C GLU C 121 -39.00 -3.56 6.48
N GLN C 122 -38.27 -3.19 5.43
CA GLN C 122 -37.42 -4.17 4.75
C GLN C 122 -36.35 -4.72 5.69
N ILE C 123 -35.74 -3.84 6.51
CA ILE C 123 -34.73 -4.29 7.46
C ILE C 123 -35.36 -5.22 8.50
N GLU C 124 -36.60 -4.93 8.91
CA GLU C 124 -37.27 -5.78 9.89
C GLU C 124 -37.67 -7.13 9.31
N ARG C 125 -37.88 -7.21 7.99
CA ARG C 125 -38.22 -8.47 7.37
C ARG C 125 -36.99 -9.35 7.08
N ARG C 126 -35.81 -8.94 7.56
CA ARG C 126 -34.55 -9.63 7.30
C ARG C 126 -34.19 -9.61 5.82
N PHE C 127 -34.19 -8.41 5.25
CA PHE C 127 -33.79 -8.17 3.87
C PHE C 127 -32.36 -7.66 3.83
N ALA C 128 -31.70 -7.89 2.70
CA ALA C 128 -30.33 -7.41 2.52
C ALA C 128 -30.28 -5.90 2.65
N VAL C 129 -29.51 -5.43 3.65
CA VAL C 129 -29.52 -4.01 3.99
C VAL C 129 -28.91 -3.18 2.86
N ARG C 130 -27.75 -3.60 2.36
CA ARG C 130 -27.10 -2.85 1.28
C ARG C 130 -27.99 -2.76 0.06
N ARG C 131 -28.57 -3.90 -0.35
CA ARG C 131 -29.49 -3.90 -1.49
C ARG C 131 -30.72 -3.07 -1.20
N ALA C 132 -31.21 -3.11 0.05
CA ALA C 132 -32.37 -2.29 0.41
C ALA C 132 -32.09 -0.81 0.23
N ILE C 133 -30.94 -0.34 0.73
CA ILE C 133 -30.59 1.07 0.60
C ILE C 133 -30.40 1.43 -0.86
N LYS C 134 -29.69 0.59 -1.62
CA LYS C 134 -29.47 0.88 -3.03
C LYS C 134 -30.78 0.98 -3.79
N GLN C 135 -31.67 0.01 -3.59
CA GLN C 135 -32.96 0.01 -4.27
C GLN C 135 -33.81 1.21 -3.87
N ALA C 136 -33.79 1.58 -2.58
CA ALA C 136 -34.58 2.72 -2.13
C ALA C 136 -34.08 4.01 -2.75
N VAL C 137 -32.76 4.22 -2.75
CA VAL C 137 -32.19 5.41 -3.37
C VAL C 137 -32.50 5.43 -4.86
N GLN C 138 -32.47 4.26 -5.51
CA GLN C 138 -32.79 4.21 -6.94
C GLN C 138 -34.25 4.56 -7.20
N ARG C 139 -35.16 4.03 -6.38
CA ARG C 139 -36.58 4.36 -6.55
C ARG C 139 -36.83 5.84 -6.32
N VAL C 140 -36.13 6.45 -5.36
CA VAL C 140 -36.30 7.88 -5.12
C VAL C 140 -35.78 8.67 -6.32
N MET C 141 -34.54 8.38 -6.76
CA MET C 141 -33.92 9.14 -7.84
C MET C 141 -34.68 8.98 -9.16
N GLU C 142 -35.29 7.82 -9.38
CA GLU C 142 -35.90 7.54 -10.67
C GLU C 142 -37.20 8.29 -10.92
N SER C 143 -37.63 9.14 -9.99
CA SER C 143 -38.81 9.99 -10.17
C SER C 143 -38.49 11.37 -9.59
N GLY C 144 -37.97 12.26 -10.44
CA GLY C 144 -37.54 13.56 -9.97
C GLY C 144 -36.38 13.41 -9.01
N ALA C 145 -36.46 14.08 -7.86
CA ALA C 145 -35.54 13.90 -6.75
C ALA C 145 -34.08 14.16 -7.18
N LYS C 146 -33.81 15.42 -7.45
CA LYS C 146 -32.47 15.85 -7.86
C LYS C 146 -31.36 15.34 -6.93
N GLY C 147 -31.71 14.92 -5.70
CA GLY C 147 -30.73 14.30 -4.84
C GLY C 147 -31.39 13.29 -3.91
N ALA C 148 -30.59 12.33 -3.46
CA ALA C 148 -31.10 11.31 -2.56
C ALA C 148 -29.96 10.73 -1.73
N LYS C 149 -30.30 10.31 -0.52
CA LYS C 149 -29.33 9.67 0.37
C LYS C 149 -30.09 8.89 1.44
N VAL C 150 -29.65 7.66 1.69
CA VAL C 150 -30.26 6.83 2.73
C VAL C 150 -29.14 6.22 3.57
N ILE C 151 -29.24 6.39 4.89
CA ILE C 151 -28.23 5.95 5.83
C ILE C 151 -28.86 4.95 6.80
N VAL C 152 -28.15 3.86 7.05
CA VAL C 152 -28.58 2.83 7.99
C VAL C 152 -27.49 2.65 9.04
N SER C 153 -27.89 2.64 10.30
CA SER C 153 -26.98 2.65 11.44
C SER C 153 -26.40 1.27 11.75
N GLY C 154 -25.79 1.14 12.92
CA GLY C 154 -25.03 -0.05 13.27
C GLY C 154 -25.86 -1.32 13.29
N ARG C 155 -25.13 -2.44 13.48
CA ARG C 155 -25.70 -3.78 13.51
C ARG C 155 -26.32 -4.15 12.17
N ILE C 156 -25.68 -3.73 11.08
CA ILE C 156 -26.15 -4.06 9.74
C ILE C 156 -26.11 -5.56 9.54
N GLY C 157 -27.23 -6.13 9.11
CA GLY C 157 -27.31 -7.56 8.90
C GLY C 157 -27.25 -8.39 10.16
N GLY C 158 -27.48 -7.78 11.31
CA GLY C 158 -27.40 -8.50 12.56
C GLY C 158 -25.99 -8.80 13.03
N ALA C 159 -24.99 -8.11 12.49
CA ALA C 159 -23.61 -8.36 12.86
C ALA C 159 -23.35 -7.92 14.31
N GLU C 160 -22.26 -8.46 14.88
CA GLU C 160 -21.91 -8.10 16.24
C GLU C 160 -21.33 -6.70 16.34
N GLN C 161 -20.67 -6.24 15.28
CA GLN C 161 -20.06 -4.92 15.23
C GLN C 161 -20.99 -3.95 14.51
N ALA C 162 -21.11 -2.74 15.06
CA ALA C 162 -21.94 -1.72 14.45
C ALA C 162 -21.26 -1.12 13.23
N ARG C 163 -22.03 -0.89 12.18
CA ARG C 163 -21.50 -0.31 10.95
C ARG C 163 -22.37 0.84 10.46
N THR C 164 -22.10 1.33 9.24
CA THR C 164 -22.89 2.40 8.65
C THR C 164 -22.75 2.30 7.14
N GLU C 165 -23.84 1.93 6.47
CA GLU C 165 -23.84 1.79 5.02
C GLU C 165 -24.32 3.08 4.38
N TRP C 166 -23.57 3.56 3.39
CA TRP C 166 -23.74 4.94 2.90
C TRP C 166 -24.70 4.99 1.71
N ALA C 167 -24.31 4.36 0.59
CA ALA C 167 -25.18 4.16 -0.57
C ALA C 167 -26.01 5.37 -0.96
N ALA C 168 -25.39 6.46 -1.41
CA ALA C 168 -26.10 7.67 -1.80
C ALA C 168 -25.68 8.08 -3.20
N GLN C 169 -26.58 8.79 -3.89
CA GLN C 169 -26.29 9.32 -5.21
C GLN C 169 -27.17 10.54 -5.45
N GLY C 170 -26.67 11.45 -6.30
CA GLY C 170 -27.40 12.67 -6.61
C GLY C 170 -26.71 13.91 -6.08
N ARG C 171 -27.47 14.80 -5.45
CA ARG C 171 -26.94 16.02 -4.86
C ARG C 171 -27.65 16.28 -3.55
N VAL C 172 -26.91 16.27 -2.45
CA VAL C 172 -27.49 16.60 -1.15
C VAL C 172 -26.66 17.71 -0.51
N PRO C 173 -26.88 18.98 -0.88
CA PRO C 173 -26.15 20.10 -0.26
C PRO C 173 -26.75 20.52 1.07
N LEU C 174 -26.33 19.82 2.13
CA LEU C 174 -26.89 20.06 3.45
C LEU C 174 -26.58 21.46 3.97
N HIS C 175 -25.45 22.03 3.55
CA HIS C 175 -25.09 23.37 4.00
C HIS C 175 -25.79 24.47 3.22
N THR C 176 -26.49 24.13 2.14
CA THR C 176 -27.26 25.12 1.38
C THR C 176 -28.61 25.33 2.06
N LEU C 177 -28.89 26.58 2.45
CA LEU C 177 -30.13 26.88 3.16
C LEU C 177 -31.34 26.69 2.27
N ARG C 178 -31.25 27.08 1.00
CA ARG C 178 -32.35 26.97 0.05
C ARG C 178 -32.44 25.60 -0.60
N ALA C 179 -31.85 24.57 0.01
CA ALA C 179 -31.79 23.25 -0.61
C ALA C 179 -33.17 22.62 -0.72
N ASN C 180 -34.02 22.82 0.28
CA ASN C 180 -35.34 22.18 0.35
C ASN C 180 -35.19 20.65 0.32
N ILE C 181 -34.54 20.13 1.35
CA ILE C 181 -34.29 18.71 1.49
C ILE C 181 -35.29 18.14 2.48
N ASP C 182 -36.19 17.29 1.99
CA ASP C 182 -37.09 16.55 2.87
C ASP C 182 -36.29 15.51 3.64
N TYR C 183 -36.51 15.46 4.96
CA TYR C 183 -35.77 14.58 5.85
C TYR C 183 -36.75 13.67 6.58
N GLY C 184 -36.39 12.40 6.69
CA GLY C 184 -37.21 11.43 7.37
C GLY C 184 -36.36 10.49 8.19
N PHE C 185 -36.94 10.02 9.30
CA PHE C 185 -36.26 9.07 10.17
C PHE C 185 -37.21 7.96 10.57
N ALA C 186 -36.69 6.73 10.59
CA ALA C 186 -37.48 5.58 10.98
C ALA C 186 -36.61 4.64 11.81
N LEU C 187 -37.28 3.76 12.55
CA LEU C 187 -36.63 2.77 13.37
C LEU C 187 -37.01 1.36 12.92
N ALA C 188 -36.07 0.44 13.08
CA ALA C 188 -36.29 -0.98 12.83
C ALA C 188 -35.99 -1.71 14.13
N ARG C 189 -37.02 -2.29 14.74
CA ARG C 189 -36.88 -3.02 15.99
C ARG C 189 -36.67 -4.50 15.67
N THR C 190 -35.45 -4.98 15.86
CA THR C 190 -35.08 -6.34 15.52
C THR C 190 -34.80 -7.15 16.77
N THR C 191 -34.65 -8.46 16.59
CA THR C 191 -34.35 -9.35 17.70
C THR C 191 -32.96 -9.10 18.27
N TYR C 192 -32.05 -8.51 17.49
CA TYR C 192 -30.67 -8.30 17.92
C TYR C 192 -30.37 -6.88 18.34
N GLY C 193 -31.18 -5.90 17.96
CA GLY C 193 -30.94 -4.53 18.36
C GLY C 193 -31.88 -3.56 17.68
N VAL C 194 -31.46 -2.31 17.60
CA VAL C 194 -32.25 -1.22 17.03
C VAL C 194 -31.49 -0.66 15.84
N LEU C 195 -32.21 -0.47 14.73
CA LEU C 195 -31.63 0.08 13.50
C LEU C 195 -32.23 1.45 13.23
N GLY C 196 -31.36 2.45 13.05
CA GLY C 196 -31.80 3.78 12.72
C GLY C 196 -31.65 4.03 11.20
N VAL C 197 -32.73 4.48 10.60
CA VAL C 197 -32.77 4.71 9.15
C VAL C 197 -33.04 6.18 8.92
N LYS C 198 -32.13 6.85 8.21
CA LYS C 198 -32.26 8.26 7.87
C LYS C 198 -32.40 8.40 6.36
N ALA C 199 -33.25 9.33 5.93
CA ALA C 199 -33.53 9.52 4.51
C ALA C 199 -33.51 11.01 4.20
N TYR C 200 -32.70 11.39 3.21
CA TYR C 200 -32.61 12.75 2.69
C TYR C 200 -33.04 12.73 1.23
N ILE C 201 -33.94 13.64 0.86
CA ILE C 201 -34.40 13.77 -0.52
C ILE C 201 -34.30 15.24 -0.91
N PHE C 202 -33.51 15.55 -1.93
CA PHE C 202 -33.25 16.91 -2.36
C PHE C 202 -34.03 17.22 -3.63
N LEU C 203 -34.77 18.32 -3.60
CA LEU C 203 -35.58 18.76 -4.72
C LEU C 203 -35.76 20.27 -4.65
N GLY C 204 -35.68 20.94 -5.80
CA GLY C 204 -35.82 22.38 -5.85
C GLY C 204 -34.56 23.12 -5.41
N GLU C 205 -34.37 24.32 -5.96
CA GLU C 205 -33.19 25.13 -5.66
C GLU C 205 -33.52 26.44 -4.96
N VAL C 206 -34.56 27.15 -5.40
CA VAL C 206 -34.95 28.40 -4.77
C VAL C 206 -36.39 28.29 -4.27
N ILE C 207 -36.54 27.89 -3.02
N GLY D 1 -27.06 -51.56 2.90
CA GLY D 1 -27.59 -50.32 3.44
C GLY D 1 -28.86 -49.85 2.74
N ARG D 2 -28.73 -49.55 1.45
CA ARG D 2 -29.82 -49.11 0.59
C ARG D 2 -30.44 -47.78 1.03
N TYR D 3 -29.83 -47.09 2.00
CA TYR D 3 -30.29 -45.81 2.52
C TYR D 3 -31.66 -45.90 3.20
N ILE D 4 -32.21 -47.11 3.34
CA ILE D 4 -33.61 -47.37 3.70
C ILE D 4 -34.12 -46.39 4.75
N GLY D 5 -35.22 -45.72 4.44
CA GLY D 5 -35.78 -44.68 5.27
C GLY D 5 -36.69 -43.77 4.48
N PRO D 6 -36.78 -42.51 4.89
CA PRO D 6 -37.61 -41.55 4.14
C PRO D 6 -37.06 -41.32 2.75
N VAL D 7 -37.97 -41.13 1.79
CA VAL D 7 -37.62 -41.00 0.37
C VAL D 7 -38.01 -39.63 -0.18
N CYS D 8 -39.23 -39.17 0.12
CA CYS D 8 -39.65 -37.87 -0.40
C CYS D 8 -38.87 -36.72 0.22
N ARG D 9 -38.16 -36.96 1.33
CA ARG D 9 -37.19 -35.99 1.79
C ARG D 9 -36.08 -35.79 0.76
N LEU D 10 -35.80 -36.81 -0.06
CA LEU D 10 -34.88 -36.62 -1.18
C LEU D 10 -35.57 -35.84 -2.31
N CYS D 11 -36.85 -36.12 -2.55
CA CYS D 11 -37.64 -35.30 -3.46
C CYS D 11 -37.51 -33.83 -3.09
N ARG D 12 -37.40 -33.53 -1.79
CA ARG D 12 -37.31 -32.15 -1.34
C ARG D 12 -35.88 -31.62 -1.41
N ARG D 13 -34.92 -32.37 -0.85
CA ARG D 13 -33.53 -31.91 -0.79
C ARG D 13 -32.95 -31.71 -2.17
N GLU D 14 -33.21 -32.64 -3.10
CA GLU D 14 -32.65 -32.53 -4.43
C GLU D 14 -33.25 -31.40 -5.25
N GLY D 15 -34.32 -30.75 -4.76
CA GLY D 15 -34.95 -29.67 -5.48
C GLY D 15 -35.75 -30.08 -6.69
N VAL D 16 -35.59 -31.31 -7.18
CA VAL D 16 -36.34 -31.84 -8.31
C VAL D 16 -37.20 -32.98 -7.81
N LYS D 17 -38.47 -32.98 -8.20
CA LYS D 17 -39.39 -34.04 -7.80
C LYS D 17 -38.89 -35.40 -8.27
N LEU D 18 -38.50 -36.25 -7.33
CA LEU D 18 -38.12 -37.61 -7.65
C LEU D 18 -39.33 -38.53 -7.52
N TYR D 19 -39.21 -39.72 -8.09
CA TYR D 19 -40.26 -40.74 -8.02
C TYR D 19 -39.66 -41.97 -7.35
N LEU D 20 -39.67 -41.95 -6.02
CA LEU D 20 -39.15 -43.06 -5.23
C LEU D 20 -40.24 -43.92 -4.61
N LYS D 21 -41.47 -43.41 -4.54
CA LYS D 21 -42.63 -44.18 -4.10
C LYS D 21 -43.49 -44.65 -5.26
N GLY D 22 -43.08 -44.38 -6.50
CA GLY D 22 -43.97 -44.63 -7.62
C GLY D 22 -45.12 -43.65 -7.60
N GLU D 23 -46.30 -44.13 -7.21
CA GLU D 23 -47.41 -43.24 -6.95
C GLU D 23 -47.12 -42.36 -5.74
N ARG D 24 -48.01 -41.41 -5.49
CA ARG D 24 -47.95 -40.47 -4.38
C ARG D 24 -46.84 -39.45 -4.62
N CYS D 25 -46.01 -39.68 -5.62
CA CYS D 25 -45.18 -38.64 -6.20
C CYS D 25 -45.83 -38.01 -7.42
N TYR D 26 -46.89 -38.63 -7.94
CA TYR D 26 -47.79 -38.01 -8.91
C TYR D 26 -48.99 -37.37 -8.24
N SER D 27 -49.47 -37.94 -7.14
CA SER D 27 -50.60 -37.40 -6.40
C SER D 27 -50.16 -36.18 -5.60
N PRO D 28 -51.10 -35.29 -5.27
CA PRO D 28 -50.76 -34.10 -4.47
C PRO D 28 -50.44 -34.45 -3.01
N LYS D 29 -49.54 -35.42 -2.82
CA LYS D 29 -49.11 -35.82 -1.48
C LYS D 29 -47.62 -36.09 -1.41
N CYS D 30 -46.86 -35.77 -2.47
CA CYS D 30 -45.43 -36.04 -2.51
C CYS D 30 -44.65 -35.24 -1.48
N ALA D 31 -45.25 -34.17 -0.93
CA ALA D 31 -44.62 -33.16 -0.10
C ALA D 31 -43.64 -32.31 -0.91
N MET D 32 -43.42 -32.64 -2.18
CA MET D 32 -42.74 -31.74 -3.11
C MET D 32 -43.73 -30.88 -3.85
N GLU D 33 -44.97 -31.36 -4.02
CA GLU D 33 -46.04 -30.55 -4.57
C GLU D 33 -46.50 -29.47 -3.60
N ARG D 34 -46.13 -29.58 -2.33
CA ARG D 34 -46.57 -28.63 -1.31
C ARG D 34 -45.45 -28.07 -0.45
N ARG D 35 -44.26 -28.70 -0.42
CA ARG D 35 -43.13 -28.20 0.36
C ARG D 35 -41.86 -28.36 -0.47
N PRO D 36 -41.62 -27.45 -1.42
CA PRO D 36 -40.46 -27.60 -2.30
C PRO D 36 -39.13 -27.28 -1.65
N TYR D 37 -39.12 -26.77 -0.41
CA TYR D 37 -37.86 -26.40 0.22
C TYR D 37 -37.16 -27.62 0.83
N PRO D 38 -35.84 -27.57 0.97
CA PRO D 38 -35.10 -28.70 1.54
C PRO D 38 -35.54 -28.99 2.96
N PRO D 39 -35.26 -30.19 3.47
CA PRO D 39 -35.69 -30.56 4.82
C PRO D 39 -34.83 -29.89 5.89
N GLY D 40 -35.32 -30.00 7.12
CA GLY D 40 -34.58 -29.53 8.28
C GLY D 40 -35.10 -28.21 8.80
N GLN D 41 -34.48 -27.77 9.91
CA GLN D 41 -34.83 -26.50 10.51
C GLN D 41 -34.47 -25.34 9.59
N HIS D 42 -33.37 -25.46 8.86
CA HIS D 42 -32.85 -24.39 8.02
C HIS D 42 -33.20 -24.59 6.55
N GLY D 43 -34.36 -25.16 6.26
CA GLY D 43 -34.76 -25.42 4.89
C GLY D 43 -35.38 -24.22 4.19
N GLN D 44 -36.20 -23.47 4.92
CA GLN D 44 -36.89 -22.32 4.34
C GLN D 44 -36.04 -21.05 4.33
N LYS D 45 -34.82 -21.10 4.88
CA LYS D 45 -33.97 -19.93 4.93
C LYS D 45 -33.37 -19.64 3.56
N ARG D 46 -32.86 -18.42 3.41
CA ARG D 46 -32.29 -17.99 2.14
C ARG D 46 -31.03 -18.80 1.84
N ALA D 47 -31.03 -19.48 0.70
CA ALA D 47 -29.91 -20.33 0.32
C ALA D 47 -28.77 -19.50 -0.24
N ARG D 48 -27.55 -19.83 0.20
CA ARG D 48 -26.36 -19.16 -0.30
C ARG D 48 -25.93 -19.78 -1.63
N ARG D 49 -25.20 -18.98 -2.43
CA ARG D 49 -24.71 -19.43 -3.72
C ARG D 49 -23.79 -20.62 -3.54
N PRO D 50 -24.18 -21.80 -4.00
CA PRO D 50 -23.38 -23.01 -3.74
C PRO D 50 -22.09 -23.01 -4.53
N SER D 51 -21.10 -23.72 -4.00
CA SER D 51 -19.83 -23.88 -4.69
C SER D 51 -19.99 -24.83 -5.87
N ASP D 52 -18.96 -24.88 -6.72
CA ASP D 52 -18.97 -25.81 -7.85
C ASP D 52 -18.99 -27.25 -7.36
N TYR D 53 -18.20 -27.56 -6.34
CA TYR D 53 -18.25 -28.89 -5.73
C TYR D 53 -19.64 -29.19 -5.21
N ALA D 54 -20.32 -28.18 -4.65
CA ALA D 54 -21.68 -28.37 -4.18
C ALA D 54 -22.61 -28.78 -5.33
N VAL D 55 -22.51 -28.08 -6.46
CA VAL D 55 -23.38 -28.37 -7.59
C VAL D 55 -23.11 -29.78 -8.11
N ARG D 56 -21.84 -30.12 -8.30
CA ARG D 56 -21.51 -31.44 -8.86
C ARG D 56 -21.91 -32.56 -7.90
N LEU D 57 -21.67 -32.37 -6.60
CA LEU D 57 -22.04 -33.37 -5.60
C LEU D 57 -23.55 -33.55 -5.56
N ARG D 58 -24.31 -32.45 -5.63
CA ARG D 58 -25.76 -32.55 -5.61
C ARG D 58 -26.29 -33.25 -6.85
N GLU D 59 -25.68 -32.98 -8.01
CA GLU D 59 -26.13 -33.64 -9.24
C GLU D 59 -25.82 -35.13 -9.19
N LYS D 60 -24.62 -35.50 -8.74
CA LYS D 60 -24.28 -36.90 -8.61
C LYS D 60 -25.18 -37.60 -7.60
N GLN D 61 -25.50 -36.94 -6.49
CA GLN D 61 -26.37 -37.53 -5.50
C GLN D 61 -27.79 -37.69 -6.04
N LYS D 62 -28.26 -36.73 -6.84
CA LYS D 62 -29.55 -36.87 -7.50
C LYS D 62 -29.56 -38.11 -8.40
N LEU D 63 -28.56 -38.23 -9.27
CA LEU D 63 -28.54 -39.35 -10.21
C LEU D 63 -28.41 -40.68 -9.48
N ARG D 64 -27.68 -40.69 -8.35
CA ARG D 64 -27.51 -41.94 -7.60
C ARG D 64 -28.77 -42.31 -6.84
N ARG D 65 -29.40 -41.33 -6.17
CA ARG D 65 -30.60 -41.61 -5.39
C ARG D 65 -31.81 -41.88 -6.27
N ILE D 66 -31.77 -41.50 -7.55
CA ILE D 66 -32.84 -41.87 -8.47
C ILE D 66 -32.94 -43.39 -8.59
N TYR D 67 -31.79 -44.06 -8.73
CA TYR D 67 -31.77 -45.51 -8.88
C TYR D 67 -31.69 -46.26 -7.57
N GLY D 68 -31.34 -45.59 -6.48
CA GLY D 68 -31.22 -46.27 -5.19
C GLY D 68 -30.02 -47.19 -5.10
N ILE D 69 -28.96 -46.90 -5.85
CA ILE D 69 -27.75 -47.72 -5.86
C ILE D 69 -26.75 -47.13 -4.89
N SER D 70 -26.10 -47.99 -4.11
CA SER D 70 -25.13 -47.54 -3.12
C SER D 70 -23.92 -46.91 -3.81
N GLU D 71 -23.13 -46.18 -3.01
CA GLU D 71 -21.97 -45.49 -3.56
C GLU D 71 -20.96 -46.48 -4.15
N ARG D 72 -20.85 -47.66 -3.57
CA ARG D 72 -19.87 -48.64 -4.04
C ARG D 72 -20.20 -49.08 -5.47
N GLN D 73 -21.40 -49.63 -5.67
CA GLN D 73 -21.80 -50.08 -7.00
C GLN D 73 -21.84 -48.91 -7.99
N PHE D 74 -22.23 -47.72 -7.53
CA PHE D 74 -22.30 -46.56 -8.41
C PHE D 74 -20.91 -46.18 -8.94
N ARG D 75 -19.95 -46.03 -8.03
CA ARG D 75 -18.59 -45.70 -8.44
C ARG D 75 -17.98 -46.80 -9.29
N ASN D 76 -18.28 -48.06 -8.96
CA ASN D 76 -17.76 -49.17 -9.77
C ASN D 76 -18.32 -49.12 -11.19
N LEU D 77 -19.62 -48.87 -11.33
CA LEU D 77 -20.21 -48.74 -12.65
C LEU D 77 -19.61 -47.58 -13.42
N PHE D 78 -19.36 -46.45 -12.74
CA PHE D 78 -18.77 -45.31 -13.42
C PHE D 78 -17.36 -45.61 -13.91
N GLU D 79 -16.55 -46.26 -13.06
CA GLU D 79 -15.20 -46.63 -13.47
C GLU D 79 -15.23 -47.61 -14.63
N GLU D 80 -16.15 -48.57 -14.58
CA GLU D 80 -16.32 -49.52 -15.67
C GLU D 80 -16.66 -48.80 -16.98
N ALA D 81 -17.57 -47.81 -16.91
CA ALA D 81 -17.92 -47.05 -18.11
C ALA D 81 -16.74 -46.25 -18.62
N SER D 82 -15.97 -45.63 -17.71
CA SER D 82 -14.82 -44.84 -18.13
C SER D 82 -13.74 -45.72 -18.76
N LYS D 83 -13.64 -46.98 -18.33
CA LYS D 83 -12.69 -47.89 -18.97
C LYS D 83 -13.09 -48.20 -20.41
N LYS D 84 -14.39 -48.24 -20.70
CA LYS D 84 -14.86 -48.63 -22.02
C LYS D 84 -14.63 -47.52 -23.03
N LYS D 85 -14.73 -47.87 -24.31
CA LYS D 85 -14.62 -46.90 -25.39
C LYS D 85 -15.98 -46.30 -25.69
N GLY D 86 -16.02 -44.98 -25.83
CA GLY D 86 -17.24 -44.24 -26.07
C GLY D 86 -17.41 -43.12 -25.05
N VAL D 87 -18.54 -42.42 -25.18
CA VAL D 87 -18.85 -41.35 -24.25
C VAL D 87 -19.16 -41.95 -22.88
N THR D 88 -18.49 -41.44 -21.84
CA THR D 88 -18.62 -42.03 -20.51
C THR D 88 -20.04 -41.88 -19.97
N GLY D 89 -20.67 -40.72 -20.19
CA GLY D 89 -21.96 -40.46 -19.59
C GLY D 89 -23.07 -41.34 -20.15
N SER D 90 -23.17 -41.42 -21.48
CA SER D 90 -24.22 -42.23 -22.11
C SER D 90 -24.03 -43.71 -21.79
N VAL D 91 -22.79 -44.19 -21.80
CA VAL D 91 -22.52 -45.58 -21.44
C VAL D 91 -22.88 -45.83 -19.98
N PHE D 92 -22.59 -44.87 -19.10
CA PHE D 92 -22.96 -45.00 -17.70
C PHE D 92 -24.47 -45.10 -17.54
N LEU D 93 -25.21 -44.26 -18.26
CA LEU D 93 -26.67 -44.32 -18.20
C LEU D 93 -27.21 -45.64 -18.73
N GLY D 94 -26.61 -46.14 -19.81
CA GLY D 94 -27.01 -47.43 -20.34
C GLY D 94 -26.73 -48.57 -19.39
N LEU D 95 -25.62 -48.47 -18.65
CA LEU D 95 -25.30 -49.48 -17.64
C LEU D 95 -26.31 -49.44 -16.50
N LEU D 96 -26.60 -48.23 -15.99
CA LEU D 96 -27.58 -48.10 -14.91
C LEU D 96 -28.95 -48.61 -15.34
N GLU D 97 -29.37 -48.30 -16.55
CA GLU D 97 -30.65 -48.76 -17.06
C GLU D 97 -30.67 -50.26 -17.29
N SER D 98 -29.50 -50.90 -17.44
CA SER D 98 -29.43 -52.33 -17.68
C SER D 98 -29.58 -53.16 -16.41
N ARG D 99 -29.66 -52.53 -15.25
CA ARG D 99 -29.88 -53.28 -14.01
C ARG D 99 -31.24 -53.94 -14.03
N LEU D 100 -31.31 -55.14 -13.44
CA LEU D 100 -32.54 -55.93 -13.51
C LEU D 100 -33.68 -55.24 -12.77
N ASP D 101 -33.40 -54.66 -11.60
CA ASP D 101 -34.45 -53.98 -10.85
C ASP D 101 -34.98 -52.77 -11.62
N ASN D 102 -34.09 -51.99 -12.23
CA ASN D 102 -34.52 -50.84 -13.01
C ASN D 102 -35.30 -51.28 -14.24
N VAL D 103 -34.96 -52.43 -14.83
CA VAL D 103 -35.72 -52.94 -15.97
C VAL D 103 -37.10 -53.38 -15.53
N VAL D 104 -37.20 -54.02 -14.36
CA VAL D 104 -38.49 -54.40 -13.82
C VAL D 104 -39.35 -53.16 -13.59
N TYR D 105 -38.75 -52.10 -13.08
CA TYR D 105 -39.47 -50.85 -12.91
C TYR D 105 -39.92 -50.28 -14.25
N ARG D 106 -39.01 -50.25 -15.23
CA ARG D 106 -39.34 -49.67 -16.52
C ARG D 106 -40.39 -50.48 -17.26
N LEU D 107 -40.44 -51.79 -17.05
CA LEU D 107 -41.42 -52.65 -17.70
C LEU D 107 -42.78 -52.63 -17.02
N GLY D 108 -42.97 -51.78 -16.02
CA GLY D 108 -44.25 -51.65 -15.36
C GLY D 108 -44.62 -52.77 -14.41
N PHE D 109 -43.71 -53.73 -14.18
CA PHE D 109 -44.01 -54.79 -13.22
C PHE D 109 -44.09 -54.25 -11.80
N ALA D 110 -43.34 -53.19 -11.49
CA ALA D 110 -43.38 -52.56 -10.18
C ALA D 110 -43.62 -51.06 -10.37
N VAL D 111 -44.26 -50.46 -9.36
CA VAL D 111 -44.56 -49.03 -9.43
C VAL D 111 -43.34 -48.19 -9.10
N SER D 112 -42.42 -48.70 -8.29
CA SER D 112 -41.21 -47.99 -7.91
C SER D 112 -40.00 -48.90 -8.12
N ARG D 113 -38.81 -48.30 -8.01
CA ARG D 113 -37.58 -49.07 -8.19
C ARG D 113 -37.27 -49.92 -6.97
N ARG D 114 -37.64 -49.46 -5.78
CA ARG D 114 -37.40 -50.27 -4.58
C ARG D 114 -38.40 -51.41 -4.47
N GLN D 115 -39.64 -51.17 -4.89
CA GLN D 115 -40.60 -52.26 -5.02
C GLN D 115 -40.10 -53.29 -6.04
N ALA D 116 -39.50 -52.83 -7.13
CA ALA D 116 -38.90 -53.74 -8.10
C ALA D 116 -37.73 -54.51 -7.48
N ARG D 117 -36.96 -53.84 -6.63
CA ARG D 117 -35.85 -54.52 -5.95
C ARG D 117 -36.37 -55.63 -5.05
N GLN D 118 -37.47 -55.37 -4.33
CA GLN D 118 -38.04 -56.42 -3.48
C GLN D 118 -38.64 -57.54 -4.32
N LEU D 119 -39.25 -57.20 -5.46
CA LEU D 119 -39.80 -58.23 -6.34
C LEU D 119 -38.70 -59.13 -6.89
N VAL D 120 -37.55 -58.54 -7.26
CA VAL D 120 -36.43 -59.33 -7.75
C VAL D 120 -35.85 -60.19 -6.64
N ARG D 121 -35.55 -59.57 -5.49
CA ARG D 121 -34.88 -60.28 -4.40
C ARG D 121 -35.69 -61.49 -3.91
N HIS D 122 -37.01 -61.44 -4.05
CA HIS D 122 -37.87 -62.52 -3.61
C HIS D 122 -38.17 -63.54 -4.71
N GLY D 123 -37.41 -63.52 -5.80
CA GLY D 123 -37.55 -64.53 -6.83
C GLY D 123 -38.84 -64.49 -7.62
N HIS D 124 -39.54 -63.35 -7.63
CA HIS D 124 -40.75 -63.23 -8.43
C HIS D 124 -40.48 -62.86 -9.88
N ILE D 125 -39.21 -62.67 -10.25
CA ILE D 125 -38.83 -62.28 -11.60
C ILE D 125 -37.89 -63.32 -12.18
N THR D 126 -38.11 -63.67 -13.45
CA THR D 126 -37.27 -64.61 -14.17
C THR D 126 -36.64 -63.92 -15.37
N VAL D 127 -35.48 -64.42 -15.78
CA VAL D 127 -34.78 -63.93 -16.96
C VAL D 127 -34.51 -65.12 -17.87
N ASN D 128 -35.13 -65.09 -19.06
CA ASN D 128 -35.01 -66.17 -20.04
C ASN D 128 -35.47 -67.51 -19.46
N GLY D 129 -36.45 -67.47 -18.57
CA GLY D 129 -36.98 -68.68 -17.96
C GLY D 129 -36.39 -68.96 -16.59
N ARG D 130 -35.09 -68.74 -16.44
CA ARG D 130 -34.42 -68.99 -15.16
C ARG D 130 -34.72 -67.88 -14.17
N ARG D 131 -35.02 -68.27 -12.94
CA ARG D 131 -35.30 -67.30 -11.89
C ARG D 131 -34.02 -66.58 -11.49
N VAL D 132 -34.11 -65.25 -11.38
CA VAL D 132 -32.98 -64.42 -10.98
C VAL D 132 -33.44 -63.51 -9.84
N ASP D 133 -32.65 -63.47 -8.77
CA ASP D 133 -32.98 -62.69 -7.58
C ASP D 133 -31.88 -61.69 -7.26
N LEU D 134 -31.30 -61.09 -8.29
CA LEU D 134 -30.19 -60.15 -8.12
C LEU D 134 -30.53 -58.82 -8.76
N PRO D 135 -30.72 -57.75 -7.99
CA PRO D 135 -31.01 -56.44 -8.60
C PRO D 135 -29.85 -55.91 -9.43
N SER D 136 -28.62 -56.23 -9.06
CA SER D 136 -27.44 -55.79 -9.80
C SER D 136 -27.19 -56.61 -11.06
N TYR D 137 -28.04 -57.58 -11.36
CA TYR D 137 -27.89 -58.37 -12.58
C TYR D 137 -28.00 -57.47 -13.81
N ARG D 138 -27.06 -57.63 -14.74
CA ARG D 138 -27.04 -56.83 -15.95
C ARG D 138 -27.84 -57.54 -17.04
N VAL D 139 -28.86 -56.87 -17.55
CA VAL D 139 -29.69 -57.41 -18.63
C VAL D 139 -29.06 -57.07 -19.96
N ARG D 140 -28.84 -58.09 -20.79
CA ARG D 140 -28.28 -57.93 -22.11
C ARG D 140 -29.38 -57.72 -23.14
N PRO D 141 -29.09 -57.08 -24.26
CA PRO D 141 -30.09 -56.93 -25.32
C PRO D 141 -30.54 -58.29 -25.84
N GLY D 142 -31.84 -58.54 -25.76
CA GLY D 142 -32.44 -59.80 -26.17
C GLY D 142 -32.97 -60.64 -25.03
N ASP D 143 -32.61 -60.33 -23.79
CA ASP D 143 -33.10 -61.11 -22.66
C ASP D 143 -34.59 -60.87 -22.43
N GLU D 144 -35.31 -61.94 -22.16
CA GLU D 144 -36.75 -61.89 -21.91
C GLU D 144 -36.97 -61.88 -20.39
N ILE D 145 -37.36 -60.72 -19.87
CA ILE D 145 -37.64 -60.56 -18.45
C ILE D 145 -39.11 -60.90 -18.23
N ALA D 146 -39.36 -62.02 -17.55
CA ALA D 146 -40.71 -62.51 -17.32
C ALA D 146 -41.01 -62.54 -15.83
N VAL D 147 -42.27 -62.82 -15.52
CA VAL D 147 -42.74 -62.96 -14.16
C VAL D 147 -42.88 -64.44 -13.84
N ALA D 148 -42.54 -64.83 -12.61
CA ALA D 148 -42.64 -66.22 -12.19
C ALA D 148 -44.07 -66.72 -12.34
N GLU D 149 -44.20 -67.91 -12.91
CA GLU D 149 -45.53 -68.51 -13.08
C GLU D 149 -46.23 -68.72 -11.74
N LYS D 150 -45.47 -68.97 -10.69
CA LYS D 150 -46.02 -69.11 -9.35
C LYS D 150 -46.35 -67.77 -8.72
N SER D 151 -45.86 -66.66 -9.28
CA SER D 151 -46.11 -65.33 -8.76
C SER D 151 -47.15 -64.56 -9.56
N ARG D 152 -47.54 -65.05 -10.73
CA ARG D 152 -48.53 -64.36 -11.55
C ARG D 152 -49.92 -64.36 -10.92
N ASN D 153 -50.12 -65.08 -9.82
CA ASN D 153 -51.38 -65.08 -9.11
C ASN D 153 -51.39 -64.11 -7.93
N LEU D 154 -50.29 -63.41 -7.69
CA LEU D 154 -50.22 -62.47 -6.58
C LEU D 154 -51.02 -61.21 -6.88
N GLU D 155 -51.45 -60.53 -5.81
CA GLU D 155 -52.33 -59.38 -5.97
C GLU D 155 -51.60 -58.18 -6.54
N LEU D 156 -50.38 -57.92 -6.07
CA LEU D 156 -49.65 -56.72 -6.50
C LEU D 156 -49.33 -56.76 -7.98
N ILE D 157 -48.92 -57.93 -8.49
CA ILE D 157 -48.63 -58.05 -9.91
C ILE D 157 -49.92 -57.90 -10.74
N ARG D 158 -51.00 -58.49 -10.26
CA ARG D 158 -52.30 -58.29 -10.91
C ARG D 158 -52.62 -56.81 -11.02
N GLN D 159 -52.46 -56.06 -9.92
CA GLN D 159 -52.74 -54.63 -9.94
C GLN D 159 -51.84 -53.90 -10.94
N ASN D 160 -50.53 -54.11 -10.83
CA ASN D 160 -49.58 -53.35 -11.63
C ASN D 160 -49.77 -53.62 -13.13
N LEU D 161 -49.92 -54.89 -13.50
CA LEU D 161 -50.11 -55.22 -14.90
C LEU D 161 -51.54 -54.99 -15.38
N GLU D 162 -52.49 -54.83 -14.45
CA GLU D 162 -53.82 -54.40 -14.83
C GLU D 162 -53.85 -52.92 -15.15
N ALA D 163 -52.98 -52.14 -14.48
CA ALA D 163 -52.84 -50.73 -14.79
C ALA D 163 -51.96 -50.48 -16.00
N MET D 164 -51.10 -51.43 -16.36
CA MET D 164 -50.24 -51.30 -17.53
C MET D 164 -50.97 -51.49 -18.84
N LYS D 165 -52.24 -51.86 -18.81
CA LYS D 165 -53.02 -51.98 -20.04
C LYS D 165 -53.16 -50.61 -20.69
N GLY D 166 -52.68 -50.50 -21.93
CA GLY D 166 -52.71 -49.25 -22.66
C GLY D 166 -51.51 -48.35 -22.46
N ARG D 167 -50.74 -48.56 -21.39
CA ARG D 167 -49.56 -47.74 -21.15
C ARG D 167 -48.43 -48.12 -22.09
N LYS D 168 -47.76 -47.11 -22.64
CA LYS D 168 -46.63 -47.33 -23.51
C LYS D 168 -45.36 -47.56 -22.70
N VAL D 169 -44.41 -48.27 -23.30
CA VAL D 169 -43.15 -48.58 -22.66
C VAL D 169 -42.03 -47.84 -23.40
N GLY D 170 -40.84 -47.87 -22.82
CA GLY D 170 -39.68 -47.23 -23.41
C GLY D 170 -39.37 -47.75 -24.79
N PRO D 171 -38.78 -46.91 -25.64
CA PRO D 171 -38.47 -47.33 -27.01
C PRO D 171 -37.53 -48.52 -27.09
N TRP D 172 -36.79 -48.83 -26.02
CA TRP D 172 -35.86 -49.94 -26.00
C TRP D 172 -36.42 -51.17 -25.28
N LEU D 173 -37.72 -51.19 -25.02
CA LEU D 173 -38.34 -52.30 -24.31
C LEU D 173 -39.64 -52.71 -25.01
N SER D 174 -39.96 -53.99 -24.91
CA SER D 174 -41.24 -54.52 -25.36
C SER D 174 -41.95 -55.18 -24.18
N LEU D 175 -43.28 -55.16 -24.21
CA LEU D 175 -44.08 -55.65 -23.10
C LEU D 175 -45.23 -56.50 -23.61
N ASP D 176 -45.38 -57.70 -23.05
CA ASP D 176 -46.51 -58.58 -23.29
C ASP D 176 -47.26 -58.70 -21.97
N VAL D 177 -48.42 -58.05 -21.87
CA VAL D 177 -49.14 -57.97 -20.61
C VAL D 177 -49.88 -59.26 -20.30
N GLU D 178 -50.42 -59.92 -21.32
CA GLU D 178 -51.14 -61.17 -21.09
C GLU D 178 -50.19 -62.26 -20.59
N GLY D 179 -49.05 -62.42 -21.26
CA GLY D 179 -48.03 -63.35 -20.80
C GLY D 179 -47.21 -62.86 -19.63
N MET D 180 -47.38 -61.59 -19.24
CA MET D 180 -46.66 -60.97 -18.13
C MET D 180 -45.15 -61.11 -18.32
N LYS D 181 -44.65 -60.52 -19.40
CA LYS D 181 -43.24 -60.59 -19.73
C LYS D 181 -42.86 -59.37 -20.55
N GLY D 182 -41.57 -59.28 -20.88
CA GLY D 182 -41.07 -58.19 -21.69
C GLY D 182 -39.69 -58.52 -22.22
N LYS D 183 -39.20 -57.65 -23.08
CA LYS D 183 -37.91 -57.86 -23.73
C LYS D 183 -37.09 -56.57 -23.71
N PHE D 184 -35.80 -56.73 -23.40
CA PHE D 184 -34.83 -55.64 -23.41
C PHE D 184 -34.26 -55.56 -24.83
N LEU D 185 -34.82 -54.66 -25.63
CA LEU D 185 -34.49 -54.63 -27.06
C LEU D 185 -33.07 -54.15 -27.30
N ARG D 186 -32.67 -53.05 -26.66
CA ARG D 186 -31.37 -52.46 -26.91
C ARG D 186 -30.99 -51.60 -25.70
N LEU D 187 -29.76 -51.11 -25.73
CA LEU D 187 -29.34 -50.14 -24.73
C LEU D 187 -29.97 -48.80 -25.03
N PRO D 188 -30.52 -48.10 -24.03
CA PRO D 188 -31.20 -46.83 -24.30
C PRO D 188 -30.22 -45.71 -24.58
N ASP D 189 -30.59 -44.83 -25.50
CA ASP D 189 -29.78 -43.68 -25.83
C ASP D 189 -30.07 -42.55 -24.84
N ARG D 190 -29.18 -41.54 -24.84
CA ARG D 190 -29.40 -40.38 -23.98
C ARG D 190 -30.71 -39.69 -24.29
N GLU D 191 -31.07 -39.62 -25.57
CA GLU D 191 -32.36 -39.05 -25.96
C GLU D 191 -33.53 -39.89 -25.46
N ASP D 192 -33.31 -41.17 -25.20
CA ASP D 192 -34.39 -42.03 -24.72
C ASP D 192 -34.73 -41.78 -23.26
N LEU D 193 -33.77 -41.31 -22.47
CA LEU D 193 -33.97 -41.06 -21.05
C LEU D 193 -34.31 -39.58 -20.83
N ALA D 194 -35.34 -39.33 -20.02
CA ALA D 194 -35.73 -37.98 -19.64
C ALA D 194 -35.31 -37.64 -18.22
N LEU D 195 -34.18 -38.18 -17.77
CA LEU D 195 -33.74 -37.95 -16.40
C LEU D 195 -33.30 -36.51 -16.22
N PRO D 196 -33.65 -35.86 -15.10
CA PRO D 196 -33.25 -34.48 -14.84
C PRO D 196 -31.84 -34.36 -14.28
N VAL D 197 -30.88 -35.00 -14.95
CA VAL D 197 -29.50 -35.06 -14.49
C VAL D 197 -28.58 -34.69 -15.65
N ASN D 198 -27.59 -33.85 -15.36
CA ASN D 198 -26.51 -33.53 -16.30
C ASN D 198 -25.36 -34.51 -16.02
N GLU D 199 -25.16 -35.47 -16.92
CA GLU D 199 -24.14 -36.49 -16.70
C GLU D 199 -22.74 -35.91 -16.70
N GLN D 200 -22.51 -34.83 -17.46
CA GLN D 200 -21.20 -34.21 -17.48
C GLN D 200 -20.82 -33.68 -16.11
N LEU D 201 -21.80 -33.23 -15.32
CA LEU D 201 -21.51 -32.79 -13.96
C LEU D 201 -21.00 -33.95 -13.10
N VAL D 202 -21.55 -35.14 -13.28
CA VAL D 202 -21.10 -36.30 -12.52
C VAL D 202 -19.71 -36.74 -12.99
N ILE D 203 -19.48 -36.68 -14.31
CA ILE D 203 -18.15 -36.99 -14.84
C ILE D 203 -17.11 -36.04 -14.25
N GLU D 204 -17.45 -34.74 -14.17
CA GLU D 204 -16.54 -33.78 -13.57
C GLU D 204 -16.41 -33.98 -12.06
N PHE D 205 -17.47 -34.46 -11.41
CA PHE D 205 -17.39 -34.73 -9.98
C PHE D 205 -16.42 -35.86 -9.68
N TYR D 206 -16.44 -36.91 -10.50
CA TYR D 206 -15.48 -37.99 -10.32
C TYR D 206 -14.13 -37.70 -10.96
N SER D 207 -14.03 -36.64 -11.77
CA SER D 207 -12.74 -36.25 -12.33
C SER D 207 -11.80 -35.66 -11.29
N ARG D 208 -12.33 -35.19 -10.17
CA ARG D 208 -11.53 -34.60 -9.11
C ARG D 208 -10.59 -35.64 -8.51
N ASP E 1 -28.83 -14.94 -24.46
CA ASP E 1 -27.95 -14.71 -25.60
C ASP E 1 -26.48 -14.74 -25.18
N PHE E 2 -26.21 -14.32 -23.95
CA PHE E 2 -24.86 -14.27 -23.40
C PHE E 2 -24.89 -14.74 -21.96
N GLU E 3 -24.15 -15.81 -21.67
CA GLU E 3 -24.03 -16.30 -20.31
C GLU E 3 -22.88 -15.61 -19.60
N GLU E 4 -23.06 -15.35 -18.31
CA GLU E 4 -22.12 -14.57 -17.52
C GLU E 4 -21.85 -15.30 -16.20
N LYS E 5 -20.59 -15.57 -15.91
CA LYS E 5 -20.20 -16.22 -14.67
C LYS E 5 -18.96 -15.55 -14.09
N MET E 6 -18.98 -15.31 -12.78
CA MET E 6 -17.86 -14.67 -12.12
C MET E 6 -16.82 -15.69 -11.69
N ILE E 7 -15.55 -15.36 -11.89
CA ILE E 7 -14.46 -16.25 -11.49
C ILE E 7 -14.20 -16.14 -9.99
N LEU E 8 -13.82 -14.95 -9.54
CA LEU E 8 -13.57 -14.72 -8.12
C LEU E 8 -13.91 -13.27 -7.79
N ILE E 9 -14.19 -13.03 -6.52
CA ILE E 9 -14.47 -11.71 -6.01
C ILE E 9 -13.60 -11.49 -4.77
N ARG E 10 -12.80 -10.43 -4.78
CA ARG E 10 -11.88 -10.13 -3.70
C ARG E 10 -12.10 -8.71 -3.20
N ARG E 11 -11.68 -8.47 -1.97
CA ARG E 11 -11.75 -7.15 -1.35
C ARG E 11 -10.33 -6.70 -1.01
N THR E 12 -9.87 -5.65 -1.69
CA THR E 12 -8.57 -5.05 -1.44
C THR E 12 -8.73 -3.85 -0.51
N ALA E 13 -7.61 -3.42 0.07
CA ALA E 13 -7.65 -2.37 1.07
C ALA E 13 -6.49 -1.41 0.88
N ARG E 14 -6.79 -0.12 0.81
CA ARG E 14 -5.79 0.93 0.82
C ARG E 14 -5.77 1.61 2.18
N MET E 15 -4.60 2.11 2.58
CA MET E 15 -4.46 2.75 3.88
C MET E 15 -4.65 4.25 3.75
N GLN E 16 -5.36 4.83 4.72
CA GLN E 16 -5.60 6.27 4.77
C GLN E 16 -5.56 6.68 6.23
N ALA E 17 -5.29 7.96 6.48
CA ALA E 17 -5.26 8.45 7.85
C ALA E 17 -6.61 8.22 8.50
N GLY E 18 -6.66 7.30 9.46
CA GLY E 18 -7.89 6.89 10.12
C GLY E 18 -8.16 5.40 10.06
N GLY E 19 -7.68 4.75 9.00
CA GLY E 19 -7.85 3.31 8.88
C GLY E 19 -7.71 2.86 7.44
N ARG E 20 -8.17 1.63 7.20
CA ARG E 20 -8.16 1.07 5.85
C ARG E 20 -9.51 1.28 5.18
N ARG E 21 -9.47 1.46 3.86
CA ARG E 21 -10.65 1.65 3.03
C ARG E 21 -10.65 0.60 1.95
N PHE E 22 -11.80 -0.05 1.76
CA PHE E 22 -11.89 -1.25 0.95
C PHE E 22 -12.42 -0.92 -0.45
N ARG E 23 -11.98 -1.75 -1.41
CA ARG E 23 -12.41 -1.65 -2.80
C ARG E 23 -12.49 -3.06 -3.35
N PHE E 24 -13.62 -3.39 -3.96
CA PHE E 24 -13.88 -4.76 -4.39
C PHE E 24 -13.54 -4.94 -5.87
N GLY E 25 -12.83 -6.03 -6.16
CA GLY E 25 -12.53 -6.41 -7.52
C GLY E 25 -13.18 -7.75 -7.84
N ALA E 26 -13.51 -7.94 -9.11
CA ALA E 26 -14.23 -9.14 -9.52
C ALA E 26 -13.87 -9.49 -10.96
N LEU E 27 -13.61 -10.78 -11.20
CA LEU E 27 -13.44 -11.31 -12.53
C LEU E 27 -14.76 -11.89 -13.04
N VAL E 28 -15.04 -11.67 -14.32
CA VAL E 28 -16.29 -12.10 -14.94
C VAL E 28 -15.98 -12.57 -16.36
N VAL E 29 -16.47 -13.76 -16.70
CA VAL E 29 -16.38 -14.30 -18.05
C VAL E 29 -17.77 -14.30 -18.66
N VAL E 30 -17.85 -13.95 -19.94
CA VAL E 30 -19.09 -13.95 -20.70
C VAL E 30 -18.87 -14.79 -21.96
N GLY E 31 -19.86 -15.61 -22.30
CA GLY E 31 -19.73 -16.48 -23.45
C GLY E 31 -21.06 -16.89 -24.00
N ASP E 32 -21.10 -17.13 -25.31
CA ASP E 32 -22.29 -17.65 -25.98
C ASP E 32 -22.23 -19.16 -26.19
N ARG E 33 -21.13 -19.81 -25.77
CA ARG E 33 -20.89 -21.23 -25.97
C ARG E 33 -20.87 -21.61 -27.45
N GLN E 34 -20.69 -20.63 -28.34
CA GLN E 34 -20.61 -20.87 -29.77
C GLN E 34 -19.22 -20.66 -30.34
N GLY E 35 -18.28 -20.13 -29.56
CA GLY E 35 -16.94 -19.88 -30.04
C GLY E 35 -16.42 -18.51 -29.66
N ARG E 36 -17.23 -17.74 -28.95
CA ARG E 36 -16.87 -16.39 -28.51
C ARG E 36 -16.80 -16.37 -27.00
N VAL E 37 -15.73 -15.79 -26.45
CA VAL E 37 -15.57 -15.61 -25.03
C VAL E 37 -15.18 -14.16 -24.74
N GLY E 38 -15.23 -13.81 -23.46
CA GLY E 38 -14.83 -12.49 -23.03
C GLY E 38 -14.49 -12.45 -21.55
N LEU E 39 -13.36 -11.83 -21.21
CA LEU E 39 -12.89 -11.77 -19.83
C LEU E 39 -12.83 -10.32 -19.37
N GLY E 40 -13.27 -10.07 -18.15
CA GLY E 40 -13.26 -8.71 -17.63
C GLY E 40 -13.00 -8.64 -16.13
N PHE E 41 -12.19 -7.67 -15.71
CA PHE E 41 -11.85 -7.46 -14.31
C PHE E 41 -12.33 -6.07 -13.90
N GLY E 42 -13.31 -6.01 -13.03
CA GLY E 42 -13.93 -4.75 -12.64
C GLY E 42 -13.69 -4.44 -11.17
N LYS E 43 -13.36 -3.19 -10.89
CA LYS E 43 -13.15 -2.71 -9.53
C LYS E 43 -14.13 -1.59 -9.21
N ALA E 44 -14.71 -1.65 -8.01
CA ALA E 44 -15.71 -0.68 -7.60
C ALA E 44 -15.77 -0.68 -6.07
N PRO E 45 -16.24 0.41 -5.46
CA PRO E 45 -16.35 0.44 -3.99
C PRO E 45 -17.29 -0.62 -3.43
N GLU E 46 -18.22 -1.13 -4.22
CA GLU E 46 -19.15 -2.16 -3.77
C GLU E 46 -19.10 -3.34 -4.74
N VAL E 47 -19.59 -4.48 -4.26
CA VAL E 47 -19.50 -5.75 -5.00
C VAL E 47 -20.38 -5.75 -6.24
N PRO E 48 -21.68 -5.40 -6.16
CA PRO E 48 -22.51 -5.47 -7.38
C PRO E 48 -22.04 -4.55 -8.49
N LEU E 49 -21.60 -3.34 -8.14
CA LEU E 49 -21.05 -2.44 -9.15
C LEU E 49 -19.80 -3.04 -9.79
N ALA E 50 -18.98 -3.71 -8.98
CA ALA E 50 -17.78 -4.34 -9.52
C ALA E 50 -18.14 -5.48 -10.48
N VAL E 51 -19.16 -6.26 -10.13
CA VAL E 51 -19.58 -7.36 -11.01
C VAL E 51 -20.13 -6.81 -12.32
N GLN E 52 -20.94 -5.76 -12.25
CA GLN E 52 -21.49 -5.16 -13.47
C GLN E 52 -20.38 -4.57 -14.35
N LYS E 53 -19.42 -3.89 -13.72
CA LYS E 53 -18.32 -3.29 -14.47
C LYS E 53 -17.45 -4.37 -15.11
N ALA E 54 -17.22 -5.47 -14.39
CA ALA E 54 -16.46 -6.58 -14.95
C ALA E 54 -17.21 -7.21 -16.12
N GLY E 55 -18.53 -7.30 -16.02
CA GLY E 55 -19.31 -7.79 -17.15
C GLY E 55 -19.19 -6.90 -18.37
N TYR E 56 -19.27 -5.58 -18.16
CA TYR E 56 -19.08 -4.65 -19.27
C TYR E 56 -17.70 -4.81 -19.91
N TYR E 57 -16.65 -4.82 -19.08
CA TYR E 57 -15.30 -4.96 -19.61
C TYR E 57 -15.11 -6.30 -20.33
N ALA E 58 -15.77 -7.36 -19.83
CA ALA E 58 -15.66 -8.65 -20.47
C ALA E 58 -16.33 -8.66 -21.83
N ARG E 59 -17.53 -8.07 -21.92
CA ARG E 59 -18.20 -7.95 -23.20
C ARG E 59 -17.42 -7.06 -24.17
N ARG E 60 -16.60 -6.14 -23.64
CA ARG E 60 -15.81 -5.29 -24.52
C ARG E 60 -14.56 -5.98 -25.05
N ASN E 61 -14.07 -7.02 -24.38
CA ASN E 61 -12.85 -7.73 -24.76
C ASN E 61 -13.23 -9.16 -25.13
N MET E 62 -13.50 -9.40 -26.41
CA MET E 62 -13.96 -10.68 -26.89
C MET E 62 -12.85 -11.42 -27.65
N VAL E 63 -13.00 -12.75 -27.70
CA VAL E 63 -12.05 -13.63 -28.37
C VAL E 63 -12.84 -14.69 -29.12
N GLU E 64 -12.54 -14.84 -30.42
CA GLU E 64 -13.14 -15.85 -31.26
C GLU E 64 -12.32 -17.13 -31.17
N VAL E 65 -12.95 -18.21 -30.72
CA VAL E 65 -12.27 -19.49 -30.49
C VAL E 65 -12.61 -20.43 -31.64
N PRO E 66 -11.62 -20.99 -32.34
CA PRO E 66 -11.88 -21.98 -33.42
C PRO E 66 -12.12 -23.38 -32.89
N LEU E 67 -13.37 -23.64 -32.49
CA LEU E 67 -13.74 -24.96 -32.00
C LEU E 67 -13.76 -25.96 -33.16
N GLN E 68 -13.29 -27.19 -32.88
CA GLN E 68 -13.30 -28.28 -33.85
C GLN E 68 -13.90 -29.50 -33.15
N ASN E 69 -15.22 -29.67 -33.28
CA ASN E 69 -15.96 -30.75 -32.62
C ASN E 69 -15.81 -30.68 -31.10
N GLY E 70 -16.16 -29.52 -30.56
CA GLY E 70 -16.17 -29.32 -29.13
C GLY E 70 -14.82 -29.26 -28.45
N THR E 71 -13.73 -29.45 -29.18
CA THR E 71 -12.39 -29.43 -28.59
C THR E 71 -11.54 -28.37 -29.30
N ILE E 72 -10.26 -28.35 -28.95
CA ILE E 72 -9.32 -27.34 -29.43
C ILE E 72 -8.61 -27.88 -30.66
N PRO E 73 -8.14 -27.03 -31.58
CA PRO E 73 -7.46 -27.54 -32.78
C PRO E 73 -6.05 -28.04 -32.53
N HIS E 74 -5.33 -27.44 -31.58
CA HIS E 74 -3.95 -27.85 -31.31
C HIS E 74 -3.56 -27.45 -29.90
N GLU E 75 -2.64 -28.21 -29.32
CA GLU E 75 -2.18 -27.95 -27.97
C GLU E 75 -1.44 -26.62 -27.90
N ILE E 76 -1.68 -25.86 -26.83
CA ILE E 76 -1.06 -24.56 -26.64
C ILE E 76 -0.41 -24.51 -25.26
N GLU E 77 0.47 -23.53 -25.09
CA GLU E 77 1.22 -23.35 -23.84
C GLU E 77 1.57 -21.86 -23.75
N VAL E 78 1.01 -21.18 -22.76
CA VAL E 78 1.12 -19.73 -22.65
C VAL E 78 1.67 -19.35 -21.28
N GLU E 79 2.68 -18.50 -21.27
CA GLU E 79 3.23 -17.92 -20.05
C GLU E 79 2.74 -16.48 -19.93
N PHE E 80 1.91 -16.21 -18.94
CA PHE E 80 1.51 -14.86 -18.57
C PHE E 80 2.12 -14.56 -17.20
N GLY E 81 3.12 -13.69 -17.18
CA GLY E 81 3.85 -13.45 -15.95
C GLY E 81 4.57 -14.71 -15.53
N ALA E 82 4.27 -15.18 -14.31
CA ALA E 82 4.79 -16.45 -13.82
C ALA E 82 3.80 -17.59 -13.95
N SER E 83 2.59 -17.32 -14.44
CA SER E 83 1.55 -18.33 -14.56
C SER E 83 1.60 -18.96 -15.94
N LYS E 84 1.67 -20.29 -15.98
CA LYS E 84 1.69 -21.04 -17.23
C LYS E 84 0.40 -21.81 -17.39
N ILE E 85 -0.16 -21.78 -18.59
CA ILE E 85 -1.35 -22.56 -18.92
C ILE E 85 -0.98 -23.51 -20.05
N VAL E 86 -1.44 -24.76 -19.93
CA VAL E 86 -1.17 -25.80 -20.92
C VAL E 86 -2.52 -26.37 -21.34
N LEU E 87 -2.83 -26.24 -22.63
CA LEU E 87 -4.08 -26.75 -23.19
C LEU E 87 -3.77 -27.83 -24.22
N LYS E 88 -4.66 -28.82 -24.32
CA LYS E 88 -4.47 -29.95 -25.19
C LYS E 88 -5.82 -30.49 -25.62
N PRO E 89 -6.03 -30.74 -26.90
CA PRO E 89 -7.34 -31.24 -27.35
C PRO E 89 -7.59 -32.65 -26.86
N ALA E 90 -8.87 -33.00 -26.75
CA ALA E 90 -9.29 -34.29 -26.25
C ALA E 90 -10.43 -34.82 -27.09
N ALA E 91 -10.54 -36.15 -27.15
CA ALA E 91 -11.62 -36.79 -27.87
C ALA E 91 -12.93 -36.60 -27.11
N PRO E 92 -14.07 -36.60 -27.81
CA PRO E 92 -15.36 -36.46 -27.14
C PRO E 92 -15.58 -37.55 -26.11
N GLY E 93 -16.44 -37.25 -25.14
CA GLY E 93 -16.63 -38.13 -24.00
C GLY E 93 -15.61 -37.98 -22.91
N THR E 94 -14.68 -37.03 -23.04
CA THR E 94 -13.64 -36.81 -22.04
C THR E 94 -14.08 -35.78 -21.00
N GLY E 95 -14.71 -34.68 -21.44
CA GLY E 95 -15.08 -33.61 -20.56
C GLY E 95 -13.96 -32.59 -20.39
N VAL E 96 -14.33 -31.45 -19.82
CA VAL E 96 -13.38 -30.37 -19.56
C VAL E 96 -12.70 -30.66 -18.22
N ILE E 97 -11.39 -30.85 -18.25
CA ILE E 97 -10.59 -31.15 -17.06
C ILE E 97 -9.66 -29.96 -16.85
N ALA E 98 -10.00 -29.10 -15.89
CA ALA E 98 -9.26 -27.86 -15.69
C ALA E 98 -9.54 -27.34 -14.29
N GLY E 99 -8.74 -26.37 -13.87
CA GLY E 99 -9.04 -25.63 -12.66
C GLY E 99 -10.31 -24.80 -12.84
N ALA E 100 -10.73 -24.17 -11.74
CA ALA E 100 -11.99 -23.43 -11.76
C ALA E 100 -12.00 -22.35 -12.84
N VAL E 101 -10.94 -21.54 -12.88
CA VAL E 101 -10.85 -20.41 -13.81
C VAL E 101 -10.84 -20.90 -15.26
N PRO E 102 -9.90 -21.79 -15.66
CA PRO E 102 -9.93 -22.24 -17.06
C PRO E 102 -11.16 -23.06 -17.41
N ARG E 103 -11.69 -23.85 -16.46
CA ARG E 103 -12.92 -24.57 -16.74
C ARG E 103 -14.06 -23.61 -17.07
N ALA E 104 -14.22 -22.56 -16.27
CA ALA E 104 -15.28 -21.58 -16.55
C ALA E 104 -15.05 -20.91 -17.89
N ILE E 105 -13.82 -20.46 -18.15
CA ILE E 105 -13.54 -19.74 -19.39
C ILE E 105 -13.82 -20.63 -20.60
N LEU E 106 -13.40 -21.90 -20.55
CA LEU E 106 -13.56 -22.79 -21.69
C LEU E 106 -15.01 -23.24 -21.84
N GLU E 107 -15.72 -23.45 -20.74
CA GLU E 107 -17.13 -23.83 -20.82
C GLU E 107 -17.94 -22.71 -21.45
N LEU E 108 -17.67 -21.46 -21.07
CA LEU E 108 -18.39 -20.36 -21.71
C LEU E 108 -17.98 -20.17 -23.16
N ALA E 109 -16.82 -20.67 -23.56
CA ALA E 109 -16.40 -20.61 -24.95
C ALA E 109 -17.08 -21.65 -25.83
N GLY E 110 -17.68 -22.67 -25.23
CA GLY E 110 -18.28 -23.75 -25.98
C GLY E 110 -17.47 -25.03 -26.05
N VAL E 111 -16.39 -25.12 -25.29
CA VAL E 111 -15.58 -26.33 -25.27
C VAL E 111 -16.28 -27.40 -24.45
N THR E 112 -16.21 -28.64 -24.91
CA THR E 112 -16.81 -29.77 -24.22
C THR E 112 -15.80 -30.80 -23.73
N ASP E 113 -14.67 -30.95 -24.42
CA ASP E 113 -13.65 -31.91 -24.03
C ASP E 113 -12.28 -31.31 -24.28
N ILE E 114 -11.48 -31.17 -23.22
CA ILE E 114 -10.15 -30.58 -23.32
C ILE E 114 -9.37 -30.98 -22.07
N LEU E 115 -8.03 -31.00 -22.19
CA LEU E 115 -7.15 -31.30 -21.07
C LEU E 115 -6.28 -30.09 -20.81
N THR E 116 -6.24 -29.62 -19.56
CA THR E 116 -5.47 -28.44 -19.22
C THR E 116 -4.56 -28.73 -18.03
N LYS E 117 -3.66 -27.78 -17.77
CA LYS E 117 -2.77 -27.85 -16.61
C LYS E 117 -2.26 -26.45 -16.30
N GLU E 118 -2.37 -26.06 -15.03
CA GLU E 118 -1.83 -24.80 -14.55
C GLU E 118 -0.46 -25.06 -13.92
N LEU E 119 0.52 -24.24 -14.29
CA LEU E 119 1.89 -24.40 -13.83
C LEU E 119 2.42 -23.06 -13.31
N GLY E 120 3.47 -23.14 -12.51
CA GLY E 120 4.06 -21.94 -11.95
C GLY E 120 3.11 -21.28 -10.97
N SER E 121 2.84 -20.00 -11.19
CA SER E 121 1.92 -19.27 -10.31
C SER E 121 0.49 -19.69 -10.57
N ARG E 122 -0.24 -20.00 -9.49
CA ARG E 122 -1.64 -20.38 -9.57
C ARG E 122 -2.58 -19.19 -9.44
N ASN E 123 -2.08 -17.98 -9.65
CA ASN E 123 -2.88 -16.77 -9.48
C ASN E 123 -4.06 -16.78 -10.45
N PRO E 124 -5.30 -16.67 -9.96
CA PRO E 124 -6.45 -16.78 -10.87
C PRO E 124 -6.49 -15.70 -11.94
N ILE E 125 -6.05 -14.48 -11.62
CA ILE E 125 -6.04 -13.41 -12.61
C ILE E 125 -5.06 -13.73 -13.74
N ASN E 126 -3.83 -14.09 -13.37
CA ASN E 126 -2.83 -14.40 -14.39
C ASN E 126 -3.17 -15.67 -15.16
N ILE E 127 -3.77 -16.66 -14.48
CA ILE E 127 -4.21 -17.87 -15.16
C ILE E 127 -5.30 -17.55 -16.17
N ALA E 128 -6.23 -16.67 -15.79
CA ALA E 128 -7.29 -16.26 -16.71
C ALA E 128 -6.72 -15.53 -17.92
N TYR E 129 -5.79 -14.61 -17.68
CA TYR E 129 -5.18 -13.89 -18.80
C TYR E 129 -4.39 -14.82 -19.71
N ALA E 130 -3.71 -15.81 -19.11
CA ALA E 130 -2.96 -16.78 -19.91
C ALA E 130 -3.91 -17.64 -20.75
N THR E 131 -5.04 -18.05 -20.18
CA THR E 131 -6.03 -18.82 -20.95
C THR E 131 -6.61 -17.99 -22.08
N MET E 132 -6.86 -16.70 -21.82
CA MET E 132 -7.38 -15.83 -22.87
C MET E 132 -6.37 -15.68 -24.00
N GLU E 133 -5.10 -15.46 -23.67
CA GLU E 133 -4.06 -15.36 -24.69
C GLU E 133 -3.87 -16.69 -25.42
N ALA E 134 -4.10 -17.81 -24.73
CA ALA E 134 -4.01 -19.11 -25.39
C ALA E 134 -5.11 -19.27 -26.42
N LEU E 135 -6.35 -18.94 -26.04
CA LEU E 135 -7.44 -18.99 -27.00
C LEU E 135 -7.23 -17.98 -28.13
N ARG E 136 -6.52 -16.89 -27.86
CA ARG E 136 -6.24 -15.89 -28.87
C ARG E 136 -5.14 -16.34 -29.84
N GLN E 137 -4.22 -17.19 -29.38
CA GLN E 137 -3.15 -17.71 -30.22
C GLN E 137 -3.53 -19.00 -30.93
N LEU E 138 -4.82 -19.32 -31.00
CA LEU E 138 -5.26 -20.54 -31.67
C LEU E 138 -5.39 -20.29 -33.17
N ARG E 139 -4.87 -21.23 -33.96
CA ARG E 139 -4.91 -21.16 -35.41
C ARG E 139 -5.53 -22.43 -35.96
N THR E 140 -6.35 -22.27 -37.00
CA THR E 140 -6.93 -23.40 -37.71
C THR E 140 -6.03 -23.79 -38.88
N LYS E 141 -6.27 -24.97 -39.44
CA LYS E 141 -5.55 -25.39 -40.63
C LYS E 141 -5.77 -24.40 -41.77
N ALA E 142 -6.99 -23.88 -41.90
CA ALA E 142 -7.27 -22.86 -42.91
C ALA E 142 -6.40 -21.63 -42.70
N ASP E 143 -6.28 -21.17 -41.45
CA ASP E 143 -5.42 -20.02 -41.16
C ASP E 143 -3.97 -20.33 -41.49
N VAL E 144 -3.52 -21.54 -41.17
CA VAL E 144 -2.13 -21.92 -41.41
C VAL E 144 -1.82 -21.88 -42.90
N GLU E 145 -2.63 -22.57 -43.71
CA GLU E 145 -2.41 -22.54 -45.16
C GLU E 145 -2.67 -21.16 -45.75
N ARG E 146 -3.45 -20.32 -45.06
CA ARG E 146 -3.63 -18.94 -45.51
C ARG E 146 -2.36 -18.13 -45.31
N LEU E 147 -1.65 -18.37 -44.21
CA LEU E 147 -0.41 -17.63 -43.96
C LEU E 147 0.74 -18.10 -44.85
N ARG E 148 0.62 -19.27 -45.46
CA ARG E 148 1.69 -19.82 -46.30
C ARG E 148 1.33 -19.84 -47.78
N LYS E 149 0.39 -18.98 -48.20
CA LYS E 149 0.03 -18.90 -49.62
C LYS E 149 1.22 -18.47 -50.47
N GLY E 150 1.71 -17.25 -50.23
CA GLY E 150 2.85 -16.74 -50.97
C GLY E 150 2.55 -16.47 -52.43
N GLU E 151 1.58 -15.61 -52.68
N MET F 1 72.10 1.02 -27.17
CA MET F 1 72.43 2.31 -27.76
C MET F 1 71.18 3.14 -28.01
N ARG F 2 70.74 3.88 -26.99
CA ARG F 2 69.59 4.76 -27.11
C ARG F 2 70.03 6.22 -26.96
N ARG F 3 69.16 7.11 -27.42
CA ARG F 3 69.41 8.54 -27.39
C ARG F 3 68.74 9.15 -26.16
N TYR F 4 69.52 9.90 -25.39
CA TYR F 4 69.07 10.51 -24.15
C TYR F 4 69.42 11.99 -24.14
N GLU F 5 68.86 12.69 -23.16
CA GLU F 5 69.14 14.10 -22.91
C GLU F 5 69.50 14.27 -21.44
N VAL F 6 70.58 14.98 -21.17
CA VAL F 6 71.12 15.17 -19.83
C VAL F 6 71.00 16.64 -19.47
N ASN F 7 70.29 16.93 -18.38
CA ASN F 7 70.19 18.26 -17.81
C ASN F 7 71.00 18.30 -16.52
N ILE F 8 71.93 19.25 -16.45
CA ILE F 8 72.84 19.37 -15.32
C ILE F 8 72.77 20.81 -14.81
N VAL F 9 72.27 20.99 -13.59
CA VAL F 9 72.23 22.28 -12.93
C VAL F 9 73.29 22.26 -11.84
N LEU F 10 74.23 23.19 -11.91
CA LEU F 10 75.33 23.25 -10.95
C LEU F 10 75.44 24.67 -10.40
N ASN F 11 76.44 24.85 -9.52
CA ASN F 11 76.61 26.08 -8.76
C ASN F 11 76.90 27.26 -9.69
N PRO F 12 76.07 28.30 -9.68
CA PRO F 12 76.34 29.47 -10.52
C PRO F 12 77.46 30.36 -10.00
N ASN F 13 77.93 30.14 -8.77
CA ASN F 13 78.97 30.97 -8.18
C ASN F 13 80.38 30.49 -8.50
N LEU F 14 80.51 29.49 -9.37
CA LEU F 14 81.82 29.00 -9.75
C LEU F 14 82.52 29.97 -10.71
N ASP F 15 83.82 30.15 -10.51
CA ASP F 15 84.60 30.94 -11.45
C ASP F 15 84.87 30.12 -12.71
N GLN F 16 85.61 30.72 -13.65
CA GLN F 16 85.83 30.05 -14.94
C GLN F 16 86.69 28.80 -14.78
N SER F 17 87.65 28.81 -13.85
CA SER F 17 88.49 27.64 -13.66
C SER F 17 87.72 26.49 -13.02
N GLN F 18 86.93 26.79 -11.99
CA GLN F 18 86.13 25.75 -11.34
C GLN F 18 85.06 25.21 -12.28
N LEU F 19 84.44 26.09 -13.07
CA LEU F 19 83.47 25.64 -14.05
C LEU F 19 84.13 24.77 -15.12
N ALA F 20 85.33 25.16 -15.55
CA ALA F 20 86.06 24.34 -16.52
C ALA F 20 86.40 22.98 -15.93
N LEU F 21 86.75 22.93 -14.65
CA LEU F 21 87.05 21.65 -14.01
C LEU F 21 85.81 20.78 -13.92
N GLU F 22 84.67 21.37 -13.55
CA GLU F 22 83.43 20.59 -13.46
C GLU F 22 83.02 20.05 -14.84
N LYS F 23 83.12 20.89 -15.87
CA LYS F 23 82.79 20.42 -17.21
C LYS F 23 83.80 19.39 -17.72
N GLU F 24 85.06 19.51 -17.30
CA GLU F 24 86.06 18.50 -17.64
C GLU F 24 85.70 17.16 -17.02
N ILE F 25 85.29 17.17 -15.75
CA ILE F 25 84.89 15.92 -15.11
C ILE F 25 83.63 15.37 -15.76
N ILE F 26 82.72 16.25 -16.18
CA ILE F 26 81.51 15.79 -16.87
C ILE F 26 81.86 15.10 -18.19
N GLN F 27 82.74 15.73 -18.97
CA GLN F 27 83.15 15.14 -20.25
C GLN F 27 83.89 13.83 -20.05
N ARG F 28 84.76 13.78 -19.03
CA ARG F 28 85.51 12.56 -18.76
C ARG F 28 84.59 11.44 -18.33
N ALA F 29 83.58 11.74 -17.50
CA ALA F 29 82.61 10.73 -17.09
C ALA F 29 81.75 10.27 -18.27
N LEU F 30 81.42 11.19 -19.19
CA LEU F 30 80.69 10.80 -20.38
C LEU F 30 81.52 9.86 -21.25
N GLU F 31 82.82 10.13 -21.37
CA GLU F 31 83.69 9.23 -22.12
C GLU F 31 83.85 7.89 -21.41
N ASN F 32 83.86 7.89 -20.08
CA ASN F 32 84.06 6.66 -19.33
C ASN F 32 82.87 5.71 -19.43
N TYR F 33 81.71 6.19 -19.86
CA TYR F 33 80.53 5.35 -20.03
C TYR F 33 80.10 5.24 -21.49
N GLY F 34 80.92 5.71 -22.43
CA GLY F 34 80.58 5.62 -23.84
C GLY F 34 79.34 6.38 -24.23
N ALA F 35 79.33 7.68 -23.98
CA ALA F 35 78.18 8.55 -24.29
C ALA F 35 78.59 9.48 -25.42
N ARG F 36 78.26 9.10 -26.66
CA ARG F 36 78.58 9.93 -27.81
C ARG F 36 77.68 11.16 -27.83
N VAL F 37 78.29 12.34 -27.83
CA VAL F 37 77.55 13.60 -27.76
C VAL F 37 77.20 14.02 -29.18
N GLU F 38 75.94 14.43 -29.38
CA GLU F 38 75.49 14.91 -30.68
C GLU F 38 75.41 16.44 -30.74
N LYS F 39 74.95 17.09 -29.68
CA LYS F 39 74.94 18.54 -29.60
C LYS F 39 74.91 18.95 -28.14
N VAL F 40 75.10 20.25 -27.91
CA VAL F 40 75.13 20.80 -26.56
C VAL F 40 74.52 22.19 -26.59
N GLU F 41 73.82 22.55 -25.52
CA GLU F 41 73.24 23.88 -25.35
C GLU F 41 73.55 24.35 -23.92
N GLU F 42 74.51 25.25 -23.80
CA GLU F 42 74.90 25.81 -22.51
C GLU F 42 74.11 27.08 -22.28
N LEU F 43 73.04 26.97 -21.47
CA LEU F 43 72.24 28.15 -21.16
C LEU F 43 72.89 28.97 -20.05
N GLY F 44 73.54 28.32 -19.09
CA GLY F 44 74.25 29.06 -18.06
C GLY F 44 73.35 29.47 -16.90
N LEU F 45 73.72 30.56 -16.24
CA LEU F 45 73.02 30.96 -15.03
C LEU F 45 71.62 31.45 -15.37
N ARG F 46 70.63 30.90 -14.66
CA ARG F 46 69.24 31.31 -14.81
C ARG F 46 68.57 31.33 -13.46
N ARG F 47 67.49 32.12 -13.38
CA ARG F 47 66.77 32.33 -12.14
C ARG F 47 65.87 31.15 -11.85
N LEU F 48 66.08 30.50 -10.71
CA LEU F 48 65.26 29.36 -10.32
C LEU F 48 63.90 29.82 -9.79
N ALA F 49 62.93 28.91 -9.85
CA ALA F 49 61.62 29.19 -9.29
C ALA F 49 61.57 29.00 -7.78
N TYR F 50 62.54 28.29 -7.21
CA TYR F 50 62.65 28.06 -5.79
C TYR F 50 64.11 27.82 -5.47
N PRO F 51 64.56 28.18 -4.26
CA PRO F 51 65.98 28.03 -3.93
C PRO F 51 66.42 26.58 -3.95
N ILE F 52 67.49 26.32 -4.71
CA ILE F 52 68.13 25.01 -4.75
C ILE F 52 69.53 25.16 -4.18
N ALA F 53 69.83 24.38 -3.14
CA ALA F 53 71.10 24.47 -2.42
C ALA F 53 71.33 25.89 -1.91
N LYS F 54 70.27 26.49 -1.36
CA LYS F 54 70.29 27.83 -0.76
C LYS F 54 70.69 28.91 -1.77
N ASP F 55 70.49 28.65 -3.06
CA ASP F 55 70.89 29.59 -4.10
C ASP F 55 69.69 29.86 -5.01
N PRO F 56 69.30 31.12 -5.22
CA PRO F 56 68.14 31.42 -6.06
C PRO F 56 68.38 31.25 -7.55
N GLN F 57 69.61 30.97 -7.97
CA GLN F 57 69.94 30.79 -9.37
C GLN F 57 70.69 29.47 -9.57
N GLY F 58 70.82 29.08 -10.83
CA GLY F 58 71.56 27.86 -11.15
C GLY F 58 72.15 27.88 -12.54
N TYR F 59 73.32 27.26 -12.72
CA TYR F 59 73.96 27.22 -14.03
C TYR F 59 73.53 25.95 -14.75
N PHE F 60 72.90 26.11 -15.91
CA PHE F 60 72.26 25.03 -16.64
C PHE F 60 73.14 24.59 -17.81
N LEU F 61 73.24 23.26 -17.97
CA LEU F 61 73.89 22.61 -19.09
C LEU F 61 72.98 21.51 -19.62
N TRP F 62 73.02 21.30 -20.93
CA TRP F 62 72.17 20.32 -21.58
C TRP F 62 72.97 19.60 -22.65
N TYR F 63 72.87 18.27 -22.67
CA TYR F 63 73.63 17.43 -23.60
C TYR F 63 72.69 16.39 -24.21
N GLN F 64 72.50 16.46 -25.52
CA GLN F 64 71.85 15.37 -26.26
C GLN F 64 72.92 14.36 -26.64
N VAL F 65 72.79 13.13 -26.13
CA VAL F 65 73.82 12.11 -26.30
C VAL F 65 73.15 10.80 -26.71
N GLU F 66 74.00 9.82 -27.01
CA GLU F 66 73.58 8.46 -27.34
C GLU F 66 74.54 7.51 -26.64
N MET F 67 73.99 6.56 -25.88
CA MET F 67 74.81 5.71 -25.05
C MET F 67 74.09 4.39 -24.83
N PRO F 68 74.81 3.36 -24.37
CA PRO F 68 74.13 2.11 -23.99
C PRO F 68 73.22 2.32 -22.81
N GLU F 69 72.07 1.63 -22.83
CA GLU F 69 71.04 1.85 -21.82
C GLU F 69 71.47 1.29 -20.47
N ASP F 70 72.12 0.13 -20.47
CA ASP F 70 72.34 -0.64 -19.25
C ASP F 70 73.08 0.16 -18.17
N ARG F 71 73.87 1.16 -18.57
CA ARG F 71 74.66 1.93 -17.63
C ARG F 71 74.16 3.36 -17.44
N VAL F 72 73.02 3.73 -18.04
CA VAL F 72 72.54 5.10 -17.95
C VAL F 72 72.40 5.52 -16.49
N ASN F 73 71.62 4.75 -15.71
CA ASN F 73 71.55 4.99 -14.28
C ASN F 73 72.93 5.01 -13.66
N ASP F 74 73.77 4.02 -13.99
CA ASP F 74 75.12 3.94 -13.45
C ASP F 74 75.93 5.17 -13.79
N LEU F 75 75.60 5.87 -14.87
CA LEU F 75 76.27 7.12 -15.19
C LEU F 75 75.76 8.27 -14.34
N ALA F 76 74.44 8.33 -14.13
CA ALA F 76 73.86 9.44 -13.37
C ALA F 76 74.47 9.53 -11.98
N ARG F 77 74.60 8.39 -11.30
CA ARG F 77 75.27 8.34 -10.00
C ARG F 77 76.64 9.02 -10.07
N GLU F 78 77.43 8.68 -11.09
CA GLU F 78 78.77 9.24 -11.22
C GLU F 78 78.73 10.76 -11.35
N LEU F 79 77.63 11.31 -11.89
CA LEU F 79 77.51 12.76 -12.02
C LEU F 79 77.03 13.44 -10.75
N ARG F 80 76.55 12.69 -9.76
CA ARG F 80 76.05 13.26 -8.52
C ARG F 80 77.10 13.33 -7.42
N ILE F 81 78.31 12.84 -7.68
CA ILE F 81 79.35 12.84 -6.65
C ILE F 81 79.85 14.25 -6.39
N ARG F 82 80.00 15.06 -7.44
CA ARG F 82 80.50 16.40 -7.29
C ARG F 82 79.52 17.26 -6.49
N ASP F 83 80.03 17.92 -5.45
CA ASP F 83 79.18 18.78 -4.63
C ASP F 83 78.70 19.99 -5.41
N ASN F 84 79.51 20.51 -6.34
CA ASN F 84 79.08 21.64 -7.15
C ASN F 84 77.92 21.26 -8.06
N VAL F 85 77.84 19.99 -8.47
CA VAL F 85 76.71 19.51 -9.26
C VAL F 85 75.56 19.21 -8.31
N ARG F 86 74.43 19.88 -8.53
CA ARG F 86 73.29 19.78 -7.61
C ARG F 86 72.02 19.26 -8.24
N ARG F 87 71.92 19.19 -9.57
CA ARG F 87 70.76 18.62 -10.24
C ARG F 87 71.21 17.86 -11.48
N VAL F 88 70.82 16.59 -11.58
CA VAL F 88 71.11 15.77 -12.74
C VAL F 88 69.83 15.03 -13.12
N MET F 89 69.31 15.30 -14.31
CA MET F 89 68.13 14.61 -14.81
C MET F 89 68.38 14.11 -16.22
N VAL F 90 68.31 12.80 -16.42
CA VAL F 90 68.47 12.18 -17.73
C VAL F 90 67.10 11.70 -18.18
N VAL F 91 66.72 12.07 -19.40
CA VAL F 91 65.40 11.76 -19.96
C VAL F 91 65.58 11.17 -21.34
N LYS F 92 64.90 10.07 -21.62
CA LYS F 92 64.91 9.49 -22.96
C LYS F 92 64.40 10.51 -23.98
N SER F 93 65.09 10.60 -25.11
CA SER F 93 64.70 11.54 -26.15
C SER F 93 63.35 11.16 -26.73
N GLN F 94 62.55 12.17 -27.05
CA GLN F 94 61.22 11.97 -27.62
C GLN F 94 60.99 12.98 -28.72
N GLU F 95 60.24 12.57 -29.74
CA GLU F 95 59.88 13.48 -30.81
C GLU F 95 58.95 14.57 -30.28
N PRO F 96 59.06 15.79 -30.79
CA PRO F 96 58.24 16.89 -30.27
C PRO F 96 56.76 16.68 -30.58
N PHE F 97 55.91 16.91 -29.57
CA PHE F 97 54.47 16.82 -29.72
C PHE F 97 53.92 18.25 -29.76
N LEU F 98 53.72 18.76 -30.96
CA LEU F 98 53.27 20.13 -31.12
C LEU F 98 51.77 20.24 -30.90
N ALA F 99 51.35 21.37 -30.32
CA ALA F 99 49.95 21.65 -30.06
C ALA F 99 49.54 22.94 -30.75
N ASN F 100 48.24 23.06 -31.01
CA ASN F 100 47.67 24.22 -31.71
C ASN F 100 48.33 24.41 -33.07
N ALA F 101 48.49 23.32 -33.80
CA ALA F 101 49.13 23.34 -35.10
C ALA F 101 48.10 23.42 -36.22
N ALA G 1 2.59 37.80 13.84
CA ALA G 1 2.15 37.95 12.45
C ALA G 1 2.97 37.08 11.52
N ARG G 2 2.34 36.04 10.97
CA ARG G 2 3.00 35.12 10.05
C ARG G 2 2.74 35.46 8.59
N ARG G 3 1.47 35.59 8.20
CA ARG G 3 1.13 35.84 6.81
C ARG G 3 1.42 37.29 6.42
N ARG G 4 0.81 38.24 7.14
CA ARG G 4 0.94 39.65 6.81
C ARG G 4 2.13 40.26 7.55
N ARG G 5 2.27 41.58 7.45
CA ARG G 5 3.35 42.31 8.11
C ARG G 5 2.88 43.05 9.35
N ALA G 6 1.58 43.03 9.65
CA ALA G 6 1.01 43.64 10.85
C ALA G 6 1.31 45.14 10.90
N GLU G 7 0.71 45.87 9.96
CA GLU G 7 0.86 47.31 9.89
C GLU G 7 0.52 47.97 11.22
N VAL G 8 1.18 49.07 11.51
CA VAL G 8 1.09 49.73 12.81
C VAL G 8 -0.21 50.54 12.89
N ARG G 9 -0.77 50.59 14.09
CA ARG G 9 -1.97 51.39 14.32
C ARG G 9 -1.64 52.87 14.32
N GLN G 10 -2.53 53.66 13.72
CA GLN G 10 -2.40 55.11 13.70
C GLN G 10 -3.27 55.70 14.80
N LEU G 11 -2.64 56.36 15.76
CA LEU G 11 -3.35 56.89 16.91
C LEU G 11 -3.93 58.27 16.61
N GLN G 12 -4.97 58.63 17.34
CA GLN G 12 -5.54 59.96 17.20
C GLN G 12 -4.61 60.99 17.83
N PRO G 13 -4.47 62.17 17.24
CA PRO G 13 -3.60 63.19 17.81
C PRO G 13 -4.14 63.69 19.14
N ASP G 14 -3.27 64.37 19.89
CA ASP G 14 -3.62 64.85 21.21
C ASP G 14 -4.61 66.00 21.12
N LEU G 15 -5.51 66.06 22.11
CA LEU G 15 -6.51 67.11 22.17
C LEU G 15 -5.97 68.45 22.66
N VAL G 16 -4.70 68.50 23.08
CA VAL G 16 -4.11 69.72 23.60
C VAL G 16 -2.93 70.14 22.73
N TYR G 17 -1.92 69.28 22.62
CA TYR G 17 -0.73 69.58 21.85
C TYR G 17 -0.76 69.01 20.43
N GLY G 18 -1.75 68.19 20.10
CA GLY G 18 -1.85 67.64 18.76
C GLY G 18 -0.76 66.67 18.39
N ASP G 19 -0.19 65.98 19.36
CA ASP G 19 0.89 65.02 19.13
C ASP G 19 0.39 63.61 19.40
N VAL G 20 0.65 62.70 18.45
CA VAL G 20 0.25 61.31 18.63
C VAL G 20 1.11 60.63 19.68
N LEU G 21 2.35 61.10 19.87
CA LEU G 21 3.21 60.55 20.92
C LEU G 21 2.62 60.81 22.30
N VAL G 22 2.02 61.98 22.49
CA VAL G 22 1.34 62.28 23.75
C VAL G 22 0.18 61.31 23.97
N THR G 23 -0.56 61.00 22.91
CA THR G 23 -1.67 60.06 23.03
C THR G 23 -1.16 58.66 23.35
N ALA G 24 -0.03 58.26 22.78
CA ALA G 24 0.55 56.95 23.09
C ALA G 24 0.99 56.90 24.55
N PHE G 25 1.56 57.98 25.06
CA PHE G 25 1.93 58.04 26.48
C PHE G 25 0.69 57.98 27.36
N ILE G 26 -0.39 58.65 26.94
CA ILE G 26 -1.67 58.55 27.65
C ILE G 26 -2.11 57.09 27.72
N ASN G 27 -2.04 56.39 26.59
CA ASN G 27 -2.48 55.00 26.54
C ASN G 27 -1.60 54.12 27.43
N LYS G 28 -0.30 54.40 27.49
CA LYS G 28 0.56 53.65 28.40
C LYS G 28 0.25 53.98 29.87
N ILE G 29 -0.24 55.18 30.14
CA ILE G 29 -0.69 55.51 31.49
C ILE G 29 -2.05 54.89 31.77
N MET G 30 -2.87 54.70 30.73
CA MET G 30 -4.23 54.21 30.91
C MET G 30 -4.25 52.88 31.63
N ARG G 31 -5.26 52.69 32.48
CA ARG G 31 -5.38 51.50 33.30
C ARG G 31 -6.85 51.10 33.36
N ASP G 32 -7.12 49.82 33.07
CA ASP G 32 -8.47 49.27 33.04
C ASP G 32 -9.38 50.01 32.05
N GLY G 33 -8.81 50.67 31.05
CA GLY G 33 -9.59 51.41 30.09
C GLY G 33 -10.07 52.76 30.56
N LYS G 34 -9.41 53.36 31.55
CA LYS G 34 -9.80 54.67 32.07
C LYS G 34 -9.00 55.74 31.32
N LYS G 35 -9.58 56.25 30.24
CA LYS G 35 -8.90 57.25 29.43
C LYS G 35 -8.90 58.61 30.13
N ASN G 36 -10.05 59.00 30.69
CA ASN G 36 -10.16 60.31 31.31
C ASN G 36 -9.22 60.43 32.52
N LEU G 37 -9.06 59.34 33.28
CA LEU G 37 -8.17 59.37 34.43
C LEU G 37 -6.72 59.55 34.01
N ALA G 38 -6.29 58.82 32.98
CA ALA G 38 -4.92 58.96 32.48
C ALA G 38 -4.69 60.35 31.90
N ALA G 39 -5.70 60.89 31.22
CA ALA G 39 -5.58 62.24 30.68
C ALA G 39 -5.45 63.28 31.80
N ARG G 40 -6.26 63.12 32.86
CA ARG G 40 -6.11 63.96 34.04
C ARG G 40 -4.69 63.87 34.60
N ILE G 41 -4.19 62.65 34.77
CA ILE G 41 -2.85 62.45 35.33
C ILE G 41 -1.82 63.19 34.49
N PHE G 42 -1.84 62.99 33.17
CA PHE G 42 -0.80 63.55 32.33
C PHE G 42 -0.91 65.06 32.22
N TYR G 43 -2.12 65.60 32.12
CA TYR G 43 -2.26 67.04 31.97
C TYR G 43 -1.97 67.77 33.27
N ASP G 44 -2.32 67.17 34.41
CA ASP G 44 -1.90 67.74 35.68
C ASP G 44 -0.38 67.64 35.85
N ALA G 45 0.22 66.56 35.35
CA ALA G 45 1.68 66.48 35.35
C ALA G 45 2.29 67.58 34.49
N CYS G 46 1.65 67.91 33.37
CA CYS G 46 2.12 69.02 32.55
C CYS G 46 1.97 70.35 33.27
N LYS G 47 0.88 70.52 34.02
CA LYS G 47 0.75 71.71 34.85
C LYS G 47 1.83 71.75 35.93
N ILE G 48 2.31 70.58 36.35
CA ILE G 48 3.43 70.53 37.29
C ILE G 48 4.75 70.85 36.58
N ILE G 49 4.87 70.51 35.29
CA ILE G 49 6.10 70.81 34.55
C ILE G 49 6.34 72.32 34.53
N GLN G 50 5.34 73.09 34.14
CA GLN G 50 5.40 74.53 34.32
C GLN G 50 5.27 74.86 35.81
N GLU G 51 5.70 76.08 36.17
CA GLU G 51 5.80 76.57 37.54
C GLU G 51 6.90 75.83 38.30
N LYS G 52 7.47 74.81 37.67
CA LYS G 52 8.72 74.18 38.08
C LYS G 52 9.82 74.34 37.04
N THR G 53 9.46 74.50 35.77
CA THR G 53 10.41 74.73 34.68
C THR G 53 9.79 75.74 33.73
N GLY G 54 10.58 76.74 33.33
CA GLY G 54 10.10 77.73 32.39
C GLY G 54 9.82 77.20 31.00
N GLN G 55 10.23 75.98 30.70
CA GLN G 55 10.04 75.39 29.39
C GLN G 55 8.64 74.78 29.26
N GLU G 56 8.14 74.76 28.03
CA GLU G 56 6.85 74.13 27.78
C GLU G 56 6.95 72.64 28.03
N PRO G 57 5.92 72.02 28.63
CA PRO G 57 6.00 70.59 28.95
C PRO G 57 6.11 69.69 27.73
N LEU G 58 5.71 70.16 26.55
CA LEU G 58 5.86 69.35 25.34
C LEU G 58 7.32 69.13 24.99
N LYS G 59 8.13 70.19 25.07
CA LYS G 59 9.56 70.06 24.79
C LYS G 59 10.24 69.15 25.80
N VAL G 60 9.95 69.34 27.09
CA VAL G 60 10.51 68.48 28.13
C VAL G 60 10.12 67.03 27.88
N PHE G 61 8.86 66.80 27.53
CA PHE G 61 8.37 65.44 27.27
C PHE G 61 9.12 64.81 26.11
N LYS G 62 9.21 65.51 24.98
CA LYS G 62 9.87 64.95 23.81
C LYS G 62 11.36 64.71 24.07
N GLN G 63 12.02 65.63 24.79
CA GLN G 63 13.43 65.47 25.08
C GLN G 63 13.67 64.30 26.03
N ALA G 64 12.79 64.11 27.00
CA ALA G 64 12.91 62.95 27.88
C ALA G 64 12.73 61.65 27.10
N VAL G 65 11.70 61.59 26.25
CA VAL G 65 11.47 60.40 25.44
C VAL G 65 12.69 60.12 24.56
N GLU G 66 13.31 61.17 24.01
CA GLU G 66 14.51 60.98 23.21
C GLU G 66 15.68 60.50 24.05
N ASN G 67 15.77 60.95 25.30
CA ASN G 67 16.84 60.50 26.18
C ASN G 67 16.65 59.06 26.65
N VAL G 68 15.42 58.56 26.65
CA VAL G 68 15.18 57.18 27.09
C VAL G 68 15.35 56.16 25.96
N LYS G 69 15.19 56.58 24.70
CA LYS G 69 15.28 55.66 23.57
C LYS G 69 16.61 54.92 23.53
N PRO G 70 16.62 53.58 23.58
CA PRO G 70 17.87 52.83 23.47
C PRO G 70 18.27 52.59 22.03
N ARG G 71 19.58 52.61 21.78
CA ARG G 71 20.11 52.42 20.45
C ARG G 71 20.29 50.95 20.09
N MET G 72 20.79 50.15 21.02
CA MET G 72 20.98 48.72 20.81
C MET G 72 20.45 47.95 22.01
N GLU G 73 19.81 46.82 21.74
CA GLU G 73 19.33 45.92 22.77
C GLU G 73 19.99 44.55 22.59
N VAL G 74 19.56 43.59 23.40
CA VAL G 74 20.13 42.25 23.38
C VAL G 74 19.00 41.24 23.43
N ARG G 75 18.91 40.38 22.42
CA ARG G 75 17.90 39.34 22.36
C ARG G 75 18.55 37.97 22.51
N SER G 76 17.80 37.01 23.04
CA SER G 76 18.33 35.68 23.23
C SER G 76 18.27 34.87 21.94
N ARG G 77 19.21 33.94 21.80
CA ARG G 77 19.25 33.08 20.62
C ARG G 77 19.79 31.71 21.01
N ARG G 78 19.15 30.67 20.49
CA ARG G 78 19.55 29.28 20.76
C ARG G 78 20.45 28.81 19.62
N VAL G 79 21.74 28.67 19.91
CA VAL G 79 22.73 28.25 18.93
C VAL G 79 23.54 27.10 19.53
N GLY G 80 23.74 26.05 18.75
CA GLY G 80 24.54 24.92 19.20
C GLY G 80 24.04 24.24 20.44
N GLY G 81 22.77 24.43 20.78
CA GLY G 81 22.21 23.90 22.00
C GLY G 81 22.22 24.85 23.17
N ALA G 82 23.08 25.86 23.15
CA ALA G 82 23.18 26.83 24.23
C ALA G 82 22.36 28.08 23.90
N ASN G 83 22.19 28.93 24.91
CA ASN G 83 21.44 30.17 24.78
C ASN G 83 22.39 31.33 25.00
N TYR G 84 22.45 32.24 24.02
CA TYR G 84 23.36 33.38 24.05
C TYR G 84 22.59 34.68 24.00
N GLN G 85 23.17 35.70 24.62
CA GLN G 85 22.62 37.05 24.65
C GLN G 85 23.25 37.85 23.52
N VAL G 86 22.59 37.85 22.37
CA VAL G 86 23.13 38.46 21.16
C VAL G 86 22.75 39.94 21.09
N PRO G 87 23.71 40.83 20.88
CA PRO G 87 23.37 42.26 20.72
C PRO G 87 22.94 42.57 19.30
N MET G 88 22.02 43.51 19.19
CA MET G 88 21.50 43.94 17.89
C MET G 88 20.80 45.29 18.05
N GLU G 89 20.69 46.00 16.93
CA GLU G 89 20.10 47.32 16.94
C GLU G 89 18.60 47.24 17.23
N VAL G 90 17.98 48.40 17.40
CA VAL G 90 16.58 48.52 17.76
C VAL G 90 15.88 49.39 16.71
N SER G 91 14.76 48.88 16.19
CA SER G 91 13.96 49.66 15.25
C SER G 91 13.36 50.88 15.97
N PRO G 92 13.06 51.95 15.23
CA PRO G 92 12.55 53.16 15.89
C PRO G 92 11.23 52.95 16.63
N ARG G 93 10.33 52.13 16.08
CA ARG G 93 9.06 51.87 16.76
C ARG G 93 9.29 51.18 18.10
N ARG G 94 10.16 50.18 18.14
CA ARG G 94 10.47 49.54 19.41
C ARG G 94 11.18 50.50 20.35
N GLN G 95 12.01 51.39 19.82
CA GLN G 95 12.61 52.44 20.65
C GLN G 95 11.54 53.26 21.35
N GLN G 96 10.55 53.74 20.59
CA GLN G 96 9.48 54.55 21.17
C GLN G 96 8.66 53.75 22.18
N SER G 97 8.32 52.50 21.84
CA SER G 97 7.51 51.68 22.73
C SER G 97 8.23 51.43 24.05
N LEU G 98 9.49 50.99 23.99
CA LEU G 98 10.26 50.75 25.20
C LEU G 98 10.47 52.04 25.98
N ALA G 99 10.65 53.16 25.29
CA ALA G 99 10.84 54.43 25.98
C ALA G 99 9.61 54.81 26.79
N LEU G 100 8.43 54.74 26.16
CA LEU G 100 7.21 55.10 26.87
C LEU G 100 6.91 54.13 28.01
N ARG G 101 7.09 52.82 27.77
CA ARG G 101 6.84 51.84 28.80
C ARG G 101 7.79 52.04 29.98
N TRP G 102 9.07 52.29 29.70
CA TRP G 102 10.03 52.52 30.77
C TRP G 102 9.72 53.81 31.51
N LEU G 103 9.26 54.84 30.81
CA LEU G 103 8.90 56.09 31.47
C LEU G 103 7.76 55.86 32.46
N VAL G 104 6.70 55.17 32.03
CA VAL G 104 5.57 54.92 32.93
C VAL G 104 6.00 54.05 34.10
N GLN G 105 6.71 52.95 33.82
CA GLN G 105 7.08 52.01 34.87
C GLN G 105 8.03 52.65 35.88
N ALA G 106 8.95 53.49 35.41
CA ALA G 106 9.87 54.16 36.32
C ALA G 106 9.16 55.28 37.09
N ALA G 107 8.17 55.92 36.48
CA ALA G 107 7.40 56.93 37.21
C ALA G 107 6.63 56.30 38.35
N ASN G 108 6.01 55.14 38.13
CA ASN G 108 5.27 54.49 39.20
C ASN G 108 6.17 53.86 40.26
N GLN G 109 7.48 53.82 40.03
CA GLN G 109 8.44 53.39 41.05
C GLN G 109 8.86 54.52 41.97
N ARG G 110 8.48 55.75 41.66
CA ARG G 110 8.85 56.90 42.47
C ARG G 110 8.11 56.89 43.80
N PRO G 111 8.67 57.53 44.84
CA PRO G 111 7.98 57.63 46.12
C PRO G 111 6.96 58.76 46.21
N GLU G 112 6.67 59.44 45.10
CA GLU G 112 5.73 60.56 45.14
C GLU G 112 4.33 60.06 45.49
N ARG G 113 3.53 60.94 46.09
CA ARG G 113 2.24 60.54 46.62
C ARG G 113 1.25 60.21 45.50
N ARG G 114 0.92 61.21 44.68
CA ARG G 114 -0.06 61.02 43.62
C ARG G 114 0.63 60.83 42.27
N ALA G 115 -0.17 60.39 41.29
CA ALA G 115 0.39 59.94 40.02
C ALA G 115 0.93 61.11 39.19
N ALA G 116 0.24 62.25 39.23
CA ALA G 116 0.68 63.40 38.43
C ALA G 116 2.08 63.83 38.84
N VAL G 117 2.36 63.88 40.15
CA VAL G 117 3.68 64.26 40.62
C VAL G 117 4.72 63.24 40.18
N ARG G 118 4.37 61.95 40.23
CA ARG G 118 5.29 60.90 39.80
C ARG G 118 5.66 61.07 38.33
N ILE G 119 4.65 61.23 37.47
CA ILE G 119 4.91 61.34 36.04
C ILE G 119 5.69 62.61 35.73
N ALA G 120 5.35 63.73 36.40
CA ALA G 120 6.05 64.99 36.15
C ALA G 120 7.50 64.89 36.56
N HIS G 121 7.77 64.35 37.76
CA HIS G 121 9.15 64.24 38.23
C HIS G 121 9.95 63.27 37.35
N GLU G 122 9.34 62.17 36.92
CA GLU G 122 10.05 61.25 36.05
C GLU G 122 10.36 61.88 34.70
N LEU G 123 9.40 62.63 34.14
CA LEU G 123 9.63 63.31 32.88
C LEU G 123 10.76 64.33 33.00
N MET G 124 10.77 65.11 34.09
CA MET G 124 11.82 66.11 34.27
C MET G 124 13.19 65.46 34.43
N ASP G 125 13.28 64.46 35.32
CA ASP G 125 14.56 63.80 35.56
C ASP G 125 15.07 63.08 34.32
N ALA G 126 14.17 62.51 33.52
CA ALA G 126 14.59 61.88 32.29
C ALA G 126 15.01 62.91 31.24
N ALA G 127 14.35 64.07 31.23
CA ALA G 127 14.74 65.13 30.31
C ALA G 127 16.13 65.66 30.63
N GLU G 128 16.47 65.77 31.91
CA GLU G 128 17.81 66.20 32.28
C GLU G 128 18.81 65.06 32.36
N GLY G 129 18.40 63.84 32.05
CA GLY G 129 19.31 62.74 31.88
C GLY G 129 19.53 61.83 33.08
N LYS G 130 18.53 61.67 33.93
CA LYS G 130 18.63 60.77 35.08
C LYS G 130 17.28 60.11 35.30
N GLY G 131 17.15 59.38 36.41
CA GLY G 131 15.93 58.65 36.71
C GLY G 131 16.04 57.19 36.36
N GLY G 132 14.96 56.47 36.70
CA GLY G 132 14.94 55.02 36.49
C GLY G 132 14.92 54.63 35.02
N ALA G 133 14.28 55.44 34.17
CA ALA G 133 14.20 55.10 32.75
C ALA G 133 15.56 55.21 32.08
N VAL G 134 16.32 56.25 32.40
CA VAL G 134 17.67 56.37 31.86
C VAL G 134 18.56 55.26 32.41
N LYS G 135 18.33 54.85 33.66
CA LYS G 135 19.05 53.69 34.20
C LYS G 135 18.73 52.42 33.42
N LYS G 136 17.46 52.25 33.03
CA LYS G 136 17.08 51.10 32.22
C LYS G 136 17.73 51.15 30.85
N LYS G 137 17.76 52.33 30.22
CA LYS G 137 18.44 52.48 28.94
C LYS G 137 19.92 52.13 29.07
N GLU G 138 20.56 52.62 30.12
CA GLU G 138 21.99 52.34 30.32
C GLU G 138 22.23 50.85 30.57
N ASP G 139 21.33 50.20 31.31
CA ASP G 139 21.49 48.78 31.56
C ASP G 139 21.31 47.96 30.28
N VAL G 140 20.36 48.36 29.44
CA VAL G 140 20.15 47.65 28.18
C VAL G 140 21.34 47.84 27.25
N GLU G 141 21.83 49.08 27.13
CA GLU G 141 22.99 49.37 26.31
C GLU G 141 24.30 48.91 26.95
N ARG G 142 24.25 48.44 28.19
CA ARG G 142 25.38 47.75 28.81
C ARG G 142 25.37 46.27 28.50
N MET G 143 24.23 45.61 28.73
CA MET G 143 24.07 44.21 28.33
C MET G 143 24.39 44.03 26.85
N ALA G 144 23.68 44.74 25.98
CA ALA G 144 24.14 44.89 24.61
C ALA G 144 25.45 45.67 24.62
N GLU G 145 26.37 45.28 23.74
CA GLU G 145 27.71 45.86 23.63
C GLU G 145 28.57 45.42 24.81
N ALA G 146 27.98 44.74 25.80
CA ALA G 146 28.76 43.96 26.75
C ALA G 146 29.00 42.54 26.28
N ASN G 147 28.21 42.09 25.31
CA ASN G 147 28.37 40.79 24.66
C ASN G 147 28.71 40.98 23.19
N ARG G 148 29.62 41.91 22.90
CA ARG G 148 30.02 42.18 21.51
C ARG G 148 30.52 40.93 20.81
N ALA G 149 31.08 39.97 21.56
CA ALA G 149 31.58 38.73 20.98
C ALA G 149 30.50 37.93 20.24
N TYR G 150 29.23 38.27 20.41
CA TYR G 150 28.14 37.56 19.74
C TYR G 150 27.53 38.39 18.61
N ALA G 151 28.22 39.45 18.18
CA ALA G 151 27.66 40.32 17.16
C ALA G 151 27.44 39.60 15.83
N HIS G 152 28.18 38.54 15.58
CA HIS G 152 27.99 37.78 14.34
C HIS G 152 26.77 36.87 14.39
N TYR G 153 26.07 36.80 15.53
CA TYR G 153 24.80 36.10 15.65
C TYR G 153 23.62 37.03 15.43
N ARG G 154 23.80 38.09 14.63
CA ARG G 154 22.80 39.16 14.55
C ARG G 154 21.48 38.64 13.99
N TRP G 155 21.52 38.01 12.83
CA TRP G 155 20.34 37.47 12.14
C TRP G 155 19.29 38.54 11.82
N MET H 1 34.36 -19.70 -32.55
CA MET H 1 33.56 -20.26 -33.64
C MET H 1 32.14 -20.53 -33.18
N LEU H 2 31.31 -21.07 -34.08
CA LEU H 2 29.95 -21.45 -33.76
C LEU H 2 29.93 -22.89 -33.28
N THR H 3 29.34 -23.12 -32.10
CA THR H 3 29.25 -24.47 -31.57
C THR H 3 28.18 -25.28 -32.29
N ASP H 4 27.04 -24.67 -32.58
CA ASP H 4 25.94 -25.33 -33.30
C ASP H 4 25.53 -24.41 -34.45
N PRO H 5 26.09 -24.63 -35.64
CA PRO H 5 25.72 -23.77 -36.78
C PRO H 5 24.25 -23.85 -37.16
N ILE H 6 23.62 -25.01 -37.00
CA ILE H 6 22.21 -25.15 -37.34
C ILE H 6 21.35 -24.32 -36.39
N ALA H 7 21.61 -24.45 -35.08
CA ALA H 7 20.92 -23.62 -34.10
C ALA H 7 21.22 -22.15 -34.31
N ASP H 8 22.44 -21.83 -34.76
CA ASP H 8 22.77 -20.44 -35.09
C ASP H 8 21.89 -19.93 -36.22
N MET H 9 21.68 -20.75 -37.26
CA MET H 9 20.81 -20.33 -38.36
C MET H 9 19.37 -20.18 -37.89
N LEU H 10 18.88 -21.12 -37.07
CA LEU H 10 17.52 -21.02 -36.56
C LEU H 10 17.33 -19.75 -35.74
N THR H 11 18.31 -19.42 -34.91
CA THR H 11 18.22 -18.21 -34.09
C THR H 11 18.34 -16.95 -34.94
N ARG H 12 19.15 -16.99 -36.00
CA ARG H 12 19.20 -15.87 -36.94
C ARG H 12 17.83 -15.63 -37.56
N ILE H 13 17.18 -16.72 -38.00
CA ILE H 13 15.83 -16.58 -38.57
C ILE H 13 14.86 -16.03 -37.54
N ARG H 14 14.94 -16.53 -36.30
CA ARG H 14 14.03 -16.08 -35.25
C ARG H 14 14.21 -14.59 -34.98
N ASN H 15 15.45 -14.16 -34.72
CA ASN H 15 15.72 -12.76 -34.43
C ASN H 15 15.41 -11.86 -35.62
N ALA H 16 15.56 -12.37 -36.85
CA ALA H 16 15.21 -11.58 -38.02
C ALA H 16 13.70 -11.36 -38.10
N THR H 17 12.93 -12.44 -38.02
CA THR H 17 11.48 -12.32 -38.13
C THR H 17 10.89 -11.53 -36.97
N ARG H 18 11.52 -11.59 -35.79
CA ARG H 18 10.96 -10.87 -34.64
C ARG H 18 11.00 -9.35 -34.82
N VAL H 19 11.89 -8.84 -35.68
CA VAL H 19 11.93 -7.43 -35.99
C VAL H 19 11.41 -7.15 -37.40
N TYR H 20 10.83 -8.17 -38.06
CA TYR H 20 10.23 -8.03 -39.39
C TYR H 20 11.27 -7.55 -40.41
N LYS H 21 12.35 -8.32 -40.50
CA LYS H 21 13.40 -8.03 -41.46
C LYS H 21 13.01 -8.51 -42.85
N GLU H 22 13.67 -7.92 -43.86
CA GLU H 22 13.42 -8.34 -45.24
C GLU H 22 14.07 -9.70 -45.51
N SER H 23 15.37 -9.82 -45.23
CA SER H 23 16.08 -11.07 -45.41
C SER H 23 17.20 -11.13 -44.38
N THR H 24 17.76 -12.33 -44.21
CA THR H 24 18.87 -12.51 -43.28
C THR H 24 19.91 -13.43 -43.90
N ASP H 25 21.19 -13.10 -43.68
CA ASP H 25 22.30 -13.87 -44.23
C ASP H 25 22.85 -14.80 -43.18
N VAL H 26 22.99 -16.08 -43.53
CA VAL H 26 23.54 -17.09 -42.63
C VAL H 26 24.74 -17.74 -43.32
N PRO H 27 25.84 -17.98 -42.61
CA PRO H 27 26.98 -18.68 -43.24
C PRO H 27 26.56 -19.98 -43.91
N ALA H 28 26.96 -20.14 -45.16
CA ALA H 28 26.40 -21.17 -46.01
C ALA H 28 27.01 -22.54 -45.71
N SER H 29 26.16 -23.57 -45.79
CA SER H 29 26.59 -24.96 -45.70
C SER H 29 25.51 -25.83 -46.33
N ARG H 30 25.92 -26.98 -46.87
CA ARG H 30 24.99 -27.85 -47.56
C ARG H 30 23.86 -28.32 -46.65
N PHE H 31 24.18 -28.57 -45.37
CA PHE H 31 23.15 -28.99 -44.42
C PHE H 31 22.11 -27.90 -44.22
N LYS H 32 22.57 -26.67 -43.94
CA LYS H 32 21.66 -25.55 -43.78
C LYS H 32 20.82 -25.33 -45.04
N GLU H 33 21.44 -25.48 -46.21
CA GLU H 33 20.71 -25.29 -47.47
C GLU H 33 19.65 -26.36 -47.65
N GLU H 34 19.96 -27.61 -47.27
CA GLU H 34 18.98 -28.67 -47.37
C GLU H 34 17.82 -28.46 -46.41
N ILE H 35 18.09 -27.85 -45.25
CA ILE H 35 17.02 -27.50 -44.32
C ILE H 35 16.16 -26.37 -44.89
N LEU H 36 16.82 -25.35 -45.46
CA LEU H 36 16.10 -24.23 -46.06
C LEU H 36 15.25 -24.67 -47.23
N ARG H 37 15.65 -25.74 -47.92
CA ARG H 37 14.78 -26.32 -48.95
C ARG H 37 13.44 -26.74 -48.37
N ILE H 38 13.47 -27.46 -47.25
CA ILE H 38 12.24 -27.87 -46.57
C ILE H 38 11.46 -26.64 -46.12
N LEU H 39 12.17 -25.64 -45.60
CA LEU H 39 11.51 -24.41 -45.14
C LEU H 39 10.72 -23.76 -46.27
N ALA H 40 11.40 -23.47 -47.39
CA ALA H 40 10.73 -22.82 -48.52
C ALA H 40 9.66 -23.71 -49.12
N ARG H 41 9.83 -25.04 -49.04
CA ARG H 41 8.83 -25.95 -49.55
C ARG H 41 7.56 -25.90 -48.72
N GLU H 42 7.70 -25.75 -47.40
CA GLU H 42 6.57 -25.72 -46.49
C GLU H 42 5.97 -24.32 -46.32
N GLY H 43 6.53 -23.31 -46.99
CA GLY H 43 5.95 -21.99 -46.98
C GLY H 43 6.28 -21.13 -45.78
N PHE H 44 7.22 -21.55 -44.93
CA PHE H 44 7.61 -20.73 -43.80
C PHE H 44 8.43 -19.52 -44.22
N ILE H 45 9.09 -19.59 -45.39
CA ILE H 45 9.85 -18.47 -45.94
C ILE H 45 9.53 -18.34 -47.41
N LYS H 46 9.70 -17.13 -47.94
CA LYS H 46 9.54 -16.91 -49.37
C LYS H 46 10.58 -17.65 -50.18
N GLY H 47 11.70 -18.03 -49.57
CA GLY H 47 12.74 -18.74 -50.26
C GLY H 47 14.13 -18.38 -49.75
N TYR H 48 15.15 -18.93 -50.40
CA TYR H 48 16.54 -18.64 -50.08
C TYR H 48 17.34 -18.54 -51.36
N GLU H 49 18.54 -17.97 -51.24
CA GLU H 49 19.44 -17.95 -52.38
C GLU H 49 20.88 -17.80 -51.90
N ARG H 50 21.79 -18.48 -52.59
CA ARG H 50 23.21 -18.34 -52.31
C ARG H 50 23.67 -16.94 -52.68
N VAL H 51 24.49 -16.34 -51.80
CA VAL H 51 25.04 -15.01 -52.01
C VAL H 51 26.49 -15.03 -51.56
N ASP H 52 27.19 -13.92 -51.83
CA ASP H 52 28.58 -13.77 -51.44
C ASP H 52 28.76 -12.48 -50.67
N VAL H 53 29.29 -12.59 -49.45
CA VAL H 53 29.74 -11.45 -48.69
C VAL H 53 31.24 -11.35 -48.91
N ASP H 54 31.86 -10.27 -48.39
CA ASP H 54 33.13 -9.74 -48.84
C ASP H 54 34.10 -10.79 -49.39
N GLY H 55 34.23 -11.93 -48.71
CA GLY H 55 35.01 -13.02 -49.26
C GLY H 55 34.38 -14.39 -49.19
N LYS H 56 33.26 -14.52 -48.47
CA LYS H 56 32.78 -15.83 -48.09
C LYS H 56 31.33 -16.05 -48.53
N PRO H 57 30.95 -17.30 -48.78
CA PRO H 57 29.58 -17.57 -49.26
C PRO H 57 28.59 -17.63 -48.11
N TYR H 58 27.42 -17.04 -48.34
CA TYR H 58 26.34 -17.00 -47.37
C TYR H 58 25.04 -17.42 -48.05
N LEU H 59 23.98 -17.50 -47.26
CA LEU H 59 22.64 -17.83 -47.73
C LEU H 59 21.69 -16.73 -47.27
N ARG H 60 21.06 -16.05 -48.22
CA ARG H 60 20.03 -15.06 -47.92
C ARG H 60 18.70 -15.78 -47.83
N VAL H 61 18.12 -15.78 -46.63
CA VAL H 61 16.78 -16.29 -46.37
C VAL H 61 15.82 -15.11 -46.43
N TYR H 62 14.85 -15.15 -47.34
CA TYR H 62 13.85 -14.10 -47.46
C TYR H 62 12.64 -14.48 -46.62
N LEU H 63 12.33 -13.67 -45.62
CA LEU H 63 11.33 -14.04 -44.63
C LEU H 63 9.92 -13.75 -45.13
N LYS H 64 8.95 -14.32 -44.44
CA LYS H 64 7.54 -14.27 -44.82
C LYS H 64 6.71 -13.85 -43.63
N TYR H 65 5.73 -12.97 -43.87
CA TYR H 65 4.89 -12.45 -42.80
C TYR H 65 3.45 -12.36 -43.30
N GLY H 66 2.53 -12.29 -42.35
CA GLY H 66 1.12 -12.18 -42.67
C GLY H 66 0.73 -10.78 -43.07
N PRO H 67 -0.57 -10.53 -43.22
CA PRO H 67 -1.03 -9.18 -43.54
C PRO H 67 -0.98 -8.27 -42.34
N ARG H 68 -0.85 -6.97 -42.61
CA ARG H 68 -0.83 -5.98 -41.55
C ARG H 68 -2.14 -5.98 -40.80
N ARG H 69 -2.06 -6.03 -39.46
CA ARG H 69 -3.25 -6.17 -38.63
C ARG H 69 -3.78 -4.80 -38.22
N GLN H 70 -5.04 -4.80 -37.77
CA GLN H 70 -5.71 -3.58 -37.36
C GLN H 70 -5.51 -3.34 -35.87
N GLY H 71 -6.04 -2.22 -35.39
CA GLY H 71 -5.97 -1.87 -33.98
C GLY H 71 -4.56 -1.57 -33.53
N PRO H 72 -4.34 -1.59 -32.21
CA PRO H 72 -2.98 -1.41 -31.68
C PRO H 72 -2.08 -2.56 -32.10
N ASP H 73 -0.78 -2.27 -32.15
CA ASP H 73 0.23 -3.20 -32.61
C ASP H 73 -0.14 -3.72 -34.00
N PRO H 74 -0.03 -2.88 -35.03
CA PRO H 74 -0.38 -3.33 -36.40
C PRO H 74 0.63 -4.29 -37.01
N ARG H 75 1.66 -4.68 -36.26
CA ARG H 75 2.65 -5.60 -36.80
C ARG H 75 1.98 -6.89 -37.25
N PRO H 76 2.31 -7.42 -38.43
CA PRO H 76 1.60 -8.59 -38.94
C PRO H 76 1.90 -9.84 -38.14
N GLU H 77 1.06 -10.84 -38.35
CA GLU H 77 1.25 -12.13 -37.68
C GLU H 77 2.46 -12.84 -38.27
N GLN H 78 3.23 -13.49 -37.41
CA GLN H 78 4.43 -14.20 -37.86
C GLN H 78 4.05 -15.50 -38.56
N VAL H 79 4.70 -15.77 -39.68
CA VAL H 79 4.51 -17.04 -40.37
C VAL H 79 5.23 -18.15 -39.62
N ILE H 80 6.41 -17.86 -39.08
CA ILE H 80 7.14 -18.79 -38.23
C ILE H 80 6.86 -18.36 -36.80
N HIS H 81 5.79 -18.94 -36.21
CA HIS H 81 5.44 -18.60 -34.84
C HIS H 81 6.45 -19.17 -33.85
N HIS H 82 7.12 -20.26 -34.21
CA HIS H 82 8.02 -20.95 -33.29
C HIS H 82 8.95 -21.85 -34.09
N ILE H 83 10.24 -21.79 -33.77
CA ILE H 83 11.26 -22.59 -34.42
C ILE H 83 12.31 -22.91 -33.36
N ARG H 84 12.42 -24.18 -32.97
CA ARG H 84 13.28 -24.58 -31.87
C ARG H 84 14.15 -25.75 -32.27
N ARG H 85 15.44 -25.67 -31.96
CA ARG H 85 16.37 -26.77 -32.18
C ARG H 85 16.18 -27.82 -31.10
N ILE H 86 16.21 -29.09 -31.51
CA ILE H 86 15.98 -30.22 -30.61
C ILE H 86 17.25 -31.01 -30.35
N SER H 87 17.86 -31.57 -31.38
CA SER H 87 19.06 -32.40 -31.24
C SER H 87 20.28 -31.49 -31.24
N LYS H 88 20.63 -30.98 -30.07
CA LYS H 88 21.76 -30.09 -29.91
C LYS H 88 23.04 -30.87 -29.71
N PRO H 89 24.20 -30.24 -29.93
CA PRO H 89 25.47 -30.90 -29.55
C PRO H 89 25.53 -31.08 -28.04
N GLY H 90 25.92 -32.26 -27.61
CA GLY H 90 25.93 -32.59 -26.20
C GLY H 90 24.69 -33.31 -25.71
N ARG H 91 23.57 -33.18 -26.43
CA ARG H 91 22.41 -34.04 -26.21
C ARG H 91 21.75 -34.21 -27.58
N ARG H 92 22.14 -35.26 -28.29
CA ARG H 92 21.63 -35.52 -29.63
C ARG H 92 20.39 -36.41 -29.55
N VAL H 93 19.39 -36.07 -30.34
CA VAL H 93 18.08 -36.71 -30.28
C VAL H 93 17.88 -37.51 -31.56
N TYR H 94 17.77 -38.83 -31.43
CA TYR H 94 17.45 -39.72 -32.54
C TYR H 94 16.16 -40.45 -32.21
N VAL H 95 15.24 -40.51 -33.16
CA VAL H 95 13.95 -41.15 -32.96
C VAL H 95 13.70 -42.15 -34.08
N GLY H 96 12.98 -43.23 -33.74
CA GLY H 96 12.52 -44.17 -34.73
C GLY H 96 11.33 -43.62 -35.50
N VAL H 97 10.87 -44.42 -36.48
CA VAL H 97 9.76 -43.97 -37.30
C VAL H 97 8.47 -43.89 -36.48
N LYS H 98 8.30 -44.80 -35.54
CA LYS H 98 7.14 -44.78 -34.65
C LYS H 98 7.28 -43.76 -33.53
N GLU H 99 8.41 -43.04 -33.48
CA GLU H 99 8.66 -42.05 -32.44
C GLU H 99 8.73 -40.63 -33.00
N ILE H 100 8.33 -40.44 -34.26
CA ILE H 100 8.33 -39.12 -34.88
C ILE H 100 7.15 -38.32 -34.35
N PRO H 101 7.38 -37.15 -33.76
CA PRO H 101 6.26 -36.39 -33.19
C PRO H 101 5.42 -35.71 -34.27
N ARG H 102 4.14 -35.54 -33.95
CA ARG H 102 3.19 -34.80 -34.79
C ARG H 102 3.08 -33.40 -34.21
N VAL H 103 3.74 -32.44 -34.87
CA VAL H 103 3.84 -31.08 -34.34
C VAL H 103 2.50 -30.37 -34.48
N ARG H 104 2.00 -29.84 -33.36
CA ARG H 104 0.74 -29.08 -33.31
C ARG H 104 -0.42 -29.88 -33.88
N ARG H 105 -0.40 -31.20 -33.70
CA ARG H 105 -1.43 -32.10 -34.21
C ARG H 105 -1.62 -31.95 -35.71
N GLY H 106 -0.56 -31.58 -36.43
CA GLY H 106 -0.55 -31.50 -37.88
C GLY H 106 -0.17 -30.13 -38.42
N LEU H 107 -0.49 -29.07 -37.67
CA LEU H 107 -0.30 -27.72 -38.19
C LEU H 107 1.18 -27.31 -38.25
N GLY H 108 2.06 -28.04 -37.58
CA GLY H 108 3.49 -27.78 -37.66
C GLY H 108 4.22 -28.87 -38.41
N ILE H 109 5.55 -28.75 -38.42
CA ILE H 109 6.43 -29.74 -39.04
C ILE H 109 7.56 -30.05 -38.08
N ALA H 110 8.19 -31.21 -38.32
CA ALA H 110 9.40 -31.62 -37.60
C ALA H 110 10.43 -32.03 -38.65
N ILE H 111 11.55 -31.32 -38.68
CA ILE H 111 12.60 -31.58 -39.64
C ILE H 111 13.49 -32.70 -39.09
N LEU H 112 13.62 -33.78 -39.86
CA LEU H 112 14.45 -34.91 -39.51
C LEU H 112 15.59 -35.04 -40.51
N SER H 113 16.72 -35.52 -40.01
CA SER H 113 17.85 -35.94 -40.85
C SER H 113 17.91 -37.46 -40.79
N THR H 114 17.55 -38.10 -41.89
CA THR H 114 17.48 -39.55 -41.99
C THR H 114 18.49 -40.05 -43.01
N SER H 115 18.67 -41.37 -43.02
CA SER H 115 19.58 -41.99 -43.99
C SER H 115 19.17 -41.72 -45.43
N LYS H 116 17.93 -41.30 -45.67
CA LYS H 116 17.45 -40.97 -47.00
C LYS H 116 17.36 -39.46 -47.22
N GLY H 117 18.06 -38.66 -46.42
CA GLY H 117 18.12 -37.22 -46.61
C GLY H 117 17.40 -36.47 -45.51
N VAL H 118 17.31 -35.16 -45.69
CA VAL H 118 16.60 -34.29 -44.76
C VAL H 118 15.13 -34.25 -45.18
N LEU H 119 14.26 -34.73 -44.31
CA LEU H 119 12.84 -34.86 -44.60
C LEU H 119 12.04 -34.15 -43.52
N THR H 120 10.72 -34.16 -43.68
CA THR H 120 9.80 -33.66 -42.66
C THR H 120 9.17 -34.84 -41.93
N ASP H 121 8.40 -34.52 -40.89
CA ASP H 121 7.74 -35.57 -40.11
C ASP H 121 6.84 -36.42 -40.99
N ARG H 122 5.97 -35.77 -41.78
CA ARG H 122 5.10 -36.52 -42.67
C ARG H 122 5.89 -37.17 -43.81
N GLU H 123 6.92 -36.48 -44.31
CA GLU H 123 7.73 -37.07 -45.38
C GLU H 123 8.46 -38.31 -44.91
N ALA H 124 9.13 -38.23 -43.76
CA ALA H 124 9.83 -39.39 -43.23
C ALA H 124 8.86 -40.50 -42.86
N ARG H 125 7.71 -40.14 -42.29
CA ARG H 125 6.69 -41.14 -41.95
C ARG H 125 6.21 -41.87 -43.20
N LYS H 126 6.01 -41.14 -44.30
CA LYS H 126 5.62 -41.78 -45.55
C LYS H 126 6.74 -42.64 -46.11
N LEU H 127 8.00 -42.21 -45.93
CA LEU H 127 9.14 -43.02 -46.35
C LEU H 127 9.42 -44.16 -45.39
N GLY H 128 8.95 -44.08 -44.15
CA GLY H 128 9.12 -45.17 -43.21
C GLY H 128 10.47 -45.24 -42.55
N VAL H 129 11.20 -44.13 -42.46
CA VAL H 129 12.51 -44.10 -41.83
C VAL H 129 12.55 -42.98 -40.80
N GLY H 130 13.37 -43.19 -39.77
CA GLY H 130 13.62 -42.19 -38.76
C GLY H 130 15.07 -41.71 -38.79
N GLY H 131 15.37 -40.80 -37.87
CA GLY H 131 16.72 -40.26 -37.77
C GLY H 131 16.90 -39.26 -36.67
N GLU H 132 17.70 -38.23 -36.93
CA GLU H 132 17.97 -37.19 -35.95
C GLU H 132 16.91 -36.11 -36.02
N LEU H 133 16.29 -35.79 -34.88
CA LEU H 133 15.25 -34.79 -34.79
C LEU H 133 15.91 -33.41 -34.75
N ILE H 134 16.09 -32.81 -35.93
CA ILE H 134 16.83 -31.55 -36.02
C ILE H 134 16.13 -30.45 -35.24
N CYS H 135 14.89 -30.14 -35.62
CA CYS H 135 14.19 -29.01 -35.05
C CYS H 135 12.69 -29.16 -35.27
N GLU H 136 11.94 -28.40 -34.48
CA GLU H 136 10.48 -28.30 -34.64
C GLU H 136 10.13 -26.88 -35.06
N VAL H 137 9.25 -26.78 -36.05
CA VAL H 137 8.84 -25.50 -36.63
C VAL H 137 7.33 -25.49 -36.76
N TRP H 138 6.69 -24.43 -36.28
CA TRP H 138 5.26 -24.22 -36.46
C TRP H 138 4.88 -22.75 -36.29
N GLU I 1 -30.13 79.44 7.26
CA GLU I 1 -31.13 79.45 8.32
C GLU I 1 -30.84 78.35 9.33
N GLN I 2 -30.88 77.10 8.87
CA GLN I 2 -30.69 75.95 9.74
C GLN I 2 -30.21 74.77 8.92
N TYR I 3 -29.24 74.03 9.43
CA TYR I 3 -28.67 72.89 8.72
C TYR I 3 -28.57 71.72 9.69
N TYR I 4 -29.06 70.55 9.25
CA TYR I 4 -29.22 69.40 10.13
C TYR I 4 -28.20 68.31 9.82
N GLY I 5 -27.73 67.64 10.87
CA GLY I 5 -26.86 66.49 10.76
C GLY I 5 -27.23 65.42 11.78
N THR I 6 -27.13 64.15 11.41
CA THR I 6 -27.53 63.09 12.33
C THR I 6 -26.35 62.54 13.12
N GLY I 7 -25.40 61.92 12.44
CA GLY I 7 -24.26 61.31 13.11
C GLY I 7 -24.64 60.10 13.95
N ARG I 8 -23.71 59.17 14.13
CA ARG I 8 -23.94 57.99 14.96
C ARG I 8 -22.62 57.33 15.27
N ARG I 9 -22.49 56.83 16.50
CA ARG I 9 -21.25 56.18 16.92
C ARG I 9 -21.56 55.29 18.13
N LYS I 10 -21.38 53.99 17.97
CA LYS I 10 -21.45 53.02 19.06
C LYS I 10 -22.79 53.13 19.80
N GLU I 11 -23.86 53.01 19.03
CA GLU I 11 -25.23 53.00 19.56
C GLU I 11 -25.55 54.30 20.30
N ALA I 12 -25.47 55.40 19.56
CA ALA I 12 -25.74 56.72 20.10
C ALA I 12 -26.10 57.66 18.95
N VAL I 13 -27.15 58.45 19.14
CA VAL I 13 -27.60 59.41 18.14
C VAL I 13 -27.50 60.81 18.73
N ALA I 14 -27.28 61.80 17.86
CA ALA I 14 -27.11 63.18 18.30
C ALA I 14 -27.61 64.10 17.18
N ARG I 15 -28.88 64.50 17.27
CA ARG I 15 -29.43 65.48 16.34
C ARG I 15 -28.67 66.79 16.46
N VAL I 16 -27.96 67.19 15.41
CA VAL I 16 -27.18 68.41 15.40
C VAL I 16 -27.89 69.42 14.51
N PHE I 17 -28.27 70.56 15.09
CA PHE I 17 -28.88 71.66 14.35
C PHE I 17 -27.90 72.83 14.38
N LEU I 18 -27.52 73.32 13.21
CA LEU I 18 -26.62 74.46 13.08
C LEU I 18 -27.41 75.66 12.63
N ARG I 19 -27.45 76.68 13.48
CA ARG I 19 -28.11 77.95 13.17
C ARG I 19 -27.09 79.06 13.36
N PRO I 20 -26.88 79.92 12.36
CA PRO I 20 -25.82 80.93 12.46
C PRO I 20 -26.01 81.83 13.68
N GLY I 21 -25.00 81.85 14.54
CA GLY I 21 -25.07 82.63 15.77
C GLY I 21 -23.70 82.96 16.32
N ASN I 22 -23.64 83.15 17.64
CA ASN I 22 -22.40 83.58 18.28
C ASN I 22 -21.35 82.48 18.26
N GLY I 23 -21.75 81.23 18.51
CA GLY I 23 -20.81 80.14 18.56
C GLY I 23 -20.93 79.31 19.82
N LYS I 24 -22.02 79.53 20.57
CA LYS I 24 -22.28 78.79 21.79
C LYS I 24 -23.19 77.60 21.51
N VAL I 25 -22.93 76.49 22.20
CA VAL I 25 -23.58 75.22 21.92
C VAL I 25 -24.47 74.83 23.09
N THR I 26 -25.66 74.30 22.78
CA THR I 26 -26.57 73.76 23.78
C THR I 26 -26.80 72.29 23.48
N VAL I 27 -26.77 71.46 24.52
CA VAL I 27 -26.96 70.02 24.41
C VAL I 27 -27.98 69.60 25.46
N ASN I 28 -29.16 69.19 25.01
CA ASN I 28 -30.25 68.74 25.89
C ASN I 28 -30.62 69.82 26.91
N GLY I 29 -30.62 71.08 26.47
CA GLY I 29 -30.89 72.19 27.35
C GLY I 29 -29.73 72.64 28.21
N GLN I 30 -28.72 71.79 28.38
CA GLN I 30 -27.54 72.13 29.16
C GLN I 30 -26.46 72.73 28.28
N ASP I 31 -25.52 73.44 28.91
CA ASP I 31 -24.39 73.98 28.18
C ASP I 31 -23.48 72.85 27.72
N PHE I 32 -22.65 73.17 26.72
CA PHE I 32 -21.71 72.18 26.20
C PHE I 32 -20.70 71.76 27.25
N ASN I 33 -20.39 72.63 28.20
CA ASN I 33 -19.41 72.35 29.24
C ASN I 33 -20.03 71.90 30.56
N GLU I 34 -21.36 71.90 30.67
CA GLU I 34 -22.01 71.34 31.84
C GLU I 34 -22.37 69.87 31.67
N TYR I 35 -22.53 69.42 30.42
CA TYR I 35 -22.59 68.00 30.11
C TYR I 35 -21.18 67.40 30.12
N PHE I 36 -20.26 68.10 29.45
CA PHE I 36 -18.85 67.76 29.33
C PHE I 36 -18.06 68.49 30.42
N GLN I 37 -16.76 68.70 30.20
CA GLN I 37 -15.84 69.29 31.18
C GLN I 37 -15.71 68.38 32.40
N GLY I 38 -15.02 67.27 32.16
CA GLY I 38 -14.92 66.13 33.05
C GLY I 38 -14.68 64.96 32.13
N LEU I 39 -14.84 65.26 30.84
CA LEU I 39 -14.49 64.38 29.73
C LEU I 39 -13.52 65.13 28.85
N VAL I 40 -12.29 64.63 28.75
CA VAL I 40 -11.23 65.39 28.09
C VAL I 40 -11.45 65.43 26.59
N ARG I 41 -11.95 64.35 26.00
CA ARG I 41 -12.14 64.30 24.55
C ARG I 41 -13.31 65.13 24.06
N ALA I 42 -13.99 65.86 24.95
CA ALA I 42 -15.19 66.60 24.55
C ALA I 42 -14.90 67.58 23.43
N VAL I 43 -13.73 68.24 23.48
CA VAL I 43 -13.38 69.24 22.46
C VAL I 43 -13.38 68.61 21.07
N ALA I 44 -13.11 67.30 20.99
CA ALA I 44 -13.09 66.62 19.69
C ALA I 44 -14.44 66.73 18.98
N ALA I 45 -15.54 66.82 19.74
CA ALA I 45 -16.85 66.97 19.12
C ALA I 45 -16.96 68.24 18.29
N LEU I 46 -16.12 69.23 18.55
CA LEU I 46 -16.12 70.49 17.80
C LEU I 46 -15.05 70.49 16.71
N GLU I 47 -14.39 69.36 16.47
CA GLU I 47 -13.34 69.32 15.46
C GLU I 47 -13.82 69.64 14.04
N PRO I 48 -15.02 69.25 13.58
CA PRO I 48 -15.45 69.65 12.24
C PRO I 48 -15.39 71.15 12.00
N LEU I 49 -15.85 71.96 12.95
CA LEU I 49 -15.78 73.40 12.80
C LEU I 49 -14.34 73.87 12.64
N ARG I 50 -13.45 73.39 13.52
CA ARG I 50 -12.03 73.70 13.37
C ARG I 50 -11.49 73.21 12.04
N ALA I 51 -12.11 72.18 11.45
CA ALA I 51 -11.71 71.73 10.12
C ALA I 51 -11.91 72.83 9.09
N VAL I 52 -13.02 73.57 9.19
CA VAL I 52 -13.26 74.72 8.33
C VAL I 52 -12.88 76.03 9.01
N ASP I 53 -12.40 75.98 10.24
CA ASP I 53 -11.92 77.15 10.97
C ASP I 53 -13.00 78.22 11.12
N ALA I 54 -14.27 77.81 11.23
CA ALA I 54 -15.33 78.80 11.44
C ALA I 54 -15.42 79.17 12.92
N LEU I 55 -15.82 78.22 13.75
CA LEU I 55 -15.70 78.29 15.22
C LEU I 55 -16.52 79.41 15.85
N GLY I 56 -17.11 80.27 15.04
CA GLY I 56 -17.92 81.37 15.56
C GLY I 56 -19.11 81.70 14.69
N HIS I 57 -19.28 80.95 13.59
CA HIS I 57 -20.32 81.25 12.63
C HIS I 57 -21.60 80.45 12.86
N PHE I 58 -21.58 79.44 13.73
CA PHE I 58 -22.71 78.55 13.91
C PHE I 58 -22.93 78.28 15.39
N ASP I 59 -24.06 78.73 15.93
CA ASP I 59 -24.57 78.16 17.17
C ASP I 59 -25.14 76.78 16.88
N ALA I 60 -25.03 75.89 17.86
CA ALA I 60 -25.44 74.51 17.71
C ALA I 60 -26.45 74.14 18.78
N TYR I 61 -27.54 73.50 18.36
CA TYR I 61 -28.51 72.89 19.27
C TYR I 61 -28.50 71.39 18.99
N ILE I 62 -28.07 70.62 19.98
CA ILE I 62 -27.84 69.19 19.81
C ILE I 62 -28.68 68.43 20.82
N THR I 63 -29.34 67.38 20.36
CA THR I 63 -30.13 66.50 21.21
C THR I 63 -29.53 65.10 21.11
N VAL I 64 -28.89 64.66 22.18
CA VAL I 64 -28.09 63.43 22.17
C VAL I 64 -28.71 62.41 23.09
N ARG I 65 -28.72 61.15 22.64
CA ARG I 65 -29.17 60.06 23.48
C ARG I 65 -28.65 58.74 22.90
N GLY I 66 -28.30 57.82 23.78
CA GLY I 66 -27.77 56.55 23.33
C GLY I 66 -26.31 56.38 23.77
N GLY I 67 -25.94 55.12 24.04
CA GLY I 67 -24.60 54.74 24.48
C GLY I 67 -24.12 55.56 25.66
N GLY I 68 -22.81 55.73 25.73
CA GLY I 68 -22.19 56.57 26.73
C GLY I 68 -21.76 57.91 26.14
N LYS I 69 -21.33 58.79 27.03
CA LYS I 69 -21.04 60.17 26.64
C LYS I 69 -19.88 60.28 25.66
N SER I 70 -18.99 59.28 25.60
CA SER I 70 -17.89 59.32 24.64
C SER I 70 -18.37 59.04 23.23
N GLY I 71 -19.12 57.95 23.07
CA GLY I 71 -19.82 57.71 21.82
C GLY I 71 -20.74 58.85 21.45
N GLN I 72 -21.32 59.51 22.46
CA GLN I 72 -22.12 60.70 22.21
C GLN I 72 -21.28 61.83 21.66
N ILE I 73 -20.07 62.01 22.18
CA ILE I 73 -19.16 63.04 21.66
C ILE I 73 -18.83 62.77 20.20
N ASP I 74 -18.51 61.52 19.88
CA ASP I 74 -18.17 61.19 18.49
C ASP I 74 -19.38 61.30 17.57
N ALA I 75 -20.58 60.96 18.07
CA ALA I 75 -21.79 61.15 17.28
C ALA I 75 -22.06 62.62 17.04
N ILE I 76 -21.78 63.47 18.03
CA ILE I 76 -21.89 64.91 17.85
C ILE I 76 -20.91 65.39 16.79
N LYS I 77 -19.68 64.85 16.81
CA LYS I 77 -18.72 65.17 15.77
C LYS I 77 -19.27 64.84 14.38
N LEU I 78 -19.80 63.63 14.22
CA LEU I 78 -20.32 63.23 12.91
C LEU I 78 -21.53 64.06 12.50
N GLY I 79 -22.39 64.41 13.47
CA GLY I 79 -23.54 65.22 13.14
C GLY I 79 -23.18 66.64 12.72
N ILE I 80 -22.22 67.24 13.42
CA ILE I 80 -21.72 68.55 13.02
C ILE I 80 -21.09 68.47 11.63
N ALA I 81 -20.36 67.38 11.36
CA ALA I 81 -19.76 67.21 10.03
C ALA I 81 -20.84 67.12 8.96
N ARG I 82 -21.91 66.36 9.22
CA ARG I 82 -22.96 66.19 8.22
C ARG I 82 -23.72 67.50 7.99
N ALA I 83 -24.03 68.23 9.06
CA ALA I 83 -24.72 69.51 8.89
C ALA I 83 -23.84 70.52 8.17
N LEU I 84 -22.55 70.54 8.49
CA LEU I 84 -21.62 71.44 7.82
C LEU I 84 -21.46 71.08 6.34
N VAL I 85 -21.51 69.79 6.02
CA VAL I 85 -21.49 69.37 4.62
C VAL I 85 -22.76 69.82 3.91
N GLN I 86 -23.91 69.66 4.57
CA GLN I 86 -25.17 70.12 3.97
C GLN I 86 -25.18 71.62 3.75
N TYR I 87 -24.48 72.37 4.60
CA TYR I 87 -24.35 73.82 4.40
C TYR I 87 -23.71 74.12 3.05
N ASN I 88 -22.53 73.56 2.80
CA ASN I 88 -21.81 73.76 1.56
C ASN I 88 -21.14 72.46 1.13
N PRO I 89 -21.52 71.90 -0.02
CA PRO I 89 -20.90 70.64 -0.44
C PRO I 89 -19.41 70.75 -0.70
N ASP I 90 -18.92 71.95 -1.04
CA ASP I 90 -17.49 72.13 -1.25
C ASP I 90 -16.67 71.84 0.00
N TYR I 91 -17.30 71.80 1.17
CA TYR I 91 -16.60 71.44 2.39
C TYR I 91 -16.24 69.96 2.43
N ARG I 92 -16.89 69.13 1.63
CA ARG I 92 -16.60 67.69 1.64
C ARG I 92 -15.13 67.43 1.31
N ALA I 93 -14.63 68.07 0.26
CA ALA I 93 -13.22 67.93 -0.10
C ALA I 93 -12.30 68.38 1.01
N LYS I 94 -12.78 69.21 1.94
CA LYS I 94 -11.99 69.62 3.08
C LYS I 94 -12.20 68.73 4.29
N LEU I 95 -13.30 67.98 4.33
CA LEU I 95 -13.59 67.11 5.47
C LEU I 95 -13.29 65.64 5.20
N LYS I 96 -13.17 65.23 3.93
CA LYS I 96 -12.94 63.82 3.64
C LYS I 96 -11.54 63.37 4.00
N PRO I 97 -10.46 64.11 3.71
CA PRO I 97 -9.13 63.68 4.18
C PRO I 97 -9.05 63.52 5.68
N LEU I 98 -9.74 64.38 6.44
CA LEU I 98 -9.80 64.24 7.89
C LEU I 98 -10.74 63.12 8.34
N GLY I 99 -11.54 62.58 7.45
CA GLY I 99 -12.42 61.47 7.77
C GLY I 99 -13.51 61.78 8.76
N PHE I 100 -13.86 63.05 8.94
CA PHE I 100 -14.92 63.41 9.89
C PHE I 100 -16.28 62.91 9.42
N LEU I 101 -16.47 62.77 8.11
CA LEU I 101 -17.71 62.23 7.56
C LEU I 101 -17.74 60.71 7.52
N THR I 102 -16.65 60.06 7.93
CA THR I 102 -16.59 58.60 7.97
C THR I 102 -17.35 58.09 9.20
N ARG I 103 -18.24 57.13 8.97
CA ARG I 103 -18.99 56.52 10.05
C ARG I 103 -18.14 55.45 10.74
N ASP I 104 -18.03 55.54 12.05
CA ASP I 104 -17.24 54.59 12.84
C ASP I 104 -18.13 53.39 13.17
N ALA I 105 -17.88 52.27 12.49
CA ALA I 105 -18.72 51.08 12.59
C ALA I 105 -18.26 50.09 13.66
N ARG I 106 -17.39 50.53 14.57
CA ARG I 106 -16.94 49.65 15.64
C ARG I 106 -18.05 49.50 16.69
N VAL I 107 -18.54 48.27 16.85
CA VAL I 107 -19.63 47.98 17.76
C VAL I 107 -19.18 46.89 18.73
N VAL I 108 -19.78 46.88 19.93
CA VAL I 108 -19.44 45.87 20.92
C VAL I 108 -19.76 44.49 20.37
N GLU I 109 -18.73 43.65 20.26
CA GLU I 109 -18.90 42.32 19.69
C GLU I 109 -19.73 41.45 20.63
N ARG I 110 -20.66 40.70 20.05
CA ARG I 110 -21.60 39.91 20.83
C ARG I 110 -20.89 38.80 21.59
N LYS I 111 -21.32 38.57 22.83
CA LYS I 111 -20.75 37.52 23.66
C LYS I 111 -21.18 36.15 23.16
N LYS I 112 -20.27 35.18 23.27
CA LYS I 112 -20.45 33.86 22.70
C LYS I 112 -20.29 32.79 23.76
N TYR I 113 -21.03 31.69 23.59
CA TYR I 113 -20.97 30.59 24.54
C TYR I 113 -19.59 29.94 24.53
N GLY I 114 -19.28 29.25 25.63
CA GLY I 114 -17.99 28.60 25.79
C GLY I 114 -16.87 29.51 26.23
N LYS I 115 -16.98 30.82 26.01
CA LYS I 115 -15.98 31.80 26.41
C LYS I 115 -16.50 32.62 27.57
N HIS I 116 -15.72 33.60 27.99
CA HIS I 116 -16.08 34.47 29.10
C HIS I 116 -16.68 35.80 28.63
N LYS I 117 -15.93 36.57 27.80
CA LYS I 117 -16.48 37.76 27.16
C LYS I 117 -16.17 37.68 25.66
N ALA I 118 -16.95 36.86 24.95
CA ALA I 118 -17.02 36.81 23.50
C ALA I 118 -15.73 36.33 22.83
N ARG I 119 -14.61 36.40 23.55
CA ARG I 119 -13.35 35.84 23.08
C ARG I 119 -12.51 35.21 24.19
N ARG I 120 -12.68 35.60 25.45
CA ARG I 120 -11.80 35.17 26.52
C ARG I 120 -12.08 33.70 26.83
N ALA I 121 -11.22 32.83 26.31
CA ALA I 121 -11.37 31.41 26.56
C ALA I 121 -11.09 31.10 28.03
N PRO I 122 -11.86 30.20 28.64
CA PRO I 122 -11.62 29.86 30.04
C PRO I 122 -10.25 29.21 30.22
N GLN I 123 -9.54 29.64 31.26
CA GLN I 123 -8.21 29.13 31.54
C GLN I 123 -8.27 27.64 31.88
N TYR I 124 -7.32 26.88 31.32
CA TYR I 124 -7.16 25.47 31.62
C TYR I 124 -5.72 25.19 32.01
N SER I 125 -5.52 24.11 32.75
CA SER I 125 -4.19 23.75 33.24
C SER I 125 -3.64 22.47 32.65
N LYS I 126 -4.50 21.51 32.32
CA LYS I 126 -4.13 20.22 31.72
C LYS I 126 -3.39 19.34 32.74
N ARG I 127 -3.10 19.89 33.91
CA ARG I 127 -2.45 19.17 35.00
C ARG I 127 -2.41 20.01 36.26
N LYS J 1 -61.88 55.27 16.78
CA LYS J 1 -61.37 55.03 18.13
C LYS J 1 -61.60 53.59 18.56
N ILE J 2 -60.91 52.66 17.91
CA ILE J 2 -61.00 51.24 18.23
C ILE J 2 -59.58 50.67 18.25
N ARG J 3 -59.16 50.16 19.40
CA ARG J 3 -57.80 49.63 19.54
C ARG J 3 -57.73 48.22 18.99
N ILE J 4 -56.81 48.00 18.05
CA ILE J 4 -56.57 46.70 17.46
C ILE J 4 -55.11 46.32 17.71
N LYS J 5 -54.91 45.24 18.44
CA LYS J 5 -53.58 44.74 18.76
C LYS J 5 -53.45 43.33 18.17
N LEU J 6 -52.73 43.21 17.06
CA LEU J 6 -52.46 41.92 16.46
C LEU J 6 -51.18 41.34 17.04
N ARG J 7 -51.15 40.03 17.24
CA ARG J 7 -49.96 39.38 17.76
C ARG J 7 -49.77 38.03 17.08
N GLY J 8 -48.52 37.67 16.83
CA GLY J 8 -48.25 36.41 16.17
C GLY J 8 -46.77 36.06 16.19
N PHE J 9 -46.46 34.92 15.58
CA PHE J 9 -45.09 34.45 15.47
C PHE J 9 -44.51 34.66 14.07
N ASP J 10 -45.35 34.92 13.07
CA ASP J 10 -44.92 35.14 11.70
C ASP J 10 -45.18 36.59 11.32
N HIS J 11 -44.15 37.27 10.82
CA HIS J 11 -44.31 38.66 10.41
C HIS J 11 -45.01 38.78 9.07
N LYS J 12 -44.80 37.82 8.17
CA LYS J 12 -45.49 37.85 6.88
C LYS J 12 -47.00 37.70 7.07
N THR J 13 -47.42 36.78 7.94
CA THR J 13 -48.84 36.55 8.17
C THR J 13 -49.50 37.77 8.79
N LEU J 14 -48.86 38.33 9.83
CA LEU J 14 -49.40 39.53 10.47
C LEU J 14 -49.47 40.70 9.49
N ASP J 15 -48.43 40.87 8.66
CA ASP J 15 -48.41 41.97 7.71
C ASP J 15 -49.50 41.81 6.66
N ALA J 16 -49.68 40.58 6.15
CA ALA J 16 -50.72 40.35 5.15
C ALA J 16 -52.10 40.57 5.74
N SER J 17 -52.35 40.09 6.96
CA SER J 17 -53.64 40.30 7.60
C SER J 17 -53.89 41.78 7.87
N ALA J 18 -52.84 42.52 8.26
CA ALA J 18 -52.99 43.95 8.50
C ALA J 18 -53.32 44.70 7.21
N GLN J 19 -52.65 44.36 6.12
CA GLN J 19 -52.97 44.99 4.84
C GLN J 19 -54.37 44.63 4.38
N LYS J 20 -54.81 43.39 4.64
CA LYS J 20 -56.17 43.00 4.31
C LYS J 20 -57.18 43.83 5.10
N ILE J 21 -56.94 44.01 6.40
CA ILE J 21 -57.83 44.82 7.22
C ILE J 21 -57.85 46.27 6.73
N VAL J 22 -56.68 46.81 6.36
CA VAL J 22 -56.60 48.19 5.92
C VAL J 22 -57.38 48.38 4.61
N GLU J 23 -57.23 47.44 3.67
CA GLU J 23 -57.94 47.57 2.41
C GLU J 23 -59.44 47.33 2.57
N ALA J 24 -59.83 46.47 3.50
CA ALA J 24 -61.25 46.25 3.77
C ALA J 24 -61.88 47.40 4.55
N ALA J 25 -61.08 48.21 5.23
CA ALA J 25 -61.59 49.36 5.96
C ALA J 25 -61.51 50.67 5.19
N ARG J 26 -60.64 50.77 4.18
CA ARG J 26 -60.55 51.99 3.40
C ARG J 26 -61.81 52.23 2.57
N ARG J 27 -62.30 51.19 1.91
CA ARG J 27 -63.48 51.35 1.05
C ARG J 27 -64.74 51.61 1.85
N SER J 28 -64.77 51.23 3.14
CA SER J 28 -65.97 51.33 3.95
C SER J 28 -65.83 52.25 5.16
N GLY J 29 -64.64 52.77 5.43
CA GLY J 29 -64.42 53.65 6.54
C GLY J 29 -63.71 54.92 6.12
N ALA J 30 -63.02 55.53 7.10
CA ALA J 30 -62.30 56.78 6.89
C ALA J 30 -60.83 56.50 6.60
N GLN J 31 -60.03 57.57 6.58
CA GLN J 31 -58.61 57.46 6.29
C GLN J 31 -57.93 56.66 7.41
N VAL J 32 -57.51 55.44 7.10
CA VAL J 32 -56.89 54.58 8.12
C VAL J 32 -55.48 55.07 8.41
N SER J 33 -55.10 55.03 9.68
CA SER J 33 -53.79 55.48 10.13
C SER J 33 -52.71 54.42 9.97
N GLY J 34 -52.98 53.33 9.26
CA GLY J 34 -51.98 52.31 9.02
C GLY J 34 -51.51 51.60 10.27
N PRO J 35 -50.69 50.56 10.09
CA PRO J 35 -50.17 49.81 11.24
C PRO J 35 -48.91 50.42 11.82
N ILE J 36 -48.71 50.15 13.11
CA ILE J 36 -47.55 50.63 13.86
C ILE J 36 -46.70 49.40 14.24
N PRO J 37 -45.37 49.48 14.14
CA PRO J 37 -44.55 48.27 14.31
C PRO J 37 -44.71 47.55 15.64
N LEU J 38 -44.83 48.27 16.77
CA LEU J 38 -44.99 47.62 18.08
C LEU J 38 -43.89 46.59 18.34
N PRO J 39 -42.69 47.06 18.75
CA PRO J 39 -41.48 46.21 18.72
C PRO J 39 -41.62 44.78 19.22
N THR J 40 -40.81 43.90 18.66
CA THR J 40 -40.93 42.46 18.87
C THR J 40 -40.51 42.06 20.28
N ARG J 41 -41.17 41.03 20.82
CA ARG J 41 -40.82 40.43 22.09
C ARG J 41 -40.09 39.12 21.82
N VAL J 42 -38.78 39.10 22.08
CA VAL J 42 -37.95 37.93 21.80
C VAL J 42 -37.66 37.21 23.10
N ARG J 43 -37.85 35.89 23.10
CA ARG J 43 -37.58 35.05 24.26
C ARG J 43 -36.66 33.92 23.82
N ARG J 44 -35.44 33.89 24.35
CA ARG J 44 -34.44 32.92 23.93
C ARG J 44 -34.39 31.73 24.89
N PHE J 45 -33.82 30.63 24.40
CA PHE J 45 -33.67 29.40 25.17
C PHE J 45 -32.33 28.78 24.84
N THR J 46 -31.44 28.71 25.83
CA THR J 46 -30.13 28.08 25.66
C THR J 46 -30.18 26.67 26.23
N VAL J 47 -29.82 25.69 25.40
CA VAL J 47 -29.94 24.27 25.76
C VAL J 47 -28.69 23.53 25.26
N ILE J 48 -28.03 22.81 26.17
CA ILE J 48 -26.86 22.04 25.80
C ILE J 48 -27.19 21.08 24.66
N ARG J 49 -26.29 21.00 23.69
CA ARG J 49 -26.51 20.15 22.52
C ARG J 49 -26.64 18.69 22.93
N GLY J 50 -25.60 18.14 23.55
CA GLY J 50 -25.56 16.74 23.90
C GLY J 50 -26.36 16.43 25.15
N PRO J 51 -26.83 15.17 25.26
CA PRO J 51 -27.51 14.74 26.48
C PRO J 51 -26.58 14.59 27.67
N PHE J 52 -25.27 14.61 27.46
CA PHE J 52 -24.28 14.49 28.51
C PHE J 52 -23.43 15.76 28.55
N LYS J 53 -22.33 15.71 29.29
CA LYS J 53 -21.63 16.87 29.81
C LYS J 53 -21.44 18.02 28.81
N HIS J 54 -20.51 17.87 27.86
CA HIS J 54 -20.42 18.62 26.62
C HIS J 54 -20.94 20.06 26.73
N LYS J 55 -20.34 20.84 27.63
CA LYS J 55 -20.98 22.05 28.16
C LYS J 55 -20.86 23.26 27.25
N ASP J 56 -19.96 23.26 26.27
CA ASP J 56 -19.57 24.49 25.58
C ASP J 56 -20.12 24.58 24.14
N SER J 57 -21.32 24.06 23.88
CA SER J 57 -21.96 24.26 22.57
C SER J 57 -23.26 25.03 22.65
N ARG J 58 -24.26 24.51 23.37
CA ARG J 58 -25.43 25.23 23.89
C ARG J 58 -26.49 25.67 22.86
N GLU J 59 -26.16 25.69 21.57
CA GLU J 59 -27.12 25.76 20.45
C GLU J 59 -28.43 26.48 20.76
N HIS J 60 -28.39 27.74 21.19
CA HIS J 60 -29.60 28.38 21.67
C HIS J 60 -30.55 28.76 20.54
N PHE J 61 -31.85 28.70 20.84
CA PHE J 61 -32.93 29.06 19.94
C PHE J 61 -33.63 30.33 20.44
N GLU J 62 -34.59 30.81 19.67
CA GLU J 62 -35.36 32.00 20.03
C GLU J 62 -36.79 31.85 19.55
N LEU J 63 -37.69 32.57 20.22
CA LEU J 63 -39.09 32.65 19.85
C LEU J 63 -39.51 34.11 19.92
N ARG J 64 -39.94 34.67 18.79
CA ARG J 64 -40.26 36.08 18.68
C ARG J 64 -41.77 36.26 18.51
N THR J 65 -42.29 37.31 19.13
CA THR J 65 -43.70 37.67 19.07
C THR J 65 -43.82 39.08 18.50
N HIS J 66 -44.43 39.19 17.33
CA HIS J 66 -44.63 40.46 16.65
C HIS J 66 -46.05 40.95 16.87
N ASN J 67 -46.20 42.28 16.88
CA ASN J 67 -47.47 42.92 17.18
C ASN J 67 -47.75 44.03 16.17
N ARG J 68 -49.03 44.33 15.99
CA ARG J 68 -49.50 45.32 15.02
C ARG J 68 -50.58 46.19 15.67
N LEU J 69 -50.64 47.45 15.23
CA LEU J 69 -51.40 48.51 15.89
C LEU J 69 -52.21 49.30 14.86
N VAL J 70 -53.03 48.59 14.07
CA VAL J 70 -53.82 49.21 13.00
C VAL J 70 -54.53 50.47 13.51
N ASP J 71 -55.40 50.31 14.51
CA ASP J 71 -56.02 51.42 15.23
C ASP J 71 -56.80 52.35 14.29
N ILE J 72 -57.87 51.79 13.72
CA ILE J 72 -58.70 52.53 12.78
C ILE J 72 -59.42 53.67 13.50
N ILE J 73 -59.36 54.87 12.92
CA ILE J 73 -60.11 56.00 13.42
C ILE J 73 -61.47 56.04 12.72
N ASN J 74 -62.43 56.74 13.34
CA ASN J 74 -63.78 56.89 12.81
C ASN J 74 -64.43 55.53 12.59
N PRO J 75 -64.82 54.83 13.66
CA PRO J 75 -65.44 53.50 13.48
C PRO J 75 -66.80 53.61 12.82
N ASN J 76 -66.81 53.90 11.52
CA ASN J 76 -68.06 54.07 10.79
C ASN J 76 -68.86 52.77 10.80
N ARG J 77 -70.19 52.91 10.73
CA ARG J 77 -71.06 51.75 10.78
C ARG J 77 -71.02 50.94 9.49
N LYS J 78 -70.46 51.49 8.41
CA LYS J 78 -70.29 50.76 7.17
C LYS J 78 -69.00 49.95 7.14
N THR J 79 -68.07 50.22 8.06
CA THR J 79 -66.75 49.59 8.01
C THR J 79 -66.84 48.11 8.37
N ILE J 80 -67.64 47.76 9.37
CA ILE J 80 -67.71 46.38 9.85
C ILE J 80 -68.43 45.46 8.89
N GLU J 81 -69.02 45.99 7.82
CA GLU J 81 -69.63 45.15 6.81
C GLU J 81 -68.61 44.20 6.19
N GLN J 82 -67.54 44.75 5.61
CA GLN J 82 -66.47 43.96 5.05
C GLN J 82 -65.56 43.36 6.11
N LEU J 83 -65.87 43.55 7.39
CA LEU J 83 -64.98 43.12 8.47
C LEU J 83 -65.72 42.19 9.43
N MET J 84 -64.97 41.74 10.43
CA MET J 84 -65.40 40.93 11.57
C MET J 84 -65.71 39.48 11.21
N THR J 85 -65.80 39.18 9.90
CA THR J 85 -65.59 37.79 9.45
C THR J 85 -65.10 37.84 8.00
N LEU J 86 -63.77 38.01 7.87
CA LEU J 86 -63.08 37.82 6.59
C LEU J 86 -61.60 37.67 6.93
N ASP J 87 -61.10 36.44 6.93
CA ASP J 87 -59.71 36.24 7.33
C ASP J 87 -59.16 34.94 6.77
N LEU J 88 -58.00 35.04 6.12
CA LEU J 88 -57.15 33.91 5.74
C LEU J 88 -56.25 33.43 6.88
N PRO J 89 -55.57 34.31 7.63
CA PRO J 89 -54.54 33.84 8.56
C PRO J 89 -55.09 32.93 9.66
N THR J 90 -54.22 32.06 10.17
CA THR J 90 -54.56 31.11 11.22
C THR J 90 -53.77 31.34 12.50
N GLY J 91 -52.44 31.42 12.41
CA GLY J 91 -51.61 31.60 13.58
C GLY J 91 -51.44 33.06 13.97
N VAL J 92 -52.55 33.78 14.11
CA VAL J 92 -52.55 35.20 14.43
C VAL J 92 -53.68 35.47 15.41
N GLU J 93 -53.36 36.09 16.54
CA GLU J 93 -54.36 36.44 17.54
C GLU J 93 -54.66 37.93 17.46
N ILE J 94 -55.93 38.27 17.67
CA ILE J 94 -56.44 39.62 17.50
C ILE J 94 -56.98 40.11 18.84
N GLU J 95 -56.64 41.34 19.21
CA GLU J 95 -57.15 41.99 20.41
C GLU J 95 -57.93 43.22 19.99
N ILE J 96 -59.15 43.36 20.51
CA ILE J 96 -60.04 44.46 20.17
C ILE J 96 -60.47 45.16 21.46
N LYS J 97 -60.37 46.48 21.48
CA LYS J 97 -60.83 47.26 22.62
C LYS J 97 -61.45 48.56 22.13
N THR J 98 -62.18 49.21 23.03
CA THR J 98 -62.86 50.46 22.69
C THR J 98 -61.95 51.66 22.92
N VAL J 99 -62.16 52.71 22.13
N LYS K 1 62.41 48.66 22.11
CA LYS K 1 63.04 49.87 21.57
C LYS K 1 64.01 49.53 20.45
N ARG K 2 63.48 49.42 19.23
CA ARG K 2 64.31 49.13 18.06
C ARG K 2 64.02 50.10 16.93
N GLN K 3 62.81 50.66 16.91
CA GLN K 3 62.35 51.58 15.87
C GLN K 3 62.44 50.93 14.49
N VAL K 4 61.62 49.89 14.33
CA VAL K 4 61.63 49.10 13.10
C VAL K 4 60.97 49.87 11.96
N ALA K 5 59.79 50.43 12.22
CA ALA K 5 59.09 51.35 11.32
C ALA K 5 58.49 50.66 10.10
N SER K 6 58.78 49.36 9.92
CA SER K 6 58.23 48.59 8.81
C SER K 6 58.50 47.11 9.03
N GLY K 7 57.47 46.28 8.93
CA GLY K 7 57.63 44.87 9.15
C GLY K 7 56.52 44.04 8.53
N ARG K 8 56.34 42.84 9.07
CA ARG K 8 55.35 41.90 8.61
C ARG K 8 54.36 41.59 9.73
N ALA K 9 53.18 41.12 9.34
CA ALA K 9 52.11 40.78 10.28
C ALA K 9 51.56 39.41 9.93
N TYR K 10 51.81 38.42 10.79
CA TYR K 10 51.32 37.07 10.59
C TYR K 10 50.04 36.88 11.39
N ILE K 11 49.02 36.34 10.75
CA ILE K 11 47.74 36.03 11.38
C ILE K 11 47.54 34.52 11.31
N HIS K 12 47.49 33.88 12.48
CA HIS K 12 47.25 32.44 12.60
C HIS K 12 45.84 32.27 13.13
N ALA K 13 44.92 31.91 12.23
CA ALA K 13 43.50 31.82 12.55
C ALA K 13 43.08 30.35 12.50
N SER K 14 42.54 29.86 13.62
CA SER K 14 41.97 28.53 13.70
C SER K 14 40.55 28.64 14.25
N TYR K 15 39.81 27.54 14.15
CA TYR K 15 38.45 27.51 14.66
C TYR K 15 38.38 27.65 16.18
N ASN K 16 39.52 27.60 16.87
CA ASN K 16 39.56 27.74 18.32
C ASN K 16 40.18 29.04 18.79
N ASN K 17 41.09 29.65 18.02
CA ASN K 17 41.76 30.87 18.46
C ASN K 17 42.40 31.55 17.26
N THR K 18 42.56 32.86 17.38
CA THR K 18 43.28 33.68 16.41
C THR K 18 44.41 34.40 17.12
N ILE K 19 45.62 34.29 16.59
CA ILE K 19 46.81 34.84 17.20
C ILE K 19 47.61 35.62 16.17
N VAL K 20 47.98 36.85 16.51
CA VAL K 20 48.67 37.76 15.59
C VAL K 20 50.09 37.96 16.10
N THR K 21 51.07 37.71 15.23
CA THR K 21 52.48 37.94 15.54
C THR K 21 53.03 38.97 14.58
N ILE K 22 53.46 40.10 15.12
CA ILE K 22 54.06 41.18 14.32
C ILE K 22 55.57 41.03 14.38
N THR K 23 56.21 40.94 13.21
CA THR K 23 57.63 40.70 13.11
C THR K 23 58.29 41.77 12.25
N ASP K 24 59.62 41.72 12.19
CA ASP K 24 60.41 42.59 11.32
C ASP K 24 60.44 41.99 9.92
N PRO K 25 60.95 42.74 8.93
CA PRO K 25 61.01 42.19 7.55
C PRO K 25 61.78 40.89 7.42
N ASP K 26 62.54 40.48 8.43
CA ASP K 26 63.24 39.21 8.41
C ASP K 26 62.48 38.10 9.13
N GLY K 27 61.35 38.40 9.76
CA GLY K 27 60.52 37.41 10.40
C GLY K 27 60.69 37.31 11.90
N ASN K 28 61.69 37.98 12.48
CA ASN K 28 61.88 37.95 13.92
C ASN K 28 60.78 38.75 14.60
N PRO K 29 60.07 38.17 15.56
CA PRO K 29 58.93 38.87 16.16
C PRO K 29 59.37 40.05 17.02
N ILE K 30 58.43 40.97 17.22
CA ILE K 30 58.64 42.17 18.01
C ILE K 30 57.63 42.15 19.16
N THR K 31 56.35 42.14 18.79
CA THR K 31 55.26 41.95 19.74
C THR K 31 54.27 40.96 19.15
N TRP K 32 53.29 40.56 19.97
CA TRP K 32 52.26 39.64 19.51
C TRP K 32 51.07 39.72 20.45
N SER K 33 49.98 39.07 20.05
CA SER K 33 48.77 39.02 20.85
C SER K 33 47.94 37.83 20.36
N SER K 34 46.85 37.57 21.07
CA SER K 34 45.96 36.46 20.74
C SER K 34 44.64 36.69 21.47
N GLY K 35 43.75 35.69 21.39
CA GLY K 35 42.52 35.76 22.15
C GLY K 35 42.73 35.58 23.64
N GLY K 36 43.81 34.88 24.01
CA GLY K 36 44.10 34.70 25.43
C GLY K 36 44.81 35.87 26.07
N VAL K 37 45.52 36.68 25.27
CA VAL K 37 46.13 37.89 25.81
C VAL K 37 45.05 38.85 26.26
N ILE K 38 43.93 38.90 25.54
CA ILE K 38 42.75 39.63 25.98
C ILE K 38 42.06 38.80 27.06
N GLY K 39 41.09 39.40 27.75
CA GLY K 39 40.43 38.71 28.85
C GLY K 39 39.72 37.43 28.46
N TYR K 40 39.46 37.22 27.17
CA TYR K 40 38.74 36.03 26.73
C TYR K 40 39.57 34.78 27.01
N LYS K 41 38.90 33.77 27.58
CA LYS K 41 39.58 32.58 28.09
C LYS K 41 39.19 31.31 27.34
N GLY K 42 37.89 31.04 27.19
CA GLY K 42 37.45 29.79 26.60
C GLY K 42 37.24 29.83 25.10
N SER K 43 36.05 29.46 24.65
CA SER K 43 35.76 29.45 23.21
C SER K 43 35.63 30.85 22.64
N ARG K 44 35.44 31.87 23.48
CA ARG K 44 35.31 33.24 23.01
C ARG K 44 36.54 33.73 22.26
N LYS K 45 37.65 32.97 22.28
CA LYS K 45 38.82 33.33 21.50
C LYS K 45 38.66 33.02 20.02
N GLY K 46 37.81 32.06 19.67
CA GLY K 46 37.59 31.71 18.28
C GLY K 46 36.50 32.55 17.63
N THR K 47 36.30 33.76 18.13
CA THR K 47 35.33 34.79 17.79
C THR K 47 35.99 35.87 16.93
N PRO K 48 35.32 36.31 15.86
CA PRO K 48 35.89 37.40 15.04
C PRO K 48 36.14 38.68 15.84
N TYR K 49 35.30 38.98 16.83
CA TYR K 49 35.54 40.15 17.67
C TYR K 49 36.81 39.98 18.50
N ALA K 50 37.04 38.78 19.02
CA ALA K 50 38.28 38.53 19.75
C ALA K 50 39.49 38.65 18.82
N ALA K 51 39.34 38.22 17.58
CA ALA K 51 40.43 38.39 16.61
C ALA K 51 40.69 39.86 16.33
N GLN K 52 39.63 40.65 16.23
CA GLN K 52 39.78 42.10 16.06
C GLN K 52 40.52 42.71 17.24
N LEU K 53 40.15 42.32 18.46
CA LEU K 53 40.82 42.83 19.64
C LEU K 53 42.29 42.43 19.66
N ALA K 54 42.59 41.19 19.28
CA ALA K 54 43.98 40.73 19.26
C ALA K 54 44.79 41.49 18.23
N ALA K 55 44.22 41.70 17.04
CA ALA K 55 44.92 42.43 15.99
C ALA K 55 45.19 43.87 16.43
N LEU K 56 44.19 44.52 17.01
CA LEU K 56 44.36 45.91 17.46
C LEU K 56 45.37 45.99 18.59
N ASP K 57 45.38 45.00 19.49
CA ASP K 57 46.34 45.00 20.59
C ASP K 57 47.76 44.84 20.09
N ALA K 58 47.98 43.88 19.18
CA ALA K 58 49.30 43.71 18.59
C ALA K 58 49.73 44.94 17.82
N ALA K 59 48.78 45.59 17.13
CA ALA K 59 49.10 46.81 16.39
C ALA K 59 49.52 47.93 17.33
N LYS K 60 48.78 48.12 18.43
CA LYS K 60 49.13 49.17 19.38
C LYS K 60 50.47 48.86 20.06
N LYS K 61 50.76 47.59 20.31
CA LYS K 61 52.08 47.24 20.84
C LYS K 61 53.17 47.55 19.82
N ALA K 62 52.89 47.34 18.54
CA ALA K 62 53.84 47.70 17.50
C ALA K 62 54.00 49.20 17.34
N MET K 63 52.99 49.98 17.74
CA MET K 63 53.13 51.43 17.74
C MET K 63 54.22 51.88 18.71
N ALA K 64 54.43 51.11 19.80
CA ALA K 64 55.47 51.46 20.74
C ALA K 64 56.85 51.39 20.09
N TYR K 65 57.04 50.45 19.17
CA TYR K 65 58.27 50.37 18.39
C TYR K 65 58.26 51.31 17.19
N GLY K 66 57.25 52.18 17.10
CA GLY K 66 57.20 53.18 16.03
C GLY K 66 57.09 52.60 14.64
N MET K 67 56.27 51.56 14.46
CA MET K 67 56.09 50.94 13.15
C MET K 67 54.88 51.55 12.46
N GLN K 68 55.01 51.77 11.14
CA GLN K 68 53.98 52.42 10.35
C GLN K 68 53.36 51.51 9.30
N SER K 69 54.19 50.88 8.46
CA SER K 69 53.70 50.03 7.39
C SER K 69 53.96 48.57 7.72
N VAL K 70 53.03 47.70 7.33
CA VAL K 70 53.14 46.26 7.59
C VAL K 70 52.86 45.49 6.30
N ASP K 71 53.27 44.23 6.31
CA ASP K 71 52.92 43.27 5.25
C ASP K 71 52.17 42.12 5.93
N VAL K 72 50.89 42.00 5.61
CA VAL K 72 50.03 41.01 6.27
C VAL K 72 50.22 39.65 5.62
N ILE K 73 50.27 38.61 6.45
CA ILE K 73 50.40 37.23 6.00
C ILE K 73 49.39 36.39 6.77
N VAL K 74 48.52 35.69 6.03
CA VAL K 74 47.41 34.94 6.62
C VAL K 74 47.72 33.46 6.50
N ARG K 75 47.50 32.73 7.59
CA ARG K 75 47.64 31.27 7.59
C ARG K 75 46.48 30.66 8.36
N GLY K 76 45.87 29.63 7.78
CA GLY K 76 44.82 28.91 8.46
C GLY K 76 43.43 29.45 8.19
N THR K 77 42.47 28.54 8.13
CA THR K 77 41.06 28.89 7.95
C THR K 77 40.39 28.85 9.31
N GLY K 78 39.93 30.01 9.78
CA GLY K 78 39.27 30.11 11.06
C GLY K 78 38.39 31.32 11.12
N ALA K 79 37.29 31.21 11.86
CA ALA K 79 36.39 32.33 12.05
C ALA K 79 37.11 33.47 12.76
N GLY K 80 37.26 34.60 12.06
CA GLY K 80 37.99 35.74 12.59
C GLY K 80 39.20 36.15 11.78
N ARG K 81 39.51 35.47 10.66
CA ARG K 81 40.63 35.89 9.83
C ARG K 81 40.35 37.24 9.19
N GLU K 82 39.23 37.37 8.49
CA GLU K 82 38.90 38.61 7.81
C GLU K 82 38.65 39.75 8.78
N GLN K 83 38.14 39.43 9.98
CA GLN K 83 37.95 40.48 10.98
C GLN K 83 39.29 41.02 11.45
N ALA K 84 40.29 40.16 11.65
CA ALA K 84 41.63 40.63 11.98
C ALA K 84 42.24 41.41 10.82
N ILE K 85 41.94 40.99 9.59
CA ILE K 85 42.40 41.74 8.41
C ILE K 85 41.85 43.15 8.45
N ARG K 86 40.54 43.30 8.63
CA ARG K 86 39.94 44.63 8.66
C ARG K 86 40.35 45.41 9.90
N ALA K 87 40.71 44.72 10.98
CA ALA K 87 41.19 45.41 12.16
C ALA K 87 42.57 46.03 11.92
N LEU K 88 43.48 45.26 11.33
CA LEU K 88 44.80 45.80 11.00
C LEU K 88 44.73 46.84 9.90
N GLN K 89 43.76 46.70 8.98
CA GLN K 89 43.71 47.58 7.81
C GLN K 89 43.48 49.03 8.22
N ALA K 90 42.52 49.26 9.10
CA ALA K 90 42.27 50.59 9.65
C ALA K 90 42.63 50.55 11.13
N SER K 91 43.93 50.70 11.42
CA SER K 91 44.41 50.78 12.78
C SER K 91 45.54 51.78 12.94
N GLY K 92 45.77 52.65 11.96
CA GLY K 92 46.96 53.46 11.89
C GLY K 92 48.11 52.79 11.17
N LEU K 93 48.22 51.46 11.28
CA LEU K 93 49.23 50.71 10.54
C LEU K 93 48.84 50.64 9.07
N GLN K 94 49.73 51.10 8.20
CA GLN K 94 49.51 50.99 6.76
C GLN K 94 49.70 49.54 6.33
N VAL K 95 48.67 48.96 5.73
CA VAL K 95 48.74 47.60 5.21
C VAL K 95 49.16 47.67 3.76
N LYS K 96 50.34 47.13 3.46
CA LYS K 96 50.89 47.20 2.11
C LYS K 96 50.42 46.05 1.23
N SER K 97 50.36 44.84 1.78
CA SER K 97 49.95 43.68 0.98
C SER K 97 49.43 42.59 1.91
N ILE K 98 48.33 41.96 1.50
CA ILE K 98 47.76 40.82 2.21
C ILE K 98 48.06 39.57 1.39
N VAL K 99 48.63 38.56 2.04
CA VAL K 99 49.03 37.32 1.38
C VAL K 99 48.58 36.14 2.23
N ASP K 100 47.86 35.21 1.61
CA ASP K 100 47.47 33.97 2.26
C ASP K 100 48.50 32.90 1.95
N ASP K 101 49.15 32.40 2.99
CA ASP K 101 50.21 31.40 2.86
C ASP K 101 49.93 30.21 3.78
N THR K 102 48.71 29.71 3.71
CA THR K 102 48.31 28.58 4.55
C THR K 102 49.08 27.34 4.16
N PRO K 103 49.75 26.67 5.10
CA PRO K 103 50.53 25.47 4.75
C PRO K 103 49.65 24.28 4.43
N VAL K 104 49.60 23.92 3.15
CA VAL K 104 48.82 22.76 2.68
C VAL K 104 49.81 21.67 2.29
N PRO K 105 49.66 20.46 2.80
CA PRO K 105 50.57 19.37 2.42
C PRO K 105 50.20 18.80 1.07
N HIS K 106 51.12 18.00 0.53
CA HIS K 106 50.93 17.28 -0.72
C HIS K 106 50.50 15.84 -0.46
N ASN K 107 49.62 15.66 0.54
CA ASN K 107 49.22 14.36 1.04
C ASN K 107 50.40 13.58 1.61
N GLY K 108 51.05 14.15 2.63
CA GLY K 108 52.18 13.50 3.28
C GLY K 108 51.85 12.69 4.52
N CYS K 109 51.13 13.30 5.45
CA CYS K 109 50.86 12.68 6.74
C CYS K 109 49.38 12.34 6.90
N ARG K 110 49.11 11.37 7.77
CA ARG K 110 47.75 10.91 8.02
C ARG K 110 47.09 11.78 9.08
N PRO K 111 45.93 12.38 8.81
CA PRO K 111 45.30 13.26 9.79
C PRO K 111 44.70 12.47 10.94
N LYS K 112 44.29 13.21 11.97
CA LYS K 112 43.54 12.62 13.06
C LYS K 112 42.15 12.21 12.57
N LYS K 113 41.48 11.38 13.38
CA LYS K 113 40.13 10.93 13.04
C LYS K 113 39.18 12.10 12.79
N LYS K 114 39.45 13.26 13.42
CA LYS K 114 38.62 14.43 13.21
C LYS K 114 38.67 14.91 11.77
N PHE K 115 39.80 14.76 11.09
CA PHE K 115 39.99 15.28 9.74
C PHE K 115 40.06 14.18 8.69
N ARG K 116 39.54 12.99 8.99
CA ARG K 116 39.63 11.86 8.07
C ARG K 116 38.58 11.99 6.97
N LYS K 117 38.35 10.89 6.23
CA LYS K 117 37.61 10.90 4.97
C LYS K 117 38.30 11.78 3.94
N ALA K 118 39.62 11.90 4.06
CA ALA K 118 40.46 12.63 3.13
C ALA K 118 41.89 12.14 3.33
N SER K 119 42.81 12.75 2.60
CA SER K 119 44.22 12.37 2.71
C SER K 119 45.14 13.58 2.56
N PRO L 1 21.27 -27.05 -14.74
CA PRO L 1 22.57 -27.67 -15.02
C PRO L 1 22.63 -28.27 -16.42
N THR L 2 23.81 -28.29 -17.03
CA THR L 2 23.96 -28.86 -18.35
C THR L 2 23.73 -30.38 -18.30
N ILE L 3 23.43 -30.94 -19.47
CA ILE L 3 23.19 -32.39 -19.56
C ILE L 3 24.43 -33.15 -19.11
N ASN L 4 25.62 -32.64 -19.45
CA ASN L 4 26.85 -33.29 -19.01
C ASN L 4 26.95 -33.29 -17.48
N GLN L 5 26.57 -32.18 -16.84
CA GLN L 5 26.53 -32.15 -15.38
C GLN L 5 25.55 -33.18 -14.83
N LEU L 6 24.41 -33.36 -15.50
CA LEU L 6 23.44 -34.35 -15.06
C LEU L 6 23.99 -35.76 -15.20
N VAL L 7 24.77 -36.02 -16.24
CA VAL L 7 25.39 -37.33 -16.38
C VAL L 7 26.48 -37.54 -15.32
N ARG L 8 27.20 -36.48 -14.96
CA ARG L 8 28.27 -36.61 -13.97
C ARG L 8 27.73 -36.62 -12.55
N LYS L 9 26.87 -35.67 -12.20
CA LYS L 9 26.36 -35.53 -10.84
C LYS L 9 25.00 -36.20 -10.65
N GLY L 10 24.04 -35.93 -11.53
CA GLY L 10 22.71 -36.48 -11.40
C GLY L 10 21.88 -35.76 -10.35
N ARG L 11 20.57 -35.97 -10.43
CA ARG L 11 19.66 -35.39 -9.46
C ARG L 11 19.74 -36.16 -8.14
N GLU L 12 19.40 -35.46 -7.06
CA GLU L 12 19.49 -36.00 -5.71
C GLU L 12 18.08 -36.23 -5.18
N LYS L 13 17.73 -37.50 -4.94
CA LYS L 13 16.42 -37.82 -4.41
C LYS L 13 16.29 -37.34 -2.97
N VAL L 14 15.20 -36.64 -2.67
CA VAL L 14 14.99 -36.05 -1.36
C VAL L 14 14.33 -37.09 -0.46
N ARG L 15 14.85 -37.23 0.75
CA ARG L 15 14.29 -38.14 1.76
C ARG L 15 13.54 -37.33 2.81
N LYS L 16 12.36 -37.83 3.18
CA LYS L 16 11.51 -37.16 4.16
C LYS L 16 11.73 -37.77 5.54
N LYS L 17 12.02 -36.92 6.52
CA LYS L 17 12.20 -37.37 7.89
C LYS L 17 10.86 -37.68 8.52
N SER L 18 10.80 -38.78 9.27
CA SER L 18 9.55 -39.20 9.89
C SER L 18 9.20 -38.27 11.04
N LYS L 19 7.98 -37.73 11.00
CA LYS L 19 7.50 -36.88 12.09
C LYS L 19 7.14 -37.68 13.33
N VAL L 20 6.96 -39.00 13.20
CA VAL L 20 6.63 -39.87 14.32
C VAL L 20 7.67 -40.98 14.40
N PRO L 21 8.83 -40.73 15.08
CA PRO L 21 9.85 -41.77 15.27
C PRO L 21 9.48 -42.81 16.32
N ALA L 22 8.25 -43.34 16.21
CA ALA L 22 7.88 -44.57 16.91
C ALA L 22 8.47 -45.72 16.09
N LEU L 23 9.54 -46.32 16.60
CA LEU L 23 10.35 -47.23 15.81
C LEU L 23 9.53 -48.41 15.29
N LYS L 24 10.11 -49.11 14.32
CA LYS L 24 9.46 -50.14 13.53
C LYS L 24 8.32 -49.58 12.68
N GLY L 25 8.20 -48.25 12.60
CA GLY L 25 7.12 -47.63 11.84
C GLY L 25 5.74 -48.04 12.28
N ALA L 26 5.58 -48.46 13.53
CA ALA L 26 4.30 -49.00 13.98
C ALA L 26 3.24 -47.90 14.03
N PRO L 27 1.97 -48.26 13.83
CA PRO L 27 0.91 -47.26 13.97
C PRO L 27 0.69 -46.82 15.40
N PHE L 28 0.91 -47.71 16.37
CA PHE L 28 0.79 -47.39 17.77
C PHE L 28 1.94 -48.05 18.52
N ARG L 29 2.21 -47.54 19.72
CA ARG L 29 3.26 -48.13 20.55
C ARG L 29 2.85 -48.10 22.01
N ARG L 30 3.12 -49.20 22.71
CA ARG L 30 2.79 -49.33 24.13
C ARG L 30 3.89 -48.74 24.98
N GLY L 31 3.50 -48.03 26.04
CA GLY L 31 4.46 -47.45 26.96
C GLY L 31 3.85 -47.34 28.35
N VAL L 32 4.71 -46.97 29.29
CA VAL L 32 4.30 -46.77 30.68
C VAL L 32 4.58 -45.32 31.04
N CYS L 33 3.61 -44.69 31.69
CA CYS L 33 3.77 -43.29 32.07
C CYS L 33 4.90 -43.14 33.10
N THR L 34 5.50 -41.95 33.13
CA THR L 34 6.49 -41.59 34.14
C THR L 34 6.03 -40.41 34.97
N VAL L 35 5.66 -39.31 34.34
CA VAL L 35 5.07 -38.16 35.01
C VAL L 35 3.85 -37.72 34.21
N VAL L 36 2.86 -37.21 34.91
CA VAL L 36 1.65 -36.65 34.28
C VAL L 36 1.60 -35.19 34.69
N ARG L 37 2.14 -34.32 33.84
CA ARG L 37 2.33 -32.91 34.16
C ARG L 37 1.33 -32.05 33.39
N THR L 38 1.49 -30.74 33.52
CA THR L 38 0.67 -29.75 32.85
C THR L 38 1.59 -28.75 32.15
N VAL L 39 1.42 -28.61 30.84
CA VAL L 39 2.29 -27.76 30.02
C VAL L 39 1.48 -26.57 29.52
N THR L 40 2.07 -25.38 29.61
CA THR L 40 1.42 -24.17 29.10
C THR L 40 1.65 -24.04 27.60
N PRO L 41 0.65 -23.60 26.84
CA PRO L 41 0.78 -23.52 25.39
C PRO L 41 1.59 -22.31 24.95
N LYS L 42 1.68 -22.13 23.64
CA LYS L 42 2.49 -21.08 23.06
C LYS L 42 1.66 -19.81 22.85
N LYS L 43 2.20 -18.85 22.08
CA LYS L 43 1.79 -17.46 21.98
C LYS L 43 0.28 -17.21 21.99
N PRO L 44 -0.51 -17.75 21.05
CA PRO L 44 -1.89 -17.25 20.91
C PRO L 44 -2.89 -17.89 21.86
N ASN L 45 -2.50 -18.91 22.62
CA ASN L 45 -3.44 -19.64 23.48
C ASN L 45 -2.97 -19.61 24.92
N SER L 46 -3.85 -20.05 25.81
CA SER L 46 -3.57 -20.10 27.24
C SER L 46 -4.49 -21.12 27.87
N ALA L 47 -3.93 -22.20 28.39
CA ALA L 47 -4.69 -23.28 29.02
C ALA L 47 -3.73 -24.15 29.80
N LEU L 48 -4.27 -25.20 30.41
CA LEU L 48 -3.49 -26.19 31.16
C LEU L 48 -3.66 -27.53 30.45
N ARG L 49 -2.70 -27.86 29.58
CA ARG L 49 -2.79 -29.08 28.80
C ARG L 49 -2.26 -30.27 29.59
N LYS L 50 -2.88 -31.43 29.36
CA LYS L 50 -2.56 -32.66 30.10
C LYS L 50 -1.60 -33.48 29.25
N VAL L 51 -0.36 -33.59 29.72
CA VAL L 51 0.69 -34.31 29.00
C VAL L 51 1.26 -35.38 29.93
N ALA L 52 1.74 -36.47 29.33
CA ALA L 52 2.34 -37.57 30.08
C ALA L 52 3.65 -37.97 29.39
N LYS L 53 4.72 -38.06 30.17
CA LYS L 53 6.01 -38.50 29.66
C LYS L 53 6.00 -40.03 29.64
N VAL L 54 5.73 -40.60 28.47
CA VAL L 54 5.59 -42.04 28.33
C VAL L 54 6.95 -42.65 27.97
N ARG L 55 7.33 -43.70 28.69
CA ARG L 55 8.50 -44.51 28.40
C ARG L 55 8.04 -45.68 27.53
N LEU L 56 8.53 -45.74 26.30
CA LEU L 56 8.01 -46.66 25.30
C LEU L 56 8.78 -47.98 25.31
N THR L 57 8.12 -49.01 24.77
CA THR L 57 8.80 -50.28 24.49
C THR L 57 9.77 -50.17 23.31
N SER L 58 9.74 -49.04 22.59
CA SER L 58 10.68 -48.77 21.51
C SER L 58 12.02 -48.25 22.02
N GLY L 59 12.17 -48.08 23.33
CA GLY L 59 13.38 -47.52 23.90
C GLY L 59 13.35 -46.02 24.13
N TYR L 60 12.38 -45.32 23.55
CA TYR L 60 12.26 -43.88 23.70
C TYR L 60 11.49 -43.53 24.98
N GLU L 61 11.58 -42.26 25.37
CA GLU L 61 10.77 -41.71 26.45
C GLU L 61 10.37 -40.30 26.00
N VAL L 62 9.13 -40.15 25.54
CA VAL L 62 8.67 -38.93 24.90
C VAL L 62 7.38 -38.46 25.55
N THR L 63 7.12 -37.16 25.45
CA THR L 63 5.88 -36.60 25.98
C THR L 63 4.75 -36.79 24.98
N ALA L 64 3.58 -37.17 25.47
CA ALA L 64 2.41 -37.40 24.63
C ALA L 64 1.19 -36.76 25.28
N TYR L 65 0.27 -36.33 24.42
CA TYR L 65 -0.88 -35.56 24.88
C TYR L 65 -1.99 -36.47 25.37
N ILE L 66 -2.69 -36.02 26.41
CA ILE L 66 -3.82 -36.75 26.98
C ILE L 66 -5.11 -36.03 26.61
N PRO L 67 -5.77 -36.42 25.52
CA PRO L 67 -6.99 -35.72 25.11
C PRO L 67 -8.16 -36.05 26.02
N GLY L 68 -9.26 -35.33 25.78
CA GLY L 68 -10.50 -35.55 26.51
C GLY L 68 -10.70 -34.58 27.65
N GLU L 69 -11.93 -34.57 28.17
CA GLU L 69 -12.27 -33.69 29.28
C GLU L 69 -11.50 -34.06 30.53
N GLY L 70 -11.62 -35.31 30.98
CA GLY L 70 -10.91 -35.77 32.15
C GLY L 70 -10.25 -37.12 31.89
N HIS L 71 -9.16 -37.36 32.61
CA HIS L 71 -8.40 -38.59 32.46
C HIS L 71 -8.09 -39.17 33.82
N ASN L 72 -7.65 -40.43 33.82
CA ASN L 72 -7.20 -41.13 35.03
C ASN L 72 -5.88 -41.82 34.68
N LEU L 73 -4.79 -41.09 34.83
CA LEU L 73 -3.45 -41.59 34.50
C LEU L 73 -2.51 -41.25 35.65
N GLN L 74 -2.17 -42.25 36.44
CA GLN L 74 -1.25 -42.09 37.55
C GLN L 74 0.18 -42.23 37.05
N GLU L 75 1.14 -42.37 37.98
CA GLU L 75 2.54 -42.49 37.58
C GLU L 75 2.78 -43.79 36.82
N HIS L 76 2.29 -44.91 37.34
CA HIS L 76 2.54 -46.22 36.75
C HIS L 76 1.47 -46.64 35.74
N SER L 77 0.81 -45.68 35.10
CA SER L 77 -0.23 -45.99 34.12
C SER L 77 0.39 -46.46 32.81
N VAL L 78 -0.10 -47.60 32.30
CA VAL L 78 0.37 -48.18 31.05
C VAL L 78 -0.63 -47.78 29.96
N VAL L 79 -0.14 -47.05 28.95
CA VAL L 79 -1.01 -46.51 27.92
C VAL L 79 -0.38 -46.73 26.55
N LEU L 80 -1.23 -46.77 25.53
CA LEU L 80 -0.82 -46.89 24.14
C LEU L 80 -0.88 -45.52 23.47
N ILE L 81 0.15 -45.18 22.71
CA ILE L 81 0.24 -43.88 22.08
C ILE L 81 0.21 -44.06 20.57
N ARG L 82 -0.28 -43.02 19.89
CA ARG L 82 -0.40 -42.96 18.44
C ARG L 82 0.22 -41.66 17.95
N GLY L 83 0.25 -41.50 16.63
CA GLY L 83 0.74 -40.29 16.02
C GLY L 83 -0.22 -39.13 16.22
N GLY L 84 0.09 -38.02 15.54
CA GLY L 84 -0.70 -36.82 15.66
C GLY L 84 -0.15 -35.88 16.72
N ARG L 85 0.23 -34.67 16.32
CA ARG L 85 0.87 -33.72 17.22
C ARG L 85 -0.15 -32.74 17.79
N VAL L 86 0.31 -31.95 18.75
CA VAL L 86 -0.44 -30.85 19.33
C VAL L 86 0.32 -29.58 18.99
N LYS L 87 -0.20 -28.81 18.03
CA LYS L 87 0.50 -27.66 17.47
C LYS L 87 0.91 -26.62 18.52
N 0TD L 88 0.02 -26.38 19.46
CA 0TD L 88 0.22 -25.30 20.43
C 0TD L 88 1.04 -25.85 21.62
O 0TD L 88 1.18 -25.18 22.66
CSB 0TD L 88 -1.18 -22.28 19.75
SB 0TD L 88 -1.09 -23.03 21.36
CB 0TD L 88 -1.15 -24.75 20.80
CG 0TD L 88 -1.77 -25.53 21.94
OD2 0TD L 88 -2.45 -24.88 22.76
OD1 0TD L 88 -1.86 -26.75 21.77
N LEU L 89 1.57 -27.06 21.46
CA LEU L 89 2.46 -27.65 22.45
C LEU L 89 3.78 -28.07 21.80
N PRO L 90 4.77 -27.19 21.85
CA PRO L 90 6.09 -27.53 21.25
C PRO L 90 6.71 -28.73 21.94
N GLY L 91 7.11 -29.71 21.13
CA GLY L 91 7.73 -30.93 21.61
C GLY L 91 6.78 -32.10 21.73
N VAL L 92 5.47 -31.85 21.78
CA VAL L 92 4.47 -32.91 21.88
C VAL L 92 4.11 -33.34 20.47
N ARG L 93 4.49 -34.57 20.12
CA ARG L 93 4.29 -35.09 18.77
C ARG L 93 3.42 -36.35 18.73
N TYR L 94 2.91 -36.80 19.88
CA TYR L 94 2.16 -38.05 19.96
C TYR L 94 0.94 -37.84 20.84
N HIS L 95 -0.08 -38.68 20.61
CA HIS L 95 -1.33 -38.62 21.35
C HIS L 95 -1.52 -39.90 22.15
N ILE L 96 -2.24 -39.78 23.27
CA ILE L 96 -2.67 -40.95 24.02
C ILE L 96 -3.95 -41.49 23.39
N VAL L 97 -4.05 -42.82 23.33
CA VAL L 97 -5.26 -43.47 22.83
C VAL L 97 -6.13 -43.82 24.03
N ARG L 98 -7.32 -43.22 24.08
CA ARG L 98 -8.20 -43.39 25.22
C ARG L 98 -8.98 -44.70 25.10
N GLY L 99 -8.95 -45.50 26.16
CA GLY L 99 -9.55 -46.81 26.15
C GLY L 99 -8.59 -47.96 26.01
N VAL L 100 -7.31 -47.78 26.36
CA VAL L 100 -6.28 -48.78 26.13
C VAL L 100 -5.47 -48.98 27.40
N TYR L 101 -5.80 -50.04 28.15
CA TYR L 101 -5.03 -50.67 29.23
C TYR L 101 -4.95 -49.89 30.54
N ASP L 102 -5.17 -48.58 30.53
CA ASP L 102 -5.27 -47.85 31.80
C ASP L 102 -6.19 -46.64 31.71
N ALA L 103 -6.46 -46.19 30.49
CA ALA L 103 -7.05 -44.88 30.26
C ALA L 103 -8.50 -45.07 29.83
N ALA L 104 -9.42 -44.99 30.78
CA ALA L 104 -10.83 -45.10 30.48
C ALA L 104 -11.25 -44.00 29.51
N GLY L 105 -12.28 -44.29 28.71
CA GLY L 105 -12.79 -43.30 27.80
C GLY L 105 -13.42 -42.12 28.50
N VAL L 106 -13.52 -41.01 27.77
CA VAL L 106 -14.12 -39.80 28.32
C VAL L 106 -15.58 -40.09 28.65
N LYS L 107 -15.93 -39.93 29.92
CA LYS L 107 -17.29 -40.22 30.35
C LYS L 107 -18.26 -39.15 29.84
N ASP L 108 -19.52 -39.54 29.69
CA ASP L 108 -20.61 -38.70 29.19
C ASP L 108 -20.36 -38.22 27.76
N ARG L 109 -19.37 -38.78 27.07
CA ARG L 109 -19.14 -38.42 25.67
C ARG L 109 -20.25 -39.01 24.80
N LYS L 110 -20.83 -38.16 23.94
CA LYS L 110 -21.94 -38.58 23.11
C LYS L 110 -21.84 -38.17 21.64
N LYS L 111 -20.99 -37.20 21.29
CA LYS L 111 -20.90 -36.73 19.91
C LYS L 111 -19.87 -37.51 19.10
N SER L 112 -18.61 -37.47 19.51
CA SER L 112 -17.53 -38.17 18.83
C SER L 112 -16.92 -39.15 19.84
N ARG L 113 -17.51 -40.34 19.92
CA ARG L 113 -17.12 -41.31 20.94
C ARG L 113 -15.94 -42.18 20.51
N SER L 114 -15.88 -42.58 19.24
CA SER L 114 -14.81 -43.46 18.80
C SER L 114 -13.44 -42.78 18.90
N LYS L 115 -13.41 -41.45 18.83
CA LYS L 115 -12.17 -40.71 18.98
C LYS L 115 -11.76 -40.52 20.44
N TYR L 116 -12.57 -40.98 21.39
CA TYR L 116 -12.23 -40.86 22.80
C TYR L 116 -12.55 -42.12 23.60
N GLY L 117 -12.77 -43.25 22.92
CA GLY L 117 -12.90 -44.53 23.60
C GLY L 117 -14.11 -44.66 24.50
N THR L 118 -15.26 -44.16 24.06
CA THR L 118 -16.49 -44.25 24.82
C THR L 118 -17.48 -45.13 24.06
N LYS L 119 -18.00 -46.15 24.73
CA LYS L 119 -18.92 -47.08 24.09
C LYS L 119 -20.31 -46.46 23.96
N LYS L 120 -21.11 -47.07 23.09
CA LYS L 120 -22.46 -46.58 22.85
C LYS L 120 -23.30 -46.68 24.11
N PRO L 121 -24.01 -45.61 24.49
CA PRO L 121 -24.88 -45.69 25.67
C PRO L 121 -26.00 -46.70 25.47
N LYS L 122 -26.76 -46.91 26.55
CA LYS L 122 -27.79 -47.94 26.58
C LYS L 122 -29.05 -47.45 25.85
N GLU L 123 -30.16 -48.17 26.07
CA GLU L 123 -31.39 -47.93 25.34
C GLU L 123 -31.82 -46.46 25.42
N ALA L 124 -32.54 -46.03 24.39
CA ALA L 124 -33.04 -44.66 24.31
C ALA L 124 -34.44 -44.56 24.91
N ALA L 125 -35.09 -43.42 24.70
N ALA M 1 -8.10 60.88 74.78
CA ALA M 1 -7.48 60.48 76.04
C ALA M 1 -7.95 59.09 76.45
N ARG M 2 -7.88 58.82 77.75
CA ARG M 2 -8.28 57.52 78.30
C ARG M 2 -9.81 57.47 78.40
N ILE M 3 -10.44 56.68 77.53
CA ILE M 3 -11.89 56.60 77.45
C ILE M 3 -12.30 55.14 77.36
N ALA M 4 -13.21 54.73 78.25
CA ALA M 4 -13.86 53.42 78.17
C ALA M 4 -12.84 52.29 78.24
N GLY M 5 -11.88 52.40 79.14
CA GLY M 5 -10.87 51.38 79.31
C GLY M 5 -9.50 51.99 79.43
N VAL M 6 -8.49 51.13 79.38
CA VAL M 6 -7.09 51.52 79.55
C VAL M 6 -6.50 51.87 78.20
N GLU M 7 -7.33 51.98 77.17
CA GLU M 7 -6.89 52.24 75.81
C GLU M 7 -6.99 53.73 75.51
N ILE M 8 -5.96 54.26 74.84
CA ILE M 8 -5.91 55.69 74.52
C ILE M 8 -5.57 55.86 73.05
N PRO M 9 -6.53 56.22 72.19
CA PRO M 9 -6.20 56.65 70.84
C PRO M 9 -5.74 58.10 70.82
N ARG M 10 -5.00 58.45 69.77
CA ARG M 10 -4.32 59.74 69.78
C ARG M 10 -4.03 60.18 68.35
N ASN M 11 -4.18 61.49 68.12
CA ASN M 11 -3.66 62.16 66.92
C ASN M 11 -4.34 61.68 65.64
N LYS M 12 -5.66 61.57 65.69
CA LYS M 12 -6.46 61.27 64.50
C LYS M 12 -7.91 61.62 64.80
N ARG M 13 -8.76 61.48 63.79
CA ARG M 13 -10.17 61.83 63.92
C ARG M 13 -10.82 61.01 65.03
N VAL M 14 -11.73 61.65 65.76
CA VAL M 14 -12.25 61.04 66.99
C VAL M 14 -13.05 59.78 66.69
N ASP M 15 -13.76 59.73 65.56
CA ASP M 15 -14.50 58.52 65.22
C ASP M 15 -13.54 57.38 64.87
N VAL M 16 -12.55 57.67 64.02
CA VAL M 16 -11.53 56.67 63.71
C VAL M 16 -10.77 56.27 64.97
N ALA M 17 -10.57 57.22 65.87
CA ALA M 17 -9.90 56.91 67.14
C ALA M 17 -10.75 55.96 67.99
N LEU M 18 -12.05 56.20 68.05
CA LEU M 18 -12.95 55.32 68.79
C LEU M 18 -13.09 53.96 68.14
N THR M 19 -12.80 53.85 66.84
CA THR M 19 -12.76 52.54 66.21
C THR M 19 -11.75 51.62 66.91
N TYR M 20 -10.71 52.20 67.52
CA TYR M 20 -9.73 51.45 68.29
C TYR M 20 -10.26 50.97 69.65
N ILE M 21 -11.53 51.17 69.96
CA ILE M 21 -12.15 50.58 71.15
C ILE M 21 -12.71 49.22 70.73
N TYR M 22 -12.57 48.23 71.63
CA TYR M 22 -12.93 46.86 71.26
C TYR M 22 -14.43 46.71 71.03
N GLY M 23 -15.25 47.36 71.83
CA GLY M 23 -16.68 47.24 71.65
C GLY M 23 -17.30 48.21 70.68
N ILE M 24 -16.50 48.92 69.90
CA ILE M 24 -16.96 50.04 69.08
C ILE M 24 -16.41 49.88 67.66
N GLY M 25 -17.30 49.92 66.69
CA GLY M 25 -16.96 50.03 65.29
C GLY M 25 -17.15 51.44 64.79
N LYS M 26 -17.46 51.57 63.50
CA LYS M 26 -17.73 52.90 62.95
C LYS M 26 -19.15 53.35 63.25
N ALA M 27 -20.11 52.42 63.25
CA ALA M 27 -21.49 52.77 63.55
C ALA M 27 -21.64 53.27 64.98
N ARG M 28 -21.06 52.54 65.94
CA ARG M 28 -21.17 52.97 67.33
C ARG M 28 -20.37 54.23 67.60
N ALA M 29 -19.24 54.42 66.91
CA ALA M 29 -18.49 55.65 67.07
C ALA M 29 -19.28 56.84 66.53
N LYS M 30 -19.91 56.68 65.36
CA LYS M 30 -20.76 57.75 64.83
C LYS M 30 -21.92 58.04 65.75
N GLU M 31 -22.56 56.99 66.30
CA GLU M 31 -23.69 57.20 67.20
C GLU M 31 -23.25 57.93 68.46
N ALA M 32 -22.09 57.56 69.02
CA ALA M 32 -21.60 58.21 70.23
C ALA M 32 -21.28 59.67 69.96
N LEU M 33 -20.51 59.94 68.90
CA LEU M 33 -20.17 61.33 68.58
C LEU M 33 -21.39 62.15 68.17
N GLU M 34 -22.45 61.49 67.71
CA GLU M 34 -23.67 62.21 67.34
C GLU M 34 -24.49 62.56 68.58
N LYS M 35 -24.68 61.60 69.48
CA LYS M 35 -25.43 61.88 70.70
C LYS M 35 -24.65 62.77 71.66
N THR M 36 -23.31 62.70 71.63
CA THR M 36 -22.49 63.54 72.49
C THR M 36 -22.29 64.94 71.92
N GLY M 37 -22.67 65.18 70.67
CA GLY M 37 -22.52 66.48 70.07
C GLY M 37 -21.08 66.90 69.88
N ILE M 38 -20.26 66.00 69.35
CA ILE M 38 -18.84 66.24 69.15
C ILE M 38 -18.54 66.13 67.67
N ASN M 39 -17.79 67.09 67.14
CA ASN M 39 -17.37 67.06 65.74
C ASN M 39 -16.44 65.87 65.53
N PRO M 40 -16.78 64.91 64.66
CA PRO M 40 -15.89 63.78 64.41
C PRO M 40 -14.63 64.15 63.64
N ALA M 41 -14.57 65.34 63.04
CA ALA M 41 -13.43 65.71 62.22
C ALA M 41 -12.22 66.12 63.06
N THR M 42 -12.45 66.64 64.27
CA THR M 42 -11.36 67.09 65.10
C THR M 42 -10.47 65.91 65.51
N ARG M 43 -9.19 66.21 65.74
CA ARG M 43 -8.25 65.19 66.19
C ARG M 43 -8.42 64.94 67.68
N VAL M 44 -7.75 63.90 68.18
CA VAL M 44 -7.84 63.56 69.58
C VAL M 44 -7.17 64.63 70.44
N LYS M 45 -5.99 65.07 70.03
CA LYS M 45 -5.28 66.12 70.76
C LYS M 45 -6.00 67.46 70.72
N ASP M 46 -7.08 67.58 69.93
CA ASP M 46 -7.87 68.80 69.86
C ASP M 46 -9.19 68.67 70.60
N LEU M 47 -9.28 67.75 71.55
CA LEU M 47 -10.51 67.52 72.30
C LEU M 47 -10.46 68.24 73.64
N THR M 48 -11.59 68.84 74.02
CA THR M 48 -11.71 69.47 75.32
C THR M 48 -11.81 68.43 76.42
N GLU M 49 -11.27 68.75 77.59
CA GLU M 49 -11.42 67.89 78.75
C GLU M 49 -12.89 67.58 79.02
N ALA M 50 -13.75 68.58 78.85
CA ALA M 50 -15.18 68.36 79.03
C ALA M 50 -15.73 67.41 77.97
N GLU M 51 -15.27 67.55 76.73
CA GLU M 51 -15.71 66.63 75.68
C GLU M 51 -15.26 65.21 75.95
N VAL M 52 -14.03 65.05 76.44
CA VAL M 52 -13.54 63.72 76.79
C VAL M 52 -14.36 63.13 77.94
N VAL M 53 -14.67 63.95 78.95
CA VAL M 53 -15.49 63.47 80.06
C VAL M 53 -16.88 63.09 79.57
N ARG M 54 -17.42 63.84 78.61
CA ARG M 54 -18.74 63.54 78.08
C ARG M 54 -18.75 62.22 77.31
N LEU M 55 -17.80 62.05 76.39
CA LEU M 55 -17.70 60.81 75.63
C LEU M 55 -17.46 59.63 76.56
N ARG M 56 -16.64 59.82 77.59
CA ARG M 56 -16.40 58.76 78.56
C ARG M 56 -17.67 58.41 79.33
N GLU M 57 -18.37 59.43 79.83
CA GLU M 57 -19.61 59.20 80.56
C GLU M 57 -20.62 58.44 79.73
N TYR M 58 -20.69 58.74 78.43
CA TYR M 58 -21.65 58.04 77.58
C TYR M 58 -21.19 56.61 77.30
N VAL M 59 -20.02 56.46 76.69
CA VAL M 59 -19.59 55.15 76.19
C VAL M 59 -19.32 54.18 77.32
N GLU M 60 -18.79 54.66 78.45
CA GLU M 60 -18.41 53.78 79.55
C GLU M 60 -19.56 52.87 79.96
N ASN M 61 -20.75 53.44 80.17
CA ASN M 61 -21.95 52.64 80.42
C ASN M 61 -23.04 53.07 79.44
N THR M 62 -22.94 52.57 78.21
CA THR M 62 -24.05 52.48 77.28
C THR M 62 -24.07 51.18 76.50
N TRP M 63 -22.92 50.51 76.33
CA TRP M 63 -22.84 49.17 75.77
C TRP M 63 -21.85 48.38 76.61
N LYS M 64 -21.77 47.09 76.34
CA LYS M 64 -20.79 46.23 76.99
C LYS M 64 -19.45 46.33 76.25
N LEU M 65 -18.37 46.43 77.02
CA LEU M 65 -17.06 46.76 76.45
C LEU M 65 -15.98 45.76 76.83
N GLU M 66 -14.72 46.10 76.55
CA GLU M 66 -13.62 45.15 76.38
C GLU M 66 -13.66 43.96 77.32
N GLY M 67 -13.55 44.20 78.62
CA GLY M 67 -13.47 43.11 79.58
C GLY M 67 -14.73 42.27 79.61
N GLU M 68 -15.85 42.92 79.90
CA GLU M 68 -17.12 42.21 79.96
C GLU M 68 -17.52 41.65 78.60
N LEU M 69 -17.12 42.31 77.50
CA LEU M 69 -17.47 41.82 76.17
C LEU M 69 -16.72 40.52 75.86
N ARG M 70 -15.40 40.52 76.06
CA ARG M 70 -14.63 39.29 75.83
C ARG M 70 -15.08 38.19 76.76
N ALA M 71 -15.35 38.53 78.03
CA ALA M 71 -15.82 37.52 78.98
C ALA M 71 -17.17 36.96 78.56
N GLU M 72 -18.05 37.80 78.00
CA GLU M 72 -19.36 37.35 77.60
C GLU M 72 -19.30 36.48 76.36
N VAL M 73 -18.40 36.81 75.42
CA VAL M 73 -18.25 35.97 74.23
C VAL M 73 -17.65 34.62 74.62
N ALA M 74 -16.63 34.64 75.49
CA ALA M 74 -16.07 33.38 75.98
C ALA M 74 -17.12 32.57 76.74
N ALA M 75 -18.00 33.25 77.49
CA ALA M 75 -19.04 32.56 78.21
C ALA M 75 -20.08 31.97 77.26
N ASN M 76 -20.38 32.68 76.16
CA ASN M 76 -21.31 32.14 75.17
C ASN M 76 -20.74 30.87 74.54
N ILE M 77 -19.47 30.91 74.13
CA ILE M 77 -18.86 29.73 73.52
C ILE M 77 -18.75 28.60 74.54
N LYS M 78 -18.39 28.93 75.78
CA LYS M 78 -18.29 27.93 76.84
C LYS M 78 -19.65 27.31 77.13
N ARG M 79 -20.72 28.10 77.07
CA ARG M 79 -22.06 27.58 77.28
C ARG M 79 -22.47 26.67 76.12
N LEU M 80 -22.14 27.06 74.90
CA LEU M 80 -22.42 26.20 73.75
C LEU M 80 -21.69 24.86 73.87
N MET M 81 -20.47 24.88 74.40
CA MET M 81 -19.73 23.63 74.56
C MET M 81 -20.25 22.81 75.72
N ASP M 82 -20.62 23.46 76.83
CA ASP M 82 -21.03 22.74 78.03
C ASP M 82 -22.38 22.06 77.86
N ILE M 83 -23.26 22.61 77.01
CA ILE M 83 -24.55 21.98 76.76
C ILE M 83 -24.48 20.84 75.77
N GLY M 84 -23.30 20.55 75.23
CA GLY M 84 -23.17 19.50 74.25
C GLY M 84 -23.78 19.81 72.91
N CYS M 85 -23.95 21.08 72.57
CA CYS M 85 -24.55 21.47 71.31
C CYS M 85 -23.63 21.13 70.14
N TYR M 86 -24.21 21.15 68.93
CA TYR M 86 -23.42 20.92 67.73
C TYR M 86 -22.41 22.04 67.51
N ARG M 87 -22.83 23.29 67.73
CA ARG M 87 -21.90 24.41 67.65
C ARG M 87 -20.78 24.27 68.69
N GLY M 88 -21.12 23.76 69.86
CA GLY M 88 -20.09 23.48 70.85
C GLY M 88 -19.10 22.43 70.38
N LEU M 89 -19.60 21.43 69.63
CA LEU M 89 -18.70 20.45 69.05
C LEU M 89 -17.80 21.07 67.99
N ARG M 90 -18.36 21.95 67.16
CA ARG M 90 -17.55 22.61 66.13
C ARG M 90 -16.46 23.48 66.76
N HIS M 91 -16.81 24.23 67.81
CA HIS M 91 -15.80 24.99 68.55
C HIS M 91 -14.79 24.06 69.21
N ARG M 92 -15.23 22.86 69.63
CA ARG M 92 -14.34 21.94 70.32
C ARG M 92 -13.28 21.38 69.39
N ARG M 93 -13.62 21.17 68.12
CA ARG M 93 -12.69 20.62 67.15
C ARG M 93 -11.94 21.68 66.36
N GLY M 94 -12.27 22.96 66.56
CA GLY M 94 -11.66 24.03 65.79
C GLY M 94 -12.07 23.99 64.33
N LEU M 95 -13.39 23.89 64.10
CA LEU M 95 -13.94 23.79 62.75
C LEU M 95 -14.95 24.91 62.52
N PRO M 96 -15.34 25.16 61.27
CA PRO M 96 -16.37 26.18 61.02
C PRO M 96 -17.68 25.83 61.72
N VAL M 97 -18.38 26.86 62.20
CA VAL M 97 -19.59 26.69 62.99
C VAL M 97 -20.80 27.06 62.17
N ARG M 98 -20.61 27.95 61.18
CA ARG M 98 -21.70 28.57 60.44
C ARG M 98 -22.01 27.85 59.13
N GLY M 99 -21.81 26.54 59.10
CA GLY M 99 -22.28 25.74 57.99
C GLY M 99 -21.44 25.77 56.73
N GLN M 100 -20.16 26.14 56.84
CA GLN M 100 -19.30 26.14 55.67
C GLN M 100 -18.72 24.74 55.43
N ARG M 101 -18.17 24.55 54.24
CA ARG M 101 -17.57 23.26 53.89
C ARG M 101 -16.20 23.12 54.54
N THR M 102 -15.75 21.87 54.65
CA THR M 102 -14.44 21.57 55.23
C THR M 102 -13.54 20.73 54.34
N ARG M 103 -14.05 20.17 53.23
CA ARG M 103 -13.23 19.43 52.28
C ARG M 103 -12.18 20.31 51.60
N THR M 104 -12.21 21.62 51.85
CA THR M 104 -11.45 22.62 51.12
C THR M 104 -11.12 23.76 52.07
N ASN M 105 -10.95 24.97 51.53
CA ASN M 105 -10.72 26.15 52.34
C ASN M 105 -11.86 26.35 53.34
N ALA M 106 -11.80 27.42 54.13
CA ALA M 106 -12.11 27.45 55.56
C ALA M 106 -10.88 26.98 56.34
N ARG M 107 -9.71 27.31 55.79
CA ARG M 107 -8.45 27.11 56.51
C ARG M 107 -8.28 28.09 57.66
N THR M 108 -8.92 29.27 57.57
CA THR M 108 -8.73 30.29 58.60
C THR M 108 -9.28 29.85 59.96
N ARG M 109 -10.11 28.82 60.00
CA ARG M 109 -10.56 28.25 61.25
C ARG M 109 -9.69 27.09 61.70
N LYS M 110 -9.02 26.42 60.76
CA LYS M 110 -8.17 25.28 61.05
C LYS M 110 -6.70 25.66 61.24
N GLY M 111 -6.36 26.94 61.11
CA GLY M 111 -5.00 27.39 61.29
C GLY M 111 -4.14 27.12 60.08
N PRO M 112 -2.87 26.80 60.31
CA PRO M 112 -1.96 26.48 59.20
C PRO M 112 -2.36 25.17 58.53
N ARG M 113 -1.71 24.91 57.39
CA ARG M 113 -2.02 23.75 56.56
C ARG M 113 -1.08 22.62 56.92
N LYS M 114 -1.62 21.55 57.49
CA LYS M 114 -0.83 20.41 57.96
C LYS M 114 -0.85 19.33 56.88
N THR M 115 0.02 19.49 55.89
CA THR M 115 0.08 18.56 54.78
C THR M 115 0.54 17.18 55.25
N VAL M 116 -0.07 16.14 54.70
CA VAL M 116 0.25 14.75 55.02
C VAL M 116 0.54 14.00 53.73
N ALA M 117 0.82 12.70 53.87
CA ALA M 117 1.17 11.88 52.72
C ALA M 117 -0.06 11.57 51.88
N GLY M 118 0.19 11.01 50.69
CA GLY M 118 -0.87 10.67 49.77
C GLY M 118 -0.44 10.70 48.32
N ALA N 1 -35.56 8.61 34.60
CA ALA N 1 -37.00 8.80 34.65
C ALA N 1 -37.71 7.50 35.03
N ARG N 2 -37.68 7.17 36.32
CA ARG N 2 -38.34 5.96 36.79
C ARG N 2 -39.85 6.14 36.79
N LYS N 3 -40.57 5.04 36.57
CA LYS N 3 -42.02 5.10 36.46
C LYS N 3 -42.66 5.59 37.75
N ALA N 4 -42.18 5.10 38.90
CA ALA N 4 -42.74 5.52 40.17
C ALA N 4 -42.64 7.02 40.37
N LEU N 5 -41.52 7.61 39.94
CA LEU N 5 -41.35 9.06 40.07
C LEU N 5 -42.30 9.85 39.19
N ILE N 6 -42.93 9.20 38.20
CA ILE N 6 -43.94 9.86 37.38
C ILE N 6 -45.18 10.10 38.22
N GLU N 7 -45.16 9.61 39.48
CA GLU N 7 -46.15 10.03 40.47
C GLU N 7 -46.03 11.51 40.82
N LYS N 8 -45.02 12.21 40.29
CA LYS N 8 -44.91 13.65 40.50
C LYS N 8 -46.24 14.34 40.26
N ALA N 9 -46.90 14.03 39.15
CA ALA N 9 -48.25 14.52 38.91
C ALA N 9 -49.14 14.02 40.04
N LYS N 10 -49.59 14.92 40.89
CA LYS N 10 -50.27 14.53 42.12
C LYS N 10 -51.11 15.70 42.61
N ARG N 11 -52.43 15.53 42.64
CA ARG N 11 -53.30 16.54 43.21
C ARG N 11 -53.09 16.70 44.71
N THR N 12 -52.50 15.72 45.36
CA THR N 12 -52.22 15.74 46.80
C THR N 12 -50.75 15.47 47.04
N PRO N 13 -49.88 16.43 46.73
CA PRO N 13 -48.45 16.26 47.05
C PRO N 13 -48.14 16.42 48.53
N LYS N 14 -49.16 16.67 49.35
CA LYS N 14 -49.07 16.78 50.81
C LYS N 14 -48.41 18.08 51.24
N PHE N 15 -47.81 18.80 50.28
CA PHE N 15 -47.15 20.08 50.53
C PHE N 15 -46.97 20.80 49.21
N LYS N 16 -46.87 22.12 49.27
CA LYS N 16 -46.63 22.91 48.07
C LYS N 16 -45.17 22.86 47.65
N VAL N 17 -44.25 22.86 48.62
CA VAL N 17 -42.83 22.87 48.29
C VAL N 17 -42.39 21.56 47.68
N ARG N 18 -43.01 20.44 48.09
CA ARG N 18 -42.63 19.15 47.53
C ARG N 18 -43.02 19.02 46.07
N ALA N 19 -43.98 19.82 45.60
CA ALA N 19 -44.40 19.77 44.20
C ALA N 19 -43.33 20.39 43.31
N TYR N 20 -42.64 19.56 42.56
CA TYR N 20 -41.65 20.00 41.58
C TYR N 20 -42.21 19.75 40.17
N THR N 21 -41.42 20.08 39.16
CA THR N 21 -41.84 19.95 37.77
C THR N 21 -40.97 18.92 37.06
N ARG N 22 -41.60 18.17 36.16
CA ARG N 22 -40.91 17.14 35.38
C ARG N 22 -41.20 17.35 33.90
N CYS N 23 -40.37 16.73 33.07
CA CYS N 23 -40.59 16.74 31.63
C CYS N 23 -41.76 15.82 31.31
N VAL N 24 -42.78 16.37 30.64
CA VAL N 24 -43.97 15.59 30.36
C VAL N 24 -43.68 14.49 29.33
N ARG N 25 -42.69 14.71 28.47
CA ARG N 25 -42.41 13.75 27.40
C ARG N 25 -41.57 12.58 27.91
N CYS N 26 -40.34 12.86 28.37
CA CYS N 26 -39.40 11.82 28.73
C CYS N 26 -39.33 11.55 30.22
N GLY N 27 -40.04 12.34 31.04
CA GLY N 27 -40.00 12.13 32.47
C GLY N 27 -38.79 12.69 33.17
N ARG N 28 -38.06 13.60 32.53
CA ARG N 28 -36.87 14.19 33.13
C ARG N 28 -37.25 15.01 34.36
N ALA N 29 -36.28 15.17 35.27
CA ALA N 29 -36.44 15.98 36.46
C ALA N 29 -35.66 17.27 36.45
N ARG N 30 -34.45 17.28 35.87
CA ARG N 30 -33.61 18.45 35.80
C ARG N 30 -33.71 19.13 34.44
N SER N 31 -33.35 20.41 34.41
CA SER N 31 -33.37 21.22 33.20
C SER N 31 -34.72 21.17 32.52
N VAL N 32 -35.77 21.34 33.32
CA VAL N 32 -37.15 21.30 32.85
C VAL N 32 -37.62 22.73 32.64
N TYR N 33 -37.74 23.14 31.38
CA TYR N 33 -38.20 24.49 31.07
C TYR N 33 -39.68 24.62 31.40
N ARG N 34 -40.04 25.69 32.11
CA ARG N 34 -41.42 25.89 32.54
C ARG N 34 -42.32 26.37 31.42
N PHE N 35 -41.77 27.09 30.44
CA PHE N 35 -42.58 27.60 29.34
C PHE N 35 -43.13 26.45 28.49
N PHE N 36 -42.28 25.48 28.15
CA PHE N 36 -42.70 24.35 27.33
C PHE N 36 -43.17 23.15 28.14
N GLY N 37 -42.80 23.09 29.43
CA GLY N 37 -43.09 21.91 30.23
C GLY N 37 -42.21 20.71 29.91
N LEU N 38 -41.28 20.85 28.98
CA LEU N 38 -40.37 19.77 28.60
C LEU N 38 -39.02 19.96 29.27
N CYS N 39 -38.12 19.00 29.05
CA CYS N 39 -36.74 19.14 29.46
C CYS N 39 -35.97 19.86 28.35
N ARG N 40 -34.64 19.89 28.46
CA ARG N 40 -33.84 20.54 27.43
C ARG N 40 -33.67 19.64 26.21
N ILE N 41 -33.54 18.33 26.42
CA ILE N 41 -33.31 17.41 25.32
C ILE N 41 -34.55 17.29 24.45
N CYS N 42 -35.71 17.08 25.08
CA CYS N 42 -36.96 17.05 24.33
C CYS N 42 -37.24 18.40 23.69
N LEU N 43 -36.85 19.49 24.35
CA LEU N 43 -36.97 20.81 23.73
C LEU N 43 -36.21 20.85 22.42
N ARG N 44 -34.94 20.44 22.44
CA ARG N 44 -34.12 20.47 21.22
C ARG N 44 -34.71 19.57 20.15
N GLU N 45 -35.16 18.37 20.54
CA GLU N 45 -35.67 17.41 19.56
C GLU N 45 -36.95 17.94 18.89
N LEU N 46 -37.95 18.32 19.70
CA LEU N 46 -39.19 18.82 19.14
C LEU N 46 -39.03 20.17 18.45
N ALA N 47 -37.98 20.93 18.78
CA ALA N 47 -37.71 22.16 18.05
C ALA N 47 -37.11 21.85 16.69
N HIS N 48 -36.26 20.83 16.60
CA HIS N 48 -35.76 20.40 15.30
C HIS N 48 -36.88 19.85 14.44
N LYS N 49 -37.80 19.08 15.03
CA LYS N 49 -38.90 18.51 14.26
C LYS N 49 -39.93 19.55 13.84
N GLY N 50 -39.80 20.80 14.28
CA GLY N 50 -40.72 21.83 13.85
C GLY N 50 -42.08 21.77 14.50
N GLN N 51 -42.23 21.02 15.59
CA GLN N 51 -43.50 20.90 16.29
C GLN N 51 -43.71 22.00 17.33
N LEU N 52 -42.78 22.95 17.43
CA LEU N 52 -42.93 24.08 18.33
C LEU N 52 -43.12 25.34 17.49
N PRO N 53 -44.34 25.89 17.41
CA PRO N 53 -44.57 27.05 16.54
C PRO N 53 -43.75 28.25 16.96
N GLY N 54 -43.27 28.99 15.98
CA GLY N 54 -42.49 30.19 16.21
C GLY N 54 -41.08 29.98 16.69
N VAL N 55 -40.70 28.76 17.06
CA VAL N 55 -39.35 28.49 17.55
C VAL N 55 -38.41 28.39 16.37
N ARG N 56 -37.37 29.22 16.36
CA ARG N 56 -36.41 29.31 15.28
C ARG N 56 -35.00 29.36 15.85
N LYS N 57 -34.04 28.98 15.02
CA LYS N 57 -32.64 29.01 15.45
C LYS N 57 -32.17 30.45 15.58
N ALA N 58 -31.46 30.73 16.67
CA ALA N 58 -30.99 32.08 16.97
C ALA N 58 -29.60 32.30 16.39
N SER N 59 -29.37 33.51 15.89
CA SER N 59 -28.07 33.87 15.33
C SER N 59 -28.00 35.39 15.21
N TRP N 60 -26.97 35.98 15.80
CA TRP N 60 -26.78 37.43 15.74
C TRP N 60 -25.35 37.82 16.09
N PRO O 1 65.29 -5.58 -24.43
CA PRO O 1 64.09 -6.07 -25.14
C PRO O 1 64.43 -7.10 -26.22
N ILE O 2 63.62 -7.14 -27.27
CA ILE O 2 63.82 -8.06 -28.39
C ILE O 2 63.76 -7.20 -29.66
N THR O 3 64.94 -6.83 -30.17
CA THR O 3 65.00 -5.94 -31.32
C THR O 3 64.54 -6.65 -32.59
N LYS O 4 64.38 -5.86 -33.66
CA LYS O 4 63.85 -6.41 -34.91
C LYS O 4 64.87 -7.32 -35.59
N GLU O 5 66.16 -7.04 -35.43
CA GLU O 5 67.17 -7.86 -36.10
C GLU O 5 67.21 -9.28 -35.53
N GLU O 6 67.11 -9.41 -34.19
CA GLU O 6 67.08 -10.74 -33.59
C GLU O 6 65.82 -11.49 -34.01
N LYS O 7 64.68 -10.79 -34.05
CA LYS O 7 63.43 -11.41 -34.46
C LYS O 7 63.50 -11.91 -35.89
N GLN O 8 64.04 -11.09 -36.80
CA GLN O 8 64.19 -11.53 -38.18
C GLN O 8 65.21 -12.65 -38.30
N LYS O 9 66.26 -12.62 -37.48
CA LYS O 9 67.24 -13.71 -37.49
C LYS O 9 66.58 -15.04 -37.15
N VAL O 10 65.82 -15.07 -36.05
CA VAL O 10 65.20 -16.34 -35.67
C VAL O 10 64.10 -16.73 -36.64
N ILE O 11 63.37 -15.76 -37.20
CA ILE O 11 62.33 -16.08 -38.18
C ILE O 11 62.94 -16.73 -39.41
N GLN O 12 64.00 -16.13 -39.96
CA GLN O 12 64.65 -16.70 -41.12
C GLN O 12 65.35 -18.01 -40.78
N GLU O 13 65.75 -18.20 -39.52
CA GLU O 13 66.40 -19.43 -39.11
C GLU O 13 65.40 -20.58 -38.98
N PHE O 14 64.14 -20.28 -38.67
CA PHE O 14 63.13 -21.31 -38.48
C PHE O 14 62.05 -21.30 -39.55
N ALA O 15 62.22 -20.52 -40.62
CA ALA O 15 61.21 -20.45 -41.66
C ALA O 15 61.21 -21.74 -42.47
N ARG O 16 60.01 -22.28 -42.72
CA ARG O 16 59.89 -23.46 -43.57
C ARG O 16 60.34 -23.17 -44.99
N PHE O 17 60.25 -21.92 -45.42
CA PHE O 17 60.60 -21.51 -46.78
C PHE O 17 60.79 -20.00 -46.78
N PRO O 18 61.49 -19.44 -47.77
CA PRO O 18 61.63 -17.99 -47.84
C PRO O 18 60.26 -17.32 -47.96
N GLY O 19 59.97 -16.42 -47.02
CA GLY O 19 58.70 -15.75 -46.93
C GLY O 19 57.81 -16.22 -45.80
N ASP O 20 58.07 -17.41 -45.27
CA ASP O 20 57.27 -17.94 -44.17
C ASP O 20 57.56 -17.18 -42.89
N THR O 21 56.51 -16.60 -42.29
CA THR O 21 56.64 -15.87 -41.04
C THR O 21 55.63 -16.31 -39.98
N GLY O 22 54.80 -17.31 -40.27
CA GLY O 22 53.77 -17.70 -39.32
C GLY O 22 53.53 -19.18 -39.19
N SER O 23 54.47 -20.00 -39.66
CA SER O 23 54.34 -21.44 -39.49
C SER O 23 54.50 -21.82 -38.02
N THR O 24 54.17 -23.08 -37.71
CA THR O 24 54.22 -23.52 -36.33
C THR O 24 55.64 -23.48 -35.78
N GLU O 25 56.64 -23.82 -36.60
CA GLU O 25 58.02 -23.78 -36.15
C GLU O 25 58.44 -22.36 -35.80
N VAL O 26 58.07 -21.38 -36.63
CA VAL O 26 58.44 -19.99 -36.38
C VAL O 26 57.79 -19.50 -35.09
N GLN O 27 56.50 -19.80 -34.92
CA GLN O 27 55.79 -19.36 -33.72
C GLN O 27 56.38 -19.99 -32.47
N VAL O 28 56.71 -21.28 -32.51
CA VAL O 28 57.30 -21.94 -31.35
C VAL O 28 58.68 -21.37 -31.06
N ALA O 29 59.47 -21.07 -32.10
CA ALA O 29 60.80 -20.49 -31.88
C ALA O 29 60.69 -19.11 -31.23
N LEU O 30 59.78 -18.28 -31.72
CA LEU O 30 59.61 -16.95 -31.15
C LEU O 30 59.11 -17.02 -29.72
N LEU O 31 58.16 -17.92 -29.45
CA LEU O 31 57.68 -18.09 -28.08
C LEU O 31 58.79 -18.59 -27.17
N THR O 32 59.67 -19.46 -27.68
CA THR O 32 60.78 -19.96 -26.88
C THR O 32 61.76 -18.84 -26.56
N LEU O 33 62.06 -17.99 -27.55
CA LEU O 33 62.94 -16.85 -27.30
C LEU O 33 62.35 -15.94 -26.22
N ARG O 34 61.06 -15.60 -26.36
CA ARG O 34 60.42 -14.74 -25.37
C ARG O 34 60.39 -15.40 -24.00
N ILE O 35 60.17 -16.72 -23.96
CA ILE O 35 60.11 -17.44 -22.69
C ILE O 35 61.46 -17.44 -22.00
N ASN O 36 62.53 -17.67 -22.76
CA ASN O 36 63.86 -17.63 -22.17
C ASN O 36 64.22 -16.24 -21.67
N ARG O 37 63.86 -15.20 -22.45
CA ARG O 37 64.12 -13.84 -22.00
C ARG O 37 63.35 -13.52 -20.72
N LEU O 38 62.07 -13.93 -20.65
CA LEU O 38 61.29 -13.67 -19.47
C LEU O 38 61.77 -14.48 -18.27
N SER O 39 62.26 -15.70 -18.49
CA SER O 39 62.80 -16.48 -17.38
C SER O 39 64.08 -15.86 -16.84
N GLU O 40 64.92 -15.32 -17.73
CA GLU O 40 66.09 -14.58 -17.28
C GLU O 40 65.66 -13.33 -16.51
N HIS O 41 64.59 -12.68 -16.95
CA HIS O 41 64.06 -11.53 -16.23
C HIS O 41 63.44 -11.93 -14.88
N LEU O 42 63.00 -13.17 -14.74
CA LEU O 42 62.32 -13.62 -13.53
C LEU O 42 63.25 -14.33 -12.54
N LYS O 43 64.47 -14.69 -12.95
CA LYS O 43 65.46 -15.12 -11.97
C LYS O 43 65.75 -14.00 -10.97
N VAL O 44 66.18 -12.85 -11.49
CA VAL O 44 66.16 -11.60 -10.74
C VAL O 44 64.71 -11.14 -10.77
N HIS O 45 64.35 -10.15 -9.94
CA HIS O 45 62.99 -9.61 -9.93
C HIS O 45 61.95 -10.71 -9.73
N LYS O 46 62.23 -11.62 -8.79
CA LYS O 46 61.35 -12.76 -8.56
C LYS O 46 60.02 -12.36 -7.94
N LYS O 47 59.87 -11.10 -7.53
CA LYS O 47 58.61 -10.60 -6.98
C LYS O 47 57.65 -10.11 -8.07
N ASP O 48 58.02 -10.25 -9.34
CA ASP O 48 57.18 -9.79 -10.46
C ASP O 48 56.25 -10.94 -10.85
N HIS O 49 55.02 -10.90 -10.36
CA HIS O 49 54.05 -11.95 -10.64
C HIS O 49 53.21 -11.66 -11.89
N HIS O 50 52.95 -10.38 -12.18
CA HIS O 50 52.15 -10.04 -13.35
C HIS O 50 52.82 -10.51 -14.64
N SER O 51 54.16 -10.42 -14.69
CA SER O 51 54.89 -10.97 -15.83
C SER O 51 54.98 -12.49 -15.76
N HIS O 52 54.95 -13.05 -14.54
CA HIS O 52 54.94 -14.50 -14.39
C HIS O 52 53.68 -15.10 -15.01
N ARG O 53 52.56 -14.39 -14.92
CA ARG O 53 51.33 -14.86 -15.57
C ARG O 53 51.48 -14.89 -17.09
N GLY O 54 52.09 -13.85 -17.66
CA GLY O 54 52.37 -13.85 -19.08
C GLY O 54 53.31 -14.98 -19.49
N LEU O 55 54.29 -15.29 -18.63
CA LEU O 55 55.15 -16.44 -18.86
C LEU O 55 54.33 -17.73 -18.92
N LEU O 56 53.42 -17.91 -17.96
CA LEU O 56 52.55 -19.08 -17.96
C LEU O 56 51.74 -19.16 -19.26
N MET O 57 51.20 -18.03 -19.71
CA MET O 57 50.39 -18.04 -20.93
C MET O 57 51.22 -18.37 -22.16
N MET O 58 52.45 -17.83 -22.24
CA MET O 58 53.33 -18.17 -23.35
C MET O 58 53.68 -19.65 -23.35
N VAL O 59 53.95 -20.22 -22.16
CA VAL O 59 54.25 -21.64 -22.07
C VAL O 59 53.06 -22.48 -22.53
N GLY O 60 51.85 -22.08 -22.12
CA GLY O 60 50.67 -22.80 -22.58
C GLY O 60 50.47 -22.75 -24.07
N GLN O 61 50.68 -21.57 -24.67
CA GLN O 61 50.55 -21.43 -26.12
C GLN O 61 51.58 -22.29 -26.85
N ARG O 62 52.83 -22.27 -26.37
CA ARG O 62 53.85 -23.09 -27.00
C ARG O 62 53.54 -24.57 -26.87
N ARG O 63 53.01 -24.98 -25.71
CA ARG O 63 52.64 -26.38 -25.54
C ARG O 63 51.51 -26.78 -26.49
N ARG O 64 50.53 -25.90 -26.69
CA ARG O 64 49.44 -26.22 -27.61
C ARG O 64 49.94 -26.33 -29.05
N LEU O 65 50.84 -25.42 -29.45
CA LEU O 65 51.37 -25.49 -30.81
C LEU O 65 52.22 -26.76 -31.00
N LEU O 66 53.02 -27.11 -29.99
CA LEU O 66 53.81 -28.33 -30.08
C LEU O 66 52.92 -29.56 -30.10
N ARG O 67 51.79 -29.52 -29.40
CA ARG O 67 50.84 -30.64 -29.44
C ARG O 67 50.22 -30.77 -30.83
N TYR O 68 49.88 -29.64 -31.46
CA TYR O 68 49.37 -29.68 -32.83
C TYR O 68 50.40 -30.28 -33.78
N LEU O 69 51.65 -29.84 -33.66
CA LEU O 69 52.69 -30.40 -34.52
C LEU O 69 52.89 -31.89 -34.26
N GLN O 70 52.84 -32.29 -32.98
CA GLN O 70 52.92 -33.71 -32.63
C GLN O 70 51.81 -34.51 -33.32
N ARG O 71 50.60 -33.96 -33.34
CA ARG O 71 49.49 -34.68 -33.97
C ARG O 71 49.67 -34.76 -35.48
N GLU O 72 50.09 -33.67 -36.12
CA GLU O 72 50.10 -33.63 -37.58
C GLU O 72 51.33 -34.32 -38.16
N ASP O 73 52.52 -33.80 -37.87
CA ASP O 73 53.77 -34.31 -38.45
C ASP O 73 54.78 -34.48 -37.33
N PRO O 74 54.86 -35.68 -36.74
CA PRO O 74 55.80 -35.89 -35.63
C PRO O 74 57.26 -35.76 -36.03
N GLU O 75 57.59 -35.86 -37.31
CA GLU O 75 58.98 -35.69 -37.73
C GLU O 75 59.45 -34.26 -37.53
N ARG O 76 58.67 -33.30 -38.03
CA ARG O 76 59.00 -31.89 -37.79
C ARG O 76 58.92 -31.56 -36.31
N TYR O 77 58.08 -32.25 -35.55
CA TYR O 77 58.02 -32.07 -34.11
C TYR O 77 59.34 -32.46 -33.45
N ARG O 78 59.84 -33.66 -33.76
CA ARG O 78 61.10 -34.11 -33.20
C ARG O 78 62.24 -33.22 -33.67
N ALA O 79 62.22 -32.79 -34.93
CA ALA O 79 63.27 -31.91 -35.43
C ALA O 79 63.27 -30.57 -34.73
N LEU O 80 62.07 -30.01 -34.50
CA LEU O 80 61.95 -28.74 -33.79
C LEU O 80 62.48 -28.86 -32.37
N ILE O 81 62.11 -29.94 -31.67
CA ILE O 81 62.57 -30.11 -30.30
C ILE O 81 64.07 -30.34 -30.26
N GLU O 82 64.62 -31.04 -31.25
CA GLU O 82 66.06 -31.25 -31.32
C GLU O 82 66.80 -29.94 -31.56
N LYS O 83 66.25 -29.08 -32.43
CA LYS O 83 66.91 -27.82 -32.73
C LYS O 83 66.82 -26.86 -31.55
N LEU O 84 65.68 -26.82 -30.86
CA LEU O 84 65.48 -25.88 -29.76
C LEU O 84 65.88 -26.44 -28.40
N GLY O 85 65.99 -27.75 -28.26
CA GLY O 85 66.36 -28.34 -26.99
C GLY O 85 65.33 -28.13 -25.90
N ILE O 86 64.12 -28.66 -26.10
CA ILE O 86 63.03 -28.50 -25.15
C ILE O 86 62.70 -29.86 -24.54
N ARG O 87 61.73 -29.88 -23.62
CA ARG O 87 61.28 -31.11 -22.95
C ARG O 87 62.39 -31.72 -22.12
N GLY O 88 63.23 -30.88 -21.52
CA GLY O 88 64.34 -31.34 -20.71
C GLY O 88 65.57 -31.70 -21.52
N MET P 1 12.20 -88.23 -15.01
CA MET P 1 11.68 -88.33 -16.37
C MET P 1 10.68 -87.20 -16.63
N VAL P 2 10.48 -86.88 -17.91
CA VAL P 2 9.47 -85.91 -18.30
C VAL P 2 8.12 -86.61 -18.38
N LYS P 3 7.08 -85.95 -17.87
CA LYS P 3 5.76 -86.56 -17.77
C LYS P 3 4.71 -85.61 -18.33
N ILE P 4 3.57 -86.21 -18.71
CA ILE P 4 2.40 -85.50 -19.17
C ILE P 4 1.32 -85.67 -18.11
N ARG P 5 0.98 -84.59 -17.41
CA ARG P 5 0.05 -84.69 -16.29
C ARG P 5 -0.90 -83.50 -16.33
N LEU P 6 -1.65 -83.33 -15.24
CA LEU P 6 -2.61 -82.26 -15.12
C LEU P 6 -2.15 -81.23 -14.09
N ALA P 7 -2.47 -79.96 -14.34
CA ALA P 7 -2.20 -78.89 -13.41
C ALA P 7 -3.50 -78.18 -13.06
N ARG P 8 -3.73 -77.95 -11.77
CA ARG P 8 -4.98 -77.36 -11.30
C ARG P 8 -4.87 -75.83 -11.38
N PHE P 9 -5.81 -75.21 -12.08
CA PHE P 9 -5.78 -73.77 -12.30
C PHE P 9 -7.08 -73.05 -11.94
N GLY P 10 -8.17 -73.77 -11.70
CA GLY P 10 -9.41 -73.12 -11.32
C GLY P 10 -9.38 -72.63 -9.89
N SER P 11 -10.54 -72.16 -9.44
CA SER P 11 -10.70 -71.68 -8.08
C SER P 11 -11.21 -72.80 -7.17
N LYS P 12 -11.43 -72.46 -5.90
CA LYS P 12 -11.94 -73.44 -4.94
C LYS P 12 -13.33 -73.92 -5.36
N HIS P 13 -13.53 -75.23 -5.31
CA HIS P 13 -14.75 -75.91 -5.77
C HIS P 13 -15.02 -75.69 -7.25
N ASN P 14 -14.05 -75.14 -7.98
CA ASN P 14 -14.16 -74.92 -9.42
C ASN P 14 -12.87 -75.40 -10.07
N PRO P 15 -12.69 -76.71 -10.20
CA PRO P 15 -11.43 -77.24 -10.73
C PRO P 15 -11.35 -77.09 -12.24
N HIS P 16 -10.20 -76.61 -12.72
CA HIS P 16 -9.92 -76.53 -14.15
C HIS P 16 -8.47 -76.95 -14.36
N TYR P 17 -8.27 -77.95 -15.22
CA TYR P 17 -6.96 -78.56 -15.39
C TYR P 17 -6.34 -78.19 -16.73
N ARG P 18 -5.02 -78.03 -16.71
CA ARG P 18 -4.21 -77.90 -17.91
C ARG P 18 -3.44 -79.20 -18.11
N ILE P 19 -3.71 -79.87 -19.23
CA ILE P 19 -2.91 -81.02 -19.66
C ILE P 19 -1.56 -80.50 -20.14
N VAL P 20 -0.50 -80.91 -19.47
CA VAL P 20 0.76 -80.18 -19.47
C VAL P 20 1.93 -81.16 -19.47
N VAL P 21 3.00 -80.77 -20.16
CA VAL P 21 4.24 -81.54 -20.19
C VAL P 21 5.23 -80.86 -19.26
N THR P 22 5.76 -81.59 -18.29
CA THR P 22 6.68 -81.00 -17.32
C THR P 22 7.53 -82.11 -16.70
N ASP P 23 8.62 -81.69 -16.07
CA ASP P 23 9.44 -82.63 -15.33
C ASP P 23 8.72 -83.06 -14.06
N ALA P 24 8.80 -84.36 -13.76
CA ALA P 24 8.09 -84.89 -12.59
C ALA P 24 8.61 -84.29 -11.30
N ARG P 25 9.88 -83.89 -11.27
CA ARG P 25 10.49 -83.38 -10.05
C ARG P 25 9.99 -82.00 -9.66
N ARG P 26 9.27 -81.30 -10.54
CA ARG P 26 8.77 -79.98 -10.22
C ARG P 26 7.36 -80.08 -9.62
N LYS P 27 6.96 -79.01 -8.93
CA LYS P 27 5.62 -78.95 -8.36
C LYS P 27 4.58 -78.99 -9.49
N ARG P 28 3.37 -79.44 -9.14
CA ARG P 28 2.36 -79.68 -10.17
C ARG P 28 1.81 -78.39 -10.77
N ASP P 29 1.93 -77.27 -10.06
CA ASP P 29 1.52 -75.97 -10.60
C ASP P 29 2.71 -75.11 -11.01
N GLY P 30 3.90 -75.70 -11.11
CA GLY P 30 5.09 -74.95 -11.42
C GLY P 30 5.32 -74.81 -12.92
N LYS P 31 6.51 -74.31 -13.26
CA LYS P 31 6.89 -74.03 -14.64
C LYS P 31 6.92 -75.31 -15.47
N TYR P 32 5.98 -75.45 -16.39
CA TYR P 32 5.92 -76.62 -17.26
C TYR P 32 6.60 -76.32 -18.59
N ILE P 33 6.80 -77.38 -19.38
CA ILE P 33 7.47 -77.22 -20.66
C ILE P 33 6.51 -76.72 -21.72
N GLU P 34 5.29 -77.27 -21.76
CA GLU P 34 4.32 -76.88 -22.78
C GLU P 34 2.92 -77.31 -22.34
N LYS P 35 1.94 -76.45 -22.59
CA LYS P 35 0.54 -76.79 -22.38
C LYS P 35 0.01 -77.46 -23.64
N ILE P 36 -0.36 -78.74 -23.52
CA ILE P 36 -0.83 -79.51 -24.66
C ILE P 36 -2.33 -79.78 -24.59
N GLY P 37 -3.01 -79.21 -23.60
CA GLY P 37 -4.46 -79.26 -23.63
C GLY P 37 -5.06 -78.71 -22.35
N TYR P 38 -6.39 -78.82 -22.28
CA TYR P 38 -7.10 -78.43 -21.06
C TYR P 38 -8.29 -79.35 -20.86
N TYR P 39 -8.71 -79.48 -19.60
CA TYR P 39 -9.73 -80.42 -19.17
C TYR P 39 -10.58 -79.80 -18.08
N ASP P 40 -11.90 -79.85 -18.27
CA ASP P 40 -12.87 -79.39 -17.29
C ASP P 40 -13.64 -80.59 -16.76
N PRO P 41 -13.41 -81.00 -15.51
CA PRO P 41 -14.06 -82.23 -15.01
C PRO P 41 -15.55 -82.09 -14.75
N ARG P 42 -16.05 -80.88 -14.52
CA ARG P 42 -17.45 -80.66 -14.20
C ARG P 42 -18.32 -80.48 -15.43
N LYS P 43 -17.73 -80.48 -16.62
CA LYS P 43 -18.46 -80.36 -17.89
C LYS P 43 -19.35 -79.12 -17.88
N THR P 44 -18.72 -77.95 -17.72
CA THR P 44 -19.47 -76.71 -17.65
C THR P 44 -19.78 -76.14 -19.03
N THR P 45 -18.92 -76.39 -20.02
CA THR P 45 -19.08 -75.94 -21.38
C THR P 45 -19.12 -77.14 -22.32
N PRO P 46 -19.67 -76.98 -23.53
CA PRO P 46 -19.64 -78.09 -24.49
C PRO P 46 -18.24 -78.51 -24.88
N ASP P 47 -17.26 -77.61 -24.77
CA ASP P 47 -15.85 -77.93 -25.04
C ASP P 47 -15.13 -77.94 -23.70
N TRP P 48 -15.17 -79.09 -23.02
CA TRP P 48 -14.56 -79.25 -21.71
C TRP P 48 -13.32 -80.14 -21.76
N LEU P 49 -12.81 -80.45 -22.94
CA LEU P 49 -11.62 -81.27 -23.09
C LEU P 49 -11.03 -81.02 -24.46
N LYS P 50 -9.82 -80.46 -24.51
CA LYS P 50 -9.11 -80.26 -25.77
C LYS P 50 -7.68 -80.72 -25.62
N VAL P 51 -7.17 -81.39 -26.65
CA VAL P 51 -5.82 -81.96 -26.65
C VAL P 51 -5.20 -81.70 -28.01
N ASP P 52 -3.95 -81.24 -28.01
CA ASP P 52 -3.17 -81.11 -29.25
C ASP P 52 -2.58 -82.48 -29.55
N VAL P 53 -3.19 -83.18 -30.50
CA VAL P 53 -2.87 -84.60 -30.72
C VAL P 53 -1.44 -84.76 -31.23
N GLU P 54 -1.03 -83.92 -32.20
CA GLU P 54 0.31 -84.05 -32.77
C GLU P 54 1.39 -83.79 -31.73
N ARG P 55 1.19 -82.79 -30.87
CA ARG P 55 2.17 -82.49 -29.83
C ARG P 55 2.24 -83.61 -28.79
N ALA P 56 1.09 -84.19 -28.44
CA ALA P 56 1.10 -85.32 -27.52
C ALA P 56 1.82 -86.51 -28.13
N ARG P 57 1.59 -86.78 -29.41
CA ARG P 57 2.32 -87.85 -30.09
C ARG P 57 3.82 -87.57 -30.09
N TYR P 58 4.22 -86.31 -30.29
CA TYR P 58 5.64 -85.97 -30.24
C TYR P 58 6.21 -86.27 -28.86
N TRP P 59 5.58 -85.76 -27.81
CA TRP P 59 6.13 -85.95 -26.47
C TRP P 59 6.14 -87.42 -26.05
N LEU P 60 5.19 -88.21 -26.55
CA LEU P 60 5.25 -89.65 -26.30
C LEU P 60 6.35 -90.30 -27.11
N SER P 61 6.64 -89.78 -28.30
CA SER P 61 7.73 -90.33 -29.10
C SER P 61 9.09 -90.03 -28.50
N VAL P 62 9.24 -88.89 -27.83
CA VAL P 62 10.53 -88.55 -27.23
C VAL P 62 10.71 -89.16 -25.84
N GLY P 63 9.65 -89.67 -25.23
CA GLY P 63 9.79 -90.38 -23.98
C GLY P 63 9.08 -89.78 -22.78
N ALA P 64 7.97 -89.11 -22.98
CA ALA P 64 7.16 -88.62 -21.87
C ALA P 64 6.22 -89.71 -21.39
N GLN P 65 5.90 -89.68 -20.10
CA GLN P 65 5.04 -90.68 -19.47
C GLN P 65 3.79 -90.02 -18.92
N PRO P 66 2.60 -90.34 -19.40
CA PRO P 66 1.40 -89.72 -18.87
C PRO P 66 0.89 -90.43 -17.62
N THR P 67 0.19 -89.66 -16.79
CA THR P 67 -0.50 -90.23 -15.64
C THR P 67 -1.69 -91.05 -16.12
N ASP P 68 -2.23 -91.88 -15.22
CA ASP P 68 -3.39 -92.68 -15.56
C ASP P 68 -4.55 -91.79 -15.99
N THR P 69 -4.81 -90.71 -15.26
CA THR P 69 -5.83 -89.75 -15.66
C THR P 69 -5.46 -89.04 -16.95
N ALA P 70 -4.18 -88.64 -17.07
CA ALA P 70 -3.73 -87.98 -18.29
C ALA P 70 -3.82 -88.92 -19.48
N ARG P 71 -3.41 -90.18 -19.31
CA ARG P 71 -3.52 -91.15 -20.39
C ARG P 71 -4.98 -91.40 -20.75
N ARG P 72 -5.87 -91.42 -19.76
CA ARG P 72 -7.29 -91.58 -20.05
C ARG P 72 -7.82 -90.42 -20.88
N LEU P 73 -7.46 -89.19 -20.49
CA LEU P 73 -7.93 -88.02 -21.24
C LEU P 73 -7.36 -88.00 -22.65
N LEU P 74 -6.10 -88.39 -22.82
CA LEU P 74 -5.51 -88.46 -24.15
C LEU P 74 -6.19 -89.53 -25.00
N ARG P 75 -6.46 -90.69 -24.40
CA ARG P 75 -7.17 -91.76 -25.12
C ARG P 75 -8.56 -91.32 -25.53
N GLN P 76 -9.22 -90.49 -24.72
CA GLN P 76 -10.51 -89.95 -25.12
C GLN P 76 -10.38 -89.02 -26.32
N ALA P 77 -9.23 -88.37 -26.47
CA ALA P 77 -8.98 -87.49 -27.61
C ALA P 77 -8.36 -88.22 -28.80
N GLY P 78 -8.33 -89.56 -28.77
CA GLY P 78 -7.81 -90.31 -29.89
C GLY P 78 -6.32 -90.17 -30.11
N VAL P 79 -5.55 -89.91 -29.06
CA VAL P 79 -4.11 -89.78 -29.20
C VAL P 79 -3.49 -91.12 -29.58
N PHE P 80 -4.04 -92.21 -29.05
CA PHE P 80 -3.50 -93.54 -29.30
C PHE P 80 -4.27 -94.29 -30.39
N ARG P 81 -5.36 -93.72 -30.90
CA ARG P 81 -6.18 -94.40 -31.90
C ARG P 81 -5.39 -94.57 -33.20
N GLN P 82 -5.20 -95.82 -33.62
CA GLN P 82 -4.45 -96.14 -34.82
C GLN P 82 -5.31 -96.81 -35.88
N GLU P 83 -6.63 -96.63 -35.80
CA GLU P 83 -7.56 -97.26 -36.74
C GLU P 83 -7.37 -96.72 -38.15
N ALA P 84 -7.47 -95.41 -38.30
N PRO Q 1 26.69 -66.75 -30.80
CA PRO Q 1 27.90 -66.07 -31.29
C PRO Q 1 28.80 -65.58 -30.16
N LYS Q 2 30.06 -66.00 -30.17
CA LYS Q 2 31.01 -65.52 -29.18
C LYS Q 2 31.30 -64.04 -29.40
N LYS Q 3 31.25 -63.27 -28.32
CA LYS Q 3 31.40 -61.82 -28.41
C LYS Q 3 32.77 -61.46 -28.96
N VAL Q 4 32.78 -60.51 -29.90
CA VAL Q 4 34.02 -60.00 -30.49
C VAL Q 4 34.06 -58.49 -30.26
N LEU Q 5 35.08 -58.05 -29.52
CA LEU Q 5 35.32 -56.64 -29.21
C LEU Q 5 36.54 -56.14 -29.99
N THR Q 6 36.81 -54.85 -29.86
CA THR Q 6 37.95 -54.23 -30.51
C THR Q 6 38.56 -53.21 -29.56
N GLY Q 7 39.86 -53.33 -29.31
CA GLY Q 7 40.50 -52.42 -28.36
C GLY Q 7 41.97 -52.16 -28.62
N VAL Q 8 42.62 -51.54 -27.64
CA VAL Q 8 44.00 -51.10 -27.75
C VAL Q 8 44.84 -51.85 -26.72
N VAL Q 9 45.98 -52.38 -27.13
CA VAL Q 9 46.91 -53.03 -26.22
C VAL Q 9 47.64 -51.95 -25.44
N VAL Q 10 47.36 -51.86 -24.13
CA VAL Q 10 47.92 -50.83 -23.26
C VAL Q 10 48.90 -51.40 -22.25
N SER Q 11 49.09 -52.72 -22.22
CA SER Q 11 50.03 -53.34 -21.29
C SER Q 11 50.50 -54.66 -21.87
N ASP Q 12 51.78 -54.75 -22.20
CA ASP Q 12 52.41 -56.00 -22.60
C ASP Q 12 53.41 -56.49 -21.55
N LYS Q 13 53.31 -55.98 -20.32
CA LYS Q 13 54.26 -56.28 -19.26
C LYS Q 13 54.07 -57.66 -18.66
N MET Q 14 53.01 -58.37 -19.02
CA MET Q 14 52.79 -59.73 -18.54
C MET Q 14 53.34 -60.74 -19.54
N GLN Q 15 53.29 -62.01 -19.14
CA GLN Q 15 53.74 -63.11 -19.99
C GLN Q 15 52.54 -63.72 -20.68
N LYS Q 16 52.56 -63.70 -22.02
CA LYS Q 16 51.49 -64.29 -22.84
C LYS Q 16 50.13 -63.65 -22.56
N THR Q 17 50.14 -62.38 -22.15
CA THR Q 17 48.90 -61.69 -21.80
C THR Q 17 49.03 -60.22 -22.20
N VAL Q 18 47.92 -59.65 -22.68
CA VAL Q 18 47.87 -58.24 -23.03
C VAL Q 18 46.61 -57.62 -22.46
N THR Q 19 46.70 -56.36 -22.07
CA THR Q 19 45.56 -55.61 -21.52
C THR Q 19 44.94 -54.79 -22.65
N VAL Q 20 43.77 -55.21 -23.10
CA VAL Q 20 43.09 -54.57 -24.22
C VAL Q 20 41.99 -53.67 -23.68
N LEU Q 21 42.13 -52.36 -23.88
CA LEU Q 21 41.13 -51.40 -23.50
C LEU Q 21 40.10 -51.26 -24.62
N VAL Q 22 38.82 -51.39 -24.26
CA VAL Q 22 37.72 -51.42 -25.22
C VAL Q 22 36.72 -50.33 -24.83
N GLU Q 23 36.43 -49.44 -25.77
CA GLU Q 23 35.46 -48.38 -25.57
C GLU Q 23 34.11 -48.78 -26.16
N ARG Q 24 33.07 -48.04 -25.75
CA ARG Q 24 31.72 -48.28 -26.22
C ARG Q 24 30.88 -47.03 -26.01
N GLN Q 25 30.12 -46.64 -27.04
CA GLN Q 25 29.22 -45.50 -26.97
C GLN Q 25 27.79 -45.99 -26.85
N PHE Q 26 27.00 -45.29 -26.04
CA PHE Q 26 25.60 -45.64 -25.87
C PHE Q 26 24.85 -44.44 -25.32
N PRO Q 27 23.56 -44.30 -25.64
CA PRO Q 27 22.79 -43.19 -25.06
C PRO Q 27 22.53 -43.40 -23.58
N HIS Q 28 22.56 -42.31 -22.83
CA HIS Q 28 22.31 -42.39 -21.40
C HIS Q 28 20.87 -42.86 -21.15
N PRO Q 29 20.66 -43.74 -20.17
CA PRO Q 29 19.30 -44.30 -19.99
C PRO Q 29 18.24 -43.28 -19.63
N LEU Q 30 18.61 -42.16 -19.03
CA LEU Q 30 17.65 -41.14 -18.66
C LEU Q 30 17.85 -39.82 -19.38
N TYR Q 31 19.10 -39.42 -19.62
CA TYR Q 31 19.40 -38.12 -20.19
C TYR Q 31 19.75 -38.16 -21.67
N GLY Q 32 19.74 -39.35 -22.29
CA GLY Q 32 19.83 -39.48 -23.73
C GLY Q 32 21.15 -39.10 -24.36
N LYS Q 33 22.04 -38.43 -23.63
CA LYS Q 33 23.32 -38.05 -24.20
C LYS Q 33 24.14 -39.29 -24.54
N VAL Q 34 24.78 -39.27 -25.70
CA VAL Q 34 25.65 -40.37 -26.10
C VAL Q 34 26.90 -40.32 -25.24
N ILE Q 35 27.02 -41.25 -24.30
CA ILE Q 35 28.16 -41.30 -23.39
C ILE Q 35 29.06 -42.46 -23.79
N LYS Q 36 30.32 -42.34 -23.37
CA LYS Q 36 31.38 -43.25 -23.79
C LYS Q 36 31.99 -43.90 -22.55
N ARG Q 37 31.86 -45.21 -22.44
CA ARG Q 37 32.45 -45.98 -21.35
C ARG Q 37 33.55 -46.87 -21.90
N SER Q 38 34.37 -47.40 -20.99
CA SER Q 38 35.50 -48.23 -21.39
C SER Q 38 35.73 -49.33 -20.36
N LYS Q 39 36.44 -50.37 -20.80
CA LYS Q 39 36.70 -51.52 -19.95
C LYS Q 39 37.96 -52.23 -20.45
N LYS Q 40 38.81 -52.65 -19.51
CA LYS Q 40 40.04 -53.36 -19.85
C LYS Q 40 39.83 -54.85 -19.69
N TYR Q 41 40.23 -55.61 -20.71
CA TYR Q 41 40.11 -57.06 -20.73
C TYR Q 41 41.50 -57.68 -20.83
N LEU Q 42 41.74 -58.73 -20.05
CA LEU Q 42 42.99 -59.47 -20.15
C LEU Q 42 42.85 -60.53 -21.25
N ALA Q 43 43.56 -60.33 -22.35
CA ALA Q 43 43.48 -61.20 -23.51
C ALA Q 43 44.74 -62.05 -23.62
N HIS Q 44 44.57 -63.23 -24.23
CA HIS Q 44 45.62 -64.23 -24.32
C HIS Q 44 46.45 -64.01 -25.58
N ASP Q 45 47.76 -63.85 -25.41
CA ASP Q 45 48.70 -63.68 -26.51
C ASP Q 45 49.74 -64.79 -26.40
N PRO Q 46 49.43 -66.00 -26.90
CA PRO Q 46 50.32 -67.14 -26.68
C PRO Q 46 51.64 -67.06 -27.43
N GLU Q 47 51.80 -66.10 -28.34
CA GLU Q 47 53.02 -65.98 -29.13
C GLU Q 47 53.74 -64.65 -28.92
N GLU Q 48 53.28 -63.84 -27.97
CA GLU Q 48 53.81 -62.48 -27.77
C GLU Q 48 53.81 -61.69 -29.06
N LYS Q 49 52.82 -61.95 -29.91
CA LYS Q 49 52.78 -61.35 -31.24
C LYS Q 49 52.37 -59.87 -31.18
N TYR Q 50 51.53 -59.49 -30.23
CA TYR Q 50 50.97 -58.16 -30.16
C TYR Q 50 51.71 -57.33 -29.11
N LYS Q 51 51.98 -56.08 -29.45
CA LYS Q 51 52.75 -55.17 -28.62
C LYS Q 51 51.90 -53.94 -28.26
N LEU Q 52 52.55 -52.98 -27.60
CA LEU Q 52 51.85 -51.79 -27.13
C LEU Q 52 51.37 -50.94 -28.31
N GLY Q 53 50.19 -50.34 -28.17
CA GLY Q 53 49.63 -49.49 -29.19
C GLY Q 53 48.86 -50.22 -30.28
N ASP Q 54 48.96 -51.54 -30.35
CA ASP Q 54 48.25 -52.29 -31.39
C ASP Q 54 46.76 -52.29 -31.11
N VAL Q 55 45.99 -51.90 -32.13
CA VAL Q 55 44.53 -52.02 -32.06
C VAL Q 55 44.17 -53.39 -32.60
N VAL Q 56 43.55 -54.21 -31.75
CA VAL Q 56 43.32 -55.63 -32.03
C VAL Q 56 41.88 -56.00 -31.73
N GLU Q 57 41.42 -57.05 -32.41
CA GLU Q 57 40.13 -57.67 -32.12
C GLU Q 57 40.30 -58.72 -31.04
N ILE Q 58 39.24 -58.91 -30.25
CA ILE Q 58 39.24 -59.79 -29.09
C ILE Q 58 38.00 -60.69 -29.19
N ILE Q 59 38.17 -61.96 -28.85
CA ILE Q 59 37.09 -62.94 -28.97
C ILE Q 59 36.88 -63.65 -27.64
N GLU Q 60 35.60 -63.86 -27.30
CA GLU Q 60 35.24 -64.63 -26.12
C GLU Q 60 35.77 -66.05 -26.24
N SER Q 61 36.46 -66.52 -25.20
CA SER Q 61 37.19 -67.78 -25.27
C SER Q 61 36.98 -68.57 -23.99
N ARG Q 62 37.36 -69.84 -24.06
CA ARG Q 62 37.38 -70.69 -22.87
C ARG Q 62 38.33 -70.07 -21.84
N PRO Q 63 37.95 -70.07 -20.56
CA PRO Q 63 38.78 -69.39 -19.55
C PRO Q 63 40.21 -69.90 -19.53
N ILE Q 64 41.15 -68.96 -19.60
CA ILE Q 64 42.57 -69.28 -19.50
C ILE Q 64 43.06 -69.17 -18.07
N SER Q 65 42.58 -68.17 -17.33
CA SER Q 65 42.88 -68.03 -15.91
C SER Q 65 41.84 -67.09 -15.30
N LYS Q 66 41.98 -66.84 -14.01
CA LYS Q 66 41.10 -65.91 -13.31
C LYS Q 66 41.29 -64.51 -13.86
N ARG Q 67 40.22 -63.94 -14.42
CA ARG Q 67 40.13 -62.65 -15.09
C ARG Q 67 40.66 -62.70 -16.52
N LYS Q 68 41.13 -63.85 -16.99
CA LYS Q 68 41.61 -64.00 -18.36
C LYS Q 68 40.64 -64.92 -19.10
N ARG Q 69 39.70 -64.32 -19.83
CA ARG Q 69 38.63 -65.06 -20.49
C ARG Q 69 38.49 -64.70 -21.96
N PHE Q 70 39.51 -64.11 -22.57
CA PHE Q 70 39.43 -63.65 -23.94
C PHE Q 70 40.74 -63.94 -24.67
N ARG Q 71 40.65 -64.10 -25.98
CA ARG Q 71 41.82 -64.27 -26.83
C ARG Q 71 41.89 -63.14 -27.86
N VAL Q 72 43.08 -62.95 -28.41
CA VAL Q 72 43.30 -61.92 -29.42
C VAL Q 72 43.02 -62.53 -30.79
N LEU Q 73 41.92 -62.09 -31.41
CA LEU Q 73 41.51 -62.66 -32.70
C LEU Q 73 42.49 -62.27 -33.80
N ARG Q 74 42.63 -60.98 -34.05
CA ARG Q 74 43.51 -60.50 -35.11
C ARG Q 74 43.90 -59.07 -34.82
N LEU Q 75 44.81 -58.55 -35.64
CA LEU Q 75 45.31 -57.18 -35.51
C LEU Q 75 44.51 -56.27 -36.43
N VAL Q 76 43.76 -55.33 -35.83
CA VAL Q 76 43.02 -54.37 -36.62
C VAL Q 76 43.97 -53.39 -37.30
N GLU Q 77 44.77 -52.68 -36.50
CA GLU Q 77 45.78 -51.79 -37.06
C GLU Q 77 46.97 -51.72 -36.11
N SER Q 78 48.12 -51.37 -36.68
CA SER Q 78 49.39 -51.42 -35.98
C SER Q 78 49.45 -50.36 -34.88
N GLY Q 79 50.59 -50.31 -34.21
CA GLY Q 79 50.78 -49.46 -33.04
C GLY Q 79 50.50 -47.99 -33.24
N ARG Q 80 49.45 -47.51 -32.56
CA ARG Q 80 49.14 -46.08 -32.49
C ARG Q 80 49.19 -45.69 -31.01
N MET Q 81 50.30 -45.08 -30.60
CA MET Q 81 50.56 -44.80 -29.20
C MET Q 81 49.75 -43.64 -28.65
N ASP Q 82 48.88 -43.03 -29.45
CA ASP Q 82 48.11 -41.88 -28.96
C ASP Q 82 47.08 -42.31 -27.91
N LEU Q 83 46.35 -43.38 -28.18
CA LEU Q 83 45.36 -43.86 -27.21
C LEU Q 83 46.06 -44.41 -25.97
N VAL Q 84 47.21 -45.06 -26.16
CA VAL Q 84 48.01 -45.53 -25.02
C VAL Q 84 48.45 -44.35 -24.16
N GLU Q 85 48.89 -43.25 -24.79
CA GLU Q 85 49.29 -42.08 -24.04
C GLU Q 85 48.10 -41.46 -23.30
N LYS Q 86 46.93 -41.46 -23.94
CA LYS Q 86 45.72 -40.97 -23.27
C LYS Q 86 45.44 -41.77 -22.01
N TYR Q 87 45.48 -43.10 -22.12
CA TYR Q 87 45.24 -43.96 -20.97
C TYR Q 87 46.29 -43.74 -19.89
N LEU Q 88 47.56 -43.59 -20.29
CA LEU Q 88 48.62 -43.40 -19.31
C LEU Q 88 48.49 -42.06 -18.59
N ILE Q 89 48.04 -41.02 -19.29
CA ILE Q 89 47.82 -39.73 -18.64
C ILE Q 89 46.63 -39.81 -17.70
N ARG Q 90 45.57 -40.51 -18.12
CA ARG Q 90 44.42 -40.71 -17.23
C ARG Q 90 44.84 -41.42 -15.95
N ARG Q 91 45.73 -42.40 -16.06
CA ARG Q 91 46.23 -43.08 -14.88
C ARG Q 91 47.15 -42.18 -14.05
N GLN Q 92 48.00 -41.41 -14.71
CA GLN Q 92 48.95 -40.55 -14.00
C GLN Q 92 48.25 -39.44 -13.23
N ASN Q 93 47.08 -39.01 -13.70
CA ASN Q 93 46.32 -38.00 -12.95
C ASN Q 93 45.88 -38.49 -11.59
N TYR Q 94 45.85 -39.81 -11.36
CA TYR Q 94 45.36 -40.33 -10.08
C TYR Q 94 46.32 -40.02 -8.92
N GLU Q 95 47.62 -39.90 -9.20
CA GLU Q 95 48.57 -39.60 -8.14
C GLU Q 95 48.45 -38.17 -7.63
N SER Q 96 47.76 -37.30 -8.35
CA SER Q 96 47.67 -35.90 -7.96
C SER Q 96 46.59 -35.62 -6.92
N LEU Q 97 45.62 -36.52 -6.76
CA LEU Q 97 44.51 -36.32 -5.84
C LEU Q 97 44.57 -37.41 -4.76
N SER Q 98 45.39 -37.18 -3.74
CA SER Q 98 45.44 -38.05 -2.57
C SER Q 98 45.08 -37.30 -1.29
N LYS Q 99 45.82 -36.25 -0.95
CA LYS Q 99 45.60 -35.50 0.29
C LYS Q 99 46.53 -34.29 0.36
N PRO R 1 32.55 29.48 -15.26
CA PRO R 1 32.57 28.82 -16.58
C PRO R 1 33.87 29.07 -17.33
N SER R 2 34.73 29.93 -16.78
CA SER R 2 36.04 30.24 -17.37
C SER R 2 35.88 30.77 -18.81
N ARG R 3 35.20 31.90 -18.92
CA ARG R 3 34.95 32.55 -20.21
C ARG R 3 35.95 33.66 -20.49
N LYS R 4 37.04 33.74 -19.73
CA LYS R 4 38.01 34.82 -19.94
C LYS R 4 38.83 34.58 -21.19
N ALA R 5 39.60 33.49 -21.20
CA ALA R 5 40.45 33.15 -22.34
C ALA R 5 40.98 31.74 -22.15
N LYS R 6 41.19 31.04 -23.27
CA LYS R 6 41.83 29.74 -23.26
C LYS R 6 43.32 29.90 -23.49
N VAL R 7 44.12 29.14 -22.72
CA VAL R 7 45.57 29.27 -22.83
C VAL R 7 46.05 28.81 -24.20
N LYS R 8 45.43 27.76 -24.75
CA LYS R 8 45.79 27.30 -26.09
C LYS R 8 45.39 28.32 -27.14
N ALA R 9 44.18 28.87 -27.05
CA ALA R 9 43.72 29.86 -28.02
C ALA R 9 44.52 31.15 -27.91
N THR R 10 45.04 31.47 -26.72
CA THR R 10 45.88 32.64 -26.53
C THR R 10 47.35 32.33 -26.80
N LEU R 11 47.63 31.31 -27.61
CA LEU R 11 49.00 30.88 -27.88
C LEU R 11 49.10 30.45 -29.34
N GLY R 12 50.34 30.21 -29.77
CA GLY R 12 50.58 29.81 -31.15
C GLY R 12 51.10 28.39 -31.28
N GLU R 13 52.14 28.21 -32.08
CA GLU R 13 52.75 26.90 -32.29
C GLU R 13 53.84 26.68 -31.25
N PHE R 14 53.73 25.59 -30.51
CA PHE R 14 54.69 25.29 -29.45
C PHE R 14 54.76 23.79 -29.25
N ASP R 15 55.85 23.36 -28.61
CA ASP R 15 56.06 21.95 -28.29
C ASP R 15 55.52 21.67 -26.89
N LEU R 16 54.59 20.72 -26.80
CA LEU R 16 54.04 20.34 -25.50
C LEU R 16 54.98 19.45 -24.69
N ARG R 17 56.02 18.90 -25.31
CA ARG R 17 56.94 18.01 -24.64
C ARG R 17 58.25 18.69 -24.24
N ASP R 18 58.40 19.98 -24.51
CA ASP R 18 59.61 20.72 -24.16
C ASP R 18 59.50 21.14 -22.69
N TYR R 19 60.24 20.45 -21.83
CA TYR R 19 60.26 20.76 -20.41
C TYR R 19 61.15 21.95 -20.06
N ARG R 20 61.95 22.44 -21.01
CA ARG R 20 62.85 23.55 -20.75
C ARG R 20 62.25 24.91 -21.09
N ASN R 21 61.24 24.95 -21.94
CA ASN R 21 60.61 26.22 -22.34
C ASN R 21 59.76 26.73 -21.18
N VAL R 22 60.32 27.64 -20.38
CA VAL R 22 59.67 28.09 -19.16
C VAL R 22 58.61 29.15 -19.44
N GLU R 23 58.91 30.08 -20.35
CA GLU R 23 58.00 31.20 -20.59
C GLU R 23 56.67 30.76 -21.17
N VAL R 24 56.60 29.58 -21.78
CA VAL R 24 55.33 29.08 -22.30
C VAL R 24 54.59 28.25 -21.27
N LEU R 25 55.30 27.55 -20.38
CA LEU R 25 54.66 26.76 -19.35
C LEU R 25 54.19 27.59 -18.18
N LYS R 26 54.76 28.79 -17.99
CA LYS R 26 54.27 29.70 -16.97
C LYS R 26 52.81 30.06 -17.20
N ARG R 27 52.40 30.14 -18.47
CA ARG R 27 51.02 30.49 -18.80
C ARG R 27 50.05 29.39 -18.38
N PHE R 28 50.51 28.14 -18.33
CA PHE R 28 49.65 27.02 -17.98
C PHE R 28 49.52 26.80 -16.48
N LEU R 29 50.25 27.56 -15.67
CA LEU R 29 50.09 27.53 -14.23
C LEU R 29 49.15 28.63 -13.78
N SER R 30 48.52 28.42 -12.62
CA SER R 30 47.59 29.39 -12.06
C SER R 30 48.38 30.49 -11.36
N GLU R 31 47.69 31.33 -10.60
CA GLU R 31 48.38 32.31 -9.77
C GLU R 31 49.28 31.61 -8.75
N THR R 32 48.82 30.49 -8.20
CA THR R 32 49.67 29.60 -7.43
C THR R 32 50.44 28.69 -8.39
N GLY R 33 51.34 27.89 -7.83
CA GLY R 33 52.13 26.98 -8.65
C GLY R 33 51.36 25.78 -9.17
N LYS R 34 50.04 25.80 -8.99
CA LYS R 34 49.21 24.67 -9.39
C LYS R 34 49.04 24.62 -10.90
N ILE R 35 48.79 23.42 -11.40
CA ILE R 35 48.53 23.22 -12.83
C ILE R 35 47.07 23.55 -13.12
N LEU R 36 46.85 24.35 -14.15
CA LEU R 36 45.50 24.77 -14.48
C LEU R 36 44.67 23.58 -14.97
N PRO R 37 43.37 23.58 -14.71
CA PRO R 37 42.51 22.48 -15.18
C PRO R 37 42.28 22.52 -16.68
N ARG R 38 41.46 21.58 -17.17
CA ARG R 38 41.16 21.53 -18.60
C ARG R 38 40.36 22.74 -19.06
N ARG R 39 39.44 23.22 -18.22
CA ARG R 39 38.60 24.34 -18.59
C ARG R 39 39.39 25.63 -18.79
N ARG R 40 40.55 25.74 -18.15
CA ARG R 40 41.39 26.93 -18.31
C ARG R 40 42.40 26.79 -19.44
N THR R 41 43.02 25.62 -19.58
CA THR R 41 44.01 25.42 -20.62
C THR R 41 43.38 25.21 -22.00
N GLY R 42 42.21 24.58 -22.04
CA GLY R 42 41.58 24.30 -23.32
C GLY R 42 42.25 23.21 -24.12
N LEU R 43 43.07 22.38 -23.48
CA LEU R 43 43.75 21.29 -24.14
C LEU R 43 42.88 20.03 -24.17
N SER R 44 43.32 19.04 -24.93
CA SER R 44 42.65 17.75 -24.98
C SER R 44 43.18 16.85 -23.87
N ALA R 45 42.59 15.66 -23.77
CA ALA R 45 43.02 14.71 -22.73
C ALA R 45 44.48 14.34 -22.92
N LYS R 46 44.87 13.98 -24.14
CA LYS R 46 46.25 13.63 -24.41
C LYS R 46 47.18 14.82 -24.22
N GLU R 47 46.76 15.99 -24.72
CA GLU R 47 47.55 17.21 -24.57
C GLU R 47 47.77 17.55 -23.10
N GLN R 48 46.70 17.56 -22.32
CA GLN R 48 46.81 17.85 -20.89
C GLN R 48 47.66 16.81 -20.17
N ARG R 49 47.52 15.54 -20.56
CA ARG R 49 48.27 14.47 -19.91
C ARG R 49 49.77 14.63 -20.16
N ILE R 50 50.16 15.01 -21.37
CA ILE R 50 51.57 15.25 -21.64
C ILE R 50 52.05 16.52 -20.93
N LEU R 51 51.22 17.57 -20.93
CA LEU R 51 51.58 18.82 -20.30
C LEU R 51 51.84 18.64 -18.81
N ALA R 52 51.07 17.78 -18.15
CA ALA R 52 51.24 17.55 -16.73
C ALA R 52 52.65 17.04 -16.42
N LYS R 53 53.08 15.98 -17.11
CA LYS R 53 54.39 15.41 -16.84
C LYS R 53 55.51 16.36 -17.24
N THR R 54 55.33 17.11 -18.34
CA THR R 54 56.36 18.06 -18.72
C THR R 54 56.49 19.19 -17.67
N ILE R 55 55.36 19.63 -17.12
CA ILE R 55 55.38 20.64 -16.06
C ILE R 55 56.07 20.08 -14.82
N LYS R 56 55.80 18.82 -14.49
CA LYS R 56 56.46 18.21 -13.34
C LYS R 56 57.97 18.13 -13.55
N ARG R 57 58.41 17.79 -14.75
CA ARG R 57 59.84 17.80 -15.07
C ARG R 57 60.42 19.20 -14.90
N ALA R 58 59.74 20.21 -15.44
CA ALA R 58 60.23 21.58 -15.31
C ALA R 58 60.28 22.02 -13.84
N ARG R 59 59.35 21.55 -13.02
CA ARG R 59 59.41 21.83 -11.59
C ARG R 59 60.64 21.20 -10.95
N ILE R 60 60.89 19.93 -11.26
CA ILE R 60 62.01 19.22 -10.65
C ILE R 60 63.33 19.87 -11.06
N LEU R 61 63.41 20.36 -12.31
CA LEU R 61 64.62 21.04 -12.74
C LEU R 61 64.83 22.37 -12.05
N GLY R 62 63.82 22.91 -11.38
CA GLY R 62 63.92 24.21 -10.75
C GLY R 62 63.47 25.37 -11.59
N LEU R 63 62.74 25.11 -12.67
CA LEU R 63 62.29 26.15 -13.60
C LEU R 63 60.91 26.66 -13.23
N LEU R 64 59.96 25.75 -12.99
CA LEU R 64 58.61 26.08 -12.57
C LEU R 64 58.44 25.84 -11.08
N PRO R 65 57.57 26.59 -10.41
CA PRO R 65 57.40 26.42 -8.97
C PRO R 65 56.47 25.26 -8.63
N PHE R 66 56.73 24.67 -7.47
CA PHE R 66 55.81 23.65 -6.94
C PHE R 66 54.56 24.29 -6.34
N THR R 67 54.72 25.42 -5.66
CA THR R 67 53.60 26.15 -5.10
C THR R 67 54.02 27.59 -4.89
N GLU R 68 53.07 28.51 -5.07
CA GLU R 68 53.29 29.93 -4.87
C GLU R 68 52.37 30.43 -3.75
N LYS R 69 52.37 31.74 -3.55
CA LYS R 69 51.56 32.37 -2.51
C LYS R 69 50.55 33.32 -3.15
N LEU R 70 49.33 33.32 -2.61
CA LEU R 70 48.27 34.16 -3.14
C LEU R 70 48.38 35.57 -2.59
N VAL R 71 48.14 36.55 -3.46
CA VAL R 71 48.27 37.96 -3.10
C VAL R 71 46.91 38.64 -3.26
N ARG R 72 46.75 39.75 -2.53
CA ARG R 72 45.56 40.60 -2.63
C ARG R 72 44.29 39.86 -2.21
N LYS R 73 44.37 39.19 -1.06
CA LYS R 73 43.19 38.52 -0.52
C LYS R 73 42.43 39.46 0.41
N PRO S 1 -26.32 34.55 65.46
CA PRO S 1 -26.97 35.29 64.38
C PRO S 1 -28.09 34.49 63.70
N ARG S 2 -28.90 33.81 64.50
CA ARG S 2 -29.94 32.93 64.00
C ARG S 2 -31.29 33.33 64.57
N SER S 3 -32.34 33.07 63.78
CA SER S 3 -33.73 33.35 64.14
C SER S 3 -34.62 32.73 63.08
N LEU S 4 -35.87 32.47 63.45
CA LEU S 4 -36.83 31.89 62.50
C LEU S 4 -37.95 32.86 62.17
N LYS S 5 -38.77 33.25 63.15
CA LYS S 5 -39.87 34.19 62.97
C LYS S 5 -40.61 34.36 64.30
N LYS S 6 -41.57 35.28 64.33
CA LYS S 6 -42.51 35.31 65.45
C LYS S 6 -43.45 34.11 65.36
N GLY S 7 -43.89 33.63 66.52
CA GLY S 7 -44.66 32.40 66.56
C GLY S 7 -43.78 31.18 66.37
N VAL S 8 -42.93 30.91 67.37
CA VAL S 8 -41.95 29.84 67.28
C VAL S 8 -42.63 28.52 66.95
N PHE S 9 -42.02 27.76 66.03
CA PHE S 9 -42.57 26.50 65.58
C PHE S 9 -42.08 25.36 66.45
N VAL S 10 -43.01 24.51 66.89
CA VAL S 10 -42.70 23.28 67.59
C VAL S 10 -43.61 22.18 67.03
N ASP S 11 -43.02 21.05 66.66
CA ASP S 11 -43.80 19.96 66.10
C ASP S 11 -44.78 19.43 67.13
N ASP S 12 -46.07 19.43 66.78
CA ASP S 12 -47.11 18.99 67.70
C ASP S 12 -47.12 17.48 67.93
N HIS S 13 -46.15 16.75 67.38
CA HIS S 13 -46.06 15.32 67.64
C HIS S 13 -45.72 15.05 69.10
N LEU S 14 -44.55 15.52 69.55
CA LEU S 14 -44.15 15.38 70.93
C LEU S 14 -44.66 16.51 71.83
N LEU S 15 -45.22 17.57 71.25
CA LEU S 15 -45.74 18.66 72.06
C LEU S 15 -46.87 18.18 72.96
N GLU S 16 -47.82 17.42 72.40
CA GLU S 16 -48.86 16.83 73.22
C GLU S 16 -48.32 15.72 74.12
N LYS S 17 -47.28 15.01 73.65
CA LYS S 17 -46.75 13.89 74.41
C LYS S 17 -46.11 14.34 75.72
N VAL S 18 -45.29 15.40 75.66
CA VAL S 18 -44.59 15.85 76.85
C VAL S 18 -45.57 16.40 77.88
N LEU S 19 -46.62 17.10 77.43
CA LEU S 19 -47.60 17.61 78.37
C LEU S 19 -48.48 16.49 78.91
N GLU S 20 -48.75 15.45 78.12
CA GLU S 20 -49.47 14.29 78.64
C GLU S 20 -48.64 13.57 79.70
N LEU S 21 -47.31 13.52 79.52
CA LEU S 21 -46.44 12.96 80.53
C LEU S 21 -46.45 13.81 81.80
N ASN S 22 -46.37 15.13 81.63
CA ASN S 22 -46.40 16.03 82.79
C ASN S 22 -47.74 15.96 83.53
N ALA S 23 -48.83 15.66 82.82
CA ALA S 23 -50.14 15.59 83.44
C ALA S 23 -50.25 14.46 84.45
N LYS S 24 -49.41 13.42 84.33
CA LYS S 24 -49.47 12.29 85.24
C LYS S 24 -48.15 11.98 85.93
N GLY S 25 -47.02 12.42 85.41
CA GLY S 25 -45.75 12.14 86.06
C GLY S 25 -44.51 12.51 85.29
N GLU S 26 -43.52 11.62 85.33
CA GLU S 26 -42.19 11.88 84.76
C GLU S 26 -41.71 10.66 83.96
N LYS S 27 -42.57 10.17 83.08
CA LYS S 27 -42.34 8.92 82.36
C LYS S 27 -40.97 8.91 81.66
N ARG S 28 -40.47 7.72 81.36
CA ARG S 28 -39.09 7.53 80.93
C ARG S 28 -38.91 7.92 79.47
N LEU S 29 -37.78 7.51 78.90
CA LEU S 29 -37.36 7.86 77.55
C LEU S 29 -38.50 7.88 76.55
N ILE S 30 -38.61 8.98 75.82
CA ILE S 30 -39.55 9.11 74.71
C ILE S 30 -38.74 9.12 73.43
N LYS S 31 -39.27 8.47 72.39
CA LYS S 31 -38.59 8.37 71.10
C LYS S 31 -39.27 9.32 70.11
N THR S 32 -38.47 10.20 69.50
CA THR S 32 -38.98 11.20 68.58
C THR S 32 -38.08 11.30 67.37
N TRP S 33 -38.67 11.21 66.18
CA TRP S 33 -37.96 11.43 64.93
C TRP S 33 -37.98 12.89 64.50
N SER S 34 -38.76 13.73 65.16
CA SER S 34 -38.87 15.14 64.82
C SER S 34 -37.78 15.91 65.54
N ARG S 35 -36.59 15.95 64.93
CA ARG S 35 -35.50 16.76 65.46
C ARG S 35 -35.60 18.22 65.06
N ARG S 36 -36.53 18.57 64.16
CA ARG S 36 -36.73 19.95 63.74
C ARG S 36 -37.46 20.78 64.79
N SER S 37 -38.10 20.15 65.77
CA SER S 37 -38.88 20.88 66.75
C SER S 37 -37.98 21.64 67.72
N THR S 38 -38.48 22.77 68.19
CA THR S 38 -37.74 23.63 69.09
C THR S 38 -38.04 23.29 70.54
N ILE S 39 -37.02 23.40 71.40
CA ILE S 39 -37.18 23.04 72.81
C ILE S 39 -37.99 24.12 73.52
N VAL S 40 -38.99 23.68 74.28
CA VAL S 40 -39.84 24.57 75.06
C VAL S 40 -39.57 24.31 76.55
N PRO S 41 -39.85 25.28 77.43
CA PRO S 41 -39.51 25.08 78.85
C PRO S 41 -40.22 23.91 79.52
N GLU S 42 -41.42 23.55 79.06
CA GLU S 42 -42.15 22.45 79.69
C GLU S 42 -41.53 21.09 79.41
N MET S 43 -40.41 21.03 78.69
CA MET S 43 -39.71 19.77 78.45
C MET S 43 -38.55 19.56 79.41
N VAL S 44 -38.17 20.57 80.19
CA VAL S 44 -37.00 20.46 81.06
C VAL S 44 -37.23 19.39 82.11
N GLY S 45 -36.29 18.45 82.22
CA GLY S 45 -36.34 17.37 83.18
C GLY S 45 -36.54 16.00 82.55
N HIS S 46 -37.16 15.95 81.38
CA HIS S 46 -37.40 14.69 80.69
C HIS S 46 -36.14 14.24 79.96
N THR S 47 -36.27 13.12 79.23
CA THR S 47 -35.17 12.57 78.44
C THR S 47 -35.75 12.08 77.13
N ILE S 48 -35.44 12.78 76.05
CA ILE S 48 -36.00 12.47 74.74
C ILE S 48 -34.97 11.69 73.94
N ALA S 49 -35.37 10.55 73.38
CA ALA S 49 -34.51 9.78 72.50
C ALA S 49 -34.65 10.34 71.09
N VAL S 50 -33.65 11.09 70.64
CA VAL S 50 -33.68 11.75 69.34
C VAL S 50 -33.05 10.83 68.30
N TYR S 51 -33.76 10.61 67.19
CA TYR S 51 -33.25 9.77 66.12
C TYR S 51 -32.23 10.55 65.30
N ASN S 52 -30.99 10.05 65.25
CA ASN S 52 -29.90 10.72 64.56
C ASN S 52 -29.70 10.17 63.15
N GLY S 53 -30.69 9.48 62.60
CA GLY S 53 -30.59 8.84 61.30
C GLY S 53 -30.33 7.35 61.37
N LYS S 54 -29.67 6.88 62.44
CA LYS S 54 -29.40 5.47 62.63
C LYS S 54 -30.02 4.92 63.91
N GLN S 55 -29.85 5.61 65.03
CA GLN S 55 -30.35 5.14 66.32
C GLN S 55 -31.01 6.31 67.05
N HIS S 56 -31.46 6.04 68.26
CA HIS S 56 -32.04 7.06 69.14
C HIS S 56 -31.07 7.33 70.28
N VAL S 57 -30.57 8.56 70.35
CA VAL S 57 -29.67 8.97 71.42
C VAL S 57 -30.49 9.55 72.57
N PRO S 58 -30.24 9.13 73.81
CA PRO S 58 -31.02 9.63 74.97
C PRO S 58 -30.60 11.02 75.42
N VAL S 59 -31.06 12.03 74.68
CA VAL S 59 -30.75 13.41 75.00
C VAL S 59 -31.53 13.82 76.24
N TYR S 60 -30.83 14.03 77.36
CA TYR S 60 -31.43 14.58 78.55
C TYR S 60 -31.40 16.10 78.46
N ILE S 61 -32.54 16.73 78.69
CA ILE S 61 -32.70 18.18 78.53
C ILE S 61 -32.58 18.85 79.89
N THR S 62 -31.75 19.89 79.96
CA THR S 62 -31.55 20.69 81.16
C THR S 62 -32.16 22.08 80.96
N GLU S 63 -31.96 22.94 81.95
CA GLU S 63 -32.54 24.29 81.90
C GLU S 63 -31.88 25.13 80.80
N ASN S 64 -30.56 25.09 80.70
CA ASN S 64 -29.81 25.88 79.74
C ASN S 64 -29.93 25.38 78.30
N MET S 65 -30.77 24.39 78.02
CA MET S 65 -30.94 23.87 76.67
C MET S 65 -32.19 24.41 75.97
N VAL S 66 -32.95 25.27 76.63
CA VAL S 66 -34.18 25.79 76.04
C VAL S 66 -33.85 26.73 74.89
N GLY S 67 -34.59 26.60 73.78
CA GLY S 67 -34.43 27.42 72.61
C GLY S 67 -33.78 26.72 71.44
N HIS S 68 -32.97 25.69 71.71
CA HIS S 68 -32.28 24.97 70.66
C HIS S 68 -33.18 23.89 70.08
N LYS S 69 -32.68 23.21 69.05
CA LYS S 69 -33.37 22.08 68.45
C LYS S 69 -32.86 20.77 69.04
N LEU S 70 -33.64 19.71 68.83
CA LEU S 70 -33.21 18.38 69.29
C LEU S 70 -32.03 17.86 68.48
N GLY S 71 -31.96 18.22 67.19
CA GLY S 71 -30.86 17.79 66.35
C GLY S 71 -29.53 18.40 66.73
N GLU S 72 -29.53 19.55 67.41
CA GLU S 72 -28.28 20.15 67.87
C GLU S 72 -27.58 19.29 68.90
N PHE S 73 -28.32 18.43 69.60
CA PHE S 73 -27.75 17.53 70.60
C PHE S 73 -27.73 16.09 70.13
N ALA S 74 -28.11 15.82 68.88
CA ALA S 74 -28.07 14.49 68.28
C ALA S 74 -27.23 14.57 67.01
N PRO S 75 -25.91 14.44 67.11
CA PRO S 75 -25.07 14.51 65.91
C PRO S 75 -25.36 13.34 64.97
N THR S 76 -25.31 13.63 63.67
CA THR S 76 -25.67 12.66 62.65
C THR S 76 -24.48 11.94 62.03
N ARG S 77 -23.31 12.57 61.98
CA ARG S 77 -22.16 12.02 61.31
C ARG S 77 -21.11 11.54 62.32
N THR S 78 -20.29 10.60 61.88
CA THR S 78 -19.22 10.03 62.67
C THR S 78 -17.87 10.41 62.06
N TYR S 79 -16.96 10.92 62.88
CA TYR S 79 -15.64 11.32 62.41
C TYR S 79 -14.59 10.92 63.43
N ARG S 80 -13.58 10.19 62.98
CA ARG S 80 -12.45 9.76 63.82
C ARG S 80 -12.91 9.06 65.10
N GLY S 81 -13.75 8.05 64.94
N ARG T 1 14.10 -92.98 18.64
CA ARG T 1 12.96 -92.15 18.27
C ARG T 1 13.05 -91.70 16.82
N ASN T 2 14.00 -92.26 16.08
CA ASN T 2 14.28 -91.88 14.70
C ASN T 2 13.90 -93.00 13.74
N LEU T 3 13.91 -92.67 12.45
CA LEU T 3 13.50 -93.59 11.41
C LEU T 3 14.69 -94.44 10.95
N SER T 4 14.37 -95.52 10.24
CA SER T 4 15.36 -96.52 9.86
C SER T 4 16.20 -96.13 8.65
N ALA T 5 16.09 -94.88 8.17
CA ALA T 5 16.99 -94.42 7.11
C ALA T 5 18.44 -94.47 7.53
N LEU T 6 18.72 -94.65 8.83
CA LEU T 6 20.08 -94.92 9.29
C LEU T 6 20.71 -96.07 8.51
N LYS T 7 19.89 -97.02 8.04
CA LYS T 7 20.40 -98.08 7.19
C LYS T 7 21.25 -97.53 6.06
N ARG T 8 20.73 -96.53 5.34
CA ARG T 8 21.50 -95.86 4.30
C ARG T 8 22.89 -95.50 4.79
N HIS T 9 22.96 -94.78 5.92
CA HIS T 9 24.25 -94.43 6.51
C HIS T 9 25.16 -95.65 6.59
N ARG T 10 24.68 -96.73 7.22
CA ARG T 10 25.46 -97.95 7.32
C ARG T 10 26.04 -98.33 5.96
N GLN T 11 25.17 -98.43 4.96
CA GLN T 11 25.61 -98.83 3.62
C GLN T 11 26.74 -97.93 3.13
N SER T 12 26.56 -96.60 3.28
CA SER T 12 27.58 -95.67 2.83
C SER T 12 28.94 -96.03 3.41
N LEU T 13 28.97 -96.30 4.72
CA LEU T 13 30.23 -96.69 5.38
C LEU T 13 30.88 -97.83 4.64
N LYS T 14 30.12 -98.92 4.42
CA LYS T 14 30.66 -100.05 3.66
C LYS T 14 31.21 -99.57 2.32
N ARG T 15 30.38 -98.85 1.55
CA ARG T 15 30.82 -98.38 0.24
C ARG T 15 32.06 -97.52 0.37
N ARG T 16 32.15 -96.71 1.43
CA ARG T 16 33.34 -95.92 1.68
C ARG T 16 34.57 -96.83 1.68
N LEU T 17 34.55 -97.85 2.55
CA LEU T 17 35.68 -98.76 2.61
C LEU T 17 35.90 -99.48 1.30
N ARG T 18 34.83 -99.67 0.52
CA ARG T 18 34.98 -100.31 -0.78
C ARG T 18 35.68 -99.38 -1.76
N ASN T 19 35.41 -98.08 -1.68
CA ASN T 19 36.02 -97.15 -2.62
C ASN T 19 37.46 -96.84 -2.23
N LYS T 20 37.66 -96.39 -0.99
CA LYS T 20 38.99 -96.02 -0.51
C LYS T 20 40.01 -97.10 -0.81
N ALA T 21 39.62 -98.38 -0.68
CA ALA T 21 40.52 -99.47 -1.00
C ALA T 21 40.98 -99.39 -2.45
N LYS T 22 40.02 -99.44 -3.40
CA LYS T 22 40.36 -99.49 -4.81
C LYS T 22 41.27 -98.34 -5.20
N LYS T 23 40.85 -97.10 -4.92
CA LYS T 23 41.69 -95.94 -5.19
C LYS T 23 43.08 -96.11 -4.59
N SER T 24 43.14 -96.53 -3.31
CA SER T 24 44.43 -96.69 -2.64
C SER T 24 45.32 -97.65 -3.41
N ALA T 25 44.73 -98.70 -3.99
CA ALA T 25 45.51 -99.58 -4.85
C ALA T 25 45.98 -98.83 -6.09
N ILE T 26 45.05 -98.22 -6.82
CA ILE T 26 45.36 -97.62 -8.12
C ILE T 26 46.54 -96.67 -7.99
N LYS T 27 46.38 -95.62 -7.20
CA LYS T 27 47.45 -94.67 -6.91
C LYS T 27 48.77 -95.41 -6.68
N THR T 28 48.76 -96.33 -5.71
CA THR T 28 49.97 -97.08 -5.40
C THR T 28 50.60 -97.66 -6.65
N LEU T 29 49.84 -98.50 -7.37
CA LEU T 29 50.36 -99.13 -8.57
C LEU T 29 50.91 -98.08 -9.53
N SER T 30 50.15 -97.00 -9.74
CA SER T 30 50.59 -95.93 -10.61
C SER T 30 52.00 -95.50 -10.24
N LYS T 31 52.19 -95.08 -8.99
CA LYS T 31 53.51 -94.66 -8.52
C LYS T 31 54.56 -95.69 -8.90
N LYS T 32 54.30 -96.96 -8.56
CA LYS T 32 55.26 -98.02 -8.84
C LYS T 32 55.68 -97.99 -10.29
N ALA T 33 54.70 -98.02 -11.20
CA ALA T 33 55.02 -98.03 -12.63
C ALA T 33 55.89 -96.84 -12.99
N ILE T 34 55.51 -95.65 -12.51
CA ILE T 34 56.26 -94.45 -12.86
C ILE T 34 57.70 -94.58 -12.41
N GLN T 35 57.92 -95.16 -11.23
CA GLN T 35 59.29 -95.38 -10.76
C GLN T 35 60.07 -96.20 -11.79
N LEU T 36 59.50 -97.32 -12.22
CA LEU T 36 60.18 -98.15 -13.20
C LEU T 36 60.36 -97.43 -14.53
N ALA T 37 59.51 -96.44 -14.82
CA ALA T 37 59.70 -95.66 -16.04
C ALA T 37 60.86 -94.68 -15.89
N GLN T 38 61.11 -94.21 -14.67
CA GLN T 38 62.24 -93.30 -14.45
C GLN T 38 63.56 -94.05 -14.49
N GLU T 39 63.60 -95.25 -13.91
CA GLU T 39 64.81 -96.04 -13.83
C GLU T 39 65.11 -96.81 -15.12
N GLY T 40 64.24 -96.73 -16.11
CA GLY T 40 64.50 -97.33 -17.41
C GLY T 40 64.02 -98.75 -17.58
N LYS T 41 63.56 -99.40 -16.51
CA LYS T 41 63.08 -100.77 -16.61
C LYS T 41 61.73 -100.79 -17.30
N ALA T 42 61.76 -100.77 -18.63
CA ALA T 42 60.55 -100.57 -19.43
C ALA T 42 59.64 -101.78 -19.40
N GLU T 43 60.23 -102.99 -19.40
CA GLU T 43 59.41 -104.21 -19.40
C GLU T 43 58.49 -104.24 -18.18
N GLU T 44 59.08 -104.18 -16.98
CA GLU T 44 58.28 -104.22 -15.75
C GLU T 44 57.40 -102.98 -15.65
N ALA T 45 57.87 -101.83 -16.13
CA ALA T 45 57.07 -100.62 -16.10
C ALA T 45 55.76 -100.79 -16.85
N LEU T 46 55.84 -101.23 -18.11
CA LEU T 46 54.62 -101.43 -18.89
C LEU T 46 53.80 -102.58 -18.34
N LYS T 47 54.45 -103.64 -17.84
CA LYS T 47 53.72 -104.76 -17.28
C LYS T 47 52.88 -104.34 -16.08
N ILE T 48 53.39 -103.39 -15.28
CA ILE T 48 52.61 -102.89 -14.15
C ILE T 48 51.60 -101.84 -14.60
N MET T 49 51.91 -101.07 -15.65
CA MET T 49 50.97 -100.09 -16.16
C MET T 49 49.72 -100.77 -16.72
N ARG T 50 49.88 -101.95 -17.33
CA ARG T 50 48.73 -102.72 -17.79
C ARG T 50 47.79 -103.02 -16.63
N LYS T 51 48.34 -103.53 -15.51
CA LYS T 51 47.52 -103.85 -14.35
C LYS T 51 46.89 -102.60 -13.75
N ALA T 52 47.62 -101.48 -13.78
CA ALA T 52 47.07 -100.23 -13.26
C ALA T 52 45.88 -99.77 -14.09
N GLU T 53 46.01 -99.80 -15.42
CA GLU T 53 44.90 -99.46 -16.29
C GLU T 53 43.72 -100.40 -16.08
N SER T 54 44.00 -101.69 -15.89
CA SER T 54 42.94 -102.66 -15.63
C SER T 54 42.19 -102.32 -14.35
N LEU T 55 42.92 -102.00 -13.28
CA LEU T 55 42.27 -101.63 -12.03
C LEU T 55 41.49 -100.34 -12.17
N ILE T 56 42.00 -99.40 -12.96
CA ILE T 56 41.28 -98.14 -13.19
C ILE T 56 39.93 -98.41 -13.83
N ASP T 57 39.93 -99.19 -14.92
CA ASP T 57 38.66 -99.48 -15.60
C ASP T 57 37.73 -100.30 -14.72
N LYS T 58 38.27 -101.27 -13.97
CA LYS T 58 37.43 -102.09 -13.10
C LYS T 58 36.79 -101.25 -12.00
N ALA T 59 37.53 -100.29 -11.46
CA ALA T 59 36.94 -99.35 -10.51
C ALA T 59 35.90 -98.46 -11.19
N ALA T 60 36.12 -98.13 -12.47
CA ALA T 60 35.14 -97.36 -13.22
C ALA T 60 33.86 -98.14 -13.47
N LYS T 61 33.92 -99.48 -13.41
CA LYS T 61 32.71 -100.28 -13.57
C LYS T 61 31.62 -99.87 -12.59
N GLY T 62 32.01 -99.59 -11.34
CA GLY T 62 31.07 -99.21 -10.31
C GLY T 62 31.01 -97.71 -10.10
N SER T 63 30.61 -97.32 -8.89
CA SER T 63 30.48 -95.91 -8.51
C SER T 63 31.75 -95.35 -7.86
N THR T 64 32.81 -96.16 -7.75
CA THR T 64 34.02 -95.73 -7.07
C THR T 64 34.78 -94.72 -7.91
N LEU T 65 35.15 -95.11 -9.13
CA LEU T 65 36.00 -94.33 -10.03
C LEU T 65 35.30 -94.14 -11.36
N HIS T 66 34.08 -93.61 -11.31
CA HIS T 66 33.14 -93.59 -12.42
C HIS T 66 33.60 -92.62 -13.51
N LYS T 67 32.66 -92.10 -14.30
CA LYS T 67 32.88 -91.62 -15.67
C LYS T 67 34.07 -90.67 -15.82
N ASN T 68 34.36 -90.28 -17.07
CA ASN T 68 35.68 -90.24 -17.68
C ASN T 68 36.85 -89.73 -16.84
N ALA T 69 36.64 -89.39 -15.56
CA ALA T 69 37.77 -89.26 -14.65
C ALA T 69 38.72 -90.46 -14.74
N ALA T 70 38.17 -91.66 -14.94
CA ALA T 70 39.00 -92.85 -15.11
C ALA T 70 39.85 -92.74 -16.37
N ALA T 71 39.24 -92.28 -17.47
CA ALA T 71 40.00 -92.03 -18.68
C ALA T 71 41.07 -90.97 -18.46
N ARG T 72 40.79 -89.98 -17.62
CA ARG T 72 41.78 -88.96 -17.29
C ARG T 72 42.99 -89.58 -16.58
N ARG T 73 42.72 -90.44 -15.60
CA ARG T 73 43.82 -91.09 -14.89
C ARG T 73 44.63 -91.99 -15.82
N LYS T 74 43.94 -92.75 -16.69
CA LYS T 74 44.64 -93.59 -17.66
C LYS T 74 45.50 -92.75 -18.59
N SER T 75 44.96 -91.63 -19.08
CA SER T 75 45.70 -90.74 -19.96
C SER T 75 46.97 -90.23 -19.30
N ARG T 76 46.83 -89.69 -18.08
CA ARG T 76 48.00 -89.15 -17.40
C ARG T 76 49.03 -90.23 -17.13
N LEU T 77 48.58 -91.42 -16.72
CA LEU T 77 49.51 -92.52 -16.45
C LEU T 77 50.28 -92.90 -17.70
N MET T 78 49.58 -93.19 -18.80
CA MET T 78 50.26 -93.63 -20.01
C MET T 78 51.17 -92.54 -20.56
N ARG T 79 50.73 -91.29 -20.48
CA ARG T 79 51.58 -90.18 -20.94
C ARG T 79 52.87 -90.11 -20.14
N LYS T 80 52.75 -90.11 -18.80
CA LYS T 80 53.95 -90.03 -17.97
C LYS T 80 54.88 -91.20 -18.22
N VAL T 81 54.33 -92.41 -18.38
CA VAL T 81 55.17 -93.59 -18.58
C VAL T 81 55.91 -93.50 -19.92
N ARG T 82 55.18 -93.19 -21.00
CA ARG T 82 55.82 -93.10 -22.31
C ARG T 82 56.86 -91.99 -22.33
N GLN T 83 56.59 -90.88 -21.62
CA GLN T 83 57.54 -89.78 -21.59
C GLN T 83 58.80 -90.17 -20.83
N LEU T 84 58.65 -90.85 -19.69
CA LEU T 84 59.82 -91.24 -18.91
C LEU T 84 60.65 -92.31 -19.60
N LEU T 85 60.00 -93.22 -20.32
CA LEU T 85 60.75 -94.21 -21.08
C LEU T 85 61.47 -93.57 -22.26
N GLU T 86 60.94 -92.46 -22.79
CA GLU T 86 61.62 -91.76 -23.88
C GLU T 86 62.93 -91.15 -23.43
N ALA T 87 63.07 -90.85 -22.14
CA ALA T 87 64.35 -90.41 -21.58
C ALA T 87 65.34 -91.56 -21.45
N ALA T 88 64.90 -92.79 -21.59
CA ALA T 88 65.77 -93.96 -21.57
C ALA T 88 65.71 -94.76 -22.87
N GLY T 89 64.52 -95.05 -23.37
CA GLY T 89 64.35 -95.78 -24.61
C GLY T 89 63.98 -97.23 -24.38
N ALA T 90 63.86 -97.95 -25.50
CA ALA T 90 63.63 -99.39 -25.54
C ALA T 90 62.35 -99.80 -24.81
N PRO T 91 61.17 -99.52 -25.37
CA PRO T 91 59.93 -100.01 -24.76
C PRO T 91 59.79 -101.52 -24.95
N LEU T 92 60.39 -102.29 -24.04
CA LEU T 92 60.62 -103.71 -24.28
C LEU T 92 59.32 -104.48 -24.45
N ILE T 93 58.50 -104.54 -23.39
CA ILE T 93 57.38 -105.48 -23.38
C ILE T 93 56.31 -105.12 -24.40
N GLY T 94 56.22 -103.85 -24.81
CA GLY T 94 55.19 -103.43 -25.74
C GLY T 94 53.79 -103.72 -25.24
N GLY T 95 53.43 -103.12 -24.11
CA GLY T 95 52.14 -103.40 -23.49
C GLY T 95 51.05 -102.43 -23.87
N GLY T 96 50.67 -101.57 -22.92
CA GLY T 96 49.56 -100.66 -23.16
C GLY T 96 49.84 -99.64 -24.24
N LEU T 97 51.10 -99.24 -24.41
CA LEU T 97 51.43 -98.19 -25.36
C LEU T 97 51.35 -98.69 -26.79
N SER T 98 50.74 -97.91 -27.66
CA SER T 98 50.65 -98.25 -29.07
C SER T 98 52.03 -98.17 -29.72
N ALA T 99 52.16 -98.86 -30.86
CA ALA T 99 53.43 -98.92 -31.58
C ALA T 99 53.88 -97.53 -32.03
N GLY U 1 -13.78 46.13 49.80
CA GLY U 1 -14.15 46.03 48.40
C GLY U 1 -15.59 45.58 48.19
N LYS U 2 -15.80 44.76 47.17
CA LYS U 2 -17.13 44.25 46.84
C LYS U 2 -17.60 43.16 47.80
N GLY U 3 -16.75 42.71 48.72
CA GLY U 3 -17.11 41.69 49.68
C GLY U 3 -17.51 42.19 51.05
N ASP U 4 -17.46 43.50 51.28
CA ASP U 4 -17.86 44.06 52.57
C ASP U 4 -19.37 44.31 52.55
N ARG U 5 -20.08 43.64 53.47
CA ARG U 5 -21.53 43.83 53.55
C ARG U 5 -21.91 45.26 53.86
N ARG U 6 -21.07 45.97 54.62
CA ARG U 6 -21.39 47.30 55.11
C ARG U 6 -20.94 48.42 54.18
N THR U 7 -20.84 48.16 52.88
CA THR U 7 -20.43 49.17 51.91
C THR U 7 -21.47 49.30 50.81
N ARG U 8 -21.29 50.33 49.98
CA ARG U 8 -22.16 50.51 48.82
C ARG U 8 -21.88 49.44 47.77
N ARG U 9 -20.61 49.30 47.37
CA ARG U 9 -20.26 48.28 46.39
C ARG U 9 -20.55 46.88 46.90
N GLY U 10 -20.52 46.67 48.22
CA GLY U 10 -20.89 45.37 48.75
C GLY U 10 -22.35 45.04 48.49
N LYS U 11 -23.25 45.99 48.77
CA LYS U 11 -24.66 45.79 48.48
C LYS U 11 -24.90 45.64 46.98
N ILE U 12 -24.21 46.45 46.16
CA ILE U 12 -24.41 46.37 44.71
C ILE U 12 -23.95 45.02 44.18
N TRP U 13 -22.83 44.50 44.70
CA TRP U 13 -22.33 43.21 44.26
C TRP U 13 -23.25 42.09 44.71
N ARG U 14 -23.65 42.10 45.98
CA ARG U 14 -24.61 41.11 46.48
C ARG U 14 -26.04 41.40 46.04
N GLY U 15 -26.28 42.54 45.40
CA GLY U 15 -27.58 42.84 44.84
C GLY U 15 -28.69 43.04 45.86
N THR U 16 -28.38 43.70 46.98
CA THR U 16 -29.33 43.91 48.05
C THR U 16 -29.35 45.39 48.43
N TYR U 17 -30.23 45.73 49.36
CA TYR U 17 -30.34 47.08 49.91
C TYR U 17 -30.27 47.01 51.43
N GLY U 18 -29.98 48.15 52.04
CA GLY U 18 -29.90 48.21 53.48
C GLY U 18 -29.53 49.57 54.04
N LYS U 19 -28.92 49.58 55.22
CA LYS U 19 -28.52 50.85 55.84
C LYS U 19 -27.43 51.53 55.04
N TYR U 20 -26.53 50.77 54.42
CA TYR U 20 -25.41 51.31 53.68
C TYR U 20 -25.71 51.48 52.19
N ARG U 21 -26.96 51.24 51.78
CA ARG U 21 -27.39 51.50 50.41
C ARG U 21 -28.91 51.67 50.39
N PRO U 22 -29.43 52.86 50.70
CA PRO U 22 -30.88 53.05 50.73
C PRO U 22 -31.49 53.10 49.35
N ARG U 23 -32.80 53.35 49.29
CA ARG U 23 -33.55 53.49 48.06
C ARG U 23 -34.11 54.90 47.91
N LYS U 24 -33.30 55.89 48.29
CA LYS U 24 -33.68 57.31 48.27
C LYS U 24 -34.92 57.58 49.11
N LYS U 25 -35.46 58.79 48.99
P A2M V 3 1.60 -9.71 22.82
OP1 A2M V 3 2.63 -10.48 22.06
O5' A2M V 3 0.15 -10.10 22.28
C5' A2M V 3 -0.24 -11.46 22.18
C4' A2M V 3 -1.70 -11.65 22.49
O4' A2M V 3 -2.02 -11.10 23.79
C3' A2M V 3 -2.70 -10.98 21.57
O3' A2M V 3 -2.83 -11.61 20.32
C2' A2M V 3 -3.97 -11.03 22.42
O2' A2M V 3 -4.54 -12.32 22.38
C1' A2M V 3 -3.40 -10.79 23.82
CM' A2M V 3 -5.85 -12.38 21.89
N9 A2M V 3 -3.59 -9.40 24.28
C8 A2M V 3 -2.65 -8.56 24.66
N7 A2M V 3 -3.21 -7.41 25.02
C5 A2M V 3 -4.54 -7.51 24.84
C6 A2M V 3 -5.63 -6.62 25.05
N6 A2M V 3 -5.39 -5.29 25.52
N1 A2M V 3 -6.87 -7.04 24.78
C2 A2M V 3 -7.08 -8.26 24.34
N3 A2M V 3 -6.07 -9.11 24.14
C4 A2M V 3 -4.80 -8.77 24.38
OP2 A2M V 3 1.83 -8.24 22.63
N1 70U W 7 -11.05 -4.51 26.53
C2 70U W 7 -9.95 -5.21 26.15
S2 70U W 7 -10.08 -6.93 25.59
N3 70U W 7 -8.75 -4.70 26.19
C4 70U W 7 -8.55 -3.48 26.57
O4 70U W 7 -7.25 -2.97 26.59
C5 70U W 7 -9.62 -2.70 26.96
C6 70U W 7 -10.92 -3.30 26.91
C5M 70U W 7 -9.41 -1.23 27.43
C8 70U W 7 -8.75 -0.31 26.40
O8 70U W 7 -7.74 0.31 26.69
O9 70U W 7 -9.14 -0.41 25.00
C9 70U W 7 -9.52 0.78 24.45
C1' 70U W 7 -12.41 -5.08 26.48
O2' 70U W 7 -13.43 -7.17 27.06
C2' 70U W 7 -12.66 -6.10 27.60
O3' 70U W 7 -14.31 -6.09 29.41
C3' 70U W 7 -13.47 -5.30 28.60
C4' 70U W 7 -14.26 -4.33 27.72
O4' 70U W 7 -13.34 -4.03 26.64
C5' 70U W 7 -14.71 -3.06 28.38
O5' 70U W 7 -13.86 -2.73 29.47
P 70U W 7 -13.19 -1.29 29.58
OP1 70U W 7 -12.67 -0.93 28.26
OP2 70U W 7 -14.14 -0.43 30.19
P 12A W 10 -4.33 -11.58 36.00
OP2 12A W 10 -4.69 -10.29 36.75
O5' 12A W 10 -2.73 -11.72 35.92
C5' 12A W 10 -2.14 -11.92 34.70
C4' 12A W 10 -1.15 -10.76 34.41
O4' 12A W 10 -1.74 -9.77 33.78
C3' 12A W 10 -0.69 -10.20 35.80
O3' 12A W 10 0.57 -10.54 36.14
C2' 12A W 10 -0.79 -8.71 35.55
O2' 12A W 10 0.28 -8.31 34.54
C1' 12A W 10 -1.97 -8.73 34.98
N9 12A W 10 -2.58 -7.36 34.85
C8 12A W 10 -3.90 -7.16 34.89
N7 12A W 10 -4.16 -5.86 34.82
C5 12A W 10 -2.98 -5.19 34.76
C6 12A W 10 -2.62 -3.82 34.67
N6 12A W 10 -3.70 -2.75 34.63
N1 12A W 10 -1.35 -3.49 34.62
C2 12A W 10 -0.40 -4.45 34.65
N3 12A W 10 -0.69 -5.72 34.73
C4 12A W 10 -1.97 -6.15 34.78
S2 12A W 10 1.35 -3.95 34.58
C2M 12A W 10 1.50 -2.19 34.94
CC 12A W 10 -3.48 -1.42 34.13
OO 12A W 10 -4.37 -0.67 34.15
N 12A W 10 -2.18 -1.02 33.59
CA 12A W 10 -1.87 0.24 33.08
C 12A W 10 -1.94 1.32 34.19
O 12A W 10 -0.84 1.91 34.59
OXT 12A W 10 -3.06 1.64 34.73
CB 12A W 10 -2.82 0.63 31.87
OG1 12A W 10 -2.54 -0.17 30.77
CG2 12A W 10 -2.61 2.08 31.51
N1 PSU W 12 -2.56 -4.74 41.43
C2 PSU W 12 -3.78 -4.31 41.58
N3 PSU W 12 -4.00 -3.06 41.94
C4 PSU W 12 -3.02 -2.21 42.15
C5 PSU W 12 -1.71 -2.63 42.01
C6 PSU W 12 -1.51 -3.95 41.63
O2 PSU W 12 -4.69 -5.04 41.39
O4 PSU W 12 -3.27 -1.10 42.47
C1' PSU W 12 -0.50 -1.71 42.24
C2' PSU W 12 -0.26 -1.35 43.72
O2' PSU W 12 0.25 -0.03 43.77
C3' PSU W 12 0.83 -2.35 44.08
C4' PSU W 12 1.66 -2.42 42.81
O3' PSU W 12 1.58 -2.00 45.23
O4' PSU W 12 0.67 -2.33 41.75
C5' PSU W 12 2.50 -3.66 42.62
O5' PSU W 12 1.71 -4.84 42.58
P PSU W 12 2.39 -6.27 42.35
OP1 PSU W 12 3.61 -6.36 43.23
OP2 PSU W 12 1.31 -7.32 42.44
MG MG X . 11.58 -122.45 -19.12
MG MG Y . -2.23 -91.41 -7.56
MG MG Z . 42.48 -31.65 -41.98
MG MG AA . 45.70 -14.49 -46.97
MG MG BA . 19.67 -58.34 5.22
MG MG CA . 9.78 -63.34 10.73
MG MG DA . 48.07 -22.37 -48.11
MG MG EA . 42.56 9.40 20.86
MG MG FA . 30.99 5.19 14.51
MG MG GA . 23.38 4.78 14.41
MG MG HA . 35.79 2.01 8.62
MG MG IA . -22.27 -65.01 -17.03
MG MG JA . 12.92 -22.61 -8.91
MG MG KA . 15.96 -29.60 -17.04
MG MG LA . 8.86 -16.84 -15.16
MG MG MA . 11.16 -30.94 -0.56
MG MG NA . 48.97 -6.78 5.53
MG MG OA . -43.00 -46.20 4.25
MG MG PA . 45.97 -12.05 1.62
MG MG QA . 56.21 8.63 21.01
MG MG RA . 55.08 -8.13 11.89
MG MG SA . 6.98 -9.92 5.49
MG MG TA . 5.23 -21.81 -6.91
MG MG UA . -20.39 -55.22 0.96
MG MG VA . -17.20 -56.04 19.92
MG MG WA . 1.66 -22.33 -2.38
MG MG XA . 9.04 -64.94 -2.20
MG MG YA . 8.13 -35.43 -9.76
MG MG ZA . -10.87 -48.55 7.17
MG MG AB . 31.24 -31.18 -38.34
MG MG BB . 25.44 -50.40 -37.98
MG MG CB . 21.39 -13.77 -3.13
MG MG DB . 40.92 -20.28 -20.31
MG MG EB . 14.10 -53.21 -6.75
MG MG FB . 41.34 -31.18 -23.96
MG MG GB . 32.98 -12.87 -9.77
MG MG HB . 33.77 -18.33 9.41
MG MG IB . 6.37 -57.34 -31.62
MG MG JB . 31.21 0.98 -27.87
MG MG KB . 34.61 -48.51 -16.39
MG MG LB . 24.38 -63.22 -17.31
MG MG MB . 37.37 -2.18 -5.75
MG MG NB . 35.99 -35.54 -31.05
MG MG OB . -14.26 -32.21 17.01
MG MG PB . -13.67 -67.76 4.11
MG MG QB . 8.36 -2.67 -24.40
MG MG RB . 4.80 -1.37 -12.02
MG MG SB . -10.96 6.05 -12.13
MG MG TB . -2.86 -11.12 8.72
MG MG UB . 19.47 3.49 19.19
MG MG VB . 19.64 -9.38 2.19
MG MG WB . -13.92 23.37 -6.24
MG MG XB . -9.38 6.23 -8.13
MG MG YB . -20.88 27.74 4.29
MG MG ZB . -5.41 -2.82 -17.12
MG MG AC . 37.62 -30.81 12.94
MG MG BC . 40.68 -24.59 -10.91
MG MG CC . 12.83 -80.62 11.91
MG MG DC . 11.33 -106.54 5.56
MG MG EC . -4.61 -76.11 1.95
MG MG FC . -19.27 -24.75 3.35
MG MG GC . 15.65 -27.53 7.98
MG MG HC . -23.47 -19.47 23.68
MG MG IC . 48.80 -29.17 12.86
MG MG JC . 37.86 -109.00 -19.50
MG MG KC . 22.65 -19.90 8.80
MG MG LC . 36.54 -102.75 -32.08
MG MG MC . 64.46 9.19 14.50
MG MG NC . 47.91 10.59 18.72
MG MG OC . 64.13 26.86 20.98
MG MG PC . 45.39 -94.07 7.39
MG MG QC . -7.22 -96.25 -6.12
MG MG RC . -38.30 -71.62 -0.39
MG MG SC . 2.89 -60.13 25.33
MG MG TC . -11.21 -98.76 -21.97
MG MG UC . -4.80 -65.26 -20.27
MG MG VC . 50.72 -82.51 1.37
MG MG WC . -21.19 -88.29 2.47
MG MG XC . 12.14 -76.67 -2.13
MG MG YC . 31.49 -89.76 -6.25
MG MG ZC . 26.44 -106.12 -9.76
MG MG AD . 3.15 -33.79 -12.80
MG MG BD . 10.87 -4.32 1.02
MG MG CD . -2.61 22.76 -0.51
MG MG DD . -19.51 4.37 21.74
MG MG ED . -15.08 2.07 26.40
MG MG FD . 52.88 1.99 -13.89
MG MG GD . -48.33 -64.75 4.59
MG MG HD . -38.64 22.56 44.25
MG MG ID . 13.51 -1.82 30.33
MG MG JD . 51.06 22.86 35.11
MG MG KD . 13.93 13.76 21.73
MG MG LD . -18.11 44.04 27.33
MG MG MD . -5.28 -112.39 -21.70
MG MG ND . -14.01 47.93 53.95
MG MG OD . -23.06 17.22 44.29
MG MG PD . 34.37 -4.15 12.83
MG MG QD . 47.46 -74.51 -14.27
MG MG RD . -34.98 59.08 7.31
MG MG SD . -26.32 37.53 39.35
MG MG TD . 13.81 -123.74 5.82
MG MG UD . 0.75 49.26 52.22
MG MG VD . 36.94 -0.18 23.80
MG MG WD . 25.23 -74.85 10.14
MG MG XD . 17.77 2.11 -19.43
MG MG YD . -5.20 30.55 45.88
MG MG ZD . -16.72 4.63 30.04
MG MG AE . -2.92 -46.67 -14.92
MG MG BE . 28.39 -118.63 -3.61
MG MG CE . -34.08 33.71 41.34
MG MG DE . 50.10 -76.43 12.63
MG MG EE . 23.16 1.03 3.26
MG MG FE . -12.43 27.82 6.24
MG MG GE . 22.61 -55.61 -38.20
MG MG HE . -19.10 24.78 17.84
MG MG IE . -9.27 48.00 58.84
MG MG JE . 21.43 -66.61 -18.72
MG MG KE . 23.58 -76.79 1.42
MG MG LE . -5.74 -41.49 -32.41
MG MG ME . 19.47 -24.05 6.39
MG MG NE . 26.04 1.20 15.94
MG MG OE . 24.03 7.48 21.19
MG MG PE . -5.03 -70.96 7.97
MG MG QE . -6.78 -87.44 8.77
MG MG RE . -23.52 -17.74 30.15
MG MG SE . -21.63 -25.59 17.53
MG MG TE . 50.69 -97.21 -0.38
MG MG UE . -19.48 -89.01 -13.37
MG MG VE . 31.29 -120.09 1.94
MG MG WE . 33.18 -112.26 12.06
MG MG XE . 22.33 -103.83 12.98
MG MG YE . -46.23 54.61 18.21
MG MG ZE . -45.02 56.95 25.34
MG MG AF . 25.36 -77.06 13.28
MG MG BF . 7.15 12.76 5.64
MG MG CF . -0.30 12.66 -6.93
MG MG DF . -2.95 12.83 0.16
MG MG EF . -23.23 5.94 20.24
MG MG FF . -3.86 -39.68 -29.44
MG MG GF . 15.39 -98.95 2.86
MG MG HF . -4.38 -40.39 1.89
MG MG IF . 28.20 -39.11 24.97
MG MG JF . -28.32 -35.74 15.40
MG MG KF . 25.39 -11.75 -24.52
MG MG LF . 35.26 -21.56 12.89
MG MG MF . -12.51 20.59 29.25
MG MG NF . 37.77 7.02 29.06
MG MG OF . 23.76 -88.98 16.48
MG MG PF . 5.17 20.91 13.46
MG MG QF . -18.21 11.58 42.02
MG MG RF . 30.87 -11.38 -8.47
MG MG SF . 0.64 39.21 58.72
MG MG TF . -41.71 59.24 7.04
MG MG UF . -16.74 26.23 31.93
MG MG VF . 39.72 28.17 21.88
MG MG WF . 21.17 -93.30 -7.12
MG MG XF . 31.55 -85.34 -7.42
MG MG YF . 21.52 9.27 29.68
MG MG ZF . -40.66 -8.58 34.28
MG MG AG . 2.70 -37.02 0.51
MG MG BG . -23.60 3.39 35.53
MG MG CG . 39.96 -2.18 -18.36
MG MG DG . 9.04 -115.46 8.01
MG MG EG . 30.70 -39.95 -46.65
MG MG FG . -38.80 56.34 56.71
MG MG GG . 2.49 -62.86 -20.56
MG MG HG . 45.31 -79.21 -16.59
MG MG IG . 11.43 -51.84 -10.81
MG MG JG . 28.10 -45.96 -48.45
MG MG KG . 4.76 10.06 -0.36
MG MG LG . -5.29 19.25 -13.95
MG MG MG . -48.56 50.89 22.86
MG MG NG . 46.92 -70.43 -17.27
MG MG OG . 41.03 14.78 -7.40
MG MG PG . -7.47 35.38 15.66
MG MG QG . 8.94 -144.52 22.87
MG MG RG . -3.87 -89.25 -3.20
MG MG SG . 28.42 -57.48 -12.41
MG MG TG . 21.67 -74.94 -21.73
MG MG UG . 53.81 -8.83 18.54
MG MG VG . 58.91 -6.04 14.83
MG MG WG . 6.20 -55.35 4.46
MG MG XG . 11.55 -106.61 -9.52
MG MG YG . -5.42 10.20 -5.80
MG MG ZG . 7.64 -66.14 -4.41
MG MG AH . 5.59 -47.68 -14.45
MG MG BH . -0.42 -49.20 -14.69
MG MG CH . 30.90 9.89 16.14
MG MG DH . 40.45 -34.52 -24.67
MG MG EH . -5.98 -42.34 1.86
MG MG FH . 30.22 -118.83 -0.80
MG MG GH . 28.74 -114.30 -11.93
MG MG HH . 25.13 -121.18 14.21
MG MG IH . 41.56 -56.56 -6.13
MG MG JH . 8.77 0.52 -16.15
MG MG KH . 23.73 -97.82 -14.97
MG MG LH . 21.09 -97.81 -13.89
MG MG MH . 17.20 -98.34 -23.92
MG MG NH . 42.70 -66.81 -6.00
MG MG OH . 15.45 -71.30 15.44
MG MG PH . -20.64 21.30 55.79
MG MG QH . 61.97 24.89 10.71
MG MG RH . 6.12 3.50 1.94
MG MG SH . -11.19 64.47 45.73
MG MG TH . 52.38 15.93 25.16
MG MG UH . 49.30 18.85 24.24
MG MG VH . -2.70 -36.84 8.79
MG MG WH . 55.76 23.61 17.26
MG MG XH . 30.69 -2.66 -5.76
MG MG YH . 16.28 -48.77 -30.54
MG MG ZH . 61.53 33.61 35.18
MG MG AI . 8.28 -148.76 5.86
MG MG BI . 31.41 -51.20 -2.12
MG MG CI . 25.18 -32.25 29.15
MG MG DI . -8.36 16.81 40.22
MG MG EI . 4.12 -3.00 3.42
MG MG FI . 24.94 -30.49 -1.15
MG MG GI . 29.01 13.43 37.81
MG MG HI . 28.81 -10.40 -18.50
MG MG II . 3.92 -130.24 12.63
MG MG JI . 24.54 -81.29 6.70
MG MG KI . 27.61 15.55 3.24
MG MG LI . 12.94 6.49 20.22
MG MG MI . 46.81 -10.32 -36.34
MG MG NI . -11.39 -44.12 -21.43
MG MG OI . 27.67 10.27 0.87
MG MG PI . 25.00 -46.00 -11.26
MG MG QI . 26.80 -7.81 14.90
MG MG RI . -7.02 -70.91 5.12
MG MG SI . -13.79 -55.04 16.52
MG MG TI . 40.60 -15.01 19.05
MG MG UI . 39.11 -14.89 18.16
K K VI . 21.54 -82.19 -24.21
K K WI . 6.34 -3.82 -16.97
K K XI . 29.66 -15.03 -3.09
K K YI . -1.13 23.87 -7.23
K K ZI . 41.69 10.99 -35.72
K K AJ . -5.01 -13.89 0.23
K K BJ . -20.25 -27.88 18.62
K K CJ . -44.68 -69.01 -1.41
K K DJ . 41.59 -102.40 -31.55
K K EJ . -8.22 -101.07 -23.37
K K FJ . 46.95 27.26 33.91
K K GJ . 49.72 -45.65 -7.65
K K HJ . 12.63 -41.09 -20.86
K K IJ . -40.32 -69.92 -2.03
K K JJ . 58.61 -4.88 19.01
K K KJ . 11.30 -57.89 -31.74
K K LJ . 28.80 -109.52 15.38
K K MJ . -17.05 3.11 19.18
K K NJ . -15.23 -26.08 33.61
K K OJ . 37.19 3.92 -12.85
K K PJ . 18.90 -84.84 3.54
MG MG QJ . 29.26 -53.61 1.31
MG MG RJ . 4.23 35.56 25.14
C11 B6M SJ . 11.35 -16.16 28.27
O11 B6M SJ . 11.17 -14.87 27.87
C21 B6M SJ . 10.38 -17.07 27.51
N21 B6M SJ . 9.53 -16.23 26.60
C31 B6M SJ . 9.49 -17.84 28.38
O31 B6M SJ . 8.38 -18.34 27.57
C41 B6M SJ . 8.92 -17.03 29.49
O41 B6M SJ . 8.21 -15.96 28.90
C51 B6M SJ . 10.00 -16.43 30.40
O51 B6M SJ . 11.32 -16.31 29.78
C61 B6M SJ . 10.11 -17.27 31.61
O61 B6M SJ . 9.90 -16.46 32.73
C12 B6M SJ . 12.26 -11.18 27.48
N12 B6M SJ . 12.36 -9.83 28.06
C22 B6M SJ . 10.91 -11.77 27.87
C32 B6M SJ . 11.01 -12.77 29.02
N32 B6M SJ . 9.67 -13.27 29.36
C42 B6M SJ . 11.92 -13.95 28.67
C52 B6M SJ . 13.24 -13.52 27.99
O52 B6M SJ . 13.37 -14.06 26.69
C62 B6M SJ . 13.46 -12.00 27.96
O62 B6M SJ . 14.53 -11.73 27.12
C13 B6M SJ . 14.26 -15.01 26.72
C23 B6M SJ . 15.54 -14.67 25.84
O23 B6M SJ . 15.61 -13.18 25.54
C33 B6M SJ . 15.39 -15.31 24.80
O33 B6M SJ . 16.75 -15.70 24.23
C43 B6M SJ . 14.51 -16.65 25.22
O43 B6M SJ . 13.69 -16.27 26.14
C53 B6M SJ . 13.70 -17.19 24.05
O53 B6M SJ . 12.83 -18.21 24.52
C14 B6M SJ . 16.64 -15.78 22.81
C24 B6M SJ . 17.29 -14.60 22.15
N24 B6M SJ . 16.25 -13.54 21.94
C34 B6M SJ . 17.85 -14.96 20.84
O34 B6M SJ . 19.15 -15.59 21.06
C44 B6M SJ . 16.99 -15.93 20.09
O44 B6M SJ . 17.56 -16.16 18.81
C54 B6M SJ . 16.84 -17.28 20.84
O54 B6M SJ . 17.21 -17.04 22.32
C64 B6M SJ . 15.48 -17.75 20.75
N64 B6M SJ . 14.54 -16.65 20.46
MG MG TJ . -12.95 47.92 67.84
ZN ZN UJ . -41.84 -37.82 -3.70
MG MG VJ . -15.69 -43.89 -21.52
MG MG WJ . -9.51 -17.21 -34.58
K K XJ . 6.11 -14.48 -21.99
MG MG YJ . 76.05 16.45 -5.56
MG MG ZJ . 12.14 49.73 35.02
MG MG AK . -6.73 -36.27 -42.66
MG MG BK . -3.06 -47.07 37.74
MG MG CK . -37.34 4.08 32.71
ZN ZN DK . -37.57 15.37 28.13
MG MG EK . 13.59 -79.33 -10.67
MG MG FK . -0.22 -93.54 -31.31
MG MG GK . -14.32 -84.30 -26.79
MG MG HK . 54.38 -59.38 -22.94
MG MG IK . 38.64 -48.63 -28.82
MG MG JK . -9.64 12.88 57.32
MG MG KK . -6.01 8.85 60.31
MG MG LK . -40.30 36.80 66.19
MG MG MK . 15.89 -96.07 5.62
#